data_2N8Z
#
_entry.id   2N8Z
#
_entity_poly.entity_id   1
_entity_poly.type   'polypeptide(L)'
_entity_poly.pdbx_seq_one_letter_code
;GSSISQEQMNEFRASFNHFDRDHSGTLGPEEFKACLISLGYDIGNDPQGEAEFARIMSIVDPNRLGVVTFQAFIDFMSRE
TADTDTADQVMASFKILAGDKNYITMDELRRELPPDQAEYCIARMAPYTGPDSVPGALDYMSFSTALYGESDL
;
_entity_poly.pdbx_strand_id   A
#
# COMPACT_ATOMS: atom_id res chain seq x y z
N GLY A 1 -9.43 3.70 2.12
CA GLY A 1 -8.31 4.62 2.38
C GLY A 1 -7.01 3.89 2.50
N SER A 2 -5.93 4.60 2.86
CA SER A 2 -4.60 3.99 3.01
C SER A 2 -4.24 3.14 1.80
N SER A 3 -4.45 3.69 0.61
CA SER A 3 -4.24 2.94 -0.61
C SER A 3 -3.71 3.79 -1.76
N ILE A 4 -3.57 3.14 -2.90
CA ILE A 4 -3.04 3.73 -4.11
C ILE A 4 -3.87 4.89 -4.72
N SER A 5 -3.18 5.91 -5.20
CA SER A 5 -3.80 7.04 -5.90
C SER A 5 -4.07 6.69 -7.37
N GLN A 6 -4.85 7.50 -8.07
CA GLN A 6 -5.10 7.24 -9.49
C GLN A 6 -3.80 7.32 -10.29
N GLU A 7 -2.97 8.28 -9.93
CA GLU A 7 -1.67 8.48 -10.56
C GLU A 7 -0.67 7.42 -10.12
N GLN A 8 -0.92 6.77 -8.99
CA GLN A 8 -0.02 5.74 -8.50
C GLN A 8 -0.17 4.48 -9.31
N MET A 9 -1.39 3.97 -9.40
CA MET A 9 -1.63 2.77 -10.20
C MET A 9 -1.24 3.00 -11.65
N ASN A 10 -1.26 4.26 -12.06
CA ASN A 10 -0.91 4.64 -13.42
C ASN A 10 0.53 4.23 -13.72
N GLU A 11 1.45 4.67 -12.87
CA GLU A 11 2.87 4.37 -13.10
C GLU A 11 3.16 2.90 -12.78
N PHE A 12 2.45 2.32 -11.80
CA PHE A 12 2.63 0.91 -11.48
C PHE A 12 2.27 0.03 -12.69
N ARG A 13 1.14 0.32 -13.31
CA ARG A 13 0.70 -0.46 -14.48
C ARG A 13 1.62 -0.17 -15.64
N ALA A 14 2.02 1.10 -15.80
CA ALA A 14 2.86 1.49 -16.92
C ALA A 14 4.25 0.87 -16.87
N SER A 15 4.85 0.80 -15.69
CA SER A 15 6.19 0.23 -15.56
C SER A 15 6.16 -1.28 -15.85
N PHE A 16 5.19 -2.00 -15.30
CA PHE A 16 5.06 -3.43 -15.57
C PHE A 16 4.84 -3.60 -17.09
N ASN A 17 4.05 -2.74 -17.70
CA ASN A 17 3.78 -2.80 -19.13
C ASN A 17 5.01 -2.43 -19.97
N HIS A 18 5.87 -1.59 -19.44
CA HIS A 18 7.08 -1.16 -20.15
C HIS A 18 8.07 -2.29 -20.24
N PHE A 19 8.20 -3.03 -19.14
CA PHE A 19 9.13 -4.14 -19.09
C PHE A 19 8.51 -5.40 -19.72
N ASP A 20 7.21 -5.59 -19.55
CA ASP A 20 6.51 -6.76 -20.07
C ASP A 20 5.88 -6.39 -21.40
N ARG A 21 6.73 -6.36 -22.41
CA ARG A 21 6.27 -6.08 -23.76
C ARG A 21 5.64 -7.30 -24.41
N ASP A 22 5.72 -8.44 -23.73
CA ASP A 22 5.12 -9.67 -24.23
C ASP A 22 3.66 -9.75 -23.77
N HIS A 23 3.36 -8.88 -22.80
CA HIS A 23 2.05 -8.79 -22.17
C HIS A 23 1.64 -10.15 -21.60
N SER A 24 2.61 -10.87 -21.05
CA SER A 24 2.39 -12.17 -20.43
C SER A 24 1.62 -11.97 -19.13
N GLY A 25 1.77 -10.79 -18.56
CA GLY A 25 1.10 -10.43 -17.32
C GLY A 25 2.02 -10.74 -16.15
N THR A 26 3.20 -11.26 -16.47
CA THR A 26 4.18 -11.70 -15.47
C THR A 26 5.56 -11.47 -16.01
N LEU A 27 6.51 -11.30 -15.10
CA LEU A 27 7.90 -11.09 -15.47
C LEU A 27 8.77 -11.89 -14.53
N GLY A 28 10.08 -11.93 -14.81
CA GLY A 28 10.99 -12.69 -13.98
C GLY A 28 11.37 -11.95 -12.72
N PRO A 29 12.07 -12.60 -11.79
CA PRO A 29 12.41 -11.95 -10.50
C PRO A 29 13.38 -10.78 -10.66
N GLU A 30 14.24 -10.82 -11.66
CA GLU A 30 15.17 -9.73 -11.91
C GLU A 30 14.49 -8.61 -12.70
N GLU A 31 13.61 -8.97 -13.62
CA GLU A 31 12.92 -7.98 -14.44
C GLU A 31 12.02 -7.11 -13.55
N PHE A 32 11.14 -7.73 -12.79
CA PHE A 32 10.32 -6.99 -11.81
C PHE A 32 11.15 -6.24 -10.77
N LYS A 33 12.35 -6.71 -10.44
CA LYS A 33 13.21 -6.03 -9.48
C LYS A 33 13.68 -4.70 -10.08
N ALA A 34 14.10 -4.73 -11.33
CA ALA A 34 14.53 -3.51 -12.02
C ALA A 34 13.34 -2.62 -12.32
N CYS A 35 12.17 -3.21 -12.44
CA CYS A 35 10.94 -2.46 -12.65
C CYS A 35 10.64 -1.53 -11.46
N LEU A 36 11.04 -1.91 -10.27
CA LEU A 36 10.85 -1.08 -9.07
C LEU A 36 11.74 0.16 -9.17
N ILE A 37 12.91 -0.01 -9.74
CA ILE A 37 13.90 1.08 -9.85
C ILE A 37 13.27 2.25 -10.61
N SER A 38 12.43 1.93 -11.58
CA SER A 38 11.73 2.94 -12.38
C SER A 38 10.79 3.81 -11.52
N LEU A 39 10.44 3.33 -10.34
CA LEU A 39 9.57 4.06 -9.42
C LEU A 39 10.40 4.81 -8.38
N GLY A 40 11.66 4.45 -8.28
CA GLY A 40 12.56 5.06 -7.29
C GLY A 40 13.02 4.15 -6.16
N TYR A 41 13.30 2.90 -6.50
CA TYR A 41 13.74 1.91 -5.51
C TYR A 41 15.22 1.59 -5.71
N ASP A 42 15.99 1.61 -4.62
CA ASP A 42 17.43 1.27 -4.63
C ASP A 42 17.64 -0.25 -4.60
N ILE A 43 16.91 -0.97 -5.45
CA ILE A 43 16.95 -2.43 -5.46
C ILE A 43 17.40 -2.90 -6.84
N GLY A 44 18.69 -2.89 -7.07
CA GLY A 44 19.25 -3.34 -8.35
C GLY A 44 20.76 -3.49 -8.35
N ASN A 45 21.21 -4.75 -8.33
CA ASN A 45 22.65 -5.08 -8.33
C ASN A 45 23.40 -4.53 -7.11
N ASP A 46 22.65 -4.19 -6.06
CA ASP A 46 23.25 -3.75 -4.81
C ASP A 46 23.00 -4.87 -3.80
N PRO A 47 23.95 -5.13 -2.89
CA PRO A 47 23.78 -6.28 -1.98
C PRO A 47 22.68 -6.06 -0.95
N GLN A 48 22.34 -4.80 -0.69
CA GLN A 48 21.28 -4.51 0.27
C GLN A 48 19.94 -4.67 -0.42
N GLY A 49 19.89 -4.29 -1.69
CA GLY A 49 18.69 -4.44 -2.48
C GLY A 49 18.42 -5.92 -2.65
N GLU A 50 19.46 -6.69 -2.90
CA GLU A 50 19.29 -8.14 -3.04
C GLU A 50 18.75 -8.75 -1.74
N ALA A 51 19.20 -8.23 -0.61
CA ALA A 51 18.80 -8.77 0.68
C ALA A 51 17.29 -8.54 0.94
N GLU A 52 16.77 -7.41 0.49
CA GLU A 52 15.33 -7.13 0.66
C GLU A 52 14.51 -7.73 -0.48
N PHE A 53 15.15 -7.90 -1.63
CA PHE A 53 14.50 -8.50 -2.78
C PHE A 53 14.21 -9.97 -2.43
N ALA A 54 15.10 -10.57 -1.65
CA ALA A 54 14.93 -11.94 -1.20
C ALA A 54 13.64 -12.10 -0.39
N ARG A 55 13.21 -11.04 0.26
CA ARG A 55 11.97 -11.02 1.05
C ARG A 55 10.81 -10.95 0.10
N ILE A 56 10.98 -10.10 -0.89
CA ILE A 56 9.93 -9.78 -1.85
C ILE A 56 9.58 -11.00 -2.69
N MET A 57 10.57 -11.66 -3.27
CA MET A 57 10.30 -12.83 -4.11
C MET A 57 9.59 -13.95 -3.32
N SER A 58 9.82 -14.01 -2.01
CA SER A 58 9.19 -15.02 -1.17
C SER A 58 7.71 -14.74 -0.92
N ILE A 59 7.30 -13.50 -1.13
CA ILE A 59 5.92 -13.08 -0.88
C ILE A 59 5.11 -13.19 -2.14
N VAL A 60 5.65 -12.66 -3.22
CA VAL A 60 4.95 -12.63 -4.50
C VAL A 60 4.95 -13.98 -5.18
N ASP A 61 5.80 -14.87 -4.70
CA ASP A 61 5.96 -16.20 -5.30
C ASP A 61 6.40 -17.26 -4.29
N PRO A 62 5.52 -17.60 -3.32
CA PRO A 62 5.90 -18.65 -2.36
C PRO A 62 5.88 -20.05 -2.99
N ASN A 63 5.41 -20.13 -4.23
CA ASN A 63 5.32 -21.40 -4.94
C ASN A 63 6.57 -21.65 -5.77
N ARG A 64 7.48 -20.67 -5.79
CA ARG A 64 8.73 -20.75 -6.56
C ARG A 64 8.47 -21.09 -8.03
N LEU A 65 7.56 -20.33 -8.60
CA LEU A 65 7.22 -20.41 -10.03
C LEU A 65 8.33 -19.73 -10.82
N GLY A 66 9.03 -18.82 -10.16
CA GLY A 66 10.12 -18.08 -10.77
C GLY A 66 9.60 -16.88 -11.53
N VAL A 67 8.40 -16.42 -11.22
CA VAL A 67 7.79 -15.32 -11.94
C VAL A 67 6.91 -14.50 -11.02
N VAL A 68 6.69 -13.25 -11.38
CA VAL A 68 5.92 -12.32 -10.56
C VAL A 68 4.89 -11.60 -11.42
N THR A 69 3.65 -11.53 -10.95
CA THR A 69 2.58 -10.86 -11.69
C THR A 69 2.42 -9.45 -11.20
N PHE A 70 1.79 -8.61 -12.01
CA PHE A 70 1.53 -7.22 -11.62
C PHE A 70 0.80 -7.20 -10.29
N GLN A 71 -0.16 -8.08 -10.12
CA GLN A 71 -0.99 -8.08 -8.92
C GLN A 71 -0.17 -8.58 -7.72
N ALA A 72 0.85 -9.38 -7.99
CA ALA A 72 1.64 -9.94 -6.92
C ALA A 72 2.56 -8.92 -6.28
N PHE A 73 3.20 -8.06 -7.05
CA PHE A 73 4.02 -7.03 -6.42
C PHE A 73 3.10 -6.02 -5.66
N ILE A 74 1.90 -5.80 -6.19
CA ILE A 74 0.92 -4.92 -5.53
C ILE A 74 0.54 -5.49 -4.18
N ASP A 75 0.57 -6.80 -4.06
CA ASP A 75 0.21 -7.46 -2.80
C ASP A 75 1.10 -6.96 -1.67
N PHE A 76 2.40 -6.82 -1.91
CA PHE A 76 3.28 -6.30 -0.87
C PHE A 76 3.24 -4.78 -0.83
N MET A 77 2.95 -4.12 -1.93
CA MET A 77 2.96 -2.67 -1.93
C MET A 77 1.84 -2.21 -0.99
N SER A 78 0.75 -2.96 -0.98
CA SER A 78 -0.41 -2.68 -0.12
C SER A 78 -0.06 -2.75 1.36
N ARG A 79 1.01 -3.44 1.70
CA ARG A 79 1.43 -3.59 3.08
C ARG A 79 2.31 -2.41 3.50
N GLU A 80 3.09 -1.89 2.57
CA GLU A 80 4.00 -0.76 2.87
C GLU A 80 3.24 0.58 2.86
N THR A 81 2.20 0.67 2.03
CA THR A 81 1.40 1.90 1.92
C THR A 81 0.37 2.03 3.04
N ALA A 82 0.36 1.07 3.96
CA ALA A 82 -0.60 1.03 5.05
C ALA A 82 -0.64 2.29 5.91
N ASP A 83 0.54 2.83 6.20
CA ASP A 83 0.68 3.98 7.09
C ASP A 83 0.90 5.31 6.35
N THR A 84 0.39 5.42 5.12
CA THR A 84 0.54 6.68 4.34
C THR A 84 -0.71 6.93 3.49
N ASP A 85 -0.84 8.15 2.99
CA ASP A 85 -2.01 8.55 2.21
C ASP A 85 -1.69 9.69 1.26
N THR A 86 -2.65 9.96 0.38
CA THR A 86 -2.60 11.12 -0.50
C THR A 86 -4.00 11.70 -0.49
N ALA A 87 -4.09 13.00 -0.77
CA ALA A 87 -5.39 13.68 -0.83
C ALA A 87 -6.31 13.06 -1.91
N ASP A 88 -5.72 12.62 -3.01
CA ASP A 88 -6.48 12.02 -4.11
C ASP A 88 -7.25 10.79 -3.66
N GLN A 89 -6.55 9.80 -3.12
CA GLN A 89 -7.19 8.56 -2.73
C GLN A 89 -8.13 8.71 -1.55
N VAL A 90 -7.88 9.65 -0.65
CA VAL A 90 -8.75 9.75 0.52
C VAL A 90 -10.09 10.37 0.13
N MET A 91 -10.06 11.41 -0.69
CA MET A 91 -11.29 12.06 -1.13
C MET A 91 -12.08 11.14 -2.06
N ALA A 92 -11.35 10.46 -2.95
CA ALA A 92 -11.97 9.54 -3.90
C ALA A 92 -12.71 8.42 -3.17
N SER A 93 -12.08 7.87 -2.13
CA SER A 93 -12.68 6.74 -1.42
C SER A 93 -13.96 7.11 -0.69
N PHE A 94 -14.02 8.28 -0.08
CA PHE A 94 -15.23 8.67 0.65
C PHE A 94 -16.43 8.68 -0.26
N LYS A 95 -16.27 9.17 -1.47
CA LYS A 95 -17.41 9.27 -2.39
C LYS A 95 -18.01 7.90 -2.73
N ILE A 96 -17.21 6.85 -2.57
CA ILE A 96 -17.66 5.51 -2.91
C ILE A 96 -18.58 5.01 -1.79
N LEU A 97 -18.19 5.27 -0.55
CA LEU A 97 -18.97 4.78 0.58
C LEU A 97 -20.11 5.71 0.97
N ALA A 98 -19.94 6.99 0.70
CA ALA A 98 -20.96 7.98 1.03
C ALA A 98 -21.79 8.40 -0.17
N GLY A 99 -21.69 7.65 -1.25
CA GLY A 99 -22.51 7.93 -2.42
C GLY A 99 -24.00 7.80 -2.11
N ASP A 100 -24.31 7.09 -1.03
CA ASP A 100 -25.68 6.91 -0.56
C ASP A 100 -26.20 8.14 0.20
N LYS A 101 -25.29 9.00 0.65
CA LYS A 101 -25.66 10.18 1.43
C LYS A 101 -24.97 11.42 0.83
N ASN A 102 -25.04 12.54 1.52
CA ASN A 102 -24.31 13.74 1.08
C ASN A 102 -23.22 14.09 2.08
N TYR A 103 -22.95 13.19 3.03
CA TYR A 103 -21.99 13.45 4.09
C TYR A 103 -21.41 12.14 4.62
N ILE A 104 -20.44 12.24 5.52
CA ILE A 104 -19.74 11.09 6.06
C ILE A 104 -19.76 11.20 7.59
N THR A 105 -19.76 10.10 8.31
CA THR A 105 -19.62 10.17 9.75
C THR A 105 -18.19 9.84 10.15
N MET A 106 -17.83 10.27 11.35
CA MET A 106 -16.49 9.92 11.89
C MET A 106 -16.35 8.41 12.01
N ASP A 107 -17.47 7.75 12.27
CA ASP A 107 -17.48 6.30 12.38
C ASP A 107 -17.19 5.65 11.03
N GLU A 108 -17.84 6.14 9.99
CA GLU A 108 -17.69 5.58 8.66
C GLU A 108 -16.28 5.79 8.11
N LEU A 109 -15.77 7.00 8.24
CA LEU A 109 -14.41 7.29 7.78
C LEU A 109 -13.34 6.52 8.57
N ARG A 110 -13.63 6.12 9.80
CA ARG A 110 -12.65 5.34 10.56
C ARG A 110 -12.54 3.92 9.98
N ARG A 111 -13.52 3.50 9.18
CA ARG A 111 -13.43 2.18 8.53
C ARG A 111 -12.39 2.24 7.42
N GLU A 112 -12.18 3.43 6.88
CA GLU A 112 -11.29 3.63 5.74
C GLU A 112 -9.84 3.71 6.14
N LEU A 113 -9.59 4.37 7.25
CA LEU A 113 -8.24 4.50 7.80
C LEU A 113 -8.31 4.36 9.32
N PRO A 114 -8.32 3.12 9.85
CA PRO A 114 -8.43 3.02 11.31
C PRO A 114 -7.33 3.63 12.22
N PRO A 115 -6.06 3.81 11.78
CA PRO A 115 -5.14 4.43 12.72
C PRO A 115 -5.36 5.95 12.81
N ASP A 116 -4.39 6.67 13.31
CA ASP A 116 -4.50 8.14 13.50
C ASP A 116 -4.78 8.92 12.23
N GLN A 117 -4.62 8.27 11.07
CA GLN A 117 -4.96 8.89 9.79
C GLN A 117 -6.42 9.40 9.83
N ALA A 118 -7.30 8.66 10.49
CA ALA A 118 -8.69 9.10 10.67
C ALA A 118 -8.76 10.37 11.51
N GLU A 119 -7.99 10.46 12.57
CA GLU A 119 -8.01 11.63 13.46
C GLU A 119 -7.49 12.83 12.67
N TYR A 120 -6.47 12.60 11.89
CA TYR A 120 -5.88 13.65 11.04
C TYR A 120 -6.89 14.06 9.97
N CYS A 121 -7.79 13.17 9.59
CA CYS A 121 -8.83 13.49 8.62
C CYS A 121 -9.93 14.33 9.28
N ILE A 122 -10.36 13.92 10.47
CA ILE A 122 -11.40 14.65 11.21
C ILE A 122 -10.91 16.07 11.50
N ALA A 123 -9.61 16.22 11.73
CA ALA A 123 -9.00 17.52 11.98
C ALA A 123 -9.04 18.47 10.76
N ARG A 124 -9.46 17.98 9.59
CA ARG A 124 -9.58 18.85 8.40
C ARG A 124 -10.99 18.85 7.80
N MET A 125 -11.72 17.76 7.93
CA MET A 125 -13.05 17.62 7.33
C MET A 125 -14.05 18.65 7.85
N ALA A 126 -14.86 19.17 6.94
CA ALA A 126 -15.84 20.19 7.27
C ALA A 126 -16.97 19.58 8.11
N PRO A 127 -17.50 20.30 9.12
CA PRO A 127 -18.58 19.74 9.91
C PRO A 127 -19.92 19.75 9.18
N TYR A 128 -20.79 18.82 9.54
CA TYR A 128 -22.11 18.71 8.95
C TYR A 128 -23.25 18.92 9.94
N THR A 129 -24.17 19.81 9.63
CA THR A 129 -25.33 20.04 10.49
C THR A 129 -26.61 20.09 9.63
N GLY A 130 -26.81 19.04 8.85
CA GLY A 130 -27.96 18.94 7.97
C GLY A 130 -29.11 18.15 8.58
N PRO A 131 -30.10 17.71 7.79
CA PRO A 131 -31.24 16.99 8.37
C PRO A 131 -30.91 15.60 8.92
N ASP A 132 -29.88 14.99 8.39
CA ASP A 132 -29.45 13.65 8.79
C ASP A 132 -28.29 13.73 9.77
N SER A 133 -28.09 14.88 10.38
CA SER A 133 -26.91 15.10 11.21
C SER A 133 -26.89 14.31 12.52
N VAL A 134 -25.67 13.93 12.89
CA VAL A 134 -25.40 13.17 14.10
C VAL A 134 -24.19 13.90 14.68
N PRO A 135 -23.85 13.67 15.96
CA PRO A 135 -22.72 14.44 16.54
C PRO A 135 -21.38 14.28 15.82
N GLY A 136 -21.21 13.15 15.14
CA GLY A 136 -19.97 12.92 14.39
C GLY A 136 -20.14 13.08 12.89
N ALA A 137 -21.07 13.90 12.48
CA ALA A 137 -21.32 14.11 11.06
C ALA A 137 -20.37 15.15 10.47
N LEU A 138 -19.79 14.83 9.33
CA LEU A 138 -18.85 15.70 8.65
C LEU A 138 -19.22 15.71 7.18
N ASP A 139 -19.15 16.85 6.55
CA ASP A 139 -19.44 16.94 5.14
C ASP A 139 -18.16 16.69 4.32
N TYR A 140 -18.04 15.47 3.79
CA TYR A 140 -16.85 15.09 3.02
C TYR A 140 -16.86 15.74 1.65
N MET A 141 -18.05 15.99 1.16
CA MET A 141 -18.25 16.64 -0.13
C MET A 141 -17.66 18.06 -0.05
N SER A 142 -17.80 18.64 1.14
CA SER A 142 -17.36 19.99 1.40
C SER A 142 -15.85 20.07 1.60
N PHE A 143 -15.27 19.02 2.14
CA PHE A 143 -13.83 18.95 2.41
C PHE A 143 -13.00 19.30 1.17
N SER A 144 -13.44 18.81 0.02
CA SER A 144 -12.84 19.16 -1.26
C SER A 144 -12.61 20.66 -1.52
N THR A 145 -13.46 21.53 -0.96
CA THR A 145 -13.32 22.98 -1.15
C THR A 145 -13.01 23.77 0.13
N ALA A 146 -13.06 23.10 1.27
CA ALA A 146 -12.83 23.78 2.54
C ALA A 146 -12.28 22.82 3.61
N LEU A 147 -11.27 23.28 4.34
CA LEU A 147 -10.66 22.51 5.44
C LEU A 147 -10.24 23.54 6.48
N TYR A 148 -10.13 23.15 7.74
CA TYR A 148 -9.77 24.11 8.79
C TYR A 148 -8.48 23.76 9.55
N GLY A 149 -7.89 22.61 9.27
CA GLY A 149 -6.69 22.20 10.00
C GLY A 149 -5.50 23.06 9.67
N GLU A 150 -5.52 23.65 8.48
CA GLU A 150 -4.44 24.50 7.99
C GLU A 150 -5.03 25.88 7.68
N SER A 151 -5.72 26.46 8.65
CA SER A 151 -6.39 27.76 8.42
C SER A 151 -5.44 28.96 8.33
N ASP A 152 -4.20 28.77 8.73
CA ASP A 152 -3.19 29.82 8.75
C ASP A 152 -2.02 29.53 7.79
N LEU A 153 -2.25 28.60 6.86
CA LEU A 153 -1.24 28.22 5.86
C LEU A 153 -1.18 29.20 4.70
N GLY A 1 -2.65 1.60 5.18
CA GLY A 1 -2.80 0.82 3.93
C GLY A 1 -3.49 1.61 2.84
N SER A 2 -3.57 1.05 1.63
CA SER A 2 -4.28 1.69 0.50
C SER A 2 -3.78 3.11 0.15
N SER A 3 -2.48 3.30 0.10
CA SER A 3 -1.88 4.60 -0.22
C SER A 3 -1.98 4.99 -1.70
N ILE A 4 -2.30 4.04 -2.57
CA ILE A 4 -2.40 4.30 -4.00
C ILE A 4 -3.43 5.32 -4.44
N SER A 5 -2.90 6.31 -5.15
CA SER A 5 -3.69 7.34 -5.81
C SER A 5 -4.00 6.84 -7.23
N GLN A 6 -4.85 7.53 -7.97
CA GLN A 6 -5.15 7.10 -9.33
C GLN A 6 -3.88 7.13 -10.20
N GLU A 7 -3.02 8.11 -9.95
CA GLU A 7 -1.77 8.26 -10.68
C GLU A 7 -0.75 7.20 -10.24
N GLN A 8 -0.90 6.65 -9.04
CA GLN A 8 0.02 5.65 -8.56
C GLN A 8 -0.20 4.35 -9.30
N MET A 9 -1.42 3.83 -9.25
CA MET A 9 -1.71 2.61 -9.96
C MET A 9 -1.41 2.75 -11.46
N ASN A 10 -1.48 3.99 -11.93
CA ASN A 10 -1.21 4.31 -13.32
C ASN A 10 0.24 3.98 -13.69
N GLU A 11 1.17 4.52 -12.93
CA GLU A 11 2.60 4.34 -13.19
C GLU A 11 3.02 2.92 -12.84
N PHE A 12 2.37 2.33 -11.84
CA PHE A 12 2.62 0.93 -11.50
C PHE A 12 2.30 0.05 -12.71
N ARG A 13 1.14 0.27 -13.32
CA ARG A 13 0.73 -0.52 -14.49
C ARG A 13 1.65 -0.23 -15.65
N ALA A 14 1.94 1.04 -15.88
CA ALA A 14 2.80 1.41 -17.01
C ALA A 14 4.20 0.84 -16.89
N SER A 15 4.78 0.81 -15.69
CA SER A 15 6.12 0.27 -15.51
C SER A 15 6.15 -1.23 -15.77
N PHE A 16 5.16 -1.95 -15.26
CA PHE A 16 5.07 -3.39 -15.51
C PHE A 16 4.89 -3.62 -17.01
N ASN A 17 4.09 -2.80 -17.67
CA ASN A 17 3.85 -2.93 -19.11
C ASN A 17 5.08 -2.55 -19.95
N HIS A 18 5.87 -1.61 -19.47
CA HIS A 18 7.06 -1.16 -20.19
C HIS A 18 8.10 -2.28 -20.24
N PHE A 19 8.19 -3.03 -19.16
CA PHE A 19 9.15 -4.13 -19.09
C PHE A 19 8.53 -5.41 -19.67
N ASP A 20 7.24 -5.62 -19.46
CA ASP A 20 6.54 -6.81 -19.96
C ASP A 20 6.05 -6.54 -21.33
N ARG A 21 7.00 -6.46 -22.24
CA ARG A 21 6.72 -6.18 -23.64
C ARG A 21 6.15 -7.42 -24.33
N ASP A 22 6.07 -8.52 -23.58
CA ASP A 22 5.51 -9.77 -24.11
C ASP A 22 4.04 -9.81 -23.72
N HIS A 23 3.67 -8.89 -22.84
CA HIS A 23 2.32 -8.77 -22.30
C HIS A 23 1.81 -10.08 -21.70
N SER A 24 2.73 -10.81 -21.09
CA SER A 24 2.44 -12.10 -20.46
C SER A 24 1.58 -11.91 -19.22
N GLY A 25 1.70 -10.74 -18.60
CA GLY A 25 1.00 -10.42 -17.37
C GLY A 25 1.90 -10.72 -16.19
N THR A 26 3.11 -11.17 -16.51
CA THR A 26 4.08 -11.61 -15.53
C THR A 26 5.47 -11.33 -16.06
N LEU A 27 6.43 -11.19 -15.15
CA LEU A 27 7.82 -10.96 -15.51
C LEU A 27 8.67 -11.82 -14.61
N GLY A 28 9.96 -11.83 -14.89
CA GLY A 28 10.87 -12.63 -14.09
C GLY A 28 11.19 -11.88 -12.82
N PRO A 29 11.87 -12.53 -11.86
CA PRO A 29 12.16 -11.84 -10.60
C PRO A 29 13.13 -10.67 -10.78
N GLU A 30 14.07 -10.80 -11.70
CA GLU A 30 15.02 -9.73 -11.97
C GLU A 30 14.37 -8.59 -12.74
N GLU A 31 13.48 -8.93 -13.66
CA GLU A 31 12.79 -7.93 -14.47
C GLU A 31 11.93 -7.05 -13.57
N PHE A 32 11.05 -7.66 -12.80
CA PHE A 32 10.25 -6.92 -11.83
C PHE A 32 11.11 -6.17 -10.81
N LYS A 33 12.26 -6.70 -10.43
CA LYS A 33 13.16 -6.00 -9.50
C LYS A 33 13.60 -4.66 -10.11
N ALA A 34 14.02 -4.69 -11.37
CA ALA A 34 14.48 -3.48 -12.06
C ALA A 34 13.30 -2.57 -12.42
N CYS A 35 12.12 -3.16 -12.52
CA CYS A 35 10.91 -2.39 -12.78
C CYS A 35 10.64 -1.48 -11.58
N LEU A 36 10.96 -1.93 -10.37
CA LEU A 36 10.75 -1.10 -9.17
C LEU A 36 11.68 0.09 -9.21
N ILE A 37 12.87 -0.08 -9.77
CA ILE A 37 13.86 1.00 -9.82
C ILE A 37 13.29 2.20 -10.57
N SER A 38 12.45 1.93 -11.55
CA SER A 38 11.80 2.99 -12.33
C SER A 38 10.89 3.86 -11.47
N LEU A 39 10.48 3.33 -10.32
CA LEU A 39 9.60 4.05 -9.39
C LEU A 39 10.42 4.79 -8.35
N GLY A 40 11.66 4.37 -8.18
CA GLY A 40 12.56 5.01 -7.21
C GLY A 40 13.08 4.08 -6.14
N TYR A 41 13.26 2.81 -6.48
CA TYR A 41 13.79 1.81 -5.56
C TYR A 41 15.26 1.68 -5.89
N ASP A 42 16.08 1.49 -4.88
CA ASP A 42 17.53 1.31 -5.05
C ASP A 42 17.92 -0.17 -4.93
N ILE A 43 17.00 -1.03 -5.35
CA ILE A 43 17.19 -2.48 -5.28
C ILE A 43 17.69 -2.89 -6.65
N GLY A 44 19.00 -2.84 -6.86
CA GLY A 44 19.53 -3.08 -8.19
C GLY A 44 21.01 -3.39 -8.31
N ASN A 45 21.28 -4.65 -8.58
CA ASN A 45 22.63 -5.16 -8.86
C ASN A 45 23.61 -4.94 -7.71
N ASP A 46 23.07 -4.92 -6.50
CA ASP A 46 23.86 -4.74 -5.30
C ASP A 46 23.49 -5.80 -4.29
N PRO A 47 24.36 -6.05 -3.31
CA PRO A 47 24.02 -7.07 -2.33
C PRO A 47 22.95 -6.67 -1.35
N GLN A 48 22.66 -5.38 -1.23
CA GLN A 48 21.70 -4.95 -0.19
C GLN A 48 20.31 -5.08 -0.76
N GLY A 49 20.20 -4.75 -2.03
CA GLY A 49 18.95 -4.87 -2.73
C GLY A 49 18.59 -6.33 -2.82
N GLU A 50 19.54 -7.19 -3.19
CA GLU A 50 19.26 -8.62 -3.27
C GLU A 50 18.78 -9.19 -1.95
N ALA A 51 19.29 -8.63 -0.85
CA ALA A 51 18.89 -9.09 0.48
C ALA A 51 17.40 -8.86 0.72
N GLU A 52 16.87 -7.74 0.24
CA GLU A 52 15.45 -7.46 0.44
C GLU A 52 14.61 -7.95 -0.74
N PHE A 53 15.24 -8.15 -1.87
CA PHE A 53 14.56 -8.71 -3.02
C PHE A 53 14.27 -10.17 -2.71
N ALA A 54 15.16 -10.81 -1.96
CA ALA A 54 14.99 -12.20 -1.56
C ALA A 54 13.71 -12.40 -0.74
N ARG A 55 13.33 -11.40 0.06
CA ARG A 55 12.12 -11.55 0.86
C ARG A 55 10.92 -11.23 0.00
N ILE A 56 11.10 -10.39 -1.00
CA ILE A 56 10.02 -10.01 -1.90
C ILE A 56 9.64 -11.20 -2.78
N MET A 57 10.62 -11.83 -3.41
CA MET A 57 10.35 -12.98 -4.29
C MET A 57 9.69 -14.11 -3.51
N SER A 58 10.04 -14.24 -2.24
CA SER A 58 9.46 -15.27 -1.38
C SER A 58 7.97 -15.04 -1.10
N ILE A 59 7.51 -13.81 -1.29
CA ILE A 59 6.12 -13.45 -1.00
C ILE A 59 5.27 -13.53 -2.25
N VAL A 60 5.77 -12.94 -3.32
CA VAL A 60 5.02 -12.88 -4.57
C VAL A 60 5.04 -14.22 -5.29
N ASP A 61 5.94 -15.08 -4.86
CA ASP A 61 6.14 -16.37 -5.51
C ASP A 61 6.72 -17.40 -4.52
N PRO A 62 5.91 -17.81 -3.52
CA PRO A 62 6.46 -18.78 -2.57
C PRO A 62 6.64 -20.16 -3.19
N ASN A 63 6.05 -20.37 -4.35
CA ASN A 63 6.08 -21.65 -5.05
C ASN A 63 7.31 -21.79 -5.92
N ARG A 64 8.06 -20.70 -6.07
CA ARG A 64 9.26 -20.64 -6.91
C ARG A 64 8.93 -20.98 -8.36
N LEU A 65 7.87 -20.37 -8.85
CA LEU A 65 7.45 -20.50 -10.24
C LEU A 65 8.45 -19.75 -11.11
N GLY A 66 9.11 -18.78 -10.51
CA GLY A 66 10.13 -17.99 -11.19
C GLY A 66 9.54 -16.79 -11.90
N VAL A 67 8.33 -16.38 -11.48
CA VAL A 67 7.64 -15.29 -12.14
C VAL A 67 6.85 -14.47 -11.14
N VAL A 68 6.66 -13.20 -11.45
CA VAL A 68 5.91 -12.29 -10.60
C VAL A 68 4.89 -11.55 -11.45
N THR A 69 3.64 -11.51 -11.00
CA THR A 69 2.58 -10.81 -11.75
C THR A 69 2.40 -9.43 -11.18
N PHE A 70 1.77 -8.58 -11.96
CA PHE A 70 1.51 -7.19 -11.56
C PHE A 70 0.78 -7.18 -10.22
N GLN A 71 -0.19 -8.05 -10.06
CA GLN A 71 -1.01 -8.03 -8.87
C GLN A 71 -0.23 -8.60 -7.69
N ALA A 72 0.81 -9.37 -7.97
CA ALA A 72 1.58 -9.97 -6.90
C ALA A 72 2.52 -8.96 -6.25
N PHE A 73 3.18 -8.10 -7.01
CA PHE A 73 4.02 -7.09 -6.37
C PHE A 73 3.13 -6.09 -5.61
N ILE A 74 1.92 -5.87 -6.10
CA ILE A 74 0.96 -4.98 -5.45
C ILE A 74 0.58 -5.53 -4.07
N ASP A 75 0.67 -6.84 -3.93
CA ASP A 75 0.33 -7.46 -2.64
C ASP A 75 1.25 -6.92 -1.56
N PHE A 76 2.55 -6.93 -1.83
CA PHE A 76 3.47 -6.47 -0.80
C PHE A 76 3.52 -4.97 -0.74
N MET A 77 3.18 -4.28 -1.82
CA MET A 77 3.24 -2.84 -1.82
C MET A 77 2.22 -2.37 -0.78
N SER A 78 1.11 -3.09 -0.68
CA SER A 78 0.08 -2.81 0.30
C SER A 78 0.57 -3.13 1.71
N ARG A 79 1.44 -4.13 1.82
CA ARG A 79 1.96 -4.57 3.12
C ARG A 79 3.01 -3.64 3.71
N GLU A 80 3.80 -2.97 2.89
CA GLU A 80 4.82 -2.07 3.44
C GLU A 80 4.21 -0.77 3.95
N THR A 81 3.00 -0.47 3.48
CA THR A 81 2.29 0.75 3.89
C THR A 81 1.07 0.34 4.74
N ALA A 82 1.11 -0.89 5.24
CA ALA A 82 -0.01 -1.51 5.93
C ALA A 82 -0.50 -0.84 7.21
N ASP A 83 0.29 -0.94 8.26
CA ASP A 83 -0.15 -0.60 9.60
C ASP A 83 0.94 0.01 10.49
N THR A 84 0.63 0.22 11.75
CA THR A 84 1.56 0.80 12.72
C THR A 84 1.18 0.31 14.13
N ASP A 85 2.16 0.28 15.02
CA ASP A 85 1.99 -0.24 16.39
C ASP A 85 1.65 0.82 17.44
N THR A 86 1.55 2.05 16.99
CA THR A 86 1.38 3.19 17.91
C THR A 86 0.20 3.12 18.88
N ALA A 87 -0.83 2.34 18.57
CA ALA A 87 -1.98 2.17 19.47
C ALA A 87 -1.84 1.02 20.48
N ASP A 88 -0.93 0.07 20.26
CA ASP A 88 -0.86 -1.11 21.14
C ASP A 88 -0.28 -0.77 22.51
N GLN A 89 0.65 0.17 22.53
CA GLN A 89 1.34 0.54 23.77
C GLN A 89 0.42 0.94 24.91
N VAL A 90 -0.68 1.60 24.62
CA VAL A 90 -1.58 2.06 25.67
C VAL A 90 -2.27 0.85 26.29
N MET A 91 -2.62 -0.13 25.48
CA MET A 91 -3.28 -1.32 25.98
C MET A 91 -2.29 -2.16 26.75
N ALA A 92 -1.07 -2.22 26.25
CA ALA A 92 -0.01 -2.97 26.89
C ALA A 92 0.24 -2.45 28.31
N SER A 93 0.23 -1.13 28.48
CA SER A 93 0.48 -0.54 29.80
C SER A 93 -0.55 -0.99 30.84
N PHE A 94 -1.81 -1.05 30.45
CA PHE A 94 -2.86 -1.45 31.38
C PHE A 94 -2.70 -2.92 31.73
N LYS A 95 -2.25 -3.71 30.77
CA LYS A 95 -2.08 -5.15 30.96
C LYS A 95 -0.96 -5.47 31.94
N ILE A 96 -0.06 -4.53 32.12
CA ILE A 96 1.07 -4.72 33.03
C ILE A 96 0.61 -4.39 34.45
N LEU A 97 -0.20 -3.35 34.59
CA LEU A 97 -0.58 -2.91 35.94
C LEU A 97 -1.77 -3.69 36.45
N ALA A 98 -2.62 -4.13 35.54
CA ALA A 98 -3.82 -4.87 35.87
C ALA A 98 -3.72 -6.32 35.49
N GLY A 99 -2.52 -6.81 35.26
CA GLY A 99 -2.32 -8.24 35.06
C GLY A 99 -2.83 -8.99 36.29
N ASP A 100 -2.84 -8.29 37.42
CA ASP A 100 -3.38 -8.83 38.67
C ASP A 100 -4.89 -9.03 38.63
N LYS A 101 -5.62 -8.29 37.80
CA LYS A 101 -7.09 -8.39 37.78
C LYS A 101 -7.60 -8.62 36.36
N ASN A 102 -8.90 -8.76 36.21
CA ASN A 102 -9.50 -8.89 34.88
C ASN A 102 -10.14 -7.56 34.50
N TYR A 103 -9.79 -6.50 35.24
CA TYR A 103 -10.39 -5.19 35.03
C TYR A 103 -9.46 -4.15 35.63
N ILE A 104 -9.81 -2.88 35.46
CA ILE A 104 -9.00 -1.78 35.94
C ILE A 104 -9.93 -0.76 36.58
N THR A 105 -9.43 0.05 37.49
CA THR A 105 -10.22 1.16 38.00
C THR A 105 -9.74 2.44 37.39
N MET A 106 -10.64 3.43 37.41
CA MET A 106 -10.33 4.76 36.90
C MET A 106 -9.14 5.34 37.65
N ASP A 107 -9.07 5.04 38.94
CA ASP A 107 -8.03 5.55 39.81
C ASP A 107 -6.66 4.96 39.48
N GLU A 108 -6.65 3.69 39.09
CA GLU A 108 -5.40 3.01 38.78
C GLU A 108 -4.81 3.51 37.48
N LEU A 109 -5.63 3.63 36.45
CA LEU A 109 -5.14 4.08 35.15
C LEU A 109 -4.73 5.55 35.22
N ARG A 110 -5.33 6.30 36.13
CA ARG A 110 -4.98 7.72 36.33
C ARG A 110 -3.55 7.91 36.82
N ARG A 111 -2.89 6.85 37.27
CA ARG A 111 -1.50 6.98 37.71
C ARG A 111 -0.55 6.99 36.51
N GLU A 112 -0.97 6.33 35.45
CA GLU A 112 -0.13 6.11 34.28
C GLU A 112 -0.15 7.32 33.38
N LEU A 113 -1.33 7.93 33.27
CA LEU A 113 -1.49 9.16 32.51
C LEU A 113 -2.14 10.21 33.41
N PRO A 114 -1.34 10.85 34.31
CA PRO A 114 -1.93 11.87 35.19
C PRO A 114 -2.72 13.05 34.55
N PRO A 115 -2.35 13.53 33.34
CA PRO A 115 -3.20 14.62 32.83
C PRO A 115 -4.54 14.11 32.26
N ASP A 116 -5.24 14.97 31.53
CA ASP A 116 -6.54 14.67 30.93
C ASP A 116 -6.58 13.40 30.07
N GLN A 117 -5.43 12.88 29.68
CA GLN A 117 -5.34 11.64 28.94
C GLN A 117 -6.10 10.52 29.65
N ALA A 118 -6.07 10.50 30.98
CA ALA A 118 -6.79 9.49 31.73
C ALA A 118 -8.29 9.62 31.55
N GLU A 119 -8.80 10.85 31.52
CA GLU A 119 -10.23 11.10 31.37
C GLU A 119 -10.66 10.63 29.98
N TYR A 120 -9.83 10.92 29.00
CA TYR A 120 -10.08 10.49 27.61
C TYR A 120 -10.00 8.97 27.52
N CYS A 121 -9.20 8.35 28.37
CA CYS A 121 -9.07 6.90 28.40
C CYS A 121 -10.33 6.29 29.00
N ILE A 122 -10.85 6.89 30.06
CA ILE A 122 -12.09 6.42 30.69
C ILE A 122 -13.24 6.56 29.70
N ALA A 123 -13.22 7.62 28.93
CA ALA A 123 -14.25 7.87 27.92
C ALA A 123 -14.18 6.85 26.76
N ARG A 124 -13.09 6.10 26.69
CA ARG A 124 -12.91 5.10 25.65
C ARG A 124 -13.04 3.67 26.16
N MET A 125 -12.63 3.42 27.39
CA MET A 125 -12.62 2.08 27.95
C MET A 125 -14.02 1.50 28.13
N ALA A 126 -14.06 0.19 28.26
CA ALA A 126 -15.32 -0.52 28.41
C ALA A 126 -15.67 -0.54 29.90
N PRO A 127 -16.95 -0.40 30.26
CA PRO A 127 -17.31 -0.44 31.68
C PRO A 127 -17.30 -1.85 32.24
N TYR A 128 -17.04 -1.95 33.53
CA TYR A 128 -16.98 -3.26 34.20
C TYR A 128 -18.16 -3.51 35.13
N THR A 129 -18.67 -4.73 35.10
CA THR A 129 -19.69 -5.17 36.05
C THR A 129 -19.31 -6.61 36.38
N GLY A 130 -19.11 -6.91 37.66
CA GLY A 130 -18.69 -8.25 38.04
C GLY A 130 -18.59 -8.39 39.54
N PRO A 131 -18.02 -9.50 40.05
CA PRO A 131 -17.94 -9.69 41.51
C PRO A 131 -16.98 -8.74 42.23
N ASP A 132 -15.97 -8.29 41.51
CA ASP A 132 -14.93 -7.40 42.07
C ASP A 132 -15.24 -5.96 41.69
N SER A 133 -16.47 -5.71 41.26
CA SER A 133 -16.82 -4.40 40.76
C SER A 133 -16.93 -3.34 41.83
N VAL A 134 -16.60 -2.13 41.42
CA VAL A 134 -16.61 -0.95 42.27
C VAL A 134 -17.21 0.12 41.36
N PRO A 135 -17.67 1.27 41.92
CA PRO A 135 -18.32 2.23 41.01
C PRO A 135 -17.40 2.91 40.00
N GLY A 136 -16.10 2.70 40.14
CA GLY A 136 -15.12 3.25 39.21
C GLY A 136 -14.39 2.19 38.43
N ALA A 137 -15.07 1.09 38.17
CA ALA A 137 -14.48 -0.06 37.49
C ALA A 137 -14.72 -0.04 35.98
N LEU A 138 -13.67 -0.38 35.24
CA LEU A 138 -13.71 -0.45 33.79
C LEU A 138 -13.03 -1.74 33.39
N ASP A 139 -13.50 -2.39 32.36
CA ASP A 139 -12.88 -3.61 31.89
C ASP A 139 -11.86 -3.19 30.83
N TYR A 140 -10.59 -3.35 31.16
CA TYR A 140 -9.53 -2.95 30.26
C TYR A 140 -9.26 -4.07 29.27
N MET A 141 -9.42 -5.29 29.74
CA MET A 141 -9.14 -6.46 28.91
C MET A 141 -10.14 -6.48 27.75
N SER A 142 -11.27 -5.84 27.96
CA SER A 142 -12.35 -5.77 26.96
C SER A 142 -12.22 -4.55 26.03
N PHE A 143 -11.41 -3.57 26.43
CA PHE A 143 -11.26 -2.34 25.65
C PHE A 143 -10.80 -2.59 24.21
N SER A 144 -9.90 -3.55 24.01
CA SER A 144 -9.44 -3.86 22.66
C SER A 144 -10.56 -4.29 21.70
N THR A 145 -11.67 -4.80 22.22
CA THR A 145 -12.79 -5.23 21.36
C THR A 145 -14.00 -4.30 21.45
N ALA A 146 -13.99 -3.35 22.38
CA ALA A 146 -15.12 -2.45 22.56
C ALA A 146 -14.70 -1.11 23.16
N LEU A 147 -15.11 -0.03 22.49
CA LEU A 147 -14.84 1.33 22.95
C LEU A 147 -16.04 2.16 22.52
N TYR A 148 -16.34 3.24 23.25
CA TYR A 148 -17.48 4.09 22.89
C TYR A 148 -17.06 5.54 22.67
N GLY A 149 -15.80 5.83 22.93
CA GLY A 149 -15.27 7.18 22.74
C GLY A 149 -14.58 7.31 21.40
N GLU A 150 -15.24 6.85 20.34
CA GLU A 150 -14.64 6.93 19.01
C GLU A 150 -14.51 8.40 18.61
N SER A 151 -13.39 8.73 17.98
CA SER A 151 -13.08 10.10 17.62
C SER A 151 -11.94 10.03 16.60
N ASP A 152 -11.71 11.13 15.89
CA ASP A 152 -10.62 11.23 14.91
C ASP A 152 -9.28 11.32 15.66
N LEU A 153 -9.36 11.79 16.90
CA LEU A 153 -8.20 11.94 17.76
C LEU A 153 -8.62 11.65 19.20
N GLY A 1 -2.77 4.26 5.67
CA GLY A 1 -3.71 4.89 4.71
C GLY A 1 -3.34 4.57 3.30
N SER A 2 -4.26 4.63 2.36
CA SER A 2 -3.99 4.25 0.97
C SER A 2 -2.77 4.95 0.36
N SER A 3 -1.78 4.14 -0.01
CA SER A 3 -0.56 4.66 -0.62
C SER A 3 -0.86 5.00 -2.09
N ILE A 4 -1.70 4.20 -2.72
CA ILE A 4 -2.04 4.39 -4.12
C ILE A 4 -3.07 5.46 -4.42
N SER A 5 -2.56 6.43 -5.14
CA SER A 5 -3.35 7.51 -5.75
C SER A 5 -3.68 7.02 -7.16
N GLN A 6 -4.50 7.76 -7.91
CA GLN A 6 -4.82 7.31 -9.28
C GLN A 6 -3.56 7.28 -10.16
N GLU A 7 -2.67 8.24 -9.92
CA GLU A 7 -1.42 8.35 -10.66
C GLU A 7 -0.45 7.24 -10.25
N GLN A 8 -0.59 6.71 -9.04
CA GLN A 8 0.28 5.63 -8.59
C GLN A 8 -0.05 4.36 -9.34
N MET A 9 -1.31 3.93 -9.27
CA MET A 9 -1.68 2.72 -9.99
C MET A 9 -1.40 2.85 -11.47
N ASN A 10 -1.41 4.08 -11.95
CA ASN A 10 -1.13 4.38 -13.35
C ASN A 10 0.30 3.93 -13.70
N GLU A 11 1.28 4.43 -12.96
CA GLU A 11 2.67 4.12 -13.24
C GLU A 11 3.00 2.69 -12.86
N PHE A 12 2.33 2.16 -11.85
CA PHE A 12 2.52 0.76 -11.49
C PHE A 12 2.16 -0.12 -12.68
N ARG A 13 0.98 0.13 -13.25
CA ARG A 13 0.54 -0.64 -14.41
C ARG A 13 1.43 -0.37 -15.60
N ALA A 14 1.77 0.89 -15.84
CA ALA A 14 2.57 1.24 -17.01
C ALA A 14 3.99 0.68 -16.92
N SER A 15 4.60 0.67 -15.75
CA SER A 15 5.97 0.16 -15.61
C SER A 15 6.01 -1.36 -15.82
N PHE A 16 5.04 -2.08 -15.27
CA PHE A 16 4.97 -3.53 -15.49
C PHE A 16 4.76 -3.76 -16.98
N ASN A 17 3.92 -2.96 -17.62
CA ASN A 17 3.65 -3.09 -19.05
C ASN A 17 4.87 -2.72 -19.91
N HIS A 18 5.66 -1.75 -19.45
CA HIS A 18 6.83 -1.28 -20.21
C HIS A 18 7.91 -2.35 -20.23
N PHE A 19 8.06 -3.07 -19.14
CA PHE A 19 9.05 -4.12 -19.06
C PHE A 19 8.48 -5.43 -19.66
N ASP A 20 7.19 -5.68 -19.46
CA ASP A 20 6.51 -6.88 -19.98
C ASP A 20 6.03 -6.60 -21.37
N ARG A 21 7.02 -6.44 -22.25
CA ARG A 21 6.75 -6.17 -23.65
C ARG A 21 6.20 -7.40 -24.35
N ASP A 22 6.22 -8.51 -23.63
CA ASP A 22 5.73 -9.79 -24.15
C ASP A 22 4.27 -9.97 -23.73
N HIS A 23 3.76 -8.95 -23.02
CA HIS A 23 2.39 -8.88 -22.49
C HIS A 23 1.86 -10.19 -21.92
N SER A 24 2.73 -10.92 -21.24
CA SER A 24 2.37 -12.21 -20.65
C SER A 24 1.58 -12.03 -19.35
N GLY A 25 1.71 -10.84 -18.76
CA GLY A 25 1.04 -10.52 -17.51
C GLY A 25 1.98 -10.77 -16.34
N THR A 26 3.19 -11.23 -16.66
CA THR A 26 4.19 -11.59 -15.67
C THR A 26 5.57 -11.24 -16.15
N LEU A 27 6.53 -11.23 -15.23
CA LEU A 27 7.91 -10.98 -15.56
C LEU A 27 8.79 -11.82 -14.65
N GLY A 28 10.07 -11.83 -14.93
CA GLY A 28 11.01 -12.60 -14.15
C GLY A 28 11.36 -11.90 -12.86
N PRO A 29 12.13 -12.53 -11.96
CA PRO A 29 12.43 -11.91 -10.68
C PRO A 29 13.35 -10.70 -10.81
N GLU A 30 14.21 -10.69 -11.82
CA GLU A 30 15.12 -9.57 -12.05
C GLU A 30 14.39 -8.43 -12.76
N GLU A 31 13.51 -8.78 -13.68
CA GLU A 31 12.76 -7.78 -14.44
C GLU A 31 11.85 -6.99 -13.53
N PHE A 32 10.99 -7.67 -12.77
CA PHE A 32 10.14 -6.97 -11.79
C PHE A 32 10.94 -6.23 -10.73
N LYS A 33 12.15 -6.67 -10.41
CA LYS A 33 12.99 -5.96 -9.45
C LYS A 33 13.43 -4.61 -10.03
N ALA A 34 13.86 -4.63 -11.29
CA ALA A 34 14.31 -3.41 -11.98
C ALA A 34 13.13 -2.51 -12.32
N CYS A 35 11.95 -3.10 -12.44
CA CYS A 35 10.73 -2.36 -12.68
C CYS A 35 10.48 -1.40 -11.50
N LEU A 36 10.83 -1.84 -10.29
CA LEU A 36 10.63 -1.01 -9.08
C LEU A 36 11.56 0.21 -9.12
N ILE A 37 12.74 0.04 -9.71
CA ILE A 37 13.73 1.12 -9.75
C ILE A 37 13.14 2.34 -10.47
N SER A 38 12.29 2.09 -11.45
CA SER A 38 11.64 3.17 -12.21
C SER A 38 10.72 4.02 -11.34
N LEU A 39 10.32 3.46 -10.20
CA LEU A 39 9.45 4.15 -9.25
C LEU A 39 10.28 4.86 -8.18
N GLY A 40 11.55 4.45 -8.07
CA GLY A 40 12.46 5.04 -7.10
C GLY A 40 12.93 4.10 -6.00
N TYR A 41 13.12 2.84 -6.34
CA TYR A 41 13.56 1.82 -5.39
C TYR A 41 15.05 1.57 -5.62
N ASP A 42 15.81 1.53 -4.53
CA ASP A 42 17.26 1.29 -4.55
C ASP A 42 17.54 -0.23 -4.56
N ILE A 43 16.87 -0.94 -5.46
CA ILE A 43 16.96 -2.40 -5.52
C ILE A 43 17.38 -2.80 -6.94
N GLY A 44 18.66 -2.65 -7.22
CA GLY A 44 19.21 -2.97 -8.54
C GLY A 44 20.63 -3.51 -8.54
N ASN A 45 20.76 -4.79 -8.19
CA ASN A 45 22.06 -5.50 -8.11
C ASN A 45 22.93 -4.95 -6.96
N ASP A 46 22.30 -4.17 -6.11
CA ASP A 46 22.96 -3.65 -4.93
C ASP A 46 22.96 -4.74 -3.89
N PRO A 47 23.97 -4.78 -3.00
CA PRO A 47 23.90 -5.89 -2.06
C PRO A 47 22.79 -5.73 -1.02
N GLN A 48 22.30 -4.50 -0.85
CA GLN A 48 21.23 -4.25 0.10
C GLN A 48 19.91 -4.58 -0.60
N GLY A 49 19.84 -4.22 -1.87
CA GLY A 49 18.65 -4.46 -2.65
C GLY A 49 18.41 -5.95 -2.80
N GLU A 50 19.45 -6.71 -3.11
CA GLU A 50 19.30 -8.16 -3.25
C GLU A 50 18.81 -8.77 -1.95
N ALA A 51 19.26 -8.23 -0.82
CA ALA A 51 18.88 -8.76 0.48
C ALA A 51 17.37 -8.60 0.73
N GLU A 52 16.80 -7.49 0.28
CA GLU A 52 15.38 -7.25 0.48
C GLU A 52 14.57 -7.88 -0.66
N PHE A 53 15.18 -8.04 -1.82
CA PHE A 53 14.53 -8.64 -2.96
C PHE A 53 14.31 -10.12 -2.68
N ALA A 54 15.25 -10.75 -1.96
CA ALA A 54 15.15 -12.15 -1.63
C ALA A 54 13.87 -12.43 -0.78
N ARG A 55 13.45 -11.43 -0.03
CA ARG A 55 12.26 -11.53 0.79
C ARG A 55 11.04 -11.35 -0.02
N ILE A 56 11.16 -10.44 -0.95
CA ILE A 56 10.03 -10.01 -1.85
C ILE A 56 9.64 -11.18 -2.74
N MET A 57 10.62 -11.84 -3.36
CA MET A 57 10.35 -12.95 -4.27
C MET A 57 9.69 -14.11 -3.52
N SER A 58 9.98 -14.23 -2.23
CA SER A 58 9.39 -15.30 -1.39
C SER A 58 7.91 -15.02 -1.10
N ILE A 59 7.47 -13.79 -1.28
CA ILE A 59 6.09 -13.40 -0.98
C ILE A 59 5.24 -13.47 -2.22
N VAL A 60 5.74 -12.90 -3.30
CA VAL A 60 4.99 -12.85 -4.55
C VAL A 60 4.97 -14.20 -5.25
N ASP A 61 5.87 -15.08 -4.84
CA ASP A 61 6.01 -16.37 -5.48
C ASP A 61 6.49 -17.49 -4.53
N PRO A 62 5.68 -17.85 -3.52
CA PRO A 62 6.12 -18.94 -2.64
C PRO A 62 5.99 -20.30 -3.34
N ASN A 63 5.43 -20.28 -4.54
CA ASN A 63 5.21 -21.50 -5.32
C ASN A 63 6.43 -21.83 -6.14
N ARG A 64 7.37 -20.87 -6.22
CA ARG A 64 8.60 -20.99 -7.02
C ARG A 64 8.28 -21.19 -8.50
N LEU A 65 7.38 -20.36 -8.99
CA LEU A 65 7.01 -20.35 -10.40
C LEU A 65 8.16 -19.72 -11.17
N GLY A 66 8.91 -18.87 -10.47
CA GLY A 66 10.04 -18.18 -11.05
C GLY A 66 9.60 -16.91 -11.75
N VAL A 67 8.40 -16.44 -11.44
CA VAL A 67 7.82 -15.27 -12.13
C VAL A 67 6.92 -14.51 -11.18
N VAL A 68 6.70 -13.25 -11.49
CA VAL A 68 5.88 -12.37 -10.68
C VAL A 68 4.86 -11.66 -11.57
N THR A 69 3.61 -11.63 -11.12
CA THR A 69 2.56 -10.94 -11.87
C THR A 69 2.35 -9.56 -11.30
N PHE A 70 1.73 -8.70 -12.07
CA PHE A 70 1.43 -7.34 -11.63
C PHE A 70 0.67 -7.37 -10.30
N GLN A 71 -0.27 -8.28 -10.18
CA GLN A 71 -1.11 -8.33 -8.99
C GLN A 71 -0.32 -8.90 -7.81
N ALA A 72 0.74 -9.64 -8.10
CA ALA A 72 1.52 -10.27 -7.04
C ALA A 72 2.40 -9.25 -6.32
N PHE A 73 3.04 -8.34 -7.04
CA PHE A 73 3.83 -7.31 -6.35
C PHE A 73 2.90 -6.38 -5.58
N ILE A 74 1.68 -6.20 -6.08
CA ILE A 74 0.69 -5.37 -5.41
C ILE A 74 0.32 -5.99 -4.05
N ASP A 75 0.46 -7.28 -3.91
CA ASP A 75 0.14 -7.93 -2.62
C ASP A 75 1.06 -7.43 -1.53
N PHE A 76 2.36 -7.31 -1.81
CA PHE A 76 3.26 -6.78 -0.80
C PHE A 76 3.14 -5.27 -0.69
N MET A 77 2.68 -4.60 -1.75
CA MET A 77 2.52 -3.16 -1.69
C MET A 77 1.37 -2.87 -0.73
N SER A 78 0.42 -3.79 -0.65
CA SER A 78 -0.69 -3.67 0.31
C SER A 78 -0.14 -3.71 1.74
N ARG A 79 1.00 -4.36 1.93
CA ARG A 79 1.58 -4.45 3.27
C ARG A 79 2.25 -3.16 3.71
N GLU A 80 2.82 -2.38 2.79
CA GLU A 80 3.39 -1.08 3.18
C GLU A 80 2.26 -0.07 3.42
N THR A 81 1.17 -0.26 2.69
CA THR A 81 -0.04 0.55 2.86
C THR A 81 -0.60 0.31 4.28
N ALA A 82 -0.46 -0.93 4.74
CA ALA A 82 -0.83 -1.36 6.09
C ALA A 82 -2.27 -0.99 6.49
N ASP A 83 -3.19 -1.13 5.55
CA ASP A 83 -4.60 -0.82 5.80
C ASP A 83 -5.40 -2.13 5.82
N THR A 84 -6.46 -2.15 6.61
CA THR A 84 -7.29 -3.34 6.79
C THR A 84 -8.64 -2.94 7.39
N ASP A 85 -8.99 -1.67 7.29
CA ASP A 85 -10.24 -1.21 7.91
C ASP A 85 -11.50 -1.81 7.29
N THR A 86 -12.48 -2.05 8.14
CA THR A 86 -13.77 -2.57 7.73
C THR A 86 -14.90 -1.65 8.21
N ALA A 87 -14.54 -0.64 9.01
CA ALA A 87 -15.53 0.29 9.56
C ALA A 87 -16.06 1.22 8.47
N ASP A 88 -15.22 1.54 7.48
CA ASP A 88 -15.64 2.37 6.36
C ASP A 88 -16.92 1.81 5.72
N GLN A 89 -17.03 0.49 5.63
CA GLN A 89 -18.20 -0.13 5.01
C GLN A 89 -19.52 0.32 5.64
N VAL A 90 -19.60 0.25 6.96
CA VAL A 90 -20.84 0.56 7.66
C VAL A 90 -20.98 2.08 7.74
N MET A 91 -19.89 2.80 7.86
CA MET A 91 -19.92 4.25 7.95
C MET A 91 -20.42 4.85 6.63
N ALA A 92 -20.00 4.25 5.54
CA ALA A 92 -20.41 4.69 4.21
C ALA A 92 -21.91 4.51 4.04
N SER A 93 -22.47 3.44 4.61
CA SER A 93 -23.91 3.17 4.45
C SER A 93 -24.75 4.29 5.05
N PHE A 94 -24.35 4.76 6.23
CA PHE A 94 -25.09 5.84 6.88
C PHE A 94 -25.01 7.10 6.06
N LYS A 95 -23.85 7.31 5.46
CA LYS A 95 -23.61 8.50 4.65
C LYS A 95 -24.39 8.50 3.35
N ILE A 96 -24.82 7.33 2.93
CA ILE A 96 -25.59 7.21 1.69
C ILE A 96 -27.03 7.58 2.02
N LEU A 97 -27.54 7.13 3.15
CA LEU A 97 -28.95 7.37 3.47
C LEU A 97 -29.17 8.74 4.09
N ALA A 98 -28.19 9.22 4.85
CA ALA A 98 -28.29 10.50 5.55
C ALA A 98 -27.46 11.57 4.90
N GLY A 99 -27.07 11.36 3.65
CA GLY A 99 -26.39 12.38 2.88
C GLY A 99 -27.31 13.57 2.62
N ASP A 100 -28.58 13.40 2.97
CA ASP A 100 -29.57 14.47 2.88
C ASP A 100 -29.45 15.40 4.08
N LYS A 101 -28.86 14.93 5.18
CA LYS A 101 -28.68 15.75 6.38
C LYS A 101 -27.25 15.67 6.87
N ASN A 102 -27.06 16.06 8.12
CA ASN A 102 -25.74 16.03 8.75
C ASN A 102 -25.83 15.12 9.98
N TYR A 103 -26.92 14.39 10.09
CA TYR A 103 -27.16 13.55 11.26
C TYR A 103 -28.15 12.48 10.83
N ILE A 104 -28.38 11.53 11.72
CA ILE A 104 -29.24 10.42 11.43
C ILE A 104 -30.12 10.18 12.64
N THR A 105 -31.28 9.61 12.46
CA THR A 105 -32.10 9.23 13.60
C THR A 105 -31.98 7.75 13.83
N MET A 106 -32.32 7.33 15.02
CA MET A 106 -32.32 5.91 15.36
C MET A 106 -33.26 5.14 14.44
N ASP A 107 -34.32 5.78 14.02
CA ASP A 107 -35.31 5.16 13.12
C ASP A 107 -34.71 4.98 11.74
N GLU A 108 -34.01 6.00 11.26
CA GLU A 108 -33.41 5.96 9.93
C GLU A 108 -32.33 4.89 9.82
N LEU A 109 -31.46 4.81 10.80
CA LEU A 109 -30.37 3.84 10.71
C LEU A 109 -30.89 2.41 10.89
N ARG A 110 -32.00 2.26 11.61
CA ARG A 110 -32.59 0.93 11.80
C ARG A 110 -33.23 0.41 10.52
N ARG A 111 -33.36 1.26 9.50
CA ARG A 111 -33.94 0.80 8.23
C ARG A 111 -32.96 -0.13 7.54
N GLU A 112 -31.69 0.08 7.81
CA GLU A 112 -30.61 -0.68 7.18
C GLU A 112 -30.38 -1.99 7.90
N LEU A 113 -30.45 -1.93 9.23
CA LEU A 113 -30.23 -3.08 10.07
C LEU A 113 -31.37 -3.18 11.09
N PRO A 114 -32.53 -3.76 10.70
CA PRO A 114 -33.60 -3.84 11.69
C PRO A 114 -33.36 -4.69 12.98
N PRO A 115 -32.48 -5.73 12.96
CA PRO A 115 -32.34 -6.39 14.27
C PRO A 115 -31.46 -5.58 15.23
N ASP A 116 -30.99 -6.25 16.27
CA ASP A 116 -30.14 -5.64 17.30
C ASP A 116 -28.87 -4.97 16.78
N GLN A 117 -28.48 -5.25 15.54
CA GLN A 117 -27.35 -4.58 14.90
C GLN A 117 -27.50 -3.05 15.00
N ALA A 118 -28.71 -2.54 14.85
CA ALA A 118 -28.95 -1.10 14.97
C ALA A 118 -28.70 -0.63 16.40
N GLU A 119 -29.08 -1.43 17.37
CA GLU A 119 -28.90 -1.05 18.78
C GLU A 119 -27.43 -1.00 19.11
N TYR A 120 -26.69 -1.96 18.57
CA TYR A 120 -25.25 -2.00 18.74
C TYR A 120 -24.62 -0.79 18.05
N CYS A 121 -25.25 -0.32 16.97
CA CYS A 121 -24.77 0.85 16.26
C CYS A 121 -25.06 2.11 17.09
N ILE A 122 -26.24 2.20 17.67
CA ILE A 122 -26.63 3.35 18.51
C ILE A 122 -25.71 3.45 19.72
N ALA A 123 -25.34 2.29 20.27
CA ALA A 123 -24.42 2.23 21.40
C ALA A 123 -23.02 2.76 21.05
N ARG A 124 -22.68 2.85 19.77
CA ARG A 124 -21.38 3.36 19.35
C ARG A 124 -21.45 4.73 18.70
N MET A 125 -22.60 5.11 18.18
CA MET A 125 -22.78 6.38 17.49
C MET A 125 -22.67 7.55 18.46
N ALA A 126 -22.50 8.75 17.92
CA ALA A 126 -22.36 9.94 18.71
C ALA A 126 -23.76 10.58 18.80
N PRO A 127 -24.09 11.22 19.93
CA PRO A 127 -25.41 11.86 20.02
C PRO A 127 -25.47 13.17 19.24
N TYR A 128 -26.67 13.54 18.83
CA TYR A 128 -26.86 14.79 18.08
C TYR A 128 -27.66 15.79 18.90
N THR A 129 -27.15 17.02 18.96
CA THR A 129 -27.76 18.08 19.76
C THR A 129 -27.75 19.38 18.92
N GLY A 130 -28.06 19.23 17.64
CA GLY A 130 -28.04 20.37 16.74
C GLY A 130 -29.37 21.10 16.63
N PRO A 131 -29.52 22.03 15.68
CA PRO A 131 -30.78 22.77 15.59
C PRO A 131 -31.98 21.94 15.11
N ASP A 132 -31.70 20.93 14.29
CA ASP A 132 -32.75 20.07 13.73
C ASP A 132 -32.84 18.78 14.53
N SER A 133 -32.49 18.88 15.81
CA SER A 133 -32.42 17.71 16.65
C SER A 133 -33.79 17.23 17.10
N VAL A 134 -33.84 15.93 17.36
CA VAL A 134 -35.05 15.26 17.81
C VAL A 134 -34.59 14.32 18.92
N PRO A 135 -35.53 13.84 19.79
CA PRO A 135 -35.09 12.97 20.89
C PRO A 135 -34.36 11.69 20.49
N GLY A 136 -34.48 11.29 19.23
CA GLY A 136 -33.81 10.10 18.74
C GLY A 136 -32.76 10.39 17.69
N ALA A 137 -32.11 11.54 17.82
CA ALA A 137 -31.10 11.99 16.87
C ALA A 137 -29.69 11.59 17.28
N LEU A 138 -28.91 11.18 16.31
CA LEU A 138 -27.53 10.78 16.49
C LEU A 138 -26.69 11.39 15.38
N ASP A 139 -25.50 11.82 15.69
CA ASP A 139 -24.62 12.41 14.69
C ASP A 139 -23.80 11.26 14.11
N TYR A 140 -24.17 10.87 12.90
CA TYR A 140 -23.51 9.75 12.25
C TYR A 140 -22.19 10.22 11.68
N MET A 141 -22.16 11.46 11.24
CA MET A 141 -20.97 12.04 10.65
C MET A 141 -19.85 12.05 11.70
N SER A 142 -20.27 12.18 12.94
CA SER A 142 -19.34 12.24 14.07
C SER A 142 -18.87 10.86 14.52
N PHE A 143 -19.65 9.83 14.25
CA PHE A 143 -19.31 8.46 14.66
C PHE A 143 -17.95 8.04 14.12
N SER A 144 -17.68 8.39 12.87
CA SER A 144 -16.35 8.12 12.28
C SER A 144 -15.18 8.69 13.09
N THR A 145 -15.44 9.65 13.96
CA THR A 145 -14.38 10.29 14.74
C THR A 145 -14.40 9.92 16.24
N ALA A 146 -15.53 9.40 16.72
CA ALA A 146 -15.68 9.07 18.14
C ALA A 146 -16.76 8.02 18.38
N LEU A 147 -16.50 7.12 19.33
CA LEU A 147 -17.46 6.09 19.72
C LEU A 147 -17.36 5.93 21.24
N TYR A 148 -18.49 5.63 21.89
CA TYR A 148 -18.48 5.42 23.35
C TYR A 148 -18.75 3.96 23.70
N GLY A 149 -19.15 3.18 22.71
CA GLY A 149 -19.45 1.78 22.90
C GLY A 149 -18.23 0.88 22.85
N GLU A 150 -17.06 1.43 23.15
CA GLU A 150 -15.83 0.64 23.19
C GLU A 150 -15.76 -0.03 24.56
N SER A 151 -16.58 0.46 25.47
CA SER A 151 -16.67 -0.06 26.84
C SER A 151 -18.11 -0.48 27.11
N ASP A 152 -18.60 -1.38 26.27
CA ASP A 152 -19.98 -1.90 26.40
C ASP A 152 -20.02 -3.21 27.20
N LEU A 153 -18.93 -3.50 27.88
CA LEU A 153 -18.78 -4.73 28.68
C LEU A 153 -19.24 -4.50 30.12
N GLY A 1 -7.33 0.58 4.40
CA GLY A 1 -6.16 -0.10 3.82
C GLY A 1 -5.43 0.81 2.87
N SER A 2 -4.29 0.36 2.33
CA SER A 2 -3.47 1.19 1.45
C SER A 2 -4.27 1.78 0.30
N SER A 3 -4.35 3.10 0.26
CA SER A 3 -5.11 3.79 -0.77
C SER A 3 -4.21 4.36 -1.88
N ILE A 4 -3.86 3.52 -2.84
CA ILE A 4 -3.11 3.94 -4.01
C ILE A 4 -3.93 5.01 -4.77
N SER A 5 -3.24 6.01 -5.30
CA SER A 5 -3.90 7.05 -6.08
C SER A 5 -4.11 6.56 -7.51
N GLN A 6 -4.95 7.24 -8.28
CA GLN A 6 -5.14 6.85 -9.69
C GLN A 6 -3.83 7.05 -10.44
N GLU A 7 -3.06 8.05 -10.06
CA GLU A 7 -1.78 8.33 -10.66
C GLU A 7 -0.72 7.32 -10.19
N GLN A 8 -0.94 6.72 -9.04
CA GLN A 8 -0.01 5.72 -8.51
C GLN A 8 -0.14 4.42 -9.27
N MET A 9 -1.34 3.87 -9.30
CA MET A 9 -1.57 2.64 -10.05
C MET A 9 -1.19 2.84 -11.51
N ASN A 10 -1.23 4.09 -11.97
CA ASN A 10 -0.89 4.42 -13.34
C ASN A 10 0.56 4.06 -13.63
N GLU A 11 1.48 4.59 -12.84
CA GLU A 11 2.90 4.35 -13.05
C GLU A 11 3.24 2.90 -12.72
N PHE A 12 2.57 2.33 -11.72
CA PHE A 12 2.78 0.93 -11.38
C PHE A 12 2.44 0.05 -12.59
N ARG A 13 1.28 0.28 -13.18
CA ARG A 13 0.84 -0.51 -14.33
C ARG A 13 1.73 -0.22 -15.52
N ALA A 14 2.04 1.03 -15.75
CA ALA A 14 2.84 1.40 -16.91
C ALA A 14 4.25 0.84 -16.82
N SER A 15 4.83 0.81 -15.64
CA SER A 15 6.18 0.26 -15.49
C SER A 15 6.21 -1.25 -15.74
N PHE A 16 5.24 -1.97 -15.19
CA PHE A 16 5.14 -3.42 -15.44
C PHE A 16 4.94 -3.64 -16.94
N ASN A 17 4.10 -2.83 -17.57
CA ASN A 17 3.83 -2.94 -19.00
C ASN A 17 5.03 -2.55 -19.87
N HIS A 18 5.84 -1.61 -19.39
CA HIS A 18 7.00 -1.12 -20.14
C HIS A 18 8.05 -2.20 -20.25
N PHE A 19 8.14 -3.03 -19.23
CA PHE A 19 9.09 -4.12 -19.22
C PHE A 19 8.42 -5.38 -19.83
N ASP A 20 7.15 -5.61 -19.52
CA ASP A 20 6.40 -6.78 -20.02
C ASP A 20 5.75 -6.43 -21.33
N ARG A 21 6.59 -6.28 -22.33
CA ARG A 21 6.11 -5.96 -23.66
C ARG A 21 5.58 -7.21 -24.35
N ASP A 22 5.65 -8.33 -23.65
CA ASP A 22 5.13 -9.60 -24.16
C ASP A 22 3.69 -9.76 -23.68
N HIS A 23 3.30 -8.89 -22.75
CA HIS A 23 1.98 -8.89 -22.11
C HIS A 23 1.65 -10.27 -21.53
N SER A 24 2.65 -10.91 -20.96
CA SER A 24 2.48 -12.21 -20.29
C SER A 24 1.69 -12.03 -19.00
N GLY A 25 1.74 -10.82 -18.46
CA GLY A 25 1.06 -10.48 -17.22
C GLY A 25 1.98 -10.76 -16.06
N THR A 26 3.17 -11.23 -16.40
CA THR A 26 4.18 -11.63 -15.42
C THR A 26 5.55 -11.33 -16.00
N LEU A 27 6.55 -11.25 -15.13
CA LEU A 27 7.92 -11.01 -15.54
C LEU A 27 8.82 -11.84 -14.65
N GLY A 28 10.10 -11.87 -14.96
CA GLY A 28 11.04 -12.65 -14.19
C GLY A 28 11.42 -11.94 -12.90
N PRO A 29 12.16 -12.59 -12.00
CA PRO A 29 12.50 -11.97 -10.71
C PRO A 29 13.42 -10.77 -10.87
N GLU A 30 14.26 -10.79 -11.90
CA GLU A 30 15.18 -9.68 -12.15
C GLU A 30 14.49 -8.54 -12.90
N GLU A 31 13.60 -8.90 -13.82
CA GLU A 31 12.87 -7.92 -14.60
C GLU A 31 12.00 -7.06 -13.70
N PHE A 32 11.15 -7.70 -12.90
CA PHE A 32 10.35 -6.97 -11.91
C PHE A 32 11.20 -6.24 -10.88
N LYS A 33 12.38 -6.74 -10.55
CA LYS A 33 13.26 -6.04 -9.60
C LYS A 33 13.69 -4.69 -10.21
N ALA A 34 14.08 -4.70 -11.48
CA ALA A 34 14.51 -3.47 -12.16
C ALA A 34 13.35 -2.56 -12.49
N CYS A 35 12.17 -3.14 -12.58
CA CYS A 35 10.94 -2.37 -12.78
C CYS A 35 10.73 -1.45 -11.58
N LEU A 36 11.08 -1.91 -10.38
CA LEU A 36 10.94 -1.11 -9.16
C LEU A 36 11.87 0.10 -9.19
N ILE A 37 13.03 -0.06 -9.81
CA ILE A 37 14.02 1.02 -9.85
C ILE A 37 13.41 2.26 -10.52
N SER A 38 12.52 2.03 -11.49
CA SER A 38 11.86 3.13 -12.20
C SER A 38 10.95 3.96 -11.28
N LEU A 39 10.58 3.37 -10.14
CA LEU A 39 9.72 4.04 -9.16
C LEU A 39 10.56 4.73 -8.10
N GLY A 40 11.83 4.31 -8.01
CA GLY A 40 12.76 4.87 -7.06
C GLY A 40 13.26 3.90 -6.00
N TYR A 41 13.44 2.65 -6.38
CA TYR A 41 13.92 1.61 -5.45
C TYR A 41 15.41 1.37 -5.71
N ASP A 42 16.17 1.30 -4.62
CA ASP A 42 17.62 1.08 -4.65
C ASP A 42 17.95 -0.42 -4.74
N ILE A 43 17.30 -1.11 -5.66
CA ILE A 43 17.41 -2.56 -5.77
C ILE A 43 17.83 -2.90 -7.20
N GLY A 44 19.12 -2.71 -7.48
CA GLY A 44 19.64 -2.90 -8.84
C GLY A 44 20.96 -3.65 -8.95
N ASN A 45 20.92 -4.94 -8.63
CA ASN A 45 22.09 -5.85 -8.67
C ASN A 45 23.11 -5.47 -7.58
N ASP A 46 22.66 -4.67 -6.64
CA ASP A 46 23.45 -4.29 -5.49
C ASP A 46 23.35 -5.42 -4.49
N PRO A 47 24.38 -5.63 -3.64
CA PRO A 47 24.21 -6.75 -2.71
C PRO A 47 23.17 -6.47 -1.64
N GLN A 48 22.88 -5.20 -1.39
CA GLN A 48 21.86 -4.84 -0.41
C GLN A 48 20.50 -5.02 -1.05
N GLY A 49 20.41 -4.68 -2.31
CA GLY A 49 19.17 -4.83 -3.03
C GLY A 49 18.83 -6.30 -3.11
N GLU A 50 19.80 -7.15 -3.40
CA GLU A 50 19.57 -8.58 -3.44
C GLU A 50 19.09 -9.12 -2.10
N ALA A 51 19.59 -8.55 -1.01
CA ALA A 51 19.23 -9.00 0.32
C ALA A 51 17.74 -8.78 0.59
N GLU A 52 17.17 -7.70 0.09
CA GLU A 52 15.75 -7.41 0.30
C GLU A 52 14.92 -8.04 -0.81
N PHE A 53 15.51 -8.19 -1.99
CA PHE A 53 14.83 -8.80 -3.13
C PHE A 53 14.58 -10.26 -2.81
N ALA A 54 15.52 -10.87 -2.08
CA ALA A 54 15.39 -12.27 -1.68
C ALA A 54 14.14 -12.49 -0.82
N ARG A 55 13.75 -11.45 -0.11
CA ARG A 55 12.56 -11.52 0.75
C ARG A 55 11.34 -11.35 -0.13
N ILE A 56 11.46 -10.44 -1.08
CA ILE A 56 10.36 -10.08 -1.97
C ILE A 56 9.94 -11.27 -2.81
N MET A 57 10.90 -11.92 -3.45
CA MET A 57 10.61 -13.07 -4.33
C MET A 57 9.94 -14.21 -3.57
N SER A 58 10.16 -14.26 -2.27
CA SER A 58 9.59 -15.30 -1.42
C SER A 58 8.13 -15.01 -1.09
N ILE A 59 7.72 -13.76 -1.27
CA ILE A 59 6.35 -13.33 -0.96
C ILE A 59 5.50 -13.39 -2.21
N VAL A 60 6.01 -12.81 -3.28
CA VAL A 60 5.27 -12.73 -4.53
C VAL A 60 5.24 -14.05 -5.29
N ASP A 61 6.07 -14.98 -4.85
CA ASP A 61 6.19 -16.27 -5.52
C ASP A 61 6.64 -17.38 -4.55
N PRO A 62 5.78 -17.76 -3.59
CA PRO A 62 6.21 -18.84 -2.71
C PRO A 62 6.17 -20.19 -3.39
N ASN A 63 5.54 -20.27 -4.55
CA ASN A 63 5.38 -21.53 -5.29
C ASN A 63 6.60 -21.78 -6.16
N ARG A 64 7.49 -20.81 -6.20
CA ARG A 64 8.73 -20.87 -6.98
C ARG A 64 8.46 -21.09 -8.47
N LEU A 65 7.49 -20.34 -8.97
CA LEU A 65 7.14 -20.34 -10.39
C LEU A 65 8.26 -19.69 -11.17
N GLY A 66 9.03 -18.84 -10.48
CA GLY A 66 10.14 -18.16 -11.08
C GLY A 66 9.70 -16.89 -11.79
N VAL A 67 8.51 -16.40 -11.44
CA VAL A 67 7.92 -15.24 -12.11
C VAL A 67 7.09 -14.46 -11.11
N VAL A 68 6.86 -13.19 -11.42
CA VAL A 68 6.09 -12.30 -10.56
C VAL A 68 5.04 -11.57 -11.41
N THR A 69 3.82 -11.49 -10.89
CA THR A 69 2.72 -10.79 -11.61
C THR A 69 2.53 -9.40 -11.02
N PHE A 70 1.92 -8.51 -11.80
CA PHE A 70 1.66 -7.15 -11.38
C PHE A 70 1.00 -7.10 -10.01
N GLN A 71 -0.02 -7.93 -9.81
CA GLN A 71 -0.77 -7.88 -8.57
C GLN A 71 0.08 -8.41 -7.42
N ALA A 72 1.08 -9.22 -7.73
CA ALA A 72 1.88 -9.81 -6.66
C ALA A 72 2.84 -8.79 -6.05
N PHE A 73 3.47 -7.93 -6.85
CA PHE A 73 4.35 -6.93 -6.27
C PHE A 73 3.52 -5.89 -5.49
N ILE A 74 2.30 -5.64 -5.94
CA ILE A 74 1.38 -4.73 -5.26
C ILE A 74 1.04 -5.29 -3.86
N ASP A 75 1.10 -6.59 -3.71
CA ASP A 75 0.80 -7.21 -2.40
C ASP A 75 1.78 -6.72 -1.34
N PHE A 76 3.05 -6.64 -1.69
CA PHE A 76 4.02 -6.17 -0.72
C PHE A 76 4.10 -4.65 -0.66
N MET A 77 3.70 -3.97 -1.73
CA MET A 77 3.77 -2.50 -1.76
C MET A 77 2.82 -1.97 -0.65
N SER A 78 1.75 -2.71 -0.40
CA SER A 78 0.79 -2.35 0.64
C SER A 78 1.44 -2.35 2.02
N ARG A 79 2.44 -3.19 2.21
CA ARG A 79 3.12 -3.33 3.51
C ARG A 79 4.03 -2.14 3.73
N GLU A 80 4.56 -1.62 2.65
CA GLU A 80 5.45 -0.46 2.71
C GLU A 80 4.61 0.80 2.93
N THR A 81 3.42 0.80 2.35
CA THR A 81 2.45 1.89 2.52
C THR A 81 1.86 1.84 3.94
N ALA A 82 2.00 0.68 4.58
CA ALA A 82 1.56 0.43 5.93
C ALA A 82 0.05 0.70 6.13
N ASP A 83 -0.72 0.34 5.10
CA ASP A 83 -2.18 0.40 5.08
C ASP A 83 -2.87 1.71 5.53
N THR A 84 -2.35 2.83 5.07
CA THR A 84 -2.96 4.14 5.30
C THR A 84 -4.17 4.36 4.38
N ASP A 85 -5.30 4.73 4.98
CA ASP A 85 -6.57 4.90 4.26
C ASP A 85 -6.98 6.38 4.08
N THR A 86 -7.43 6.75 2.90
CA THR A 86 -7.82 8.14 2.61
C THR A 86 -9.11 8.58 3.30
N ALA A 87 -9.97 7.64 3.67
CA ALA A 87 -11.24 7.97 4.31
C ALA A 87 -11.01 8.56 5.71
N ASP A 88 -9.93 8.16 6.36
CA ASP A 88 -9.63 8.66 7.70
C ASP A 88 -9.37 10.16 7.69
N GLN A 89 -8.74 10.64 6.64
CA GLN A 89 -8.37 12.05 6.54
C GLN A 89 -9.58 12.97 6.59
N VAL A 90 -10.60 12.65 5.82
CA VAL A 90 -11.77 13.50 5.73
C VAL A 90 -12.59 13.39 7.03
N MET A 91 -12.59 12.20 7.62
CA MET A 91 -13.29 12.01 8.90
C MET A 91 -12.59 12.83 9.98
N ALA A 92 -11.27 12.81 9.97
CA ALA A 92 -10.50 13.56 10.96
C ALA A 92 -10.75 15.05 10.78
N SER A 93 -10.85 15.52 9.54
CA SER A 93 -11.10 16.94 9.28
C SER A 93 -12.42 17.38 9.91
N PHE A 94 -13.49 16.62 9.69
CA PHE A 94 -14.77 16.98 10.28
C PHE A 94 -14.66 16.97 11.78
N LYS A 95 -13.97 15.98 12.32
CA LYS A 95 -13.85 15.82 13.78
C LYS A 95 -13.26 17.04 14.47
N ILE A 96 -12.47 17.82 13.74
CA ILE A 96 -11.86 19.01 14.28
C ILE A 96 -12.90 20.12 14.42
N LEU A 97 -13.71 20.31 13.38
CA LEU A 97 -14.70 21.39 13.38
C LEU A 97 -15.99 21.00 14.09
N ALA A 98 -16.27 19.71 14.10
CA ALA A 98 -17.49 19.16 14.66
C ALA A 98 -17.39 18.93 16.15
N GLY A 99 -16.18 18.99 16.69
CA GLY A 99 -15.96 18.76 18.11
C GLY A 99 -16.76 19.68 19.02
N ASP A 100 -17.16 20.83 18.50
CA ASP A 100 -17.99 21.78 19.25
C ASP A 100 -19.41 21.22 19.49
N LYS A 101 -19.81 20.25 18.68
CA LYS A 101 -21.13 19.61 18.82
C LYS A 101 -20.94 18.09 18.76
N ASN A 102 -21.97 17.36 18.40
CA ASN A 102 -21.87 15.93 18.20
C ASN A 102 -22.39 15.55 16.81
N TYR A 103 -22.47 16.56 15.94
CA TYR A 103 -22.97 16.38 14.59
C TYR A 103 -22.47 17.56 13.78
N ILE A 104 -22.78 17.56 12.49
CA ILE A 104 -22.33 18.60 11.58
C ILE A 104 -23.52 19.02 10.72
N THR A 105 -23.55 20.25 10.25
CA THR A 105 -24.58 20.65 9.32
C THR A 105 -24.05 20.59 7.92
N MET A 106 -24.98 20.53 6.97
CA MET A 106 -24.63 20.54 5.54
C MET A 106 -23.84 21.79 5.16
N ASP A 107 -24.12 22.90 5.84
CA ASP A 107 -23.43 24.16 5.57
C ASP A 107 -22.00 24.14 6.11
N GLU A 108 -21.85 23.56 7.29
CA GLU A 108 -20.53 23.50 7.95
C GLU A 108 -19.57 22.64 7.14
N LEU A 109 -19.98 21.46 6.72
CA LEU A 109 -19.08 20.60 5.94
C LEU A 109 -18.76 21.24 4.58
N ARG A 110 -19.66 22.08 4.07
CA ARG A 110 -19.43 22.74 2.79
C ARG A 110 -18.40 23.85 2.92
N ARG A 111 -18.06 24.22 4.16
CA ARG A 111 -17.02 25.24 4.38
C ARG A 111 -15.66 24.64 4.05
N GLU A 112 -15.56 23.33 4.20
CA GLU A 112 -14.29 22.63 4.00
C GLU A 112 -14.10 22.27 2.54
N LEU A 113 -15.17 21.79 1.92
CA LEU A 113 -15.12 21.40 0.52
C LEU A 113 -16.23 22.12 -0.24
N PRO A 114 -16.04 23.40 -0.59
CA PRO A 114 -17.14 24.08 -1.30
C PRO A 114 -17.64 23.50 -2.65
N PRO A 115 -16.79 22.79 -3.46
CA PRO A 115 -17.43 22.26 -4.67
C PRO A 115 -18.31 21.05 -4.38
N ASP A 116 -18.66 20.33 -5.45
CA ASP A 116 -19.52 19.13 -5.39
C ASP A 116 -19.05 18.07 -4.39
N GLN A 117 -17.82 18.14 -3.92
CA GLN A 117 -17.33 17.23 -2.91
C GLN A 117 -18.24 17.26 -1.68
N ALA A 118 -18.76 18.43 -1.34
CA ALA A 118 -19.67 18.55 -0.20
C ALA A 118 -20.95 17.75 -0.47
N GLU A 119 -21.43 17.76 -1.70
CA GLU A 119 -22.67 17.06 -2.06
C GLU A 119 -22.45 15.57 -2.00
N TYR A 120 -21.27 15.13 -2.41
CA TYR A 120 -20.90 13.73 -2.33
C TYR A 120 -20.78 13.34 -0.87
N CYS A 121 -20.35 14.28 -0.03
CA CYS A 121 -20.20 14.03 1.38
C CYS A 121 -21.56 13.94 2.05
N ILE A 122 -22.48 14.82 1.69
CA ILE A 122 -23.84 14.78 2.25
C ILE A 122 -24.49 13.46 1.86
N ALA A 123 -24.29 13.03 0.62
CA ALA A 123 -24.85 11.77 0.14
C ALA A 123 -24.31 10.57 0.90
N ARG A 124 -23.11 10.69 1.43
CA ARG A 124 -22.48 9.58 2.14
C ARG A 124 -22.61 9.69 3.66
N MET A 125 -22.91 10.87 4.18
CA MET A 125 -23.02 11.05 5.62
C MET A 125 -24.33 10.47 6.15
N ALA A 126 -24.41 10.32 7.46
CA ALA A 126 -25.60 9.76 8.10
C ALA A 126 -26.47 10.94 8.57
N PRO A 127 -27.81 10.80 8.54
CA PRO A 127 -28.68 11.89 8.99
C PRO A 127 -28.74 12.01 10.52
N TYR A 128 -28.92 13.23 10.99
CA TYR A 128 -29.02 13.52 12.43
C TYR A 128 -30.41 13.97 12.88
N THR A 129 -30.99 13.24 13.83
CA THR A 129 -32.31 13.56 14.37
C THR A 129 -32.22 13.68 15.90
N GLY A 130 -31.18 14.34 16.37
CA GLY A 130 -30.95 14.48 17.81
C GLY A 130 -31.66 15.67 18.44
N PRO A 131 -31.36 16.00 19.70
CA PRO A 131 -32.07 17.13 20.34
C PRO A 131 -31.69 18.51 19.81
N ASP A 132 -30.51 18.62 19.21
CA ASP A 132 -29.98 19.89 18.69
C ASP A 132 -30.12 19.91 17.19
N SER A 133 -31.03 19.08 16.69
CA SER A 133 -31.15 18.89 15.25
C SER A 133 -31.79 20.07 14.54
N VAL A 134 -31.37 20.23 13.30
CA VAL A 134 -31.84 21.27 12.40
C VAL A 134 -32.15 20.52 11.11
N PRO A 135 -32.95 21.10 10.19
CA PRO A 135 -33.28 20.37 8.96
C PRO A 135 -32.10 19.90 8.12
N GLY A 136 -30.96 20.55 8.27
CA GLY A 136 -29.76 20.18 7.52
C GLY A 136 -28.69 19.54 8.37
N ALA A 137 -29.12 18.79 9.38
CA ALA A 137 -28.19 18.14 10.30
C ALA A 137 -27.79 16.73 9.86
N LEU A 138 -26.52 16.43 10.02
CA LEU A 138 -25.96 15.13 9.66
C LEU A 138 -25.04 14.68 10.77
N ASP A 139 -25.09 13.40 11.11
CA ASP A 139 -24.25 12.86 12.16
C ASP A 139 -22.96 12.42 11.49
N TYR A 140 -21.95 13.25 11.64
CA TYR A 140 -20.66 13.00 11.02
C TYR A 140 -19.97 11.85 11.72
N MET A 141 -20.17 11.78 13.02
CA MET A 141 -19.51 10.74 13.80
C MET A 141 -20.07 9.36 13.41
N SER A 142 -21.30 9.35 12.94
CA SER A 142 -21.97 8.12 12.54
C SER A 142 -21.63 7.69 11.11
N PHE A 143 -21.07 8.59 10.33
CA PHE A 143 -20.71 8.33 8.93
C PHE A 143 -19.74 7.15 8.83
N SER A 144 -18.81 7.06 9.76
CA SER A 144 -17.90 5.91 9.83
C SER A 144 -18.62 4.55 9.86
N THR A 145 -19.89 4.52 10.22
CA THR A 145 -20.65 3.27 10.31
C THR A 145 -21.70 3.08 9.22
N ALA A 146 -22.04 4.14 8.50
CA ALA A 146 -23.11 4.06 7.49
C ALA A 146 -23.04 5.15 6.42
N LEU A 147 -23.52 4.81 5.24
CA LEU A 147 -23.59 5.71 4.08
C LEU A 147 -24.83 5.26 3.31
N TYR A 148 -25.39 6.11 2.47
CA TYR A 148 -26.57 5.74 1.67
C TYR A 148 -26.42 6.08 0.19
N GLY A 149 -25.57 7.04 -0.13
CA GLY A 149 -25.35 7.45 -1.51
C GLY A 149 -24.13 6.82 -2.15
N GLU A 150 -23.98 5.50 -2.00
CA GLU A 150 -22.87 4.79 -2.63
C GLU A 150 -23.14 4.83 -4.15
N SER A 151 -22.09 5.06 -4.95
CA SER A 151 -22.24 5.22 -6.40
C SER A 151 -20.95 4.95 -7.14
N ASP A 152 -20.26 3.91 -6.73
CA ASP A 152 -18.94 3.57 -7.29
C ASP A 152 -19.03 2.25 -8.08
N LEU A 153 -20.20 2.05 -8.69
CA LEU A 153 -20.50 0.87 -9.48
C LEU A 153 -20.12 1.11 -10.95
N GLY A 1 -1.20 6.21 6.94
CA GLY A 1 -0.88 5.44 5.74
C GLY A 1 -1.55 5.98 4.52
N SER A 2 -1.00 5.66 3.37
CA SER A 2 -1.56 6.10 2.09
C SER A 2 -2.20 4.91 1.43
N SER A 3 -2.82 5.15 0.30
CA SER A 3 -3.39 4.09 -0.51
C SER A 3 -3.10 4.52 -1.93
N ILE A 4 -3.09 3.58 -2.86
CA ILE A 4 -2.78 3.92 -4.23
C ILE A 4 -3.82 4.89 -4.79
N SER A 5 -3.31 5.95 -5.40
CA SER A 5 -4.13 6.93 -6.10
C SER A 5 -4.31 6.43 -7.53
N GLN A 6 -5.15 7.08 -8.32
CA GLN A 6 -5.34 6.63 -9.69
C GLN A 6 -4.03 6.85 -10.47
N GLU A 7 -3.27 7.83 -10.04
CA GLU A 7 -1.98 8.18 -10.64
C GLU A 7 -0.90 7.21 -10.22
N GLN A 8 -1.02 6.70 -9.02
CA GLN A 8 -0.07 5.71 -8.53
C GLN A 8 -0.21 4.45 -9.34
N MET A 9 -1.42 3.92 -9.38
CA MET A 9 -1.62 2.71 -10.16
C MET A 9 -1.27 2.92 -11.62
N ASN A 10 -1.32 4.15 -12.07
CA ASN A 10 -1.01 4.47 -13.45
C ASN A 10 0.44 4.11 -13.72
N GLU A 11 1.37 4.64 -12.94
CA GLU A 11 2.80 4.38 -13.16
C GLU A 11 3.13 2.94 -12.82
N PHE A 12 2.47 2.37 -11.83
CA PHE A 12 2.68 0.96 -11.50
C PHE A 12 2.32 0.07 -12.69
N ARG A 13 1.15 0.28 -13.27
CA ARG A 13 0.70 -0.52 -14.40
C ARG A 13 1.59 -0.25 -15.60
N ALA A 14 1.93 1.01 -15.81
CA ALA A 14 2.74 1.39 -16.96
C ALA A 14 4.15 0.82 -16.88
N SER A 15 4.75 0.81 -15.70
CA SER A 15 6.11 0.28 -15.55
C SER A 15 6.12 -1.23 -15.80
N PHE A 16 5.13 -1.94 -15.26
CA PHE A 16 5.04 -3.39 -15.50
C PHE A 16 4.87 -3.62 -16.99
N ASN A 17 4.03 -2.80 -17.63
CA ASN A 17 3.76 -2.90 -19.07
C ASN A 17 4.98 -2.55 -19.93
N HIS A 18 5.79 -1.62 -19.46
CA HIS A 18 6.98 -1.17 -20.20
C HIS A 18 8.03 -2.26 -20.24
N PHE A 19 8.15 -3.00 -19.15
CA PHE A 19 9.12 -4.07 -19.06
C PHE A 19 8.50 -5.34 -19.68
N ASP A 20 7.19 -5.54 -19.49
CA ASP A 20 6.48 -6.72 -20.01
C ASP A 20 5.87 -6.40 -21.35
N ARG A 21 6.74 -6.27 -22.33
CA ARG A 21 6.32 -5.97 -23.69
C ARG A 21 5.87 -7.25 -24.39
N ASP A 22 5.90 -8.35 -23.65
CA ASP A 22 5.44 -9.64 -24.15
C ASP A 22 3.99 -9.81 -23.72
N HIS A 23 3.57 -8.91 -22.82
CA HIS A 23 2.23 -8.86 -22.25
C HIS A 23 1.79 -10.22 -21.67
N SER A 24 2.74 -10.90 -21.04
CA SER A 24 2.46 -12.19 -20.40
C SER A 24 1.63 -11.97 -19.14
N GLY A 25 1.72 -10.77 -18.60
CA GLY A 25 1.01 -10.44 -17.37
C GLY A 25 1.91 -10.71 -16.18
N THR A 26 3.11 -11.16 -16.49
CA THR A 26 4.09 -11.58 -15.50
C THR A 26 5.47 -11.33 -16.05
N LEU A 27 6.44 -11.19 -15.15
CA LEU A 27 7.83 -11.02 -15.52
C LEU A 27 8.65 -11.88 -14.60
N GLY A 28 9.94 -11.96 -14.83
CA GLY A 28 10.80 -12.75 -13.99
C GLY A 28 11.25 -11.98 -12.76
N PRO A 29 12.09 -12.59 -11.91
CA PRO A 29 12.49 -11.96 -10.65
C PRO A 29 13.43 -10.77 -10.83
N GLU A 30 14.21 -10.76 -11.90
CA GLU A 30 15.16 -9.68 -12.14
C GLU A 30 14.46 -8.52 -12.86
N GLU A 31 13.57 -8.86 -13.77
CA GLU A 31 12.85 -7.86 -14.54
C GLU A 31 11.93 -7.04 -13.66
N PHE A 32 11.10 -7.70 -12.86
CA PHE A 32 10.28 -6.98 -11.88
C PHE A 32 11.12 -6.25 -10.86
N LYS A 33 12.28 -6.78 -10.49
CA LYS A 33 13.16 -6.07 -9.55
C LYS A 33 13.61 -4.73 -10.14
N ALA A 34 14.00 -4.75 -11.40
CA ALA A 34 14.47 -3.53 -12.08
C ALA A 34 13.30 -2.61 -12.38
N CYS A 35 12.11 -3.18 -12.50
CA CYS A 35 10.90 -2.41 -12.76
C CYS A 35 10.65 -1.46 -11.59
N LEU A 36 10.97 -1.92 -10.39
CA LEU A 36 10.81 -1.13 -9.17
C LEU A 36 11.75 0.07 -9.15
N ILE A 37 12.91 -0.05 -9.76
CA ILE A 37 13.91 1.01 -9.76
C ILE A 37 13.33 2.28 -10.40
N SER A 38 12.48 2.09 -11.40
CA SER A 38 11.82 3.18 -12.09
C SER A 38 10.93 4.01 -11.14
N LEU A 39 10.53 3.40 -10.03
CA LEU A 39 9.66 4.06 -9.04
C LEU A 39 10.50 4.71 -7.94
N GLY A 40 11.76 4.31 -7.86
CA GLY A 40 12.66 4.88 -6.86
C GLY A 40 13.19 3.88 -5.86
N TYR A 41 13.34 2.63 -6.28
CA TYR A 41 13.80 1.56 -5.39
C TYR A 41 15.29 1.33 -5.61
N ASP A 42 16.04 1.26 -4.52
CA ASP A 42 17.50 1.03 -4.55
C ASP A 42 17.81 -0.48 -4.63
N ILE A 43 17.13 -1.18 -5.54
CA ILE A 43 17.26 -2.63 -5.64
C ILE A 43 17.80 -2.95 -7.05
N GLY A 44 19.06 -2.61 -7.24
CA GLY A 44 19.71 -2.68 -8.54
C GLY A 44 20.53 -3.93 -8.77
N ASN A 45 20.06 -5.05 -8.24
CA ASN A 45 20.75 -6.36 -8.30
C ASN A 45 22.08 -6.32 -7.55
N ASP A 46 22.24 -5.29 -6.73
CA ASP A 46 23.39 -5.11 -5.86
C ASP A 46 23.19 -6.09 -4.72
N PRO A 47 24.26 -6.44 -3.97
CA PRO A 47 24.02 -7.47 -2.96
C PRO A 47 23.12 -7.03 -1.82
N GLN A 48 22.98 -5.73 -1.62
CA GLN A 48 22.08 -5.24 -0.57
C GLN A 48 20.67 -5.31 -1.10
N GLY A 49 20.51 -5.01 -2.38
CA GLY A 49 19.20 -5.07 -3.00
C GLY A 49 18.76 -6.50 -3.06
N GLU A 50 19.68 -7.41 -3.34
CA GLU A 50 19.37 -8.82 -3.38
C GLU A 50 18.90 -9.33 -2.03
N ALA A 51 19.46 -8.79 -0.96
CA ALA A 51 19.09 -9.21 0.38
C ALA A 51 17.63 -8.90 0.68
N GLU A 52 17.14 -7.76 0.22
CA GLU A 52 15.74 -7.39 0.44
C GLU A 52 14.85 -7.98 -0.66
N PHE A 53 15.40 -8.17 -1.85
CA PHE A 53 14.67 -8.75 -2.96
C PHE A 53 14.36 -10.20 -2.62
N ALA A 54 15.24 -10.82 -1.85
CA ALA A 54 15.04 -12.19 -1.41
C ALA A 54 13.76 -12.32 -0.58
N ARG A 55 13.40 -11.23 0.08
CA ARG A 55 12.19 -11.21 0.90
C ARG A 55 11.00 -11.06 -0.01
N ILE A 56 11.18 -10.19 -0.98
CA ILE A 56 10.10 -9.82 -1.91
C ILE A 56 9.68 -11.02 -2.74
N MET A 57 10.64 -11.70 -3.33
CA MET A 57 10.35 -12.85 -4.17
C MET A 57 9.64 -13.97 -3.38
N SER A 58 9.86 -14.00 -2.08
CA SER A 58 9.24 -14.99 -1.22
C SER A 58 7.77 -14.69 -0.95
N ILE A 59 7.38 -13.42 -1.16
CA ILE A 59 6.00 -13.00 -0.90
C ILE A 59 5.19 -13.12 -2.18
N VAL A 60 5.73 -12.58 -3.24
CA VAL A 60 5.03 -12.54 -4.51
C VAL A 60 5.02 -13.88 -5.22
N ASP A 61 5.86 -14.78 -4.73
CA ASP A 61 6.04 -16.10 -5.36
C ASP A 61 6.51 -17.16 -4.35
N PRO A 62 5.63 -17.53 -3.39
CA PRO A 62 6.06 -18.56 -2.44
C PRO A 62 6.11 -19.95 -3.09
N ASN A 63 5.53 -20.08 -4.28
CA ASN A 63 5.49 -21.37 -4.98
C ASN A 63 6.76 -21.57 -5.78
N ARG A 64 7.60 -20.54 -5.79
CA ARG A 64 8.90 -20.57 -6.48
C ARG A 64 8.74 -20.85 -7.97
N LEU A 65 7.72 -20.23 -8.55
CA LEU A 65 7.43 -20.33 -9.98
C LEU A 65 8.53 -19.62 -10.78
N GLY A 66 9.17 -18.65 -10.16
CA GLY A 66 10.22 -17.89 -10.80
C GLY A 66 9.64 -16.75 -11.62
N VAL A 67 8.42 -16.32 -11.29
CA VAL A 67 7.76 -15.24 -12.02
C VAL A 67 6.91 -14.44 -11.05
N VAL A 68 6.66 -13.19 -11.41
CA VAL A 68 5.90 -12.27 -10.58
C VAL A 68 4.85 -11.56 -11.42
N THR A 69 3.62 -11.50 -10.93
CA THR A 69 2.53 -10.82 -11.67
C THR A 69 2.38 -9.42 -11.14
N PHE A 70 1.75 -8.55 -11.91
CA PHE A 70 1.50 -7.18 -11.50
C PHE A 70 0.81 -7.14 -10.14
N GLN A 71 -0.16 -8.01 -9.95
CA GLN A 71 -0.93 -7.96 -8.71
C GLN A 71 -0.09 -8.48 -7.56
N ALA A 72 0.92 -9.28 -7.86
CA ALA A 72 1.71 -9.87 -6.78
C ALA A 72 2.63 -8.84 -6.14
N PHE A 73 3.29 -7.99 -6.92
CA PHE A 73 4.16 -6.98 -6.31
C PHE A 73 3.30 -5.95 -5.54
N ILE A 74 2.09 -5.71 -6.00
CA ILE A 74 1.15 -4.81 -5.33
C ILE A 74 0.81 -5.31 -3.93
N ASP A 75 0.89 -6.61 -3.73
CA ASP A 75 0.56 -7.18 -2.41
C ASP A 75 1.52 -6.65 -1.34
N PHE A 76 2.80 -6.56 -1.67
CA PHE A 76 3.75 -6.05 -0.68
C PHE A 76 3.80 -4.53 -0.69
N MET A 77 3.45 -3.90 -1.80
CA MET A 77 3.51 -2.44 -1.88
C MET A 77 2.55 -1.84 -0.85
N SER A 78 1.49 -2.58 -0.58
CA SER A 78 0.51 -2.17 0.42
C SER A 78 1.11 -2.06 1.81
N ARG A 79 2.23 -2.74 2.03
CA ARG A 79 2.89 -2.74 3.34
C ARG A 79 3.91 -1.63 3.47
N GLU A 80 4.42 -1.17 2.34
CA GLU A 80 5.43 -0.12 2.33
C GLU A 80 4.78 1.25 2.51
N THR A 81 3.60 1.42 1.94
CA THR A 81 2.86 2.69 2.02
C THR A 81 1.93 2.69 3.23
N ALA A 82 2.16 1.72 4.11
CA ALA A 82 1.36 1.51 5.32
C ALA A 82 1.34 2.75 6.23
N ASP A 83 2.39 3.54 6.18
CA ASP A 83 2.45 4.78 6.96
C ASP A 83 3.06 5.88 6.09
N THR A 84 2.63 7.12 6.33
CA THR A 84 3.07 8.28 5.54
C THR A 84 2.78 9.53 6.35
N ASP A 85 3.65 10.53 6.29
CA ASP A 85 3.44 11.78 7.02
C ASP A 85 2.54 12.67 6.16
N THR A 86 1.76 13.56 6.77
CA THR A 86 0.81 14.38 6.02
C THR A 86 1.48 15.33 5.04
N ALA A 87 2.71 15.77 5.32
CA ALA A 87 3.44 16.65 4.42
C ALA A 87 4.00 15.82 3.26
N ASP A 88 4.32 14.57 3.53
CA ASP A 88 4.86 13.69 2.49
C ASP A 88 3.77 13.35 1.48
N GLN A 89 2.52 13.25 1.94
CA GLN A 89 1.40 12.95 1.03
C GLN A 89 1.34 13.94 -0.12
N VAL A 90 1.45 15.22 0.20
CA VAL A 90 1.32 16.26 -0.81
C VAL A 90 2.60 16.33 -1.65
N MET A 91 3.74 16.07 -1.03
CA MET A 91 5.02 16.07 -1.74
C MET A 91 5.05 14.96 -2.77
N ALA A 92 4.58 13.78 -2.38
CA ALA A 92 4.56 12.62 -3.26
C ALA A 92 3.67 12.92 -4.46
N SER A 93 2.57 13.64 -4.26
CA SER A 93 1.66 13.96 -5.36
C SER A 93 2.37 14.83 -6.40
N PHE A 94 3.13 15.82 -5.96
CA PHE A 94 3.85 16.68 -6.89
C PHE A 94 4.92 15.91 -7.63
N LYS A 95 5.54 14.96 -6.94
CA LYS A 95 6.64 14.17 -7.51
C LYS A 95 6.16 13.38 -8.73
N ILE A 96 4.89 13.03 -8.76
CA ILE A 96 4.34 12.25 -9.86
C ILE A 96 4.24 13.12 -11.10
N LEU A 97 3.72 14.33 -10.95
CA LEU A 97 3.47 15.16 -12.13
C LEU A 97 4.71 15.91 -12.56
N ALA A 98 5.63 16.11 -11.62
CA ALA A 98 6.86 16.84 -11.91
C ALA A 98 8.06 15.95 -11.99
N GLY A 99 7.83 14.66 -12.13
CA GLY A 99 8.94 13.74 -12.34
C GLY A 99 9.58 14.05 -13.68
N ASP A 100 8.79 14.64 -14.57
CA ASP A 100 9.25 15.04 -15.90
C ASP A 100 10.24 16.22 -15.82
N LYS A 101 10.24 16.97 -14.72
CA LYS A 101 11.17 18.12 -14.57
C LYS A 101 11.86 18.04 -13.22
N ASN A 102 12.57 19.10 -12.86
CA ASN A 102 13.17 19.18 -11.53
C ASN A 102 12.48 20.26 -10.68
N TYR A 103 11.30 20.69 -11.15
CA TYR A 103 10.55 21.75 -10.48
C TYR A 103 9.10 21.69 -10.90
N ILE A 104 8.28 22.57 -10.35
CA ILE A 104 6.87 22.63 -10.65
C ILE A 104 6.48 24.08 -10.89
N THR A 105 5.46 24.30 -11.69
CA THR A 105 4.95 25.65 -11.88
C THR A 105 3.73 25.85 -11.03
N MET A 106 3.44 27.11 -10.77
CA MET A 106 2.25 27.47 -9.98
C MET A 106 0.99 27.02 -10.71
N ASP A 107 1.06 26.99 -12.03
CA ASP A 107 -0.08 26.58 -12.86
C ASP A 107 -0.32 25.07 -12.73
N GLU A 108 0.75 24.28 -12.73
CA GLU A 108 0.63 22.84 -12.62
C GLU A 108 0.07 22.44 -11.28
N LEU A 109 0.65 22.95 -10.20
CA LEU A 109 0.18 22.57 -8.87
C LEU A 109 -1.26 23.04 -8.61
N ARG A 110 -1.73 24.04 -9.35
CA ARG A 110 -3.12 24.51 -9.20
C ARG A 110 -4.11 23.54 -9.82
N ARG A 111 -3.67 22.62 -10.65
CA ARG A 111 -4.60 21.65 -11.25
C ARG A 111 -4.92 20.58 -10.22
N GLU A 112 -3.97 20.38 -9.33
CA GLU A 112 -4.03 19.33 -8.33
C GLU A 112 -4.97 19.73 -7.20
N LEU A 113 -4.79 20.97 -6.75
CA LEU A 113 -5.61 21.53 -5.69
C LEU A 113 -6.17 22.88 -6.14
N PRO A 114 -7.25 22.87 -6.96
CA PRO A 114 -7.75 24.17 -7.40
C PRO A 114 -8.28 25.18 -6.34
N PRO A 115 -8.71 24.74 -5.14
CA PRO A 115 -9.05 25.83 -4.21
C PRO A 115 -7.79 26.48 -3.60
N ASP A 116 -7.99 27.29 -2.57
CA ASP A 116 -6.93 28.00 -1.84
C ASP A 116 -5.74 27.15 -1.39
N GLN A 117 -5.90 25.83 -1.36
CA GLN A 117 -4.81 24.94 -0.98
C GLN A 117 -3.57 25.19 -1.85
N ALA A 118 -3.76 25.44 -3.13
CA ALA A 118 -2.65 25.69 -4.02
C ALA A 118 -1.95 26.99 -3.63
N GLU A 119 -2.72 28.00 -3.22
CA GLU A 119 -2.15 29.30 -2.86
C GLU A 119 -1.31 29.14 -1.60
N TYR A 120 -1.80 28.33 -0.67
CA TYR A 120 -1.07 28.04 0.56
C TYR A 120 0.18 27.25 0.23
N CYS A 121 0.12 26.43 -0.81
CA CYS A 121 1.25 25.65 -1.23
C CYS A 121 2.31 26.54 -1.85
N ILE A 122 1.88 27.53 -2.62
CA ILE A 122 2.81 28.48 -3.25
C ILE A 122 3.55 29.29 -2.19
N ALA A 123 2.85 29.62 -1.12
CA ALA A 123 3.43 30.38 0.00
C ALA A 123 4.45 29.51 0.77
N ARG A 124 4.31 28.21 0.62
CA ARG A 124 5.16 27.26 1.34
C ARG A 124 6.34 26.77 0.51
N MET A 125 6.13 26.65 -0.79
CA MET A 125 7.15 26.11 -1.70
C MET A 125 8.34 27.03 -1.81
N ALA A 126 9.41 26.52 -2.38
CA ALA A 126 10.64 27.25 -2.53
C ALA A 126 10.66 27.82 -3.95
N PRO A 127 11.20 29.03 -4.14
CA PRO A 127 11.23 29.57 -5.51
C PRO A 127 12.28 28.88 -6.37
N TYR A 128 11.98 28.79 -7.66
CA TYR A 128 12.89 28.14 -8.60
C TYR A 128 13.55 29.15 -9.53
N THR A 129 14.86 29.05 -9.66
CA THR A 129 15.64 29.98 -10.49
C THR A 129 16.66 29.18 -11.31
N GLY A 130 16.22 28.05 -11.83
CA GLY A 130 17.10 27.16 -12.59
C GLY A 130 17.12 27.43 -14.07
N PRO A 131 17.69 26.53 -14.89
CA PRO A 131 17.77 26.81 -16.33
C PRO A 131 16.41 26.79 -17.03
N ASP A 132 15.48 26.01 -16.51
CA ASP A 132 14.17 25.81 -17.11
C ASP A 132 13.16 26.75 -16.46
N SER A 133 13.67 27.80 -15.83
CA SER A 133 12.82 28.67 -15.01
C SER A 133 11.90 29.56 -15.82
N VAL A 134 10.76 29.83 -15.21
CA VAL A 134 9.72 30.65 -15.81
C VAL A 134 9.21 31.56 -14.69
N PRO A 135 8.50 32.67 -15.01
CA PRO A 135 7.98 33.60 -13.98
C PRO A 135 7.02 33.03 -12.94
N GLY A 136 6.73 31.74 -13.02
CA GLY A 136 5.86 31.10 -12.04
C GLY A 136 6.40 29.76 -11.62
N ALA A 137 7.71 29.65 -11.56
CA ALA A 137 8.41 28.42 -11.22
C ALA A 137 8.71 28.30 -9.72
N LEU A 138 8.51 27.10 -9.19
CA LEU A 138 8.75 26.80 -7.79
C LEU A 138 9.41 25.44 -7.73
N ASP A 139 10.38 25.30 -6.85
CA ASP A 139 11.09 24.05 -6.72
C ASP A 139 10.36 23.22 -5.66
N TYR A 140 9.62 22.24 -6.12
CA TYR A 140 8.82 21.40 -5.24
C TYR A 140 9.72 20.44 -4.48
N MET A 141 10.81 20.04 -5.11
CA MET A 141 11.74 19.10 -4.48
C MET A 141 12.43 19.79 -3.30
N SER A 142 12.57 21.09 -3.42
CA SER A 142 13.28 21.90 -2.42
C SER A 142 12.40 22.28 -1.25
N PHE A 143 11.08 22.23 -1.45
CA PHE A 143 10.12 22.56 -0.39
C PHE A 143 10.31 21.72 0.87
N SER A 144 10.67 20.45 0.68
CA SER A 144 11.00 19.57 1.81
C SER A 144 12.10 20.11 2.73
N THR A 145 12.89 21.07 2.29
CA THR A 145 13.99 21.59 3.10
C THR A 145 13.68 22.92 3.78
N ALA A 146 12.77 23.72 3.21
CA ALA A 146 12.44 25.04 3.74
C ALA A 146 11.12 25.58 3.19
N LEU A 147 10.55 26.54 3.90
CA LEU A 147 9.33 27.23 3.49
C LEU A 147 9.56 28.68 3.85
N TYR A 148 8.95 29.62 3.14
CA TYR A 148 9.16 31.05 3.45
C TYR A 148 7.92 31.75 3.99
N GLY A 149 6.76 31.14 3.82
CA GLY A 149 5.52 31.73 4.29
C GLY A 149 5.12 31.26 5.67
N GLU A 150 6.10 31.12 6.56
CA GLU A 150 5.82 30.69 7.92
C GLU A 150 5.12 31.86 8.64
N SER A 151 4.28 31.55 9.61
CA SER A 151 3.53 32.57 10.32
C SER A 151 4.26 33.04 11.57
N ASP A 152 5.14 32.17 12.09
CA ASP A 152 5.88 32.43 13.33
C ASP A 152 4.89 32.85 14.43
N LEU A 153 3.82 32.09 14.52
CA LEU A 153 2.73 32.33 15.45
C LEU A 153 2.96 31.66 16.81
N GLY A 1 -5.75 0.19 3.76
CA GLY A 1 -5.59 -0.21 2.35
C GLY A 1 -4.38 0.43 1.73
N SER A 2 -4.00 0.06 0.53
CA SER A 2 -2.83 0.68 -0.11
C SER A 2 -3.08 2.18 -0.33
N SER A 3 -2.05 3.00 -0.15
CA SER A 3 -2.16 4.46 -0.34
C SER A 3 -2.03 4.85 -1.82
N ILE A 4 -2.41 3.95 -2.70
CA ILE A 4 -2.30 4.18 -4.12
C ILE A 4 -3.32 5.22 -4.60
N SER A 5 -2.80 6.21 -5.30
CA SER A 5 -3.59 7.23 -5.96
C SER A 5 -3.89 6.74 -7.37
N GLN A 6 -4.70 7.45 -8.12
CA GLN A 6 -4.99 7.06 -9.50
C GLN A 6 -3.72 7.14 -10.34
N GLU A 7 -2.86 8.10 -10.04
CA GLU A 7 -1.60 8.24 -10.77
C GLU A 7 -0.59 7.18 -10.30
N GLN A 8 -0.70 6.68 -9.07
CA GLN A 8 0.19 5.64 -8.59
C GLN A 8 -0.05 4.37 -9.35
N MET A 9 -1.27 3.87 -9.31
CA MET A 9 -1.58 2.65 -10.04
C MET A 9 -1.29 2.80 -11.52
N ASN A 10 -1.34 4.02 -12.00
CA ASN A 10 -1.09 4.32 -13.40
C ASN A 10 0.34 3.95 -13.75
N GLU A 11 1.30 4.47 -13.00
CA GLU A 11 2.71 4.23 -13.28
C GLU A 11 3.09 2.81 -12.91
N PHE A 12 2.44 2.24 -11.92
CA PHE A 12 2.66 0.85 -11.57
C PHE A 12 2.31 -0.03 -12.74
N ARG A 13 1.12 0.19 -13.30
CA ARG A 13 0.65 -0.59 -14.44
C ARG A 13 1.53 -0.34 -15.64
N ALA A 14 1.88 0.92 -15.87
CA ALA A 14 2.68 1.29 -17.02
C ALA A 14 4.11 0.76 -16.96
N SER A 15 4.74 0.74 -15.80
CA SER A 15 6.10 0.25 -15.70
C SER A 15 6.12 -1.27 -15.89
N PHE A 16 5.16 -1.97 -15.28
CA PHE A 16 5.07 -3.42 -15.47
C PHE A 16 4.88 -3.69 -16.96
N ASN A 17 4.03 -2.89 -17.62
CA ASN A 17 3.77 -3.04 -19.05
C ASN A 17 4.97 -2.66 -19.92
N HIS A 18 5.77 -1.69 -19.47
CA HIS A 18 6.91 -1.24 -20.24
C HIS A 18 7.99 -2.32 -20.27
N PHE A 19 8.14 -3.03 -19.17
CA PHE A 19 9.12 -4.10 -19.09
C PHE A 19 8.50 -5.37 -19.72
N ASP A 20 7.21 -5.60 -19.50
CA ASP A 20 6.49 -6.78 -20.01
C ASP A 20 5.89 -6.45 -21.36
N ARG A 21 6.77 -6.32 -22.33
CA ARG A 21 6.39 -6.02 -23.70
C ARG A 21 5.81 -7.25 -24.37
N ASP A 22 5.85 -8.37 -23.67
CA ASP A 22 5.35 -9.65 -24.18
C ASP A 22 3.92 -9.82 -23.67
N HIS A 23 3.48 -8.83 -22.89
CA HIS A 23 2.15 -8.78 -22.24
C HIS A 23 1.70 -10.10 -21.61
N SER A 24 2.64 -10.82 -21.04
CA SER A 24 2.37 -12.11 -20.42
C SER A 24 1.57 -11.91 -19.14
N GLY A 25 1.72 -10.74 -18.54
CA GLY A 25 1.05 -10.43 -17.29
C GLY A 25 1.96 -10.78 -16.14
N THR A 26 3.15 -11.24 -16.50
CA THR A 26 4.15 -11.71 -15.53
C THR A 26 5.53 -11.43 -16.08
N LEU A 27 6.50 -11.27 -15.18
CA LEU A 27 7.89 -11.06 -15.54
C LEU A 27 8.76 -11.86 -14.61
N GLY A 28 10.05 -11.91 -14.87
CA GLY A 28 10.96 -12.68 -14.05
C GLY A 28 11.32 -11.91 -12.81
N PRO A 29 12.06 -12.55 -11.88
CA PRO A 29 12.37 -11.88 -10.61
C PRO A 29 13.31 -10.69 -10.78
N GLU A 30 14.21 -10.74 -11.75
CA GLU A 30 15.14 -9.64 -11.98
C GLU A 30 14.43 -8.50 -12.74
N GLU A 31 13.56 -8.86 -13.65
CA GLU A 31 12.86 -7.88 -14.46
C GLU A 31 11.92 -7.05 -13.59
N PHE A 32 11.07 -7.71 -12.82
CA PHE A 32 10.21 -7.00 -11.85
C PHE A 32 11.01 -6.23 -10.81
N LYS A 33 12.18 -6.72 -10.43
CA LYS A 33 13.02 -5.99 -9.48
C LYS A 33 13.45 -4.65 -10.09
N ALA A 34 13.90 -4.69 -11.34
CA ALA A 34 14.35 -3.48 -12.03
C ALA A 34 13.16 -2.55 -12.38
N CYS A 35 11.98 -3.13 -12.51
CA CYS A 35 10.77 -2.37 -12.77
C CYS A 35 10.53 -1.39 -11.63
N LEU A 36 10.84 -1.84 -10.41
CA LEU A 36 10.64 -1.03 -9.22
C LEU A 36 11.58 0.19 -9.19
N ILE A 37 12.77 0.04 -9.74
CA ILE A 37 13.80 1.09 -9.73
C ILE A 37 13.28 2.35 -10.39
N SER A 38 12.45 2.20 -11.42
CA SER A 38 11.88 3.33 -12.13
C SER A 38 11.01 4.21 -11.23
N LEU A 39 10.54 3.63 -10.12
CA LEU A 39 9.70 4.33 -9.17
C LEU A 39 10.52 4.95 -8.04
N GLY A 40 11.77 4.52 -7.93
CA GLY A 40 12.66 5.04 -6.90
C GLY A 40 13.10 4.03 -5.88
N TYR A 41 13.19 2.75 -6.28
CA TYR A 41 13.58 1.69 -5.37
C TYR A 41 15.08 1.42 -5.52
N ASP A 42 15.76 1.37 -4.39
CA ASP A 42 17.23 1.15 -4.34
C ASP A 42 17.52 -0.37 -4.36
N ILE A 43 16.92 -1.05 -5.32
CA ILE A 43 17.01 -2.51 -5.42
C ILE A 43 17.49 -2.85 -6.83
N GLY A 44 18.77 -2.63 -7.08
CA GLY A 44 19.35 -2.83 -8.40
C GLY A 44 20.64 -3.64 -8.40
N ASN A 45 20.53 -4.85 -7.86
CA ASN A 45 21.66 -5.82 -7.73
C ASN A 45 22.68 -5.33 -6.68
N ASP A 46 22.24 -4.37 -5.87
CA ASP A 46 23.03 -3.84 -4.76
C ASP A 46 22.96 -4.91 -3.67
N PRO A 47 23.97 -5.00 -2.79
CA PRO A 47 23.84 -6.10 -1.83
C PRO A 47 22.72 -5.90 -0.82
N GLN A 48 22.28 -4.65 -0.65
CA GLN A 48 21.18 -4.38 0.28
C GLN A 48 19.87 -4.68 -0.43
N GLY A 49 19.82 -4.34 -1.71
CA GLY A 49 18.64 -4.57 -2.50
C GLY A 49 18.37 -6.04 -2.66
N GLU A 50 19.41 -6.82 -2.91
CA GLU A 50 19.26 -8.26 -3.02
C GLU A 50 18.73 -8.88 -1.74
N ALA A 51 19.18 -8.36 -0.61
CA ALA A 51 18.77 -8.87 0.69
C ALA A 51 17.23 -8.67 0.88
N GLU A 52 16.70 -7.58 0.39
CA GLU A 52 15.30 -7.27 0.54
C GLU A 52 14.52 -7.89 -0.64
N PHE A 53 15.18 -8.11 -1.77
CA PHE A 53 14.54 -8.72 -2.91
C PHE A 53 14.32 -10.20 -2.61
N ALA A 54 15.23 -10.79 -1.84
CA ALA A 54 15.09 -12.17 -1.46
C ALA A 54 13.78 -12.40 -0.64
N ARG A 55 13.33 -11.40 0.12
CA ARG A 55 12.13 -11.54 0.90
C ARG A 55 10.96 -11.34 -0.08
N ILE A 56 11.11 -10.41 -0.95
CA ILE A 56 10.03 -10.00 -1.95
C ILE A 56 9.65 -11.20 -2.80
N MET A 57 10.65 -11.88 -3.37
CA MET A 57 10.38 -13.00 -4.26
C MET A 57 9.68 -14.14 -3.51
N SER A 58 9.92 -14.23 -2.21
CA SER A 58 9.33 -15.28 -1.41
C SER A 58 7.85 -14.99 -1.11
N ILE A 59 7.44 -13.74 -1.31
CA ILE A 59 6.06 -13.33 -1.00
C ILE A 59 5.22 -13.36 -2.26
N VAL A 60 5.76 -12.82 -3.33
CA VAL A 60 5.03 -12.74 -4.58
C VAL A 60 4.99 -14.07 -5.29
N ASP A 61 5.84 -15.00 -4.86
CA ASP A 61 5.97 -16.29 -5.50
C ASP A 61 6.43 -17.41 -4.53
N PRO A 62 5.57 -17.73 -3.53
CA PRO A 62 5.97 -18.80 -2.62
C PRO A 62 5.90 -20.18 -3.28
N ASN A 63 5.38 -20.22 -4.49
CA ASN A 63 5.21 -21.47 -5.25
C ASN A 63 6.45 -21.76 -6.07
N ARG A 64 7.34 -20.78 -6.16
CA ARG A 64 8.57 -20.86 -6.97
C ARG A 64 8.24 -21.14 -8.42
N LEU A 65 7.31 -20.35 -8.95
CA LEU A 65 6.93 -20.37 -10.36
C LEU A 65 8.08 -19.74 -11.14
N GLY A 66 8.83 -18.89 -10.48
CA GLY A 66 9.97 -18.21 -11.08
C GLY A 66 9.52 -16.95 -11.80
N VAL A 67 8.32 -16.47 -11.46
CA VAL A 67 7.74 -15.31 -12.16
C VAL A 67 6.86 -14.53 -11.19
N VAL A 68 6.66 -13.25 -11.49
CA VAL A 68 5.90 -12.35 -10.66
C VAL A 68 4.86 -11.62 -11.49
N THR A 69 3.62 -11.58 -11.02
CA THR A 69 2.55 -10.88 -11.76
C THR A 69 2.38 -9.50 -11.17
N PHE A 70 1.80 -8.60 -11.95
CA PHE A 70 1.54 -7.23 -11.51
C PHE A 70 0.82 -7.22 -10.17
N GLN A 71 -0.17 -8.08 -10.02
CA GLN A 71 -0.98 -8.07 -8.82
C GLN A 71 -0.17 -8.60 -7.64
N ALA A 72 0.84 -9.42 -7.92
CA ALA A 72 1.62 -10.02 -6.84
C ALA A 72 2.54 -9.00 -6.18
N PHE A 73 3.20 -8.15 -6.96
CA PHE A 73 4.07 -7.16 -6.33
C PHE A 73 3.20 -6.13 -5.57
N ILE A 74 1.98 -5.92 -6.03
CA ILE A 74 1.03 -5.01 -5.39
C ILE A 74 0.66 -5.55 -4.00
N ASP A 75 0.74 -6.85 -3.81
CA ASP A 75 0.40 -7.42 -2.50
C ASP A 75 1.38 -6.93 -1.46
N PHE A 76 2.67 -6.97 -1.75
CA PHE A 76 3.64 -6.53 -0.75
C PHE A 76 3.64 -5.04 -0.67
N MET A 77 3.24 -4.34 -1.74
CA MET A 77 3.25 -2.89 -1.70
C MET A 77 2.24 -2.48 -0.62
N SER A 78 1.17 -3.26 -0.49
CA SER A 78 0.16 -3.02 0.54
C SER A 78 0.68 -3.31 1.94
N ARG A 79 1.71 -4.13 2.06
CA ARG A 79 2.30 -4.48 3.35
C ARG A 79 3.32 -3.43 3.74
N GLU A 80 4.03 -2.88 2.78
CA GLU A 80 4.98 -1.80 3.04
C GLU A 80 4.18 -0.52 3.38
N THR A 81 2.93 -0.48 2.94
CA THR A 81 2.03 0.63 3.30
C THR A 81 1.69 0.53 4.79
N ALA A 82 1.71 -0.70 5.30
CA ALA A 82 1.38 -1.03 6.70
C ALA A 82 -0.03 -0.63 7.16
N ASP A 83 -0.90 -0.30 6.22
CA ASP A 83 -2.28 0.07 6.52
C ASP A 83 -3.20 -1.13 6.31
N THR A 84 -2.69 -2.34 6.56
CA THR A 84 -3.48 -3.56 6.37
C THR A 84 -3.24 -4.58 7.49
N ASP A 85 -3.09 -4.06 8.71
CA ASP A 85 -2.85 -4.90 9.88
C ASP A 85 -4.03 -5.84 10.14
N THR A 86 -3.75 -6.95 10.82
CA THR A 86 -4.77 -7.97 11.12
C THR A 86 -5.88 -7.41 12.01
N ALA A 87 -5.61 -6.30 12.69
CA ALA A 87 -6.59 -5.65 13.55
C ALA A 87 -7.71 -5.02 12.72
N ASP A 88 -7.44 -4.66 11.46
CA ASP A 88 -8.47 -4.05 10.60
C ASP A 88 -9.62 -5.02 10.39
N GLN A 89 -9.33 -6.31 10.37
CA GLN A 89 -10.36 -7.32 10.15
C GLN A 89 -11.45 -7.26 11.20
N VAL A 90 -11.06 -7.18 12.45
CA VAL A 90 -12.02 -7.19 13.54
C VAL A 90 -12.61 -5.77 13.67
N MET A 91 -11.83 -4.77 13.35
CA MET A 91 -12.31 -3.39 13.40
C MET A 91 -13.42 -3.18 12.40
N ALA A 92 -13.29 -3.79 11.23
CA ALA A 92 -14.30 -3.69 10.18
C ALA A 92 -15.64 -4.23 10.65
N SER A 93 -15.62 -5.31 11.44
CA SER A 93 -16.88 -5.89 11.93
C SER A 93 -17.62 -4.91 12.83
N PHE A 94 -16.91 -4.23 13.71
CA PHE A 94 -17.56 -3.31 14.61
C PHE A 94 -18.08 -2.13 13.81
N LYS A 95 -17.31 -1.71 12.81
CA LYS A 95 -17.67 -0.56 11.99
C LYS A 95 -19.03 -0.73 11.31
N ILE A 96 -19.44 -1.97 11.09
CA ILE A 96 -20.73 -2.26 10.45
C ILE A 96 -21.86 -1.96 11.43
N LEU A 97 -21.72 -2.44 12.66
CA LEU A 97 -22.81 -2.32 13.65
C LEU A 97 -22.75 -0.99 14.40
N ALA A 98 -21.56 -0.43 14.49
CA ALA A 98 -21.34 0.82 15.20
C ALA A 98 -21.64 2.02 14.35
N GLY A 99 -21.78 1.81 13.04
CA GLY A 99 -22.06 2.88 12.11
C GLY A 99 -23.34 3.64 12.41
N ASP A 100 -24.22 3.07 13.22
CA ASP A 100 -25.44 3.73 13.64
C ASP A 100 -25.12 4.86 14.64
N LYS A 101 -23.94 4.82 15.25
CA LYS A 101 -23.49 5.83 16.22
C LYS A 101 -22.03 6.19 15.93
N ASN A 102 -21.31 6.69 16.93
CA ASN A 102 -19.87 6.95 16.79
C ASN A 102 -19.08 6.12 17.81
N TYR A 103 -19.74 5.17 18.44
CA TYR A 103 -19.13 4.36 19.49
C TYR A 103 -19.88 3.04 19.61
N ILE A 104 -19.38 2.17 20.49
CA ILE A 104 -19.93 0.85 20.68
C ILE A 104 -20.17 0.62 22.18
N THR A 105 -21.19 -0.13 22.53
CA THR A 105 -21.35 -0.51 23.93
C THR A 105 -20.85 -1.93 24.13
N MET A 106 -20.55 -2.24 25.40
CA MET A 106 -20.11 -3.58 25.78
C MET A 106 -21.20 -4.58 25.43
N ASP A 107 -22.44 -4.16 25.57
CA ASP A 107 -23.59 -5.00 25.31
C ASP A 107 -23.68 -5.38 23.83
N GLU A 108 -23.46 -4.40 22.98
CA GLU A 108 -23.55 -4.62 21.55
C GLU A 108 -22.47 -5.55 21.03
N LEU A 109 -21.22 -5.31 21.42
CA LEU A 109 -20.12 -6.15 20.94
C LEU A 109 -20.22 -7.57 21.50
N ARG A 110 -20.86 -7.73 22.64
CA ARG A 110 -21.07 -9.06 23.23
C ARG A 110 -22.03 -9.90 22.39
N ARG A 111 -22.76 -9.28 21.47
CA ARG A 111 -23.68 -10.03 20.59
C ARG A 111 -22.89 -10.71 19.48
N GLU A 112 -21.78 -10.10 19.13
CA GLU A 112 -20.96 -10.56 18.01
C GLU A 112 -20.08 -11.70 18.46
N LEU A 113 -19.51 -11.56 19.64
CA LEU A 113 -18.62 -12.57 20.21
C LEU A 113 -19.11 -12.92 21.62
N PRO A 114 -20.13 -13.79 21.74
CA PRO A 114 -20.57 -14.10 23.10
C PRO A 114 -19.60 -14.79 24.08
N PRO A 115 -18.55 -15.53 23.60
CA PRO A 115 -17.66 -16.04 24.66
C PRO A 115 -16.70 -14.96 25.17
N ASP A 116 -15.69 -15.36 25.95
CA ASP A 116 -14.69 -14.43 26.54
C ASP A 116 -14.01 -13.51 25.53
N GLN A 117 -14.13 -13.76 24.24
CA GLN A 117 -13.61 -12.87 23.23
C GLN A 117 -14.10 -11.45 23.48
N ALA A 118 -15.35 -11.30 23.88
CA ALA A 118 -15.91 -9.99 24.16
C ALA A 118 -15.23 -9.36 25.36
N GLU A 119 -14.98 -10.14 26.40
CA GLU A 119 -14.38 -9.61 27.62
C GLU A 119 -12.97 -9.12 27.34
N TYR A 120 -12.24 -9.89 26.55
CA TYR A 120 -10.89 -9.52 26.13
C TYR A 120 -10.95 -8.29 25.25
N CYS A 121 -12.04 -8.13 24.50
CA CYS A 121 -12.20 -6.97 23.63
C CYS A 121 -12.47 -5.72 24.46
N ILE A 122 -13.33 -5.84 25.46
CA ILE A 122 -13.66 -4.73 26.36
C ILE A 122 -12.39 -4.32 27.11
N ALA A 123 -11.56 -5.30 27.44
CA ALA A 123 -10.30 -5.07 28.14
C ALA A 123 -9.27 -4.30 27.28
N ARG A 124 -9.56 -4.10 25.99
CA ARG A 124 -8.63 -3.36 25.11
C ARG A 124 -9.26 -2.13 24.48
N MET A 125 -10.56 -2.18 24.19
CA MET A 125 -11.26 -1.07 23.55
C MET A 125 -11.22 0.19 24.39
N ALA A 126 -11.05 1.33 23.73
CA ALA A 126 -10.88 2.60 24.40
C ALA A 126 -12.19 2.99 25.09
N PRO A 127 -12.12 3.60 26.28
CA PRO A 127 -13.36 4.03 26.93
C PRO A 127 -13.95 5.26 26.26
N TYR A 128 -15.27 5.31 26.23
CA TYR A 128 -15.99 6.41 25.59
C TYR A 128 -16.54 7.41 26.57
N THR A 129 -16.16 8.67 26.37
CA THR A 129 -16.65 9.78 27.21
C THR A 129 -17.15 10.88 26.25
N GLY A 130 -18.29 10.62 25.65
CA GLY A 130 -18.88 11.54 24.67
C GLY A 130 -20.32 11.90 24.98
N PRO A 131 -21.02 12.58 24.05
CA PRO A 131 -22.40 13.01 24.34
C PRO A 131 -23.46 11.90 24.45
N ASP A 132 -23.24 10.81 23.74
CA ASP A 132 -24.21 9.70 23.68
C ASP A 132 -23.82 8.61 24.67
N SER A 133 -23.00 8.97 25.64
CA SER A 133 -22.39 7.99 26.54
C SER A 133 -23.34 7.33 27.53
N VAL A 134 -22.97 6.10 27.88
CA VAL A 134 -23.68 5.28 28.85
C VAL A 134 -22.55 4.68 29.71
N PRO A 135 -22.86 4.12 30.89
CA PRO A 135 -21.76 3.58 31.72
C PRO A 135 -21.07 2.31 31.18
N GLY A 136 -21.47 1.85 29.99
CA GLY A 136 -20.84 0.71 29.35
C GLY A 136 -20.46 1.04 27.94
N ALA A 137 -20.04 2.27 27.74
CA ALA A 137 -19.68 2.78 26.41
C ALA A 137 -18.17 2.68 26.14
N LEU A 138 -17.83 2.29 24.93
CA LEU A 138 -16.45 2.14 24.48
C LEU A 138 -16.33 2.78 23.11
N ASP A 139 -15.24 3.45 22.86
CA ASP A 139 -15.02 4.07 21.57
C ASP A 139 -14.26 3.08 20.67
N TYR A 140 -15.00 2.45 19.78
CA TYR A 140 -14.44 1.44 18.88
C TYR A 140 -13.59 2.13 17.84
N MET A 141 -14.04 3.29 17.41
CA MET A 141 -13.35 4.05 16.37
C MET A 141 -11.96 4.50 16.86
N SER A 142 -11.82 4.56 18.17
CA SER A 142 -10.56 4.96 18.81
C SER A 142 -9.63 3.77 19.04
N PHE A 143 -10.21 2.58 19.20
CA PHE A 143 -9.43 1.37 19.49
C PHE A 143 -8.31 1.13 18.47
N SER A 144 -8.57 1.42 17.21
CA SER A 144 -7.58 1.26 16.16
C SER A 144 -6.27 2.01 16.42
N THR A 145 -6.30 3.09 17.20
CA THR A 145 -5.08 3.84 17.50
C THR A 145 -4.69 3.78 18.99
N ALA A 146 -5.50 3.15 19.82
CA ALA A 146 -5.23 3.10 21.26
C ALA A 146 -5.86 1.88 21.93
N LEU A 147 -5.09 1.21 22.77
CA LEU A 147 -5.57 0.06 23.54
C LEU A 147 -4.88 0.11 24.89
N TYR A 148 -5.52 -0.41 25.93
CA TYR A 148 -4.94 -0.37 27.28
C TYR A 148 -4.75 -1.76 27.92
N GLY A 149 -5.17 -2.80 27.22
CA GLY A 149 -5.06 -4.16 27.74
C GLY A 149 -3.73 -4.81 27.47
N GLU A 150 -2.78 -3.99 27.03
CA GLU A 150 -1.42 -4.42 26.74
C GLU A 150 -0.58 -3.27 27.26
N SER A 151 0.57 -3.56 27.83
CA SER A 151 1.43 -2.51 28.39
C SER A 151 2.87 -2.99 28.42
N ASP A 152 3.80 -2.04 28.58
CA ASP A 152 5.23 -2.35 28.63
C ASP A 152 5.66 -2.67 30.07
N LEU A 153 4.71 -2.62 31.00
CA LEU A 153 4.98 -2.83 32.42
C LEU A 153 3.74 -3.42 33.11
N GLY A 1 -1.37 1.39 5.44
CA GLY A 1 -1.66 0.56 4.27
C GLY A 1 -1.49 1.31 2.99
N SER A 2 -1.75 0.66 1.87
CA SER A 2 -1.60 1.29 0.56
C SER A 2 -2.50 2.52 0.42
N SER A 3 -1.93 3.59 -0.11
CA SER A 3 -2.63 4.85 -0.32
C SER A 3 -2.52 5.24 -1.80
N ILE A 4 -2.57 4.24 -2.66
CA ILE A 4 -2.46 4.45 -4.09
C ILE A 4 -3.44 5.48 -4.66
N SER A 5 -2.86 6.45 -5.34
CA SER A 5 -3.59 7.46 -6.06
C SER A 5 -3.85 6.96 -7.47
N GLN A 6 -4.69 7.62 -8.24
CA GLN A 6 -4.95 7.17 -9.60
C GLN A 6 -3.65 7.21 -10.43
N GLU A 7 -2.81 8.19 -10.15
CA GLU A 7 -1.53 8.35 -10.84
C GLU A 7 -0.53 7.29 -10.35
N GLN A 8 -0.73 6.74 -9.15
CA GLN A 8 0.16 5.71 -8.66
C GLN A 8 -0.09 4.43 -9.37
N MET A 9 -1.34 3.96 -9.34
CA MET A 9 -1.65 2.73 -10.04
C MET A 9 -1.32 2.86 -11.51
N ASN A 10 -1.34 4.09 -12.00
CA ASN A 10 -1.02 4.37 -13.40
C ASN A 10 0.40 3.95 -13.68
N GLU A 11 1.35 4.46 -12.92
CA GLU A 11 2.76 4.15 -13.17
C GLU A 11 3.06 2.71 -12.78
N PHE A 12 2.38 2.19 -11.78
CA PHE A 12 2.55 0.79 -11.41
C PHE A 12 2.17 -0.11 -12.58
N ARG A 13 1.04 0.18 -13.21
CA ARG A 13 0.57 -0.61 -14.35
C ARG A 13 1.44 -0.36 -15.56
N ALA A 14 1.83 0.89 -15.77
CA ALA A 14 2.61 1.26 -16.93
C ALA A 14 4.03 0.71 -16.89
N SER A 15 4.66 0.69 -15.72
CA SER A 15 6.04 0.19 -15.60
C SER A 15 6.04 -1.33 -15.80
N PHE A 16 5.08 -2.03 -15.22
CA PHE A 16 4.98 -3.47 -15.44
C PHE A 16 4.81 -3.71 -16.93
N ASN A 17 3.97 -2.91 -17.58
CA ASN A 17 3.74 -3.03 -19.04
C ASN A 17 4.94 -2.62 -19.89
N HIS A 18 5.74 -1.68 -19.39
CA HIS A 18 6.90 -1.19 -20.12
C HIS A 18 8.00 -2.24 -20.18
N PHE A 19 8.11 -3.03 -19.13
CA PHE A 19 9.10 -4.10 -19.10
C PHE A 19 8.46 -5.37 -19.71
N ASP A 20 7.17 -5.58 -19.45
CA ASP A 20 6.44 -6.74 -19.97
C ASP A 20 5.80 -6.38 -21.29
N ARG A 21 6.64 -6.19 -22.28
CA ARG A 21 6.20 -5.85 -23.62
C ARG A 21 5.73 -7.10 -24.35
N ASP A 22 5.87 -8.23 -23.69
CA ASP A 22 5.45 -9.52 -24.21
C ASP A 22 4.02 -9.79 -23.75
N HIS A 23 3.56 -8.95 -22.82
CA HIS A 23 2.25 -9.02 -22.22
C HIS A 23 1.91 -10.40 -21.65
N SER A 24 2.91 -11.04 -21.03
CA SER A 24 2.73 -12.35 -20.40
C SER A 24 1.89 -12.16 -19.13
N GLY A 25 1.84 -10.93 -18.65
CA GLY A 25 1.09 -10.59 -17.44
C GLY A 25 1.95 -10.89 -16.23
N THR A 26 3.18 -11.28 -16.51
CA THR A 26 4.14 -11.69 -15.51
C THR A 26 5.52 -11.36 -16.04
N LEU A 27 6.49 -11.24 -15.15
CA LEU A 27 7.87 -11.00 -15.52
C LEU A 27 8.75 -11.82 -14.62
N GLY A 28 10.04 -11.86 -14.92
CA GLY A 28 10.98 -12.63 -14.13
C GLY A 28 11.36 -11.90 -12.86
N PRO A 29 12.13 -12.55 -11.96
CA PRO A 29 12.49 -11.93 -10.68
C PRO A 29 13.40 -10.71 -10.84
N GLU A 30 14.25 -10.70 -11.85
CA GLU A 30 15.14 -9.57 -12.08
C GLU A 30 14.42 -8.47 -12.86
N GLU A 31 13.54 -8.86 -13.76
CA GLU A 31 12.81 -7.89 -14.57
C GLU A 31 11.91 -7.04 -13.68
N PHE A 32 11.07 -7.68 -12.89
CA PHE A 32 10.24 -6.95 -11.93
C PHE A 32 11.04 -6.20 -10.89
N LYS A 33 12.23 -6.69 -10.54
CA LYS A 33 13.07 -5.97 -9.58
C LYS A 33 13.53 -4.65 -10.18
N ALA A 34 13.96 -4.66 -11.43
CA ALA A 34 14.43 -3.46 -12.10
C ALA A 34 13.23 -2.55 -12.41
N CYS A 35 12.06 -3.14 -12.53
CA CYS A 35 10.85 -2.38 -12.79
C CYS A 35 10.59 -1.42 -11.62
N LEU A 36 10.90 -1.89 -10.41
CA LEU A 36 10.72 -1.09 -9.20
C LEU A 36 11.64 0.13 -9.16
N ILE A 37 12.82 0.00 -9.76
CA ILE A 37 13.82 1.07 -9.75
C ILE A 37 13.23 2.32 -10.39
N SER A 38 12.38 2.13 -11.39
CA SER A 38 11.71 3.22 -12.10
C SER A 38 10.82 4.05 -11.18
N LEU A 39 10.44 3.47 -10.04
CA LEU A 39 9.59 4.12 -9.06
C LEU A 39 10.41 4.78 -7.96
N GLY A 40 11.68 4.39 -7.86
CA GLY A 40 12.57 4.93 -6.84
C GLY A 40 13.04 3.92 -5.83
N TYR A 41 13.30 2.69 -6.27
CA TYR A 41 13.75 1.64 -5.38
C TYR A 41 15.24 1.38 -5.60
N ASP A 42 16.02 1.34 -4.53
CA ASP A 42 17.47 1.10 -4.60
C ASP A 42 17.76 -0.41 -4.66
N ILE A 43 17.03 -1.11 -5.52
CA ILE A 43 17.14 -2.56 -5.62
C ILE A 43 17.59 -2.88 -7.05
N GLY A 44 18.87 -2.67 -7.30
CA GLY A 44 19.44 -2.83 -8.64
C GLY A 44 20.60 -3.81 -8.69
N ASN A 45 20.34 -4.99 -8.14
CA ASN A 45 21.34 -6.09 -8.02
C ASN A 45 22.46 -5.70 -7.05
N ASP A 46 22.23 -4.64 -6.31
CA ASP A 46 23.15 -4.18 -5.27
C ASP A 46 23.10 -5.24 -4.19
N PRO A 47 24.18 -5.42 -3.40
CA PRO A 47 24.06 -6.49 -2.42
C PRO A 47 23.04 -6.21 -1.33
N GLN A 48 22.69 -4.93 -1.14
CA GLN A 48 21.70 -4.58 -0.13
C GLN A 48 20.33 -4.80 -0.74
N GLY A 49 20.20 -4.48 -2.02
CA GLY A 49 18.95 -4.65 -2.72
C GLY A 49 18.61 -6.11 -2.84
N GLU A 50 19.60 -6.94 -3.16
CA GLU A 50 19.39 -8.37 -3.27
C GLU A 50 18.90 -8.96 -1.96
N ALA A 51 19.40 -8.44 -0.85
CA ALA A 51 19.02 -8.94 0.47
C ALA A 51 17.52 -8.71 0.72
N GLU A 52 16.99 -7.57 0.29
CA GLU A 52 15.56 -7.29 0.49
C GLU A 52 14.73 -7.88 -0.63
N PHE A 53 15.35 -8.11 -1.77
CA PHE A 53 14.66 -8.72 -2.90
C PHE A 53 14.42 -10.18 -2.60
N ALA A 54 15.35 -10.81 -1.90
CA ALA A 54 15.24 -12.21 -1.51
C ALA A 54 13.98 -12.48 -0.68
N ARG A 55 13.59 -11.52 0.13
CA ARG A 55 12.38 -11.70 0.95
C ARG A 55 11.14 -11.37 0.13
N ILE A 56 11.29 -10.48 -0.84
CA ILE A 56 10.18 -10.07 -1.70
C ILE A 56 9.75 -11.20 -2.62
N MET A 57 10.71 -11.87 -3.25
CA MET A 57 10.39 -12.97 -4.16
C MET A 57 9.69 -14.13 -3.44
N SER A 58 9.90 -14.22 -2.13
CA SER A 58 9.27 -15.27 -1.34
C SER A 58 7.79 -14.96 -1.07
N ILE A 59 7.41 -13.70 -1.26
CA ILE A 59 6.04 -13.27 -1.00
C ILE A 59 5.22 -13.31 -2.28
N VAL A 60 5.77 -12.73 -3.33
CA VAL A 60 5.07 -12.63 -4.60
C VAL A 60 5.01 -13.95 -5.35
N ASP A 61 5.83 -14.88 -4.91
CA ASP A 61 5.98 -16.18 -5.57
C ASP A 61 6.42 -17.26 -4.56
N PRO A 62 5.52 -17.62 -3.62
CA PRO A 62 5.92 -18.65 -2.65
C PRO A 62 6.01 -20.03 -3.30
N ASN A 63 5.46 -20.15 -4.49
CA ASN A 63 5.45 -21.42 -5.21
C ASN A 63 6.73 -21.61 -5.98
N ARG A 64 7.53 -20.55 -6.03
CA ARG A 64 8.82 -20.53 -6.72
C ARG A 64 8.65 -20.90 -8.19
N LEU A 65 7.67 -20.25 -8.79
CA LEU A 65 7.37 -20.37 -10.22
C LEU A 65 8.48 -19.67 -11.02
N GLY A 66 9.12 -18.70 -10.39
CA GLY A 66 10.20 -17.95 -11.02
C GLY A 66 9.64 -16.79 -11.79
N VAL A 67 8.42 -16.38 -11.47
CA VAL A 67 7.75 -15.28 -12.19
C VAL A 67 6.88 -14.51 -11.21
N VAL A 68 6.66 -13.25 -11.53
CA VAL A 68 5.90 -12.34 -10.68
C VAL A 68 4.85 -11.60 -11.49
N THR A 69 3.62 -11.56 -11.02
CA THR A 69 2.53 -10.85 -11.74
C THR A 69 2.37 -9.47 -11.15
N PHE A 70 1.77 -8.56 -11.92
CA PHE A 70 1.49 -7.20 -11.47
C PHE A 70 0.81 -7.20 -10.11
N GLN A 71 -0.17 -8.07 -9.94
CA GLN A 71 -0.95 -8.05 -8.71
C GLN A 71 -0.11 -8.57 -7.55
N ALA A 72 0.91 -9.38 -7.84
CA ALA A 72 1.71 -9.95 -6.77
C ALA A 72 2.67 -8.93 -6.17
N PHE A 73 3.29 -8.07 -6.98
CA PHE A 73 4.16 -7.06 -6.38
C PHE A 73 3.33 -6.02 -5.61
N ILE A 74 2.09 -5.82 -6.04
CA ILE A 74 1.16 -4.91 -5.37
C ILE A 74 0.84 -5.46 -3.96
N ASP A 75 0.91 -6.76 -3.79
CA ASP A 75 0.61 -7.37 -2.50
C ASP A 75 1.58 -6.85 -1.43
N PHE A 76 2.87 -6.86 -1.73
CA PHE A 76 3.83 -6.40 -0.75
C PHE A 76 3.87 -4.90 -0.68
N MET A 77 3.43 -4.20 -1.72
CA MET A 77 3.54 -2.75 -1.73
C MET A 77 2.78 -2.17 -0.51
N SER A 78 1.68 -2.80 -0.12
CA SER A 78 0.92 -2.38 1.05
C SER A 78 1.65 -2.73 2.35
N ARG A 79 2.51 -3.73 2.30
CA ARG A 79 3.26 -4.21 3.46
C ARG A 79 4.53 -3.39 3.68
N GLU A 80 5.11 -2.84 2.62
CA GLU A 80 6.32 -2.03 2.77
C GLU A 80 5.98 -0.64 3.25
N THR A 81 4.82 -0.12 2.85
CA THR A 81 4.33 1.14 3.39
C THR A 81 3.69 0.84 4.73
N ALA A 82 3.68 -0.46 5.04
CA ALA A 82 3.16 -1.07 6.27
C ALA A 82 1.65 -0.93 6.52
N ASP A 83 1.09 -2.00 7.06
CA ASP A 83 -0.32 -2.05 7.34
C ASP A 83 -0.54 -3.00 8.50
N THR A 84 -1.57 -2.75 9.30
CA THR A 84 -1.87 -3.59 10.46
C THR A 84 -3.28 -3.32 10.93
N ASP A 85 -3.86 -4.29 11.62
CA ASP A 85 -5.19 -4.12 12.20
C ASP A 85 -5.08 -3.08 13.31
N THR A 86 -6.16 -2.36 13.52
CA THR A 86 -6.23 -1.35 14.56
C THR A 86 -7.58 -1.49 15.23
N ALA A 87 -7.64 -1.14 16.51
CA ALA A 87 -8.89 -1.22 17.28
C ALA A 87 -9.92 -0.26 16.69
N ASP A 88 -9.47 0.80 16.04
CA ASP A 88 -10.35 1.78 15.44
C ASP A 88 -11.27 1.17 14.38
N GLN A 89 -10.83 0.11 13.72
CA GLN A 89 -11.65 -0.53 12.68
C GLN A 89 -12.91 -1.12 13.30
N VAL A 90 -12.74 -1.88 14.37
CA VAL A 90 -13.85 -2.56 15.01
C VAL A 90 -14.62 -1.51 15.83
N MET A 91 -13.92 -0.50 16.33
CA MET A 91 -14.57 0.56 17.10
C MET A 91 -15.54 1.34 16.23
N ALA A 92 -15.19 1.52 14.97
CA ALA A 92 -16.05 2.22 14.03
C ALA A 92 -17.39 1.50 13.91
N SER A 93 -17.37 0.18 13.93
CA SER A 93 -18.62 -0.59 13.79
C SER A 93 -19.53 -0.44 15.01
N PHE A 94 -18.95 -0.40 16.21
CA PHE A 94 -19.76 -0.30 17.41
C PHE A 94 -20.41 1.07 17.45
N LYS A 95 -19.70 2.06 16.94
CA LYS A 95 -20.18 3.44 16.92
C LYS A 95 -21.40 3.62 16.02
N ILE A 96 -21.60 2.69 15.10
CA ILE A 96 -22.75 2.74 14.20
C ILE A 96 -23.98 2.27 14.98
N LEU A 97 -23.83 1.21 15.76
CA LEU A 97 -24.97 0.63 16.46
C LEU A 97 -25.27 1.33 17.77
N ALA A 98 -24.24 1.87 18.39
CA ALA A 98 -24.38 2.53 19.68
C ALA A 98 -24.30 4.01 19.57
N GLY A 99 -24.44 4.54 18.37
CA GLY A 99 -24.53 5.98 18.20
C GLY A 99 -25.77 6.51 18.94
N ASP A 100 -26.74 5.62 19.18
CA ASP A 100 -27.94 5.97 19.92
C ASP A 100 -27.67 6.10 21.44
N LYS A 101 -26.56 5.56 21.93
CA LYS A 101 -26.24 5.65 23.36
C LYS A 101 -24.81 6.15 23.56
N ASN A 102 -24.35 6.21 24.80
CA ASN A 102 -22.94 6.57 25.07
C ASN A 102 -22.20 5.32 25.53
N TYR A 103 -22.82 4.16 25.36
CA TYR A 103 -22.25 2.90 25.82
C TYR A 103 -22.86 1.76 25.03
N ILE A 104 -22.39 0.55 25.28
CA ILE A 104 -22.84 -0.62 24.57
C ILE A 104 -23.07 -1.75 25.59
N THR A 105 -23.98 -2.65 25.31
CA THR A 105 -24.15 -3.80 26.18
C THR A 105 -23.45 -5.00 25.58
N MET A 106 -23.14 -5.96 26.44
CA MET A 106 -22.53 -7.22 26.02
C MET A 106 -23.46 -7.94 25.05
N ASP A 107 -24.76 -7.73 25.21
CA ASP A 107 -25.75 -8.35 24.35
C ASP A 107 -25.72 -7.75 22.95
N GLU A 108 -25.64 -6.42 22.88
CA GLU A 108 -25.65 -5.72 21.61
C GLU A 108 -24.42 -6.06 20.79
N LEU A 109 -23.24 -6.03 21.39
CA LEU A 109 -22.02 -6.34 20.65
C LEU A 109 -21.98 -7.80 20.21
N ARG A 110 -22.68 -8.67 20.91
CA ARG A 110 -22.71 -10.10 20.54
C ARG A 110 -23.58 -10.33 19.30
N ARG A 111 -24.35 -9.34 18.89
CA ARG A 111 -25.18 -9.49 17.68
C ARG A 111 -24.29 -9.33 16.46
N GLU A 112 -23.20 -8.60 16.64
CA GLU A 112 -22.28 -8.27 15.57
C GLU A 112 -21.29 -9.40 15.36
N LEU A 113 -20.80 -9.95 16.47
CA LEU A 113 -19.87 -11.07 16.44
C LEU A 113 -20.36 -12.19 17.35
N PRO A 114 -21.34 -12.99 16.89
CA PRO A 114 -21.84 -14.08 17.75
C PRO A 114 -20.83 -15.09 18.34
N PRO A 115 -19.72 -15.45 17.62
CA PRO A 115 -18.83 -16.41 18.27
C PRO A 115 -17.96 -15.76 19.35
N ASP A 116 -16.91 -16.48 19.77
CA ASP A 116 -15.99 -16.06 20.84
C ASP A 116 -15.37 -14.68 20.62
N GLN A 117 -15.45 -14.15 19.41
CA GLN A 117 -14.99 -12.79 19.14
C GLN A 117 -15.64 -11.80 20.12
N ALA A 118 -16.91 -12.00 20.44
CA ALA A 118 -17.61 -11.13 21.37
C ALA A 118 -16.99 -11.24 22.76
N GLU A 119 -16.64 -12.45 23.17
CA GLU A 119 -16.11 -12.68 24.51
C GLU A 119 -14.73 -12.05 24.62
N TYR A 120 -13.95 -12.15 23.55
CA TYR A 120 -12.64 -11.52 23.48
C TYR A 120 -12.80 -10.01 23.50
N CYS A 121 -13.89 -9.52 22.93
CA CYS A 121 -14.16 -8.09 22.90
C CYS A 121 -14.54 -7.60 24.29
N ILE A 122 -15.35 -8.38 25.01
CA ILE A 122 -15.75 -8.03 26.38
C ILE A 122 -14.52 -8.02 27.27
N ALA A 123 -13.61 -8.96 27.04
CA ALA A 123 -12.37 -9.03 27.80
C ALA A 123 -11.39 -7.89 27.45
N ARG A 124 -11.80 -6.99 26.55
CA ARG A 124 -10.97 -5.85 26.16
C ARG A 124 -11.65 -4.52 26.42
N MET A 125 -12.97 -4.48 26.25
CA MET A 125 -13.77 -3.26 26.38
C MET A 125 -13.85 -2.73 27.80
N ALA A 126 -14.00 -1.42 27.92
CA ALA A 126 -14.01 -0.74 29.20
C ALA A 126 -15.40 -0.92 29.85
N PRO A 127 -15.46 -1.07 31.18
CA PRO A 127 -16.76 -1.22 31.83
C PRO A 127 -17.52 0.10 31.95
N TYR A 128 -18.83 -0.01 31.99
CA TYR A 128 -19.69 1.17 32.09
C TYR A 128 -20.50 1.19 33.39
N THR A 129 -20.40 2.28 34.13
CA THR A 129 -21.14 2.46 35.40
C THR A 129 -21.87 3.80 35.39
N GLY A 130 -22.43 4.16 34.25
CA GLY A 130 -23.13 5.44 34.11
C GLY A 130 -24.59 5.41 34.55
N PRO A 131 -25.39 6.45 34.23
CA PRO A 131 -26.79 6.48 34.66
C PRO A 131 -27.70 5.46 33.96
N ASP A 132 -27.34 5.08 32.75
CA ASP A 132 -28.12 4.14 31.95
C ASP A 132 -27.53 2.74 32.08
N SER A 133 -26.74 2.53 33.12
CA SER A 133 -25.97 1.29 33.24
C SER A 133 -26.79 0.08 33.65
N VAL A 134 -26.28 -1.06 33.25
CA VAL A 134 -26.87 -2.36 33.52
C VAL A 134 -25.65 -3.23 33.87
N PRO A 135 -25.83 -4.40 34.48
CA PRO A 135 -24.62 -5.18 34.82
C PRO A 135 -23.83 -5.71 33.63
N GLY A 136 -24.41 -5.61 32.43
CA GLY A 136 -23.74 -6.03 31.23
C GLY A 136 -23.39 -4.84 30.35
N ALA A 137 -23.16 -3.70 30.98
CA ALA A 137 -22.83 -2.47 30.25
C ALA A 137 -21.31 -2.28 30.12
N LEU A 138 -20.89 -1.83 28.95
CA LEU A 138 -19.51 -1.58 28.64
C LEU A 138 -19.45 -0.25 27.91
N ASP A 139 -18.45 0.55 28.21
CA ASP A 139 -18.31 1.84 27.56
C ASP A 139 -17.46 1.62 26.31
N TYR A 140 -18.13 1.62 25.17
CA TYR A 140 -17.45 1.37 23.90
C TYR A 140 -16.65 2.60 23.52
N MET A 141 -17.20 3.77 23.82
CA MET A 141 -16.55 5.03 23.47
C MET A 141 -15.21 5.13 24.21
N SER A 142 -15.14 4.45 25.34
CA SER A 142 -13.95 4.45 26.19
C SER A 142 -12.93 3.37 25.80
N PHE A 143 -13.36 2.36 25.07
CA PHE A 143 -12.48 1.26 24.67
C PHE A 143 -11.26 1.75 23.87
N SER A 144 -11.50 2.70 22.99
CA SER A 144 -10.41 3.30 22.21
C SER A 144 -9.32 3.90 23.10
N THR A 145 -9.68 4.31 24.31
CA THR A 145 -8.75 4.95 25.21
C THR A 145 -8.29 4.06 26.38
N ALA A 146 -8.94 2.92 26.55
CA ALA A 146 -8.65 2.00 27.64
C ALA A 146 -9.03 0.56 27.29
N LEU A 147 -8.03 -0.32 27.29
CA LEU A 147 -8.22 -1.74 27.01
C LEU A 147 -7.25 -2.50 27.89
N TYR A 148 -7.65 -3.67 28.34
CA TYR A 148 -6.84 -4.45 29.28
C TYR A 148 -6.65 -5.92 28.92
N GLY A 149 -7.22 -6.36 27.81
CA GLY A 149 -7.13 -7.77 27.44
C GLY A 149 -5.97 -8.09 26.53
N GLU A 150 -5.13 -7.10 26.26
CA GLU A 150 -3.98 -7.32 25.38
C GLU A 150 -2.89 -8.03 26.15
N SER A 151 -2.09 -8.80 25.43
CA SER A 151 -1.00 -9.55 26.03
C SER A 151 0.08 -9.68 24.96
N ASP A 152 1.33 -9.80 25.38
CA ASP A 152 2.44 -9.96 24.45
C ASP A 152 2.65 -11.46 24.18
N LEU A 153 1.77 -12.28 24.72
CA LEU A 153 1.85 -13.74 24.60
C LEU A 153 0.44 -14.33 24.63
N GLY A 1 -3.77 0.02 4.63
CA GLY A 1 -3.79 -0.26 3.16
C GLY A 1 -2.91 0.71 2.41
N SER A 2 -2.56 0.43 1.16
CA SER A 2 -1.65 1.27 0.38
C SER A 2 -2.12 2.69 0.07
N SER A 3 -3.44 2.90 0.04
CA SER A 3 -4.02 4.20 -0.30
C SER A 3 -3.51 4.75 -1.63
N ILE A 4 -3.34 3.83 -2.58
CA ILE A 4 -2.84 4.18 -3.92
C ILE A 4 -3.76 5.20 -4.60
N SER A 5 -3.13 6.20 -5.21
CA SER A 5 -3.84 7.23 -5.96
C SER A 5 -4.13 6.69 -7.37
N GLN A 6 -4.98 7.35 -8.14
CA GLN A 6 -5.25 6.86 -9.50
C GLN A 6 -3.97 6.96 -10.34
N GLU A 7 -3.18 7.99 -10.09
CA GLU A 7 -1.92 8.20 -10.80
C GLU A 7 -0.86 7.20 -10.30
N GLN A 8 -1.03 6.65 -9.11
CA GLN A 8 -0.09 5.68 -8.57
C GLN A 8 -0.26 4.37 -9.28
N MET A 9 -1.47 3.82 -9.24
CA MET A 9 -1.72 2.56 -9.94
C MET A 9 -1.39 2.71 -11.42
N ASN A 10 -1.46 3.93 -11.92
CA ASN A 10 -1.16 4.22 -13.32
C ASN A 10 0.30 3.92 -13.64
N GLU A 11 1.21 4.46 -12.85
CA GLU A 11 2.64 4.27 -13.10
C GLU A 11 3.03 2.85 -12.74
N PHE A 12 2.38 2.27 -11.75
CA PHE A 12 2.61 0.86 -11.42
C PHE A 12 2.27 -0.02 -12.61
N ARG A 13 1.14 0.24 -13.26
CA ARG A 13 0.74 -0.55 -14.43
C ARG A 13 1.67 -0.27 -15.59
N ALA A 14 2.01 0.99 -15.78
CA ALA A 14 2.86 1.37 -16.91
C ALA A 14 4.25 0.79 -16.78
N SER A 15 4.82 0.75 -15.58
CA SER A 15 6.16 0.21 -15.40
C SER A 15 6.18 -1.30 -15.68
N PHE A 16 5.20 -2.02 -15.18
CA PHE A 16 5.10 -3.46 -15.46
C PHE A 16 4.93 -3.66 -16.96
N ASN A 17 4.11 -2.85 -17.60
CA ASN A 17 3.85 -2.93 -19.05
C ASN A 17 5.07 -2.54 -19.90
N HIS A 18 5.88 -1.61 -19.40
CA HIS A 18 7.06 -1.14 -20.11
C HIS A 18 8.09 -2.25 -20.20
N PHE A 19 8.20 -3.04 -19.14
CA PHE A 19 9.16 -4.13 -19.10
C PHE A 19 8.53 -5.39 -19.73
N ASP A 20 7.24 -5.61 -19.49
CA ASP A 20 6.53 -6.78 -20.02
C ASP A 20 5.95 -6.44 -21.37
N ARG A 21 6.85 -6.26 -22.32
CA ARG A 21 6.47 -5.91 -23.67
C ARG A 21 5.89 -7.12 -24.38
N ASP A 22 5.99 -8.28 -23.72
CA ASP A 22 5.48 -9.53 -24.27
C ASP A 22 4.02 -9.69 -23.84
N HIS A 23 3.61 -8.83 -22.90
CA HIS A 23 2.28 -8.81 -22.31
C HIS A 23 1.84 -10.16 -21.74
N SER A 24 2.77 -10.89 -21.15
CA SER A 24 2.46 -12.18 -20.52
C SER A 24 1.65 -11.97 -19.24
N GLY A 25 1.75 -10.76 -18.68
CA GLY A 25 1.07 -10.43 -17.45
C GLY A 25 1.98 -10.70 -16.27
N THR A 26 3.17 -11.17 -16.59
CA THR A 26 4.16 -11.59 -15.61
C THR A 26 5.56 -11.36 -16.14
N LEU A 27 6.51 -11.21 -15.24
CA LEU A 27 7.90 -11.03 -15.61
C LEU A 27 8.76 -11.89 -14.70
N GLY A 28 10.04 -11.92 -14.96
CA GLY A 28 10.96 -12.72 -14.16
C GLY A 28 11.31 -11.99 -12.89
N PRO A 29 12.05 -12.64 -11.97
CA PRO A 29 12.37 -11.99 -10.70
C PRO A 29 13.30 -10.78 -10.85
N GLU A 30 14.24 -10.85 -11.79
CA GLU A 30 15.16 -9.72 -12.01
C GLU A 30 14.48 -8.60 -12.78
N GLU A 31 13.60 -8.96 -13.71
CA GLU A 31 12.88 -7.96 -14.50
C GLU A 31 11.99 -7.11 -13.61
N PHE A 32 11.11 -7.75 -12.85
CA PHE A 32 10.29 -7.02 -11.88
C PHE A 32 11.11 -6.29 -10.81
N LYS A 33 12.28 -6.77 -10.47
CA LYS A 33 13.16 -6.08 -9.51
C LYS A 33 13.56 -4.72 -10.11
N ALA A 34 14.01 -4.72 -11.35
CA ALA A 34 14.46 -3.51 -12.03
C ALA A 34 13.28 -2.60 -12.37
N CYS A 35 12.11 -3.19 -12.49
CA CYS A 35 10.88 -2.44 -12.72
C CYS A 35 10.61 -1.51 -11.52
N LEU A 36 10.98 -1.93 -10.32
CA LEU A 36 10.79 -1.12 -9.11
C LEU A 36 11.70 0.10 -9.16
N ILE A 37 12.89 -0.07 -9.73
CA ILE A 37 13.88 1.00 -9.82
C ILE A 37 13.30 2.18 -10.58
N SER A 38 12.44 1.89 -11.56
CA SER A 38 11.77 2.94 -12.35
C SER A 38 10.87 3.83 -11.49
N LEU A 39 10.50 3.32 -10.31
CA LEU A 39 9.64 4.07 -9.39
C LEU A 39 10.49 4.80 -8.35
N GLY A 40 11.71 4.34 -8.16
CA GLY A 40 12.64 4.94 -7.21
C GLY A 40 13.09 4.02 -6.10
N TYR A 41 13.26 2.74 -6.41
CA TYR A 41 13.70 1.73 -5.43
C TYR A 41 15.18 1.47 -5.63
N ASP A 42 15.95 1.46 -4.57
CA ASP A 42 17.38 1.11 -4.62
C ASP A 42 17.56 -0.42 -4.57
N ILE A 43 16.73 -1.13 -5.33
CA ILE A 43 16.75 -2.59 -5.32
C ILE A 43 17.15 -3.07 -6.70
N GLY A 44 18.44 -3.36 -6.84
CA GLY A 44 18.98 -3.82 -8.10
C GLY A 44 20.02 -4.88 -7.86
N ASN A 45 21.23 -4.68 -8.40
CA ASN A 45 22.34 -5.60 -8.20
C ASN A 45 23.11 -5.17 -6.93
N ASP A 46 22.47 -4.30 -6.18
CA ASP A 46 23.02 -3.79 -4.92
C ASP A 46 22.93 -4.90 -3.89
N PRO A 47 23.90 -4.97 -2.96
CA PRO A 47 23.81 -6.12 -2.05
C PRO A 47 22.69 -5.99 -1.04
N GLN A 48 22.21 -4.77 -0.83
CA GLN A 48 21.10 -4.56 0.10
C GLN A 48 19.81 -4.83 -0.64
N GLY A 49 19.80 -4.48 -1.92
CA GLY A 49 18.64 -4.72 -2.75
C GLY A 49 18.41 -6.21 -2.84
N GLU A 50 19.42 -6.98 -3.19
CA GLU A 50 19.27 -8.42 -3.26
C GLU A 50 18.84 -9.04 -1.94
N ALA A 51 19.30 -8.48 -0.84
CA ALA A 51 18.96 -8.99 0.48
C ALA A 51 17.46 -8.84 0.77
N GLU A 52 16.85 -7.79 0.25
CA GLU A 52 15.41 -7.59 0.45
C GLU A 52 14.60 -8.17 -0.69
N PHE A 53 15.22 -8.30 -1.85
CA PHE A 53 14.57 -8.89 -2.99
C PHE A 53 14.36 -10.37 -2.71
N ALA A 54 15.31 -10.96 -2.02
CA ALA A 54 15.25 -12.38 -1.66
C ALA A 54 13.99 -12.69 -0.84
N ARG A 55 13.56 -11.74 -0.01
CA ARG A 55 12.36 -11.96 0.78
C ARG A 55 11.13 -11.57 -0.02
N ILE A 56 11.27 -10.63 -0.94
CA ILE A 56 10.16 -10.20 -1.79
C ILE A 56 9.71 -11.32 -2.71
N MET A 57 10.66 -11.98 -3.37
CA MET A 57 10.33 -13.07 -4.30
C MET A 57 9.59 -14.20 -3.60
N SER A 58 9.84 -14.37 -2.30
CA SER A 58 9.18 -15.41 -1.52
C SER A 58 7.70 -15.10 -1.26
N ILE A 59 7.35 -13.82 -1.37
CA ILE A 59 5.98 -13.36 -1.09
C ILE A 59 5.15 -13.38 -2.36
N VAL A 60 5.71 -12.83 -3.42
CA VAL A 60 5.00 -12.72 -4.67
C VAL A 60 4.92 -14.04 -5.40
N ASP A 61 5.72 -14.99 -4.96
CA ASP A 61 5.83 -16.29 -5.61
C ASP A 61 6.23 -17.37 -4.59
N PRO A 62 5.32 -17.71 -3.66
CA PRO A 62 5.68 -18.73 -2.68
C PRO A 62 5.72 -20.14 -3.28
N ASN A 63 5.27 -20.25 -4.52
CA ASN A 63 5.24 -21.52 -5.22
C ASN A 63 6.50 -21.73 -6.02
N ARG A 64 7.34 -20.70 -6.08
CA ARG A 64 8.60 -20.74 -6.82
C ARG A 64 8.38 -21.10 -8.29
N LEU A 65 7.42 -20.41 -8.88
CA LEU A 65 7.09 -20.52 -10.29
C LEU A 65 8.20 -19.83 -11.10
N GLY A 66 8.88 -18.90 -10.47
CA GLY A 66 9.97 -18.16 -11.09
C GLY A 66 9.46 -16.93 -11.82
N VAL A 67 8.26 -16.48 -11.50
CA VAL A 67 7.64 -15.36 -12.19
C VAL A 67 6.82 -14.54 -11.22
N VAL A 68 6.64 -13.27 -11.55
CA VAL A 68 5.89 -12.34 -10.71
C VAL A 68 4.88 -11.60 -11.56
N THR A 69 3.63 -11.52 -11.11
CA THR A 69 2.57 -10.82 -11.84
C THR A 69 2.41 -9.43 -11.27
N PHE A 70 1.79 -8.56 -12.04
CA PHE A 70 1.54 -7.18 -11.61
C PHE A 70 0.84 -7.17 -10.26
N GLN A 71 -0.13 -8.04 -10.08
CA GLN A 71 -0.92 -8.02 -8.87
C GLN A 71 -0.10 -8.56 -7.71
N ALA A 72 0.91 -9.37 -8.00
CA ALA A 72 1.69 -9.97 -6.94
C ALA A 72 2.63 -8.95 -6.30
N PHE A 73 3.28 -8.09 -7.08
CA PHE A 73 4.14 -7.09 -6.46
C PHE A 73 3.30 -6.05 -5.69
N ILE A 74 2.07 -5.81 -6.14
CA ILE A 74 1.15 -4.90 -5.45
C ILE A 74 0.85 -5.44 -4.05
N ASP A 75 0.94 -6.74 -3.88
CA ASP A 75 0.70 -7.34 -2.57
C ASP A 75 1.68 -6.80 -1.54
N PHE A 76 2.97 -6.80 -1.86
CA PHE A 76 3.95 -6.31 -0.89
C PHE A 76 4.02 -4.81 -0.87
N MET A 77 3.61 -4.15 -1.94
CA MET A 77 3.67 -2.70 -1.97
C MET A 77 2.69 -2.20 -0.89
N SER A 78 1.63 -2.96 -0.64
CA SER A 78 0.73 -2.62 0.45
C SER A 78 1.36 -2.95 1.80
N ARG A 79 2.20 -3.97 1.85
CA ARG A 79 2.88 -4.40 3.10
C ARG A 79 4.00 -3.48 3.54
N GLU A 80 4.53 -2.70 2.62
CA GLU A 80 5.54 -1.70 3.00
C GLU A 80 4.90 -0.37 3.29
N THR A 81 3.69 -0.19 2.78
CA THR A 81 2.87 0.91 3.29
C THR A 81 2.74 0.52 4.76
N ALA A 82 2.44 -0.77 4.97
CA ALA A 82 2.63 -1.54 6.23
C ALA A 82 1.92 -2.92 6.24
N ASP A 83 2.58 -3.87 6.91
CA ASP A 83 2.17 -5.28 6.98
C ASP A 83 1.45 -5.57 8.30
N THR A 84 0.71 -4.58 8.77
CA THR A 84 -0.02 -4.68 10.02
C THR A 84 -1.17 -3.69 9.93
N ASP A 85 -2.17 -3.84 10.79
CA ASP A 85 -3.33 -2.95 10.77
C ASP A 85 -2.98 -1.65 11.51
N THR A 86 -3.64 -0.56 11.16
CA THR A 86 -3.35 0.74 11.75
C THR A 86 -4.54 1.27 12.54
N ALA A 87 -4.35 1.39 13.85
CA ALA A 87 -5.39 1.90 14.74
C ALA A 87 -5.72 3.37 14.44
N ASP A 88 -4.83 4.06 13.75
CA ASP A 88 -5.06 5.45 13.39
C ASP A 88 -6.28 5.60 12.48
N GLN A 89 -6.54 4.57 11.67
CA GLN A 89 -7.68 4.60 10.76
C GLN A 89 -8.99 4.75 11.53
N VAL A 90 -9.15 3.96 12.57
CA VAL A 90 -10.37 3.98 13.38
C VAL A 90 -10.34 5.18 14.34
N MET A 91 -9.14 5.59 14.76
CA MET A 91 -9.00 6.74 15.62
C MET A 91 -9.54 7.98 14.91
N ALA A 92 -9.28 8.09 13.63
CA ALA A 92 -9.74 9.21 12.84
C ALA A 92 -11.28 9.27 12.87
N SER A 93 -11.93 8.11 12.77
CA SER A 93 -13.39 8.08 12.76
C SER A 93 -13.97 8.55 14.09
N PHE A 94 -13.36 8.16 15.20
CA PHE A 94 -13.82 8.61 16.50
C PHE A 94 -13.65 10.10 16.60
N LYS A 95 -12.48 10.61 16.23
CA LYS A 95 -12.15 12.03 16.38
C LYS A 95 -13.17 12.96 15.71
N ILE A 96 -13.79 12.48 14.64
CA ILE A 96 -14.78 13.27 13.91
C ILE A 96 -16.03 13.43 14.76
N LEU A 97 -16.47 12.34 15.38
CA LEU A 97 -17.70 12.40 16.17
C LEU A 97 -17.44 12.90 17.58
N ALA A 98 -16.24 12.66 18.07
CA ALA A 98 -15.86 12.98 19.43
C ALA A 98 -15.56 14.45 19.64
N GLY A 99 -15.42 15.18 18.55
CA GLY A 99 -15.13 16.61 18.60
C GLY A 99 -16.17 17.42 19.38
N ASP A 100 -17.31 16.81 19.64
CA ASP A 100 -18.36 17.39 20.47
C ASP A 100 -17.86 17.60 21.91
N LYS A 101 -16.95 16.71 22.34
CA LYS A 101 -16.41 16.73 23.72
C LYS A 101 -14.91 16.42 23.65
N ASN A 102 -14.36 15.91 24.74
CA ASN A 102 -12.96 15.48 24.76
C ASN A 102 -12.88 13.96 24.99
N TYR A 103 -14.00 13.28 24.86
CA TYR A 103 -14.08 11.84 25.11
C TYR A 103 -15.25 11.26 24.34
N ILE A 104 -15.45 9.95 24.45
CA ILE A 104 -16.49 9.26 23.74
C ILE A 104 -17.26 8.37 24.72
N THR A 105 -18.54 8.17 24.48
CA THR A 105 -19.30 7.23 25.29
C THR A 105 -19.42 5.91 24.56
N MET A 106 -19.68 4.86 25.34
CA MET A 106 -19.90 3.54 24.77
C MET A 106 -21.08 3.58 23.82
N ASP A 107 -22.08 4.39 24.16
CA ASP A 107 -23.29 4.52 23.37
C ASP A 107 -23.00 5.14 22.01
N GLU A 108 -22.16 6.17 22.00
CA GLU A 108 -21.83 6.88 20.77
C GLU A 108 -21.04 6.00 19.82
N LEU A 109 -19.99 5.36 20.31
CA LEU A 109 -19.17 4.53 19.43
C LEU A 109 -19.95 3.32 18.93
N ARG A 110 -20.94 2.87 19.70
CA ARG A 110 -21.77 1.73 19.27
C ARG A 110 -22.75 2.11 18.18
N ARG A 111 -22.93 3.40 17.93
CA ARG A 111 -23.84 3.82 16.86
C ARG A 111 -23.12 3.62 15.52
N GLU A 112 -21.80 3.71 15.58
CA GLU A 112 -20.96 3.62 14.39
C GLU A 112 -20.73 2.18 14.01
N LEU A 113 -20.49 1.35 15.02
CA LEU A 113 -20.28 -0.08 14.80
C LEU A 113 -21.24 -0.89 15.69
N PRO A 114 -22.52 -1.00 15.29
CA PRO A 114 -23.47 -1.79 16.11
C PRO A 114 -23.09 -3.24 16.48
N PRO A 115 -22.38 -4.01 15.60
CA PRO A 115 -22.07 -5.37 16.06
C PRO A 115 -20.93 -5.40 17.09
N ASP A 116 -20.42 -6.61 17.35
CA ASP A 116 -19.37 -6.85 18.35
C ASP A 116 -18.12 -5.96 18.21
N GLN A 117 -17.95 -5.33 17.05
CA GLN A 117 -16.87 -4.39 16.84
C GLN A 117 -16.84 -3.33 17.94
N ALA A 118 -18.01 -2.85 18.36
CA ALA A 118 -18.07 -1.85 19.42
C ALA A 118 -17.54 -2.41 20.74
N GLU A 119 -17.88 -3.65 21.05
CA GLU A 119 -17.48 -4.28 22.32
C GLU A 119 -15.97 -4.46 22.34
N TYR A 120 -15.42 -4.87 21.20
CA TYR A 120 -13.98 -5.04 21.06
C TYR A 120 -13.31 -3.68 21.17
N CYS A 121 -13.98 -2.64 20.72
CA CYS A 121 -13.44 -1.29 20.80
C CYS A 121 -13.45 -0.81 22.23
N ILE A 122 -14.52 -1.07 22.96
CA ILE A 122 -14.63 -0.68 24.37
C ILE A 122 -13.53 -1.37 25.18
N ALA A 123 -13.31 -2.64 24.90
CA ALA A 123 -12.28 -3.41 25.58
C ALA A 123 -10.88 -2.88 25.27
N ARG A 124 -10.72 -2.25 24.12
CA ARG A 124 -9.42 -1.72 23.72
C ARG A 124 -9.23 -0.28 24.13
N MET A 125 -10.31 0.42 24.41
CA MET A 125 -10.24 1.84 24.73
C MET A 125 -9.69 2.08 26.13
N ALA A 126 -9.62 3.34 26.53
CA ALA A 126 -9.15 3.72 27.83
C ALA A 126 -10.35 4.32 28.57
N PRO A 127 -10.47 4.10 29.88
CA PRO A 127 -11.62 4.68 30.59
C PRO A 127 -11.47 6.18 30.78
N TYR A 128 -12.60 6.87 30.92
CA TYR A 128 -12.61 8.32 31.12
C TYR A 128 -13.12 8.73 32.49
N THR A 129 -12.38 9.62 33.13
CA THR A 129 -12.80 10.24 34.39
C THR A 129 -12.56 11.74 34.19
N GLY A 130 -13.62 12.52 34.35
CA GLY A 130 -13.50 13.95 34.11
C GLY A 130 -14.76 14.68 34.48
N PRO A 131 -14.88 15.99 34.20
CA PRO A 131 -16.08 16.72 34.62
C PRO A 131 -17.35 16.34 33.86
N ASP A 132 -17.20 15.91 32.62
CA ASP A 132 -18.32 15.58 31.76
C ASP A 132 -18.55 14.08 31.74
N SER A 133 -17.96 13.39 32.71
CA SER A 133 -17.98 11.94 32.74
C SER A 133 -19.32 11.34 33.10
N VAL A 134 -19.50 10.12 32.60
CA VAL A 134 -20.70 9.33 32.80
C VAL A 134 -20.17 7.92 33.06
N PRO A 135 -20.99 6.99 33.58
CA PRO A 135 -20.39 5.68 33.86
C PRO A 135 -20.02 4.88 32.60
N GLY A 136 -20.44 5.35 31.44
CA GLY A 136 -20.09 4.70 30.17
C GLY A 136 -19.13 5.53 29.35
N ALA A 137 -18.29 6.28 30.04
CA ALA A 137 -17.35 7.19 29.39
C ALA A 137 -15.98 6.54 29.14
N LEU A 138 -15.43 6.78 27.96
CA LEU A 138 -14.14 6.26 27.55
C LEU A 138 -13.36 7.38 26.90
N ASP A 139 -12.08 7.47 27.18
CA ASP A 139 -11.25 8.48 26.58
C ASP A 139 -10.70 7.89 25.29
N TYR A 140 -11.27 8.36 24.18
CA TYR A 140 -10.89 7.85 22.86
C TYR A 140 -9.54 8.41 22.51
N MET A 141 -9.29 9.63 22.96
CA MET A 141 -8.04 10.33 22.66
C MET A 141 -6.85 9.66 23.35
N SER A 142 -7.16 8.85 24.36
CA SER A 142 -6.14 8.13 25.13
C SER A 142 -5.90 6.70 24.61
N PHE A 143 -6.87 6.15 23.88
CA PHE A 143 -6.78 4.79 23.34
C PHE A 143 -5.56 4.65 22.44
N SER A 144 -5.22 5.71 21.75
CA SER A 144 -4.05 5.76 20.88
C SER A 144 -2.76 5.26 21.52
N THR A 145 -2.61 5.42 22.83
CA THR A 145 -1.40 5.00 23.55
C THR A 145 -1.59 3.77 24.47
N ALA A 146 -2.81 3.29 24.66
CA ALA A 146 -3.03 2.17 25.60
C ALA A 146 -4.29 1.33 25.30
N LEU A 147 -4.22 0.06 25.68
CA LEU A 147 -5.33 -0.91 25.51
C LEU A 147 -5.21 -1.90 26.66
N TYR A 148 -6.33 -2.52 27.07
CA TYR A 148 -6.33 -3.48 28.19
C TYR A 148 -7.13 -4.76 27.94
N GLY A 149 -7.71 -4.87 26.75
CA GLY A 149 -8.70 -5.90 26.44
C GLY A 149 -8.40 -7.38 26.63
N GLU A 150 -7.15 -7.78 26.72
CA GLU A 150 -6.82 -9.20 26.86
C GLU A 150 -5.47 -9.35 27.55
N SER A 151 -5.21 -10.52 28.10
CA SER A 151 -3.96 -10.81 28.80
C SER A 151 -3.65 -12.28 28.58
N ASP A 152 -2.40 -12.67 28.80
CA ASP A 152 -1.96 -14.05 28.60
C ASP A 152 -2.44 -14.97 29.73
N LEU A 153 -2.45 -14.42 30.94
CA LEU A 153 -2.87 -15.16 32.14
C LEU A 153 -3.32 -14.12 33.16
N GLY A 1 -1.05 2.46 5.95
CA GLY A 1 -1.63 1.55 4.95
C GLY A 1 -1.69 2.19 3.59
N SER A 2 -1.33 1.47 2.55
CA SER A 2 -1.31 2.06 1.21
C SER A 2 -2.65 2.57 0.73
N SER A 3 -2.64 3.76 0.14
CA SER A 3 -3.84 4.35 -0.45
C SER A 3 -3.40 4.78 -1.83
N ILE A 4 -3.51 3.86 -2.78
CA ILE A 4 -3.07 4.14 -4.15
C ILE A 4 -3.95 5.19 -4.80
N SER A 5 -3.31 6.19 -5.36
CA SER A 5 -3.96 7.25 -6.10
C SER A 5 -4.20 6.74 -7.52
N GLN A 6 -5.04 7.40 -8.28
CA GLN A 6 -5.23 7.02 -9.68
C GLN A 6 -3.90 7.10 -10.44
N GLU A 7 -3.08 8.07 -10.07
CA GLU A 7 -1.77 8.27 -10.70
C GLU A 7 -0.77 7.23 -10.20
N GLN A 8 -1.00 6.67 -9.01
CA GLN A 8 -0.09 5.66 -8.49
C GLN A 8 -0.25 4.40 -9.29
N MET A 9 -1.46 3.88 -9.35
CA MET A 9 -1.68 2.67 -10.13
C MET A 9 -1.29 2.87 -11.58
N ASN A 10 -1.31 4.11 -12.03
CA ASN A 10 -0.97 4.44 -13.41
C ASN A 10 0.47 4.04 -13.68
N GLU A 11 1.40 4.53 -12.89
CA GLU A 11 2.83 4.25 -13.11
C GLU A 11 3.14 2.81 -12.76
N PHE A 12 2.46 2.27 -11.75
CA PHE A 12 2.64 0.87 -11.39
C PHE A 12 2.30 -0.03 -12.58
N ARG A 13 1.13 0.16 -13.17
CA ARG A 13 0.71 -0.65 -14.31
C ARG A 13 1.57 -0.35 -15.53
N ALA A 14 1.89 0.92 -15.74
CA ALA A 14 2.68 1.29 -16.90
C ALA A 14 4.10 0.76 -16.85
N SER A 15 4.73 0.74 -15.68
CA SER A 15 6.09 0.23 -15.58
C SER A 15 6.10 -1.29 -15.82
N PHE A 16 5.16 -2.01 -15.21
CA PHE A 16 5.07 -3.46 -15.43
C PHE A 16 4.87 -3.71 -16.93
N ASN A 17 4.04 -2.90 -17.58
CA ASN A 17 3.78 -3.02 -19.02
C ASN A 17 5.00 -2.62 -19.87
N HIS A 18 5.78 -1.66 -19.40
CA HIS A 18 6.94 -1.19 -20.14
C HIS A 18 8.02 -2.25 -20.21
N PHE A 19 8.12 -3.07 -19.17
CA PHE A 19 9.10 -4.14 -19.13
C PHE A 19 8.46 -5.41 -19.74
N ASP A 20 7.17 -5.63 -19.46
CA ASP A 20 6.45 -6.81 -19.97
C ASP A 20 5.86 -6.47 -21.31
N ARG A 21 6.75 -6.35 -22.28
CA ARG A 21 6.36 -6.01 -23.64
C ARG A 21 5.81 -7.22 -24.35
N ASP A 22 5.91 -8.37 -23.69
CA ASP A 22 5.41 -9.64 -24.22
C ASP A 22 4.01 -9.86 -23.68
N HIS A 23 3.55 -8.88 -22.90
CA HIS A 23 2.24 -8.87 -22.24
C HIS A 23 1.82 -10.22 -21.65
N SER A 24 2.76 -10.93 -21.04
CA SER A 24 2.50 -12.22 -20.43
C SER A 24 1.67 -12.05 -19.15
N GLY A 25 1.75 -10.85 -18.58
CA GLY A 25 1.06 -10.53 -17.34
C GLY A 25 1.98 -10.80 -16.17
N THR A 26 3.19 -11.23 -16.48
CA THR A 26 4.19 -11.65 -15.50
C THR A 26 5.56 -11.36 -16.05
N LEU A 27 6.53 -11.24 -15.16
CA LEU A 27 7.91 -11.01 -15.56
C LEU A 27 8.81 -11.83 -14.67
N GLY A 28 10.09 -11.88 -15.00
CA GLY A 28 11.03 -12.67 -14.24
C GLY A 28 11.44 -11.94 -12.97
N PRO A 29 12.22 -12.60 -12.08
CA PRO A 29 12.61 -11.99 -10.81
C PRO A 29 13.53 -10.79 -10.98
N GLU A 30 14.36 -10.79 -12.01
CA GLU A 30 15.25 -9.67 -12.27
C GLU A 30 14.51 -8.54 -12.98
N GLU A 31 13.62 -8.92 -13.88
CA GLU A 31 12.86 -7.93 -14.67
C GLU A 31 12.00 -7.09 -13.75
N PHE A 32 11.15 -7.73 -12.96
CA PHE A 32 10.34 -7.01 -11.97
C PHE A 32 11.17 -6.29 -10.93
N LYS A 33 12.37 -6.76 -10.63
CA LYS A 33 13.22 -6.07 -9.67
C LYS A 33 13.66 -4.72 -10.25
N ALA A 34 14.07 -4.71 -11.50
CA ALA A 34 14.49 -3.48 -12.17
C ALA A 34 13.29 -2.57 -12.45
N CYS A 35 12.11 -3.17 -12.57
CA CYS A 35 10.89 -2.42 -12.79
C CYS A 35 10.65 -1.48 -11.59
N LEU A 36 11.01 -1.96 -10.41
CA LEU A 36 10.84 -1.18 -9.19
C LEU A 36 11.74 0.05 -9.17
N ILE A 37 12.90 -0.03 -9.78
CA ILE A 37 13.87 1.05 -9.77
C ILE A 37 13.26 2.33 -10.34
N SER A 38 12.39 2.18 -11.34
CA SER A 38 11.74 3.32 -11.97
C SER A 38 10.79 4.05 -11.00
N LEU A 39 10.41 3.38 -9.93
CA LEU A 39 9.51 3.94 -8.92
C LEU A 39 10.30 4.56 -7.79
N GLY A 40 11.59 4.26 -7.73
CA GLY A 40 12.46 4.82 -6.70
C GLY A 40 12.99 3.80 -5.72
N TYR A 41 13.30 2.61 -6.22
CA TYR A 41 13.82 1.54 -5.37
C TYR A 41 15.30 1.35 -5.69
N ASP A 42 16.16 1.34 -4.68
CA ASP A 42 17.60 1.15 -4.87
C ASP A 42 17.94 -0.35 -4.95
N ILE A 43 17.23 -1.07 -5.80
CA ILE A 43 17.38 -2.52 -5.90
C ILE A 43 17.81 -2.89 -7.32
N GLY A 44 19.11 -2.75 -7.59
CA GLY A 44 19.64 -2.94 -8.93
C GLY A 44 20.77 -3.95 -9.01
N ASN A 45 20.52 -5.14 -8.47
CA ASN A 45 21.49 -6.26 -8.39
C ASN A 45 22.68 -5.94 -7.47
N ASP A 46 22.55 -4.87 -6.72
CA ASP A 46 23.53 -4.47 -5.73
C ASP A 46 23.49 -5.56 -4.66
N PRO A 47 24.58 -5.78 -3.90
CA PRO A 47 24.43 -6.89 -2.94
C PRO A 47 23.42 -6.57 -1.84
N GLN A 48 23.14 -5.29 -1.61
CA GLN A 48 22.16 -4.91 -0.61
C GLN A 48 20.78 -5.05 -1.22
N GLY A 49 20.67 -4.73 -2.49
CA GLY A 49 19.42 -4.86 -3.20
C GLY A 49 19.02 -6.31 -3.28
N GLU A 50 19.97 -7.18 -3.57
CA GLU A 50 19.72 -8.60 -3.62
C GLU A 50 19.24 -9.13 -2.28
N ALA A 51 19.78 -8.61 -1.19
CA ALA A 51 19.41 -9.04 0.14
C ALA A 51 17.93 -8.75 0.43
N GLU A 52 17.43 -7.62 -0.03
CA GLU A 52 16.04 -7.27 0.20
C GLU A 52 15.15 -7.78 -0.92
N PHE A 53 15.75 -8.12 -2.04
CA PHE A 53 15.00 -8.71 -3.14
C PHE A 53 14.71 -10.16 -2.77
N ALA A 54 15.62 -10.79 -2.05
CA ALA A 54 15.46 -12.17 -1.62
C ALA A 54 14.21 -12.36 -0.77
N ARG A 55 13.86 -11.36 0.01
CA ARG A 55 12.66 -11.47 0.86
C ARG A 55 11.43 -11.18 0.00
N ILE A 56 11.58 -10.34 -1.02
CA ILE A 56 10.47 -9.97 -1.91
C ILE A 56 10.04 -11.15 -2.77
N MET A 57 10.99 -11.83 -3.39
CA MET A 57 10.68 -12.96 -4.26
C MET A 57 9.99 -14.08 -3.47
N SER A 58 10.27 -14.16 -2.19
CA SER A 58 9.69 -15.18 -1.33
C SER A 58 8.22 -14.87 -1.01
N ILE A 59 7.81 -13.63 -1.24
CA ILE A 59 6.44 -13.21 -0.95
C ILE A 59 5.58 -13.26 -2.20
N VAL A 60 6.10 -12.70 -3.27
CA VAL A 60 5.35 -12.61 -4.52
C VAL A 60 5.31 -13.95 -5.25
N ASP A 61 6.16 -14.88 -4.83
CA ASP A 61 6.28 -16.17 -5.50
C ASP A 61 6.76 -17.27 -4.53
N PRO A 62 5.93 -17.63 -3.54
CA PRO A 62 6.37 -18.68 -2.62
C PRO A 62 6.33 -20.07 -3.28
N ASN A 63 5.68 -20.13 -4.45
CA ASN A 63 5.55 -21.38 -5.18
C ASN A 63 6.77 -21.61 -6.04
N ARG A 64 7.63 -20.60 -6.09
CA ARG A 64 8.87 -20.63 -6.86
C ARG A 64 8.61 -20.94 -8.34
N LEU A 65 7.61 -20.26 -8.87
CA LEU A 65 7.25 -20.33 -10.28
C LEU A 65 8.36 -19.67 -11.12
N GLY A 66 9.09 -18.78 -10.48
CA GLY A 66 10.18 -18.06 -11.14
C GLY A 66 9.66 -16.84 -11.87
N VAL A 67 8.47 -16.39 -11.50
CA VAL A 67 7.83 -15.25 -12.17
C VAL A 67 6.99 -14.48 -11.16
N VAL A 68 6.79 -13.20 -11.47
CA VAL A 68 6.04 -12.29 -10.62
C VAL A 68 4.98 -11.55 -11.45
N THR A 69 3.76 -11.49 -10.96
CA THR A 69 2.67 -10.79 -11.68
C THR A 69 2.51 -9.40 -11.09
N PHE A 70 1.88 -8.51 -11.85
CA PHE A 70 1.63 -7.14 -11.41
C PHE A 70 0.96 -7.15 -10.03
N GLN A 71 0.00 -8.03 -9.85
CA GLN A 71 -0.77 -8.03 -8.61
C GLN A 71 0.08 -8.56 -7.48
N ALA A 72 1.10 -9.35 -7.80
CA ALA A 72 1.94 -9.93 -6.75
C ALA A 72 2.87 -8.90 -6.14
N PHE A 73 3.48 -8.01 -6.92
CA PHE A 73 4.36 -7.00 -6.32
C PHE A 73 3.52 -6.01 -5.52
N ILE A 74 2.27 -5.79 -5.94
CA ILE A 74 1.34 -4.92 -5.22
C ILE A 74 1.07 -5.50 -3.82
N ASP A 75 1.18 -6.81 -3.68
CA ASP A 75 0.93 -7.46 -2.40
C ASP A 75 1.93 -6.93 -1.36
N PHE A 76 3.19 -6.78 -1.73
CA PHE A 76 4.16 -6.26 -0.79
C PHE A 76 4.15 -4.75 -0.76
N MET A 77 3.69 -4.09 -1.80
CA MET A 77 3.68 -2.63 -1.79
C MET A 77 2.70 -2.19 -0.69
N SER A 78 1.67 -2.99 -0.47
CA SER A 78 0.71 -2.77 0.61
C SER A 78 1.39 -2.80 1.99
N ARG A 79 2.45 -3.59 2.08
CA ARG A 79 3.20 -3.78 3.32
C ARG A 79 4.33 -2.77 3.47
N GLU A 80 4.82 -2.23 2.37
CA GLU A 80 5.88 -1.21 2.43
C GLU A 80 5.28 0.11 2.92
N THR A 81 4.05 0.39 2.51
CA THR A 81 3.36 1.62 2.90
C THR A 81 2.43 1.34 4.08
N ALA A 82 2.79 0.33 4.85
CA ALA A 82 1.98 -0.13 5.97
C ALA A 82 1.77 0.92 7.08
N ASP A 83 2.72 1.82 7.24
CA ASP A 83 2.72 2.81 8.31
C ASP A 83 1.43 3.65 8.39
N THR A 84 1.06 3.98 9.63
CA THR A 84 -0.14 4.74 9.92
C THR A 84 -0.08 6.15 9.34
N ASP A 85 -1.23 6.60 8.86
CA ASP A 85 -1.36 7.97 8.33
C ASP A 85 -1.07 8.98 9.44
N THR A 86 -0.28 10.01 9.11
CA THR A 86 0.13 11.01 10.10
C THR A 86 -1.01 11.88 10.59
N ALA A 87 -2.06 12.05 9.78
CA ALA A 87 -3.20 12.88 10.17
C ALA A 87 -4.05 12.14 11.19
N ASP A 88 -4.09 10.82 11.08
CA ASP A 88 -4.90 10.00 12.00
C ASP A 88 -4.35 10.14 13.42
N GLN A 89 -3.04 10.25 13.54
CA GLN A 89 -2.40 10.37 14.85
C GLN A 89 -2.86 11.61 15.61
N VAL A 90 -2.84 12.76 14.94
CA VAL A 90 -3.18 14.01 15.60
C VAL A 90 -4.70 14.06 15.85
N MET A 91 -5.47 13.49 14.93
CA MET A 91 -6.91 13.43 15.11
C MET A 91 -7.26 12.58 16.35
N ALA A 92 -6.56 11.46 16.48
CA ALA A 92 -6.76 10.58 17.61
C ALA A 92 -6.39 11.28 18.91
N SER A 93 -5.36 12.12 18.88
CA SER A 93 -4.93 12.85 20.07
C SER A 93 -6.03 13.75 20.61
N PHE A 94 -6.72 14.46 19.73
CA PHE A 94 -7.80 15.34 20.18
C PHE A 94 -8.90 14.51 20.83
N LYS A 95 -9.13 13.32 20.29
CA LYS A 95 -10.17 12.41 20.79
C LYS A 95 -9.84 11.84 22.16
N ILE A 96 -8.58 11.91 22.55
CA ILE A 96 -8.17 11.42 23.85
C ILE A 96 -8.42 12.51 24.88
N LEU A 97 -8.15 13.75 24.50
CA LEU A 97 -8.25 14.87 25.42
C LEU A 97 -9.68 15.42 25.53
N ALA A 98 -10.43 15.38 24.44
CA ALA A 98 -11.84 15.79 24.51
C ALA A 98 -12.56 14.66 25.20
N GLY A 99 -12.25 13.49 24.71
CA GLY A 99 -12.82 12.24 25.15
C GLY A 99 -14.30 12.19 25.10
N ASP A 100 -14.92 12.44 26.24
CA ASP A 100 -16.36 12.33 26.32
C ASP A 100 -17.07 13.59 25.84
N LYS A 101 -16.32 14.59 25.40
CA LYS A 101 -16.93 15.79 24.84
C LYS A 101 -16.94 15.60 23.36
N ASN A 102 -17.99 16.07 22.71
CA ASN A 102 -18.11 15.97 21.25
C ASN A 102 -17.42 17.16 20.58
N TYR A 103 -16.73 17.95 21.38
CA TYR A 103 -16.07 19.15 20.88
C TYR A 103 -14.87 19.47 21.77
N ILE A 104 -14.11 20.47 21.37
CA ILE A 104 -12.90 20.85 22.07
C ILE A 104 -12.89 22.37 22.15
N THR A 105 -12.22 22.95 23.11
CA THR A 105 -12.06 24.40 23.12
C THR A 105 -10.65 24.73 22.69
N MET A 106 -10.47 25.97 22.28
CA MET A 106 -9.14 26.48 21.89
C MET A 106 -8.21 26.37 23.09
N ASP A 107 -8.75 26.65 24.26
CA ASP A 107 -7.98 26.59 25.50
C ASP A 107 -7.51 25.17 25.81
N GLU A 108 -8.36 24.20 25.53
CA GLU A 108 -8.02 22.79 25.78
C GLU A 108 -6.90 22.34 24.86
N LEU A 109 -7.01 22.61 23.56
CA LEU A 109 -5.98 22.13 22.65
C LEU A 109 -4.68 22.92 22.82
N ARG A 110 -4.77 24.18 23.23
CA ARG A 110 -3.58 24.99 23.46
C ARG A 110 -2.88 24.58 24.77
N ARG A 111 -3.56 23.79 25.60
CA ARG A 111 -2.92 23.33 26.85
C ARG A 111 -1.87 22.27 26.51
N GLU A 112 -2.07 21.61 25.37
CA GLU A 112 -1.14 20.56 24.96
C GLU A 112 -0.11 21.09 23.97
N LEU A 113 -0.50 22.07 23.15
CA LEU A 113 0.44 22.70 22.24
C LEU A 113 0.43 24.22 22.46
N PRO A 114 1.05 24.72 23.54
CA PRO A 114 1.04 26.18 23.76
C PRO A 114 1.55 27.10 22.63
N PRO A 115 2.59 26.70 21.85
CA PRO A 115 3.01 27.67 20.82
C PRO A 115 2.08 27.71 19.60
N ASP A 116 2.57 28.26 18.50
CA ASP A 116 1.83 28.44 17.25
C ASP A 116 1.18 27.17 16.71
N GLN A 117 1.60 26.00 17.19
CA GLN A 117 0.96 24.76 16.82
C GLN A 117 -0.54 24.84 17.03
N ALA A 118 -0.95 25.38 18.18
CA ALA A 118 -2.36 25.52 18.48
C ALA A 118 -3.05 26.46 17.51
N GLU A 119 -2.37 27.53 17.12
CA GLU A 119 -2.97 28.53 16.23
C GLU A 119 -3.20 27.94 14.86
N TYR A 120 -2.24 27.14 14.39
CA TYR A 120 -2.35 26.44 13.12
C TYR A 120 -3.47 25.42 13.23
N CYS A 121 -3.67 24.85 14.42
CA CYS A 121 -4.72 23.87 14.63
C CYS A 121 -6.09 24.54 14.61
N ILE A 122 -6.22 25.69 15.26
CA ILE A 122 -7.49 26.43 15.29
C ILE A 122 -7.83 26.89 13.88
N ALA A 123 -6.82 27.27 13.10
CA ALA A 123 -7.02 27.68 11.71
C ALA A 123 -7.50 26.52 10.83
N ARG A 124 -7.39 25.29 11.31
CA ARG A 124 -7.84 24.11 10.57
C ARG A 124 -9.10 23.46 11.13
N MET A 125 -9.30 23.53 12.43
CA MET A 125 -10.43 22.89 13.09
C MET A 125 -11.78 23.51 12.75
N ALA A 126 -12.82 22.71 12.83
CA ALA A 126 -14.16 23.15 12.49
C ALA A 126 -14.76 23.91 13.68
N PRO A 127 -15.57 24.96 13.45
CA PRO A 127 -16.21 25.69 14.55
C PRO A 127 -17.38 24.94 15.17
N TYR A 128 -17.62 25.19 16.44
CA TYR A 128 -18.70 24.52 17.18
C TYR A 128 -19.79 25.47 17.63
N THR A 129 -21.02 25.15 17.26
CA THR A 129 -22.20 25.92 17.66
C THR A 129 -23.27 24.95 18.20
N GLY A 130 -22.96 24.34 19.33
CA GLY A 130 -23.84 23.36 19.97
C GLY A 130 -24.34 23.79 21.33
N PRO A 131 -24.95 22.88 22.10
CA PRO A 131 -25.48 23.29 23.42
C PRO A 131 -24.41 23.63 24.48
N ASP A 132 -23.25 22.99 24.39
CA ASP A 132 -22.16 23.19 25.37
C ASP A 132 -21.17 24.20 24.80
N SER A 133 -21.66 25.10 23.97
CA SER A 133 -20.79 26.02 23.28
C SER A 133 -20.30 27.17 24.18
N VAL A 134 -19.09 27.59 23.86
CA VAL A 134 -18.43 28.70 24.53
C VAL A 134 -17.84 29.49 23.38
N PRO A 135 -17.43 30.76 23.59
CA PRO A 135 -16.91 31.53 22.44
C PRO A 135 -15.70 30.93 21.71
N GLY A 136 -14.94 30.09 22.40
CA GLY A 136 -13.77 29.44 21.82
C GLY A 136 -13.96 27.97 21.59
N ALA A 137 -15.16 27.57 21.19
CA ALA A 137 -15.48 26.17 20.96
C ALA A 137 -15.23 25.76 19.50
N LEU A 138 -14.66 24.57 19.33
CA LEU A 138 -14.35 24.00 18.02
C LEU A 138 -14.81 22.54 18.02
N ASP A 139 -15.39 22.09 16.94
CA ASP A 139 -15.83 20.71 16.83
C ASP A 139 -14.67 19.90 16.28
N TYR A 140 -14.02 19.17 17.16
CA TYR A 140 -12.85 18.40 16.79
C TYR A 140 -13.29 17.16 16.03
N MET A 141 -14.43 16.60 16.43
CA MET A 141 -14.95 15.41 15.78
C MET A 141 -15.30 15.71 14.32
N SER A 142 -15.55 16.98 14.04
CA SER A 142 -15.85 17.44 12.69
C SER A 142 -14.59 17.79 11.88
N PHE A 143 -13.47 18.00 12.54
CA PHE A 143 -12.21 18.33 11.86
C PHE A 143 -11.82 17.25 10.85
N SER A 144 -12.00 16.00 11.25
CA SER A 144 -11.76 14.86 10.37
C SER A 144 -12.53 14.90 9.04
N THR A 145 -13.60 15.71 9.00
CA THR A 145 -14.44 15.79 7.80
C THR A 145 -14.31 17.12 7.03
N ALA A 146 -13.76 18.13 7.69
CA ALA A 146 -13.63 19.44 7.08
C ALA A 146 -12.52 20.26 7.74
N LEU A 147 -11.71 20.92 6.91
CA LEU A 147 -10.64 21.80 7.36
C LEU A 147 -10.59 22.93 6.36
N TYR A 148 -10.28 24.15 6.81
CA TYR A 148 -10.29 25.32 5.92
C TYR A 148 -8.98 26.12 5.91
N GLY A 149 -8.00 25.71 6.71
CA GLY A 149 -6.77 26.46 6.80
C GLY A 149 -5.74 26.12 5.76
N GLU A 150 -6.08 25.23 4.83
CA GLU A 150 -5.15 24.86 3.76
C GLU A 150 -5.04 26.05 2.81
N SER A 151 -3.86 26.21 2.20
CA SER A 151 -3.60 27.33 1.32
C SER A 151 -2.64 26.85 0.25
N ASP A 152 -2.39 27.70 -0.74
CA ASP A 152 -1.48 27.38 -1.86
C ASP A 152 -1.99 26.14 -2.60
N LEU A 153 -3.28 26.14 -2.84
CA LEU A 153 -3.96 25.06 -3.55
C LEU A 153 -4.41 25.56 -4.92
N GLY A 1 -5.81 5.36 5.17
CA GLY A 1 -5.49 5.97 3.87
C GLY A 1 -5.02 4.93 2.87
N SER A 2 -4.18 5.32 1.95
CA SER A 2 -3.64 4.41 0.94
C SER A 2 -2.45 5.13 0.33
N SER A 3 -1.42 4.40 -0.07
CA SER A 3 -0.26 5.02 -0.72
C SER A 3 -0.64 5.28 -2.17
N ILE A 4 -1.51 4.43 -2.72
CA ILE A 4 -1.92 4.57 -4.10
C ILE A 4 -2.97 5.60 -4.38
N SER A 5 -2.51 6.58 -5.14
CA SER A 5 -3.34 7.60 -5.75
C SER A 5 -3.68 7.10 -7.16
N GLN A 6 -4.53 7.79 -7.91
CA GLN A 6 -4.85 7.33 -9.26
C GLN A 6 -3.59 7.34 -10.16
N GLU A 7 -2.69 8.29 -9.92
CA GLU A 7 -1.45 8.38 -10.68
C GLU A 7 -0.47 7.28 -10.27
N GLN A 8 -0.62 6.73 -9.06
CA GLN A 8 0.25 5.67 -8.63
C GLN A 8 -0.08 4.39 -9.35
N MET A 9 -1.32 3.94 -9.26
CA MET A 9 -1.70 2.72 -9.95
C MET A 9 -1.44 2.85 -11.45
N ASN A 10 -1.44 4.08 -11.92
CA ASN A 10 -1.18 4.39 -13.33
C ASN A 10 0.25 3.97 -13.70
N GLU A 11 1.22 4.47 -12.96
CA GLU A 11 2.62 4.19 -13.26
C GLU A 11 2.97 2.76 -12.91
N PHE A 12 2.30 2.20 -11.90
CA PHE A 12 2.51 0.80 -11.55
C PHE A 12 2.13 -0.08 -12.74
N ARG A 13 0.95 0.14 -13.30
CA ARG A 13 0.51 -0.65 -14.46
C ARG A 13 1.39 -0.37 -15.66
N ALA A 14 1.73 0.88 -15.88
CA ALA A 14 2.54 1.24 -17.04
C ALA A 14 3.97 0.69 -16.96
N SER A 15 4.57 0.67 -15.79
CA SER A 15 5.94 0.18 -15.65
C SER A 15 5.98 -1.34 -15.88
N PHE A 16 5.02 -2.07 -15.32
CA PHE A 16 4.95 -3.52 -15.54
C PHE A 16 4.79 -3.75 -17.04
N ASN A 17 3.97 -2.96 -17.69
CA ASN A 17 3.72 -3.09 -19.13
C ASN A 17 4.91 -2.64 -19.99
N HIS A 18 5.70 -1.71 -19.49
CA HIS A 18 6.85 -1.19 -20.22
C HIS A 18 7.96 -2.23 -20.26
N PHE A 19 8.04 -3.04 -19.21
CA PHE A 19 9.03 -4.10 -19.14
C PHE A 19 8.46 -5.38 -19.77
N ASP A 20 7.18 -5.65 -19.53
CA ASP A 20 6.49 -6.84 -20.06
C ASP A 20 5.87 -6.48 -21.38
N ARG A 21 6.75 -6.31 -22.35
CA ARG A 21 6.34 -5.96 -23.70
C ARG A 21 5.86 -7.20 -24.45
N ASP A 22 5.91 -8.34 -23.77
CA ASP A 22 5.45 -9.60 -24.35
C ASP A 22 3.99 -9.79 -23.92
N HIS A 23 3.58 -8.95 -22.98
CA HIS A 23 2.25 -8.94 -22.40
C HIS A 23 1.85 -10.30 -21.82
N SER A 24 2.84 -10.97 -21.24
CA SER A 24 2.66 -12.28 -20.62
C SER A 24 1.83 -12.14 -19.34
N GLY A 25 1.89 -10.96 -18.74
CA GLY A 25 1.19 -10.67 -17.50
C GLY A 25 2.11 -10.92 -16.32
N THR A 26 3.31 -11.38 -16.63
CA THR A 26 4.31 -11.76 -15.64
C THR A 26 5.69 -11.49 -16.17
N LEU A 27 6.64 -11.30 -15.26
CA LEU A 27 8.04 -11.07 -15.62
C LEU A 27 8.90 -11.86 -14.65
N GLY A 28 10.19 -11.89 -14.89
CA GLY A 28 11.09 -12.64 -14.05
C GLY A 28 11.41 -11.90 -12.76
N PRO A 29 12.14 -12.53 -11.84
CA PRO A 29 12.43 -11.91 -10.54
C PRO A 29 13.38 -10.72 -10.68
N GLU A 30 14.22 -10.73 -11.70
CA GLU A 30 15.17 -9.63 -11.92
C GLU A 30 14.48 -8.48 -12.66
N GLU A 31 13.62 -8.81 -13.59
CA GLU A 31 12.93 -7.81 -14.39
C GLU A 31 11.98 -7.00 -13.54
N PHE A 32 11.09 -7.66 -12.81
CA PHE A 32 10.21 -6.97 -11.86
C PHE A 32 11.00 -6.21 -10.79
N LYS A 33 12.18 -6.69 -10.40
CA LYS A 33 13.00 -5.98 -9.41
C LYS A 33 13.46 -4.64 -10.00
N ALA A 34 13.90 -4.64 -11.25
CA ALA A 34 14.36 -3.43 -11.92
C ALA A 34 13.17 -2.52 -12.26
N CYS A 35 12.00 -3.11 -12.40
CA CYS A 35 10.78 -2.36 -12.66
C CYS A 35 10.49 -1.42 -11.47
N LEU A 36 10.79 -1.89 -10.26
CA LEU A 36 10.60 -1.11 -9.04
C LEU A 36 11.51 0.12 -9.07
N ILE A 37 12.69 -0.04 -9.62
CA ILE A 37 13.68 1.04 -9.63
C ILE A 37 13.14 2.24 -10.39
N SER A 38 12.33 1.98 -11.42
CA SER A 38 11.70 3.05 -12.19
C SER A 38 10.80 3.92 -11.33
N LEU A 39 10.35 3.39 -10.20
CA LEU A 39 9.47 4.11 -9.30
C LEU A 39 10.30 4.84 -8.24
N GLY A 40 11.52 4.38 -8.05
CA GLY A 40 12.43 5.00 -7.09
C GLY A 40 12.98 4.06 -6.03
N TYR A 41 12.96 2.76 -6.29
CA TYR A 41 13.43 1.77 -5.34
C TYR A 41 14.92 1.60 -5.55
N ASP A 42 15.63 1.44 -4.46
CA ASP A 42 17.09 1.27 -4.44
C ASP A 42 17.47 -0.22 -4.38
N ILE A 43 16.67 -1.04 -5.05
CA ILE A 43 16.87 -2.49 -5.05
C ILE A 43 17.37 -2.83 -6.45
N GLY A 44 18.67 -2.76 -6.66
CA GLY A 44 19.22 -2.93 -8.00
C GLY A 44 20.63 -3.43 -8.14
N ASN A 45 20.77 -4.75 -8.15
CA ASN A 45 22.05 -5.45 -8.38
C ASN A 45 23.11 -5.07 -7.34
N ASP A 46 22.64 -4.71 -6.16
CA ASP A 46 23.50 -4.38 -5.04
C ASP A 46 23.22 -5.41 -3.98
N PRO A 47 24.13 -5.56 -3.00
CA PRO A 47 23.85 -6.60 -2.02
C PRO A 47 22.74 -6.28 -1.05
N GLN A 48 22.34 -5.02 -0.94
CA GLN A 48 21.32 -4.69 0.09
C GLN A 48 19.96 -4.95 -0.50
N GLY A 49 19.84 -4.60 -1.77
CA GLY A 49 18.60 -4.82 -2.48
C GLY A 49 18.35 -6.30 -2.62
N GLU A 50 19.35 -7.08 -2.94
CA GLU A 50 19.20 -8.53 -3.02
C GLU A 50 18.72 -9.12 -1.69
N ALA A 51 19.20 -8.55 -0.58
CA ALA A 51 18.84 -9.00 0.76
C ALA A 51 17.33 -8.80 1.03
N GLU A 52 16.74 -7.78 0.47
CA GLU A 52 15.35 -7.51 0.66
C GLU A 52 14.56 -8.08 -0.54
N PHE A 53 15.16 -8.30 -1.67
CA PHE A 53 14.46 -8.86 -2.85
C PHE A 53 14.21 -10.33 -2.54
N ALA A 54 15.12 -10.96 -1.82
CA ALA A 54 14.93 -12.33 -1.43
C ALA A 54 13.66 -12.57 -0.61
N ARG A 55 13.25 -11.56 0.13
CA ARG A 55 11.99 -11.71 0.95
C ARG A 55 10.83 -11.45 0.02
N ILE A 56 11.00 -10.48 -0.86
CA ILE A 56 9.90 -10.10 -1.84
C ILE A 56 9.54 -11.31 -2.73
N MET A 57 10.53 -11.96 -3.33
CA MET A 57 10.29 -13.08 -4.23
C MET A 57 9.60 -14.22 -3.49
N SER A 58 9.83 -14.33 -2.20
CA SER A 58 9.20 -15.39 -1.40
C SER A 58 7.72 -15.13 -1.18
N ILE A 59 7.28 -13.88 -1.35
CA ILE A 59 5.90 -13.50 -1.13
C ILE A 59 5.12 -13.53 -2.43
N VAL A 60 5.69 -12.94 -3.46
CA VAL A 60 5.01 -12.85 -4.74
C VAL A 60 5.00 -14.16 -5.49
N ASP A 61 5.82 -15.09 -5.03
CA ASP A 61 5.98 -16.39 -5.69
C ASP A 61 6.36 -17.46 -4.67
N PRO A 62 5.42 -17.84 -3.80
CA PRO A 62 5.79 -18.87 -2.81
C PRO A 62 5.90 -20.25 -3.46
N ASN A 63 5.37 -20.37 -4.68
CA ASN A 63 5.37 -21.63 -5.40
C ASN A 63 6.68 -21.85 -6.15
N ARG A 64 7.49 -20.80 -6.17
CA ARG A 64 8.80 -20.82 -6.83
C ARG A 64 8.69 -21.13 -8.32
N LEU A 65 7.74 -20.45 -8.95
CA LEU A 65 7.48 -20.52 -10.38
C LEU A 65 8.62 -19.82 -11.12
N GLY A 66 9.25 -18.87 -10.44
CA GLY A 66 10.34 -18.10 -11.02
C GLY A 66 9.83 -16.88 -11.77
N VAL A 67 8.61 -16.46 -11.47
CA VAL A 67 7.99 -15.32 -12.18
C VAL A 67 7.11 -14.55 -11.22
N VAL A 68 6.85 -13.29 -11.54
CA VAL A 68 6.04 -12.41 -10.73
C VAL A 68 5.00 -11.69 -11.60
N THR A 69 3.76 -11.65 -11.14
CA THR A 69 2.69 -10.96 -11.89
C THR A 69 2.49 -9.59 -11.31
N PHE A 70 1.88 -8.72 -12.10
CA PHE A 70 1.58 -7.35 -11.67
C PHE A 70 0.83 -7.36 -10.34
N GLN A 71 -0.12 -8.25 -10.22
CA GLN A 71 -0.97 -8.26 -9.03
C GLN A 71 -0.20 -8.84 -7.85
N ALA A 72 0.86 -9.60 -8.11
CA ALA A 72 1.62 -10.21 -7.03
C ALA A 72 2.52 -9.17 -6.35
N PHE A 73 3.15 -8.28 -7.11
CA PHE A 73 3.96 -7.25 -6.45
C PHE A 73 3.04 -6.30 -5.67
N ILE A 74 1.83 -6.11 -6.18
CA ILE A 74 0.85 -5.25 -5.52
C ILE A 74 0.46 -5.87 -4.18
N ASP A 75 0.55 -7.18 -4.10
CA ASP A 75 0.18 -7.88 -2.86
C ASP A 75 1.07 -7.44 -1.70
N PHE A 76 2.38 -7.34 -1.92
CA PHE A 76 3.25 -6.87 -0.84
C PHE A 76 3.18 -5.37 -0.70
N MET A 77 2.80 -4.67 -1.76
CA MET A 77 2.78 -3.20 -1.73
C MET A 77 1.70 -2.78 -0.71
N SER A 78 0.75 -3.66 -0.44
CA SER A 78 -0.29 -3.40 0.55
C SER A 78 0.29 -3.11 1.94
N ARG A 79 1.47 -3.65 2.25
CA ARG A 79 2.11 -3.40 3.56
C ARG A 79 2.52 -1.94 3.66
N GLU A 80 2.80 -1.35 2.51
CA GLU A 80 3.22 0.05 2.39
C GLU A 80 2.00 0.97 2.34
N THR A 81 0.85 0.42 1.98
CA THR A 81 -0.40 1.20 1.91
C THR A 81 -1.01 1.31 3.32
N ALA A 82 -0.45 0.56 4.25
CA ALA A 82 -0.91 0.51 5.65
C ALA A 82 -0.45 1.74 6.46
N ASP A 83 -0.90 2.92 6.05
CA ASP A 83 -0.51 4.17 6.71
C ASP A 83 -1.26 4.41 8.02
N THR A 84 -2.41 3.76 8.18
CA THR A 84 -3.26 3.91 9.35
C THR A 84 -3.97 2.58 9.59
N ASP A 85 -4.48 2.38 10.79
CA ASP A 85 -5.26 1.18 11.10
C ASP A 85 -6.73 1.46 10.76
N THR A 86 -7.54 0.43 10.77
CA THR A 86 -8.95 0.50 10.38
C THR A 86 -9.84 1.39 11.26
N ALA A 87 -9.49 1.58 12.52
CA ALA A 87 -10.27 2.42 13.40
C ALA A 87 -9.82 3.89 13.36
N ASP A 88 -8.54 4.14 13.18
CA ASP A 88 -8.04 5.52 13.21
C ASP A 88 -8.54 6.31 12.03
N GLN A 89 -8.62 5.67 10.86
CA GLN A 89 -9.08 6.35 9.66
C GLN A 89 -10.48 6.96 9.86
N VAL A 90 -11.34 6.22 10.52
CA VAL A 90 -12.73 6.59 10.67
C VAL A 90 -12.88 7.47 11.92
N MET A 91 -12.03 7.23 12.92
CA MET A 91 -12.03 8.05 14.13
C MET A 91 -11.61 9.47 13.78
N ALA A 92 -10.66 9.59 12.87
CA ALA A 92 -10.16 10.90 12.46
C ALA A 92 -11.31 11.75 11.94
N SER A 93 -12.26 11.13 11.26
CA SER A 93 -13.39 11.86 10.70
C SER A 93 -14.34 12.34 11.79
N PHE A 94 -14.65 11.47 12.75
CA PHE A 94 -15.54 11.86 13.83
C PHE A 94 -14.89 12.97 14.64
N LYS A 95 -13.60 12.86 14.86
CA LYS A 95 -12.83 13.81 15.67
C LYS A 95 -12.97 15.25 15.18
N ILE A 96 -13.24 15.41 13.90
CA ILE A 96 -13.40 16.74 13.30
C ILE A 96 -14.72 17.33 13.78
N LEU A 97 -15.79 16.56 13.72
CA LEU A 97 -17.12 17.07 14.07
C LEU A 97 -17.38 17.01 15.57
N ALA A 98 -16.72 16.07 16.22
CA ALA A 98 -16.89 15.84 17.64
C ALA A 98 -16.13 16.80 18.50
N GLY A 99 -15.19 17.54 17.91
CA GLY A 99 -14.39 18.50 18.65
C GLY A 99 -15.20 19.56 19.39
N ASP A 100 -16.46 19.69 19.00
CA ASP A 100 -17.41 20.59 19.66
C ASP A 100 -17.69 20.13 21.10
N LYS A 101 -17.60 18.82 21.33
CA LYS A 101 -17.92 18.21 22.63
C LYS A 101 -16.87 17.15 22.98
N ASN A 102 -17.18 16.30 23.96
CA ASN A 102 -16.30 15.18 24.32
C ASN A 102 -16.90 13.86 23.86
N TYR A 103 -17.98 13.91 23.08
CA TYR A 103 -18.71 12.73 22.65
C TYR A 103 -19.49 13.03 21.37
N ILE A 104 -20.21 12.03 20.87
CA ILE A 104 -20.97 12.17 19.64
C ILE A 104 -22.35 11.57 19.86
N THR A 105 -23.36 12.06 19.16
CA THR A 105 -24.67 11.43 19.23
C THR A 105 -24.88 10.60 18.00
N MET A 106 -25.84 9.70 18.08
CA MET A 106 -26.20 8.86 16.94
C MET A 106 -26.65 9.73 15.76
N ASP A 107 -27.33 10.82 16.07
CA ASP A 107 -27.80 11.75 15.04
C ASP A 107 -26.64 12.48 14.38
N GLU A 108 -25.65 12.86 15.17
CA GLU A 108 -24.50 13.60 14.67
C GLU A 108 -23.65 12.73 13.75
N LEU A 109 -23.37 11.50 14.14
CA LEU A 109 -22.57 10.64 13.26
C LEU A 109 -23.37 10.25 12.01
N ARG A 110 -24.70 10.24 12.12
CA ARG A 110 -25.53 9.93 10.95
C ARG A 110 -25.60 11.10 9.98
N ARG A 111 -25.13 12.28 10.39
CA ARG A 111 -25.10 13.42 9.47
C ARG A 111 -24.05 13.16 8.41
N GLU A 112 -23.05 12.38 8.78
CA GLU A 112 -21.95 12.06 7.90
C GLU A 112 -22.34 10.91 6.99
N LEU A 113 -22.92 9.88 7.58
CA LEU A 113 -23.33 8.70 6.85
C LEU A 113 -24.82 8.42 7.07
N PRO A 114 -25.71 9.11 6.32
CA PRO A 114 -27.13 8.81 6.54
C PRO A 114 -27.63 7.37 6.29
N PRO A 115 -27.00 6.57 5.40
CA PRO A 115 -27.56 5.21 5.32
C PRO A 115 -27.16 4.33 6.52
N ASP A 116 -27.36 3.04 6.37
CA ASP A 116 -27.09 2.05 7.41
C ASP A 116 -25.66 2.03 7.95
N GLN A 117 -24.73 2.67 7.25
CA GLN A 117 -23.38 2.85 7.74
C GLN A 117 -23.37 3.39 9.17
N ALA A 118 -24.27 4.33 9.45
CA ALA A 118 -24.34 4.89 10.79
C ALA A 118 -24.75 3.83 11.81
N GLU A 119 -25.68 2.95 11.43
CA GLU A 119 -26.19 1.92 12.33
C GLU A 119 -25.06 0.97 12.71
N TYR A 120 -24.28 0.61 11.70
CA TYR A 120 -23.13 -0.27 11.91
C TYR A 120 -22.09 0.46 12.76
N CYS A 121 -21.98 1.76 12.59
CA CYS A 121 -21.02 2.55 13.37
C CYS A 121 -21.43 2.64 14.82
N ILE A 122 -22.73 2.77 15.08
CA ILE A 122 -23.28 2.81 16.43
C ILE A 122 -23.03 1.47 17.11
N ALA A 123 -23.03 0.41 16.32
CA ALA A 123 -22.87 -0.95 16.85
C ALA A 123 -21.41 -1.20 17.20
N ARG A 124 -20.56 -0.33 16.70
CA ARG A 124 -19.12 -0.45 16.84
C ARG A 124 -18.57 0.59 17.80
N MET A 125 -19.36 1.58 18.16
CA MET A 125 -18.91 2.64 19.06
C MET A 125 -19.15 2.26 20.52
N ALA A 126 -18.65 3.08 21.43
CA ALA A 126 -18.79 2.88 22.86
C ALA A 126 -19.94 3.78 23.34
N PRO A 127 -20.73 3.35 24.34
CA PRO A 127 -21.84 4.18 24.84
C PRO A 127 -21.38 5.33 25.74
N TYR A 128 -22.18 6.39 25.80
CA TYR A 128 -21.89 7.56 26.63
C TYR A 128 -23.00 7.88 27.63
N THR A 129 -22.67 7.95 28.90
CA THR A 129 -23.62 8.31 29.96
C THR A 129 -22.99 9.39 30.84
N GLY A 130 -22.35 10.36 30.19
CA GLY A 130 -21.66 11.43 30.88
C GLY A 130 -22.57 12.59 31.27
N PRO A 131 -22.02 13.73 31.70
CA PRO A 131 -22.89 14.86 32.11
C PRO A 131 -23.67 15.53 30.98
N ASP A 132 -23.14 15.48 29.76
CA ASP A 132 -23.78 16.10 28.59
C ASP A 132 -24.57 15.06 27.81
N SER A 133 -24.91 13.97 28.48
CA SER A 133 -25.52 12.83 27.81
C SER A 133 -26.98 13.01 27.45
N VAL A 134 -27.35 12.27 26.43
CA VAL A 134 -28.70 12.29 25.87
C VAL A 134 -29.01 10.81 25.63
N PRO A 135 -30.30 10.45 25.37
CA PRO A 135 -30.56 9.02 25.20
C PRO A 135 -29.96 8.37 23.94
N GLY A 136 -29.31 9.17 23.11
CA GLY A 136 -28.63 8.67 21.91
C GLY A 136 -27.19 9.09 21.87
N ALA A 137 -26.54 9.07 23.02
CA ALA A 137 -25.15 9.50 23.17
C ALA A 137 -24.17 8.31 23.10
N LEU A 138 -23.05 8.54 22.41
CA LEU A 138 -21.99 7.55 22.26
C LEU A 138 -20.65 8.25 22.47
N ASP A 139 -19.71 7.57 23.09
CA ASP A 139 -18.39 8.14 23.29
C ASP A 139 -17.53 7.71 22.12
N TYR A 140 -17.26 8.66 21.24
CA TYR A 140 -16.49 8.40 20.03
C TYR A 140 -15.04 8.28 20.39
N MET A 141 -14.62 9.05 21.36
CA MET A 141 -13.23 9.05 21.79
C MET A 141 -12.89 7.71 22.42
N SER A 142 -13.88 7.04 22.97
CA SER A 142 -13.68 5.77 23.67
C SER A 142 -13.71 4.56 22.74
N PHE A 143 -14.12 4.78 21.51
CA PHE A 143 -14.25 3.69 20.53
C PHE A 143 -12.90 2.98 20.30
N SER A 144 -11.83 3.75 20.28
CA SER A 144 -10.49 3.17 20.08
C SER A 144 -10.07 2.27 21.23
N THR A 145 -10.78 2.34 22.35
CA THR A 145 -10.47 1.50 23.50
C THR A 145 -11.53 0.40 23.75
N ALA A 146 -12.70 0.54 23.13
CA ALA A 146 -13.79 -0.42 23.32
C ALA A 146 -14.78 -0.39 22.16
N LEU A 147 -15.12 -1.56 21.65
CA LEU A 147 -16.09 -1.73 20.58
C LEU A 147 -16.75 -3.08 20.81
N TYR A 148 -17.96 -3.29 20.30
CA TYR A 148 -18.63 -4.57 20.45
C TYR A 148 -19.13 -5.10 19.10
N GLY A 149 -18.93 -4.29 18.07
CA GLY A 149 -19.23 -4.69 16.71
C GLY A 149 -17.93 -5.06 16.01
N GLU A 150 -17.70 -4.50 14.84
CA GLU A 150 -16.47 -4.75 14.07
C GLU A 150 -15.84 -3.40 13.73
N SER A 151 -14.52 -3.36 13.71
CA SER A 151 -13.79 -2.11 13.47
C SER A 151 -13.20 -2.00 12.08
N ASP A 152 -13.27 -3.09 11.32
CA ASP A 152 -12.59 -3.15 10.02
C ASP A 152 -13.55 -2.85 8.87
N LEU A 153 -14.65 -2.18 9.22
CA LEU A 153 -15.69 -1.81 8.24
C LEU A 153 -15.50 -0.40 7.68
N GLY A 1 -5.44 0.43 3.72
CA GLY A 1 -5.47 0.76 2.29
C GLY A 1 -4.15 0.53 1.61
N SER A 2 -3.63 1.55 0.95
CA SER A 2 -2.32 1.51 0.30
C SER A 2 -2.01 2.98 0.03
N SER A 3 -0.80 3.29 -0.39
CA SER A 3 -0.45 4.68 -0.74
C SER A 3 -0.87 5.02 -2.17
N ILE A 4 -1.66 4.15 -2.80
CA ILE A 4 -2.03 4.33 -4.19
C ILE A 4 -3.14 5.32 -4.48
N SER A 5 -2.73 6.34 -5.22
CA SER A 5 -3.61 7.33 -5.83
C SER A 5 -3.90 6.81 -7.24
N GLN A 6 -4.82 7.40 -7.97
CA GLN A 6 -5.07 6.94 -9.35
C GLN A 6 -3.83 7.07 -10.23
N GLU A 7 -3.00 8.06 -9.96
CA GLU A 7 -1.76 8.27 -10.70
C GLU A 7 -0.71 7.22 -10.30
N GLN A 8 -0.82 6.66 -9.10
CA GLN A 8 0.12 5.65 -8.67
C GLN A 8 -0.14 4.36 -9.38
N MET A 9 -1.37 3.88 -9.33
CA MET A 9 -1.69 2.65 -10.03
C MET A 9 -1.42 2.81 -11.52
N ASN A 10 -1.49 4.04 -11.99
CA ASN A 10 -1.22 4.35 -13.40
C ASN A 10 0.21 4.01 -13.75
N GLU A 11 1.16 4.51 -12.98
CA GLU A 11 2.59 4.27 -13.26
C GLU A 11 2.96 2.84 -12.91
N PHE A 12 2.29 2.24 -11.93
CA PHE A 12 2.53 0.84 -11.60
C PHE A 12 2.13 -0.04 -12.77
N ARG A 13 1.00 0.25 -13.38
CA ARG A 13 0.55 -0.52 -14.54
C ARG A 13 1.48 -0.27 -15.69
N ALA A 14 1.86 0.99 -15.87
CA ALA A 14 2.72 1.35 -16.98
C ALA A 14 4.13 0.78 -16.87
N SER A 15 4.71 0.72 -15.68
CA SER A 15 6.06 0.20 -15.50
C SER A 15 6.07 -1.31 -15.73
N PHE A 16 5.09 -2.04 -15.20
CA PHE A 16 5.00 -3.48 -15.47
C PHE A 16 4.89 -3.70 -16.98
N ASN A 17 4.11 -2.85 -17.64
CA ASN A 17 3.92 -2.95 -19.09
C ASN A 17 5.15 -2.51 -19.88
N HIS A 18 5.92 -1.58 -19.33
CA HIS A 18 7.10 -1.07 -19.99
C HIS A 18 8.17 -2.14 -20.09
N PHE A 19 8.20 -3.02 -19.10
CA PHE A 19 9.15 -4.10 -19.08
C PHE A 19 8.52 -5.34 -19.75
N ASP A 20 7.24 -5.61 -19.46
CA ASP A 20 6.51 -6.76 -20.01
C ASP A 20 5.84 -6.36 -21.30
N ARG A 21 6.68 -6.18 -22.30
CA ARG A 21 6.22 -5.80 -23.62
C ARG A 21 5.72 -7.00 -24.39
N ASP A 22 5.76 -8.15 -23.74
CA ASP A 22 5.27 -9.39 -24.35
C ASP A 22 3.83 -9.63 -23.88
N HIS A 23 3.43 -8.82 -22.90
CA HIS A 23 2.11 -8.87 -22.27
C HIS A 23 1.78 -10.26 -21.72
N SER A 24 2.79 -10.90 -21.14
CA SER A 24 2.63 -12.20 -20.50
C SER A 24 1.78 -12.03 -19.24
N GLY A 25 1.80 -10.83 -18.70
CA GLY A 25 1.08 -10.50 -17.49
C GLY A 25 1.97 -10.75 -16.29
N THR A 26 3.16 -11.26 -16.59
CA THR A 26 4.13 -11.65 -15.58
C THR A 26 5.53 -11.39 -16.10
N LEU A 27 6.47 -11.28 -15.18
CA LEU A 27 7.89 -11.12 -15.51
C LEU A 27 8.68 -11.97 -14.53
N GLY A 28 9.99 -12.06 -14.75
CA GLY A 28 10.84 -12.85 -13.89
C GLY A 28 11.28 -12.05 -12.69
N PRO A 29 12.08 -12.65 -11.80
CA PRO A 29 12.46 -12.00 -10.54
C PRO A 29 13.37 -10.79 -10.68
N GLU A 30 14.24 -10.76 -11.67
CA GLU A 30 15.15 -9.63 -11.83
C GLU A 30 14.45 -8.52 -12.60
N GLU A 31 13.63 -8.91 -13.56
CA GLU A 31 12.92 -7.94 -14.39
C GLU A 31 11.97 -7.11 -13.54
N PHE A 32 11.10 -7.76 -12.78
CA PHE A 32 10.24 -7.03 -11.84
C PHE A 32 11.01 -6.28 -10.77
N LYS A 33 12.19 -6.76 -10.40
CA LYS A 33 13.01 -6.04 -9.41
C LYS A 33 13.45 -4.69 -10.01
N ALA A 34 13.97 -4.73 -11.24
CA ALA A 34 14.44 -3.51 -11.90
C ALA A 34 13.27 -2.59 -12.27
N CYS A 35 12.09 -3.18 -12.41
CA CYS A 35 10.88 -2.44 -12.70
C CYS A 35 10.57 -1.46 -11.55
N LEU A 36 10.93 -1.87 -10.34
CA LEU A 36 10.71 -1.05 -9.15
C LEU A 36 11.65 0.17 -9.17
N ILE A 37 12.84 -0.01 -9.70
CA ILE A 37 13.86 1.04 -9.72
C ILE A 37 13.35 2.25 -10.52
N SER A 38 12.54 1.98 -11.54
CA SER A 38 11.93 3.04 -12.35
C SER A 38 11.00 3.93 -11.54
N LEU A 39 10.57 3.45 -10.38
CA LEU A 39 9.70 4.20 -9.47
C LEU A 39 10.50 4.90 -8.39
N GLY A 40 11.75 4.49 -8.21
CA GLY A 40 12.62 5.11 -7.22
C GLY A 40 13.13 4.16 -6.14
N TYR A 41 13.14 2.88 -6.44
CA TYR A 41 13.56 1.87 -5.48
C TYR A 41 15.04 1.61 -5.71
N ASP A 42 15.74 1.28 -4.65
CA ASP A 42 17.17 0.96 -4.67
C ASP A 42 17.36 -0.56 -4.62
N ILE A 43 16.39 -1.26 -5.18
CA ILE A 43 16.37 -2.71 -5.17
C ILE A 43 16.80 -3.16 -6.53
N GLY A 44 18.08 -3.50 -6.64
CA GLY A 44 18.69 -3.93 -7.89
C GLY A 44 19.69 -5.03 -7.61
N ASN A 45 20.87 -4.98 -8.28
CA ASN A 45 21.91 -5.94 -8.05
C ASN A 45 22.74 -5.51 -6.81
N ASP A 46 22.27 -4.45 -6.17
CA ASP A 46 22.90 -3.92 -4.99
C ASP A 46 22.69 -4.97 -3.90
N PRO A 47 23.67 -5.19 -3.03
CA PRO A 47 23.51 -6.33 -2.11
C PRO A 47 22.42 -6.13 -1.06
N GLN A 48 22.06 -4.88 -0.79
CA GLN A 48 21.01 -4.61 0.18
C GLN A 48 19.66 -4.84 -0.49
N GLY A 49 19.60 -4.46 -1.77
CA GLY A 49 18.40 -4.65 -2.55
C GLY A 49 18.15 -6.12 -2.71
N GLU A 50 19.17 -6.89 -3.04
CA GLU A 50 19.03 -8.33 -3.16
C GLU A 50 18.54 -8.99 -1.86
N ALA A 51 19.02 -8.47 -0.72
CA ALA A 51 18.61 -9.00 0.58
C ALA A 51 17.10 -8.79 0.79
N GLU A 52 16.59 -7.65 0.39
CA GLU A 52 15.18 -7.35 0.58
C GLU A 52 14.34 -7.86 -0.61
N PHE A 53 14.97 -8.15 -1.72
CA PHE A 53 14.30 -8.77 -2.86
C PHE A 53 14.06 -10.24 -2.52
N ALA A 54 14.95 -10.83 -1.71
CA ALA A 54 14.81 -12.21 -1.32
C ALA A 54 13.48 -12.43 -0.51
N ARG A 55 13.01 -11.42 0.23
CA ARG A 55 11.75 -11.50 0.93
C ARG A 55 10.63 -11.40 -0.06
N ILE A 56 10.83 -10.51 -0.98
CA ILE A 56 9.78 -10.16 -2.00
C ILE A 56 9.43 -11.38 -2.86
N MET A 57 10.44 -12.05 -3.39
CA MET A 57 10.23 -13.21 -4.25
C MET A 57 9.53 -14.35 -3.51
N SER A 58 9.65 -14.35 -2.20
CA SER A 58 9.03 -15.37 -1.37
C SER A 58 7.55 -15.06 -1.08
N ILE A 59 7.16 -13.81 -1.26
CA ILE A 59 5.78 -13.38 -1.00
C ILE A 59 4.97 -13.44 -2.28
N VAL A 60 5.51 -12.88 -3.34
CA VAL A 60 4.81 -12.82 -4.62
C VAL A 60 4.75 -14.15 -5.34
N ASP A 61 5.56 -15.09 -4.87
CA ASP A 61 5.71 -16.39 -5.51
C ASP A 61 6.20 -17.44 -4.49
N PRO A 62 5.33 -17.83 -3.54
CA PRO A 62 5.79 -18.81 -2.56
C PRO A 62 5.91 -20.21 -3.15
N ASN A 63 5.32 -20.40 -4.32
CA ASN A 63 5.33 -21.70 -4.99
C ASN A 63 6.60 -21.86 -5.80
N ARG A 64 7.40 -20.81 -5.84
CA ARG A 64 8.67 -20.78 -6.55
C ARG A 64 8.52 -21.12 -8.02
N LEU A 65 7.48 -20.55 -8.62
CA LEU A 65 7.18 -20.68 -10.04
C LEU A 65 8.25 -19.93 -10.85
N GLY A 66 8.85 -18.95 -10.23
CA GLY A 66 9.91 -18.17 -10.87
C GLY A 66 9.39 -17.00 -11.65
N VAL A 67 8.16 -16.57 -11.36
CA VAL A 67 7.52 -15.46 -12.07
C VAL A 67 6.70 -14.62 -11.11
N VAL A 68 6.52 -13.36 -11.46
CA VAL A 68 5.78 -12.41 -10.66
C VAL A 68 4.77 -11.69 -11.53
N THR A 69 3.53 -11.58 -11.08
CA THR A 69 2.48 -10.88 -11.84
C THR A 69 2.35 -9.48 -11.33
N PHE A 70 1.75 -8.60 -12.13
CA PHE A 70 1.54 -7.21 -11.73
C PHE A 70 0.86 -7.15 -10.37
N GLN A 71 -0.13 -8.00 -10.19
CA GLN A 71 -0.92 -7.94 -8.97
C GLN A 71 -0.15 -8.54 -7.81
N ALA A 72 0.83 -9.39 -8.10
CA ALA A 72 1.59 -10.02 -7.04
C ALA A 72 2.52 -9.02 -6.37
N PHE A 73 3.15 -8.11 -7.12
CA PHE A 73 4.00 -7.12 -6.47
C PHE A 73 3.12 -6.09 -5.70
N ILE A 74 1.91 -5.85 -6.20
CA ILE A 74 0.96 -4.94 -5.54
C ILE A 74 0.58 -5.49 -4.16
N ASP A 75 0.62 -6.80 -4.02
CA ASP A 75 0.29 -7.45 -2.76
C ASP A 75 1.21 -6.91 -1.66
N PHE A 76 2.51 -6.95 -1.88
CA PHE A 76 3.42 -6.50 -0.84
C PHE A 76 3.45 -5.00 -0.75
N MET A 77 3.09 -4.29 -1.83
CA MET A 77 3.17 -2.85 -1.81
C MET A 77 2.21 -2.33 -0.74
N SER A 78 1.06 -3.00 -0.59
CA SER A 78 0.11 -2.65 0.45
C SER A 78 0.69 -3.00 1.83
N ARG A 79 1.42 -4.09 1.91
CA ARG A 79 1.98 -4.54 3.20
C ARG A 79 3.09 -3.62 3.67
N GLU A 80 3.88 -3.10 2.73
CA GLU A 80 4.95 -2.17 3.04
C GLU A 80 4.36 -0.79 3.40
N THR A 81 3.15 -0.51 2.94
CA THR A 81 2.49 0.74 3.29
C THR A 81 2.16 0.72 4.79
N ALA A 82 1.72 -0.45 5.26
CA ALA A 82 1.42 -0.71 6.68
C ALA A 82 0.50 0.36 7.30
N ASP A 83 -0.49 0.79 6.54
CA ASP A 83 -1.43 1.81 6.99
C ASP A 83 -2.63 1.22 7.73
N THR A 84 -3.58 2.07 8.05
CA THR A 84 -4.81 1.68 8.77
C THR A 84 -5.95 2.12 7.88
N ASP A 85 -7.15 1.58 8.10
CA ASP A 85 -8.29 1.84 7.21
C ASP A 85 -9.61 1.67 7.95
N THR A 86 -10.68 2.29 7.46
CA THR A 86 -12.01 2.15 8.05
C THR A 86 -12.52 0.75 7.73
N ALA A 87 -12.00 0.19 6.64
CA ALA A 87 -12.32 -1.17 6.19
C ALA A 87 -11.61 -2.23 7.02
N ASP A 88 -10.65 -1.85 7.87
CA ASP A 88 -9.91 -2.84 8.67
C ASP A 88 -10.87 -3.68 9.50
N GLN A 89 -11.98 -3.10 9.89
CA GLN A 89 -12.98 -3.82 10.69
C GLN A 89 -13.46 -5.11 9.97
N VAL A 90 -13.81 -4.96 8.70
CA VAL A 90 -14.34 -6.09 7.93
C VAL A 90 -13.18 -6.92 7.38
N MET A 91 -12.07 -6.25 7.10
CA MET A 91 -10.91 -6.91 6.56
C MET A 91 -10.33 -7.89 7.55
N ALA A 92 -10.43 -7.55 8.83
CA ALA A 92 -9.93 -8.42 9.88
C ALA A 92 -10.55 -9.80 9.78
N SER A 93 -11.83 -9.87 9.44
CA SER A 93 -12.50 -11.17 9.36
C SER A 93 -11.92 -12.01 8.21
N PHE A 94 -11.72 -11.39 7.06
CA PHE A 94 -11.15 -12.09 5.92
C PHE A 94 -9.71 -12.48 6.18
N LYS A 95 -8.98 -11.61 6.86
CA LYS A 95 -7.56 -11.81 7.16
C LYS A 95 -7.35 -12.99 8.10
N ILE A 96 -8.38 -13.35 8.84
CA ILE A 96 -8.28 -14.47 9.77
C ILE A 96 -8.43 -15.76 8.99
N LEU A 97 -9.35 -15.81 8.04
CA LEU A 97 -9.58 -17.05 7.29
C LEU A 97 -8.63 -17.20 6.10
N ALA A 98 -8.26 -16.07 5.51
CA ALA A 98 -7.41 -16.05 4.33
C ALA A 98 -6.02 -15.57 4.61
N GLY A 99 -5.64 -15.57 5.88
CA GLY A 99 -4.26 -15.33 6.25
C GLY A 99 -3.42 -16.51 5.77
N ASP A 100 -4.11 -17.61 5.48
CA ASP A 100 -3.50 -18.82 4.91
C ASP A 100 -3.01 -18.56 3.49
N LYS A 101 -3.69 -17.67 2.77
CA LYS A 101 -3.33 -17.35 1.39
C LYS A 101 -3.09 -15.85 1.34
N ASN A 102 -3.23 -15.25 0.17
CA ASN A 102 -3.12 -13.80 0.03
C ASN A 102 -4.36 -13.27 -0.69
N TYR A 103 -5.36 -14.12 -0.78
CA TYR A 103 -6.59 -13.79 -1.49
C TYR A 103 -7.70 -14.67 -0.96
N ILE A 104 -8.91 -14.40 -1.41
CA ILE A 104 -10.08 -15.11 -0.95
C ILE A 104 -10.87 -15.55 -2.15
N THR A 105 -11.62 -16.62 -2.05
CA THR A 105 -12.47 -17.01 -3.17
C THR A 105 -13.88 -16.56 -2.86
N MET A 106 -14.69 -16.49 -3.89
CA MET A 106 -16.11 -16.12 -3.72
C MET A 106 -16.79 -17.12 -2.79
N ASP A 107 -16.31 -18.36 -2.83
CA ASP A 107 -16.84 -19.43 -1.99
C ASP A 107 -16.45 -19.28 -0.52
N GLU A 108 -15.19 -18.95 -0.29
CA GLU A 108 -14.68 -18.83 1.08
C GLU A 108 -15.34 -17.66 1.82
N LEU A 109 -15.46 -16.51 1.17
CA LEU A 109 -16.10 -15.37 1.83
C LEU A 109 -17.59 -15.64 2.05
N ARG A 110 -18.20 -16.48 1.21
CA ARG A 110 -19.61 -16.86 1.39
C ARG A 110 -19.84 -17.69 2.65
N ARG A 111 -18.79 -18.28 3.21
CA ARG A 111 -18.92 -19.07 4.44
C ARG A 111 -19.15 -18.14 5.61
N GLU A 112 -18.67 -16.91 5.47
CA GLU A 112 -18.75 -15.91 6.53
C GLU A 112 -20.10 -15.22 6.53
N LEU A 113 -20.59 -14.90 5.35
CA LEU A 113 -21.85 -14.18 5.21
C LEU A 113 -22.77 -14.88 4.20
N PRO A 114 -23.49 -15.93 4.63
CA PRO A 114 -24.41 -16.61 3.70
C PRO A 114 -25.48 -15.78 2.95
N PRO A 115 -26.03 -14.69 3.54
CA PRO A 115 -27.01 -13.97 2.70
C PRO A 115 -26.33 -13.08 1.63
N ASP A 116 -27.11 -12.20 1.01
CA ASP A 116 -26.65 -11.28 -0.04
C ASP A 116 -25.43 -10.44 0.31
N GLN A 117 -25.11 -10.34 1.59
CA GLN A 117 -23.89 -9.67 2.02
C GLN A 117 -22.68 -10.18 1.24
N ALA A 118 -22.64 -11.49 0.96
CA ALA A 118 -21.54 -12.06 0.21
C ALA A 118 -21.55 -11.60 -1.25
N GLU A 119 -22.72 -11.53 -1.85
CA GLU A 119 -22.85 -11.11 -3.24
C GLU A 119 -22.34 -9.68 -3.38
N TYR A 120 -22.73 -8.85 -2.43
CA TYR A 120 -22.28 -7.48 -2.38
C TYR A 120 -20.78 -7.43 -2.14
N CYS A 121 -20.26 -8.36 -1.34
CA CYS A 121 -18.84 -8.37 -1.05
C CYS A 121 -18.10 -8.70 -2.33
N ILE A 122 -18.58 -9.67 -3.08
CA ILE A 122 -17.96 -10.05 -4.36
C ILE A 122 -18.00 -8.87 -5.34
N ALA A 123 -19.13 -8.16 -5.35
CA ALA A 123 -19.31 -7.00 -6.23
C ALA A 123 -18.36 -5.84 -5.87
N ARG A 124 -17.86 -5.80 -4.65
CA ARG A 124 -16.98 -4.70 -4.23
C ARG A 124 -15.52 -5.13 -4.08
N MET A 125 -15.27 -6.41 -3.83
CA MET A 125 -13.90 -6.91 -3.68
C MET A 125 -13.11 -6.81 -4.99
N ALA A 126 -11.81 -6.74 -4.87
CA ALA A 126 -10.96 -6.58 -6.04
C ALA A 126 -10.80 -7.97 -6.66
N PRO A 127 -10.68 -8.08 -7.98
CA PRO A 127 -10.45 -9.41 -8.59
C PRO A 127 -9.01 -9.86 -8.40
N TYR A 128 -8.81 -11.15 -8.30
CA TYR A 128 -7.48 -11.72 -8.09
C TYR A 128 -6.96 -12.45 -9.34
N THR A 129 -5.75 -12.08 -9.74
CA THR A 129 -5.08 -12.68 -10.90
C THR A 129 -3.62 -12.97 -10.51
N GLY A 130 -3.44 -13.55 -9.35
CA GLY A 130 -2.10 -13.83 -8.84
C GLY A 130 -1.64 -15.24 -9.20
N PRO A 131 -0.53 -15.74 -8.62
CA PRO A 131 -0.07 -17.07 -9.00
C PRO A 131 -0.94 -18.23 -8.48
N ASP A 132 -1.62 -18.02 -7.35
CA ASP A 132 -2.47 -19.07 -6.76
C ASP A 132 -3.92 -18.76 -7.16
N SER A 133 -4.11 -18.31 -8.38
CA SER A 133 -5.44 -17.88 -8.81
C SER A 133 -6.30 -19.00 -9.35
N VAL A 134 -7.59 -18.80 -9.21
CA VAL A 134 -8.61 -19.73 -9.68
C VAL A 134 -9.63 -18.82 -10.36
N PRO A 135 -10.50 -19.34 -11.26
CA PRO A 135 -11.50 -18.50 -11.95
C PRO A 135 -12.68 -18.09 -11.05
N GLY A 136 -12.36 -17.64 -9.85
CA GLY A 136 -13.35 -17.19 -8.89
C GLY A 136 -12.66 -16.65 -7.66
N ALA A 137 -11.50 -16.06 -7.91
CA ALA A 137 -10.63 -15.53 -6.88
C ALA A 137 -10.77 -14.00 -6.78
N LEU A 138 -10.71 -13.48 -5.56
CA LEU A 138 -10.83 -12.07 -5.27
C LEU A 138 -9.73 -11.68 -4.31
N ASP A 139 -9.12 -10.54 -4.52
CA ASP A 139 -8.05 -10.06 -3.66
C ASP A 139 -8.69 -9.25 -2.57
N TYR A 140 -8.76 -9.85 -1.40
CA TYR A 140 -9.41 -9.23 -0.25
C TYR A 140 -8.48 -8.25 0.38
N MET A 141 -7.20 -8.56 0.32
CA MET A 141 -6.20 -7.69 0.90
C MET A 141 -6.19 -6.37 0.12
N SER A 142 -6.52 -6.44 -1.17
CA SER A 142 -6.53 -5.26 -2.05
C SER A 142 -7.84 -4.48 -2.01
N PHE A 143 -8.89 -5.11 -1.51
CA PHE A 143 -10.22 -4.52 -1.46
C PHE A 143 -10.23 -3.22 -0.66
N SER A 144 -9.41 -3.17 0.37
CA SER A 144 -9.31 -1.98 1.23
C SER A 144 -8.98 -0.70 0.44
N THR A 145 -8.25 -0.85 -0.67
CA THR A 145 -7.85 0.33 -1.47
C THR A 145 -8.57 0.44 -2.83
N ALA A 146 -9.43 -0.53 -3.16
CA ALA A 146 -10.13 -0.52 -4.45
C ALA A 146 -11.42 -1.32 -4.41
N LEU A 147 -12.50 -0.70 -4.87
CA LEU A 147 -13.79 -1.35 -5.00
C LEU A 147 -14.43 -0.84 -6.27
N TYR A 148 -15.24 -1.65 -6.93
CA TYR A 148 -15.80 -1.26 -8.23
C TYR A 148 -17.32 -1.27 -8.30
N GLY A 149 -17.97 -1.89 -7.32
CA GLY A 149 -19.42 -2.01 -7.31
C GLY A 149 -20.15 -1.08 -6.36
N GLU A 150 -19.57 0.09 -6.09
CA GLU A 150 -20.19 1.04 -5.17
C GLU A 150 -21.49 1.58 -5.78
N SER A 151 -22.53 1.65 -4.97
CA SER A 151 -23.86 2.05 -5.45
C SER A 151 -24.77 2.46 -4.31
N ASP A 152 -25.92 3.05 -4.65
CA ASP A 152 -26.97 3.37 -3.68
C ASP A 152 -27.66 2.07 -3.27
N LEU A 153 -27.45 1.04 -4.09
CA LEU A 153 -27.98 -0.30 -3.85
C LEU A 153 -27.12 -1.02 -2.83
N GLY A 1 3.89 7.01 4.46
CA GLY A 1 4.26 7.22 3.07
C GLY A 1 3.04 7.33 2.19
N SER A 2 3.20 7.06 0.90
CA SER A 2 2.11 7.14 -0.06
C SER A 2 1.08 6.02 0.10
N SER A 3 0.02 6.12 -0.70
CA SER A 3 -1.04 5.12 -0.75
C SER A 3 -1.47 5.22 -2.21
N ILE A 4 -2.03 4.18 -2.78
CA ILE A 4 -2.36 4.24 -4.20
C ILE A 4 -3.54 5.12 -4.56
N SER A 5 -3.17 6.15 -5.29
CA SER A 5 -4.07 7.08 -5.97
C SER A 5 -4.21 6.57 -7.40
N GLN A 6 -5.03 7.19 -8.24
CA GLN A 6 -5.18 6.73 -9.62
C GLN A 6 -3.85 6.86 -10.37
N GLU A 7 -3.12 7.92 -10.07
CA GLU A 7 -1.84 8.26 -10.67
C GLU A 7 -0.83 7.22 -10.30
N GLN A 8 -0.90 6.84 -9.04
CA GLN A 8 -0.04 5.79 -8.52
C GLN A 8 -0.22 4.47 -9.26
N MET A 9 -1.42 3.91 -9.23
CA MET A 9 -1.68 2.66 -9.94
C MET A 9 -1.36 2.79 -11.43
N ASN A 10 -1.44 4.00 -11.95
CA ASN A 10 -1.13 4.26 -13.34
C ASN A 10 0.34 3.99 -13.66
N GLU A 11 1.24 4.58 -12.89
CA GLU A 11 2.68 4.41 -13.13
C GLU A 11 3.08 2.98 -12.82
N PHE A 12 2.43 2.36 -11.83
CA PHE A 12 2.68 0.97 -11.51
C PHE A 12 2.38 0.07 -12.70
N ARG A 13 1.22 0.30 -13.33
CA ARG A 13 0.82 -0.50 -14.48
C ARG A 13 1.71 -0.21 -15.66
N ALA A 14 2.06 1.06 -15.86
CA ALA A 14 2.90 1.43 -16.98
C ALA A 14 4.29 0.84 -16.86
N SER A 15 4.86 0.83 -15.67
CA SER A 15 6.20 0.27 -15.47
C SER A 15 6.20 -1.24 -15.74
N PHE A 16 5.20 -1.96 -15.24
CA PHE A 16 5.09 -3.40 -15.50
C PHE A 16 4.95 -3.62 -17.00
N ASN A 17 4.15 -2.79 -17.66
CA ASN A 17 3.91 -2.90 -19.11
C ASN A 17 5.16 -2.54 -19.94
N HIS A 18 5.96 -1.60 -19.46
CA HIS A 18 7.15 -1.16 -20.17
C HIS A 18 8.18 -2.28 -20.23
N PHE A 19 8.21 -3.08 -19.18
CA PHE A 19 9.16 -4.18 -19.10
C PHE A 19 8.51 -5.47 -19.68
N ASP A 20 7.21 -5.65 -19.47
CA ASP A 20 6.48 -6.84 -19.96
C ASP A 20 5.90 -6.53 -21.31
N ARG A 21 6.79 -6.43 -22.29
CA ARG A 21 6.38 -6.14 -23.65
C ARG A 21 5.87 -7.40 -24.33
N ASP A 22 5.89 -8.51 -23.60
CA ASP A 22 5.32 -9.77 -24.09
C ASP A 22 3.86 -9.80 -23.65
N HIS A 23 3.53 -8.87 -22.77
CA HIS A 23 2.18 -8.69 -22.21
C HIS A 23 1.61 -9.99 -21.63
N SER A 24 2.48 -10.81 -21.05
CA SER A 24 2.07 -12.08 -20.47
C SER A 24 1.34 -11.86 -19.14
N GLY A 25 1.55 -10.70 -18.55
CA GLY A 25 0.94 -10.35 -17.28
C GLY A 25 1.90 -10.64 -16.15
N THR A 26 3.07 -11.14 -16.50
CA THR A 26 4.10 -11.54 -15.55
C THR A 26 5.49 -11.24 -16.08
N LEU A 27 6.46 -11.18 -15.17
CA LEU A 27 7.86 -11.01 -15.53
C LEU A 27 8.66 -11.89 -14.61
N GLY A 28 9.95 -11.94 -14.84
CA GLY A 28 10.82 -12.76 -14.01
C GLY A 28 11.23 -11.99 -12.77
N PRO A 29 12.05 -12.60 -11.90
CA PRO A 29 12.40 -11.94 -10.63
C PRO A 29 13.32 -10.73 -10.77
N GLU A 30 14.20 -10.71 -11.76
CA GLU A 30 15.13 -9.59 -11.92
C GLU A 30 14.46 -8.47 -12.70
N GLU A 31 13.59 -8.86 -13.63
CA GLU A 31 12.87 -7.91 -14.46
C GLU A 31 11.95 -7.07 -13.61
N PHE A 32 11.08 -7.70 -12.84
CA PHE A 32 10.24 -6.96 -11.88
C PHE A 32 11.06 -6.20 -10.83
N LYS A 33 12.22 -6.70 -10.46
CA LYS A 33 13.07 -5.97 -9.50
C LYS A 33 13.54 -4.66 -10.11
N ALA A 34 14.00 -4.71 -11.35
CA ALA A 34 14.48 -3.51 -12.05
C ALA A 34 13.31 -2.59 -12.41
N CYS A 35 12.14 -3.16 -12.55
CA CYS A 35 10.93 -2.40 -12.82
C CYS A 35 10.67 -1.42 -11.66
N LEU A 36 10.96 -1.85 -10.44
CA LEU A 36 10.77 -1.01 -9.26
C LEU A 36 11.72 0.19 -9.26
N ILE A 37 12.91 -0.01 -9.80
CA ILE A 37 13.94 1.04 -9.81
C ILE A 37 13.41 2.29 -10.53
N SER A 38 12.57 2.08 -11.53
CA SER A 38 11.97 3.16 -12.29
C SER A 38 11.10 4.07 -11.41
N LEU A 39 10.65 3.53 -10.29
CA LEU A 39 9.79 4.25 -9.36
C LEU A 39 10.60 4.93 -8.25
N GLY A 40 11.83 4.45 -8.06
CA GLY A 40 12.71 4.99 -7.03
C GLY A 40 13.12 3.99 -5.96
N TYR A 41 13.34 2.74 -6.35
CA TYR A 41 13.74 1.69 -5.42
C TYR A 41 15.23 1.40 -5.59
N ASP A 42 15.96 1.39 -4.48
CA ASP A 42 17.42 1.13 -4.47
C ASP A 42 17.69 -0.40 -4.46
N ILE A 43 17.08 -1.10 -5.39
CA ILE A 43 17.19 -2.56 -5.46
C ILE A 43 17.67 -2.94 -6.86
N GLY A 44 18.97 -2.76 -7.10
CA GLY A 44 19.57 -3.00 -8.41
C GLY A 44 20.73 -3.97 -8.39
N ASN A 45 20.49 -5.14 -7.80
CA ASN A 45 21.49 -6.22 -7.62
C ASN A 45 22.57 -5.82 -6.62
N ASP A 46 22.31 -4.74 -5.91
CA ASP A 46 23.18 -4.28 -4.83
C ASP A 46 23.09 -5.32 -3.73
N PRO A 47 24.11 -5.43 -2.86
CA PRO A 47 23.93 -6.51 -1.88
C PRO A 47 22.81 -6.22 -0.87
N GLN A 48 22.45 -4.95 -0.73
CA GLN A 48 21.37 -4.59 0.18
C GLN A 48 20.05 -4.82 -0.54
N GLY A 49 20.06 -4.53 -1.83
CA GLY A 49 18.88 -4.73 -2.64
C GLY A 49 18.56 -6.20 -2.71
N GLU A 50 19.53 -7.05 -3.00
CA GLU A 50 19.29 -8.48 -3.05
C GLU A 50 18.78 -9.03 -1.73
N ALA A 51 19.23 -8.44 -0.63
CA ALA A 51 18.79 -8.88 0.69
C ALA A 51 17.28 -8.67 0.87
N GLU A 52 16.76 -7.57 0.33
CA GLU A 52 15.33 -7.28 0.46
C GLU A 52 14.54 -7.80 -0.74
N PHE A 53 15.23 -8.09 -1.82
CA PHE A 53 14.58 -8.68 -2.96
C PHE A 53 14.30 -10.15 -2.61
N ALA A 54 15.18 -10.73 -1.81
CA ALA A 54 15.03 -12.10 -1.37
C ALA A 54 13.73 -12.32 -0.60
N ARG A 55 13.28 -11.32 0.15
CA ARG A 55 12.03 -11.48 0.90
C ARG A 55 10.87 -11.23 -0.05
N ILE A 56 11.08 -10.39 -1.05
CA ILE A 56 10.02 -10.03 -1.97
C ILE A 56 9.65 -11.23 -2.84
N MET A 57 10.66 -11.86 -3.45
CA MET A 57 10.42 -13.00 -4.33
C MET A 57 9.73 -14.16 -3.61
N SER A 58 9.92 -14.24 -2.31
CA SER A 58 9.31 -15.29 -1.49
C SER A 58 7.84 -15.02 -1.20
N ILE A 59 7.43 -13.76 -1.33
CA ILE A 59 6.05 -13.36 -1.02
C ILE A 59 5.19 -13.39 -2.26
N VAL A 60 5.72 -12.83 -3.33
CA VAL A 60 4.98 -12.72 -4.58
C VAL A 60 4.89 -14.04 -5.31
N ASP A 61 5.69 -15.00 -4.88
CA ASP A 61 5.77 -16.30 -5.53
C ASP A 61 6.13 -17.40 -4.52
N PRO A 62 5.20 -17.74 -3.61
CA PRO A 62 5.55 -18.82 -2.67
C PRO A 62 5.53 -20.20 -3.33
N ASN A 63 4.95 -20.27 -4.53
CA ASN A 63 4.83 -21.53 -5.25
C ASN A 63 6.08 -21.83 -6.05
N ARG A 64 7.00 -20.86 -6.05
CA ARG A 64 8.27 -20.94 -6.78
C ARG A 64 8.07 -21.19 -8.27
N LEU A 65 7.15 -20.43 -8.84
CA LEU A 65 6.85 -20.45 -10.27
C LEU A 65 8.02 -19.81 -11.02
N GLY A 66 8.74 -18.94 -10.31
CA GLY A 66 9.89 -18.25 -10.88
C GLY A 66 9.47 -16.98 -11.61
N VAL A 67 8.27 -16.50 -11.33
CA VAL A 67 7.72 -15.34 -12.04
C VAL A 67 6.88 -14.52 -11.09
N VAL A 68 6.67 -13.26 -11.43
CA VAL A 68 5.90 -12.34 -10.62
C VAL A 68 4.87 -11.63 -11.49
N THR A 69 3.62 -11.57 -11.04
CA THR A 69 2.57 -10.87 -11.79
C THR A 69 2.38 -9.47 -11.21
N PHE A 70 1.80 -8.57 -12.00
CA PHE A 70 1.55 -7.20 -11.57
C PHE A 70 0.83 -7.19 -10.22
N GLN A 71 -0.16 -8.04 -10.05
CA GLN A 71 -0.96 -8.01 -8.84
C GLN A 71 -0.15 -8.55 -7.67
N ALA A 72 0.88 -9.34 -7.94
CA ALA A 72 1.63 -9.95 -6.87
C ALA A 72 2.57 -8.94 -6.22
N PHE A 73 3.23 -8.11 -7.00
CA PHE A 73 4.10 -7.10 -6.39
C PHE A 73 3.26 -6.07 -5.61
N ILE A 74 2.03 -5.84 -6.05
CA ILE A 74 1.11 -4.92 -5.38
C ILE A 74 0.78 -5.45 -3.97
N ASP A 75 0.86 -6.75 -3.78
CA ASP A 75 0.59 -7.32 -2.45
C ASP A 75 1.56 -6.74 -1.41
N PHE A 76 2.84 -6.73 -1.73
CA PHE A 76 3.82 -6.25 -0.77
C PHE A 76 3.91 -4.74 -0.75
N MET A 77 3.53 -4.08 -1.83
CA MET A 77 3.71 -2.64 -1.93
C MET A 77 3.04 -1.91 -0.77
N SER A 78 1.94 -2.45 -0.26
CA SER A 78 1.22 -1.84 0.86
C SER A 78 2.08 -1.78 2.13
N ARG A 79 3.05 -2.67 2.23
CA ARG A 79 3.93 -2.74 3.39
C ARG A 79 5.11 -1.80 3.21
N GLU A 80 5.63 -1.73 1.99
CA GLU A 80 6.81 -0.90 1.71
C GLU A 80 6.48 0.60 1.62
N THR A 81 5.28 0.92 1.15
CA THR A 81 4.84 2.31 1.01
C THR A 81 4.56 2.99 2.36
N ALA A 82 4.94 2.31 3.44
CA ALA A 82 4.80 2.85 4.79
C ALA A 82 5.66 4.12 4.92
N ASP A 83 6.69 4.25 4.11
CA ASP A 83 7.57 5.42 4.11
C ASP A 83 7.80 5.86 2.66
N THR A 84 8.25 7.09 2.45
CA THR A 84 8.47 7.63 1.10
C THR A 84 9.44 8.82 1.18
N ASP A 85 10.44 8.85 0.31
CA ASP A 85 11.38 9.99 0.27
C ASP A 85 10.68 11.22 -0.28
N THR A 86 11.16 12.40 0.09
CA THR A 86 10.51 13.64 -0.35
C THR A 86 11.14 14.31 -1.58
N ALA A 87 12.41 14.06 -1.84
CA ALA A 87 13.10 14.67 -2.98
C ALA A 87 13.01 13.88 -4.27
N ASP A 88 13.34 12.59 -4.25
CA ASP A 88 13.44 11.82 -5.49
C ASP A 88 12.12 11.71 -6.24
N GLN A 89 11.00 11.88 -5.55
CA GLN A 89 9.68 11.81 -6.18
C GLN A 89 9.59 12.67 -7.43
N VAL A 90 10.18 13.85 -7.34
CA VAL A 90 10.08 14.83 -8.40
C VAL A 90 10.86 14.36 -9.63
N MET A 91 11.98 13.69 -9.43
CA MET A 91 12.77 13.18 -10.54
C MET A 91 12.15 11.89 -11.07
N ALA A 92 11.70 11.04 -10.17
CA ALA A 92 11.10 9.77 -10.54
C ALA A 92 9.88 10.00 -11.44
N SER A 93 9.05 10.96 -11.08
CA SER A 93 7.85 11.25 -11.88
C SER A 93 8.22 11.62 -13.31
N PHE A 94 9.25 12.46 -13.47
CA PHE A 94 9.68 12.82 -14.81
C PHE A 94 10.19 11.59 -15.51
N LYS A 95 10.99 10.79 -14.82
CA LYS A 95 11.62 9.60 -15.40
C LYS A 95 10.59 8.62 -15.94
N ILE A 96 9.44 8.58 -15.32
CA ILE A 96 8.39 7.64 -15.71
C ILE A 96 7.78 8.12 -17.02
N LEU A 97 7.54 9.41 -17.16
CA LEU A 97 6.92 9.93 -18.38
C LEU A 97 7.94 10.18 -19.49
N ALA A 98 9.18 10.35 -19.09
CA ALA A 98 10.26 10.64 -20.03
C ALA A 98 10.85 9.41 -20.64
N GLY A 99 10.55 8.25 -20.08
CA GLY A 99 11.12 6.98 -20.51
C GLY A 99 11.13 6.70 -22.00
N ASP A 100 10.19 7.27 -22.73
CA ASP A 100 10.15 7.09 -24.18
C ASP A 100 11.24 7.87 -24.92
N LYS A 101 11.87 8.83 -24.23
CA LYS A 101 12.91 9.68 -24.81
C LYS A 101 14.06 9.84 -23.81
N ASN A 102 15.01 10.71 -24.12
CA ASN A 102 16.11 11.00 -23.20
C ASN A 102 15.98 12.40 -22.61
N TYR A 103 14.82 13.03 -22.75
CA TYR A 103 14.61 14.40 -22.31
C TYR A 103 13.12 14.68 -22.14
N ILE A 104 12.81 15.91 -21.71
CA ILE A 104 11.46 16.32 -21.44
C ILE A 104 11.25 17.70 -22.09
N THR A 105 10.03 18.03 -22.46
CA THR A 105 9.74 19.38 -22.92
C THR A 105 9.00 20.08 -21.82
N MET A 106 8.96 21.39 -21.94
CA MET A 106 8.22 22.24 -21.00
C MET A 106 6.76 21.83 -20.89
N ASP A 107 6.21 21.40 -22.01
CA ASP A 107 4.81 20.99 -22.09
C ASP A 107 4.59 19.64 -21.42
N GLU A 108 5.52 18.72 -21.67
CA GLU A 108 5.44 17.37 -21.12
C GLU A 108 5.43 17.37 -19.60
N LEU A 109 6.35 18.12 -18.99
CA LEU A 109 6.43 18.17 -17.54
C LEU A 109 5.24 18.93 -16.93
N ARG A 110 4.64 19.84 -17.70
CA ARG A 110 3.50 20.59 -17.19
C ARG A 110 2.28 19.69 -17.00
N ARG A 111 2.32 18.47 -17.53
CA ARG A 111 1.22 17.52 -17.31
C ARG A 111 1.13 17.19 -15.82
N GLU A 112 2.27 17.22 -15.16
CA GLU A 112 2.35 16.82 -13.76
C GLU A 112 2.13 17.99 -12.82
N LEU A 113 2.63 19.15 -13.21
CA LEU A 113 2.46 20.36 -12.40
C LEU A 113 1.88 21.50 -13.26
N PRO A 114 0.57 21.46 -13.52
CA PRO A 114 0.03 22.55 -14.35
C PRO A 114 0.16 24.03 -13.85
N PRO A 115 0.22 24.29 -12.52
CA PRO A 115 0.39 25.71 -12.20
C PRO A 115 1.85 26.19 -12.39
N ASP A 116 2.19 27.31 -11.77
CA ASP A 116 3.53 27.92 -11.86
C ASP A 116 4.68 26.99 -11.48
N GLN A 117 4.38 25.89 -10.78
CA GLN A 117 5.37 24.90 -10.44
C GLN A 117 6.15 24.43 -11.67
N ALA A 118 5.47 24.26 -12.80
CA ALA A 118 6.15 23.84 -14.01
C ALA A 118 7.18 24.89 -14.43
N GLU A 119 6.82 26.16 -14.33
CA GLU A 119 7.68 27.25 -14.77
C GLU A 119 8.90 27.35 -13.87
N TYR A 120 8.71 27.14 -12.59
CA TYR A 120 9.82 27.12 -11.63
C TYR A 120 10.70 25.90 -11.93
N CYS A 121 10.10 24.83 -12.42
CA CYS A 121 10.85 23.63 -12.78
C CYS A 121 11.65 23.89 -14.05
N ILE A 122 11.03 24.50 -15.05
CA ILE A 122 11.69 24.80 -16.34
C ILE A 122 12.89 25.71 -16.09
N ALA A 123 12.74 26.66 -15.17
CA ALA A 123 13.82 27.57 -14.83
C ALA A 123 15.03 26.86 -14.21
N ARG A 124 14.82 25.71 -13.58
CA ARG A 124 15.92 24.98 -12.93
C ARG A 124 16.35 23.74 -13.71
N MET A 125 15.51 23.24 -14.58
CA MET A 125 15.84 22.06 -15.38
C MET A 125 16.98 22.43 -16.31
N ALA A 126 17.71 21.44 -16.76
CA ALA A 126 18.87 21.68 -17.59
C ALA A 126 18.38 21.80 -19.03
N PRO A 127 18.97 22.68 -19.85
CA PRO A 127 18.52 22.81 -21.23
C PRO A 127 19.00 21.65 -22.10
N TYR A 128 18.19 21.31 -23.09
CA TYR A 128 18.48 20.20 -24.00
C TYR A 128 18.79 20.66 -25.42
N THR A 129 19.93 20.21 -25.95
CA THR A 129 20.34 20.53 -27.32
C THR A 129 20.75 19.24 -28.05
N GLY A 130 19.84 18.28 -28.07
CA GLY A 130 20.11 17.00 -28.72
C GLY A 130 19.47 16.89 -30.10
N PRO A 131 19.44 15.69 -30.71
CA PRO A 131 18.85 15.56 -32.05
C PRO A 131 17.33 15.71 -32.10
N ASP A 132 16.67 15.37 -31.01
CA ASP A 132 15.20 15.41 -30.92
C ASP A 132 14.76 16.72 -30.29
N SER A 133 15.66 17.69 -30.30
CA SER A 133 15.42 18.95 -29.60
C SER A 133 14.39 19.83 -30.27
N VAL A 134 13.69 20.56 -29.42
CA VAL A 134 12.62 21.45 -29.83
C VAL A 134 12.86 22.75 -29.10
N PRO A 135 12.27 23.87 -29.56
CA PRO A 135 12.49 25.16 -28.89
C PRO A 135 12.04 25.22 -27.42
N GLY A 136 12.99 24.89 -26.54
CA GLY A 136 12.75 24.93 -25.11
C GLY A 136 12.83 23.57 -24.44
N ALA A 137 13.33 22.58 -25.16
CA ALA A 137 13.52 21.23 -24.67
C ALA A 137 14.46 21.27 -23.47
N LEU A 138 14.24 20.36 -22.54
CA LEU A 138 14.99 20.34 -21.29
C LEU A 138 15.44 18.92 -21.00
N ASP A 139 16.67 18.78 -20.54
CA ASP A 139 17.19 17.47 -20.21
C ASP A 139 16.84 17.26 -18.75
N TYR A 140 15.93 16.33 -18.51
CA TYR A 140 15.47 16.07 -17.16
C TYR A 140 16.48 15.20 -16.45
N MET A 141 17.10 14.31 -17.20
CA MET A 141 18.10 13.40 -16.64
C MET A 141 19.29 14.20 -16.12
N SER A 142 19.53 15.34 -16.74
CA SER A 142 20.66 16.20 -16.38
C SER A 142 20.35 17.21 -15.27
N PHE A 143 19.07 17.38 -14.96
CA PHE A 143 18.63 18.37 -13.95
C PHE A 143 19.29 18.17 -12.59
N SER A 144 19.39 16.93 -12.12
CA SER A 144 20.02 16.66 -10.83
C SER A 144 21.52 16.99 -10.78
N THR A 145 22.11 17.33 -11.93
CA THR A 145 23.53 17.69 -11.97
C THR A 145 23.76 19.19 -12.25
N ALA A 146 22.75 19.89 -12.76
CA ALA A 146 22.90 21.30 -13.11
C ALA A 146 21.55 22.04 -13.17
N LEU A 147 21.57 23.30 -12.74
CA LEU A 147 20.40 24.18 -12.77
C LEU A 147 20.93 25.56 -13.13
N TYR A 148 20.10 26.42 -13.72
CA TYR A 148 20.56 27.75 -14.15
C TYR A 148 19.70 28.93 -13.66
N GLY A 149 18.54 28.64 -13.09
CA GLY A 149 17.63 29.70 -12.67
C GLY A 149 17.86 30.22 -11.26
N GLU A 150 18.99 29.89 -10.69
CA GLU A 150 19.34 30.32 -9.33
C GLU A 150 20.85 30.26 -9.21
N SER A 151 21.48 31.32 -8.70
CA SER A 151 22.93 31.39 -8.58
C SER A 151 23.28 32.46 -7.56
N ASP A 152 24.56 32.55 -7.22
CA ASP A 152 25.07 33.57 -6.29
C ASP A 152 25.25 34.89 -7.05
N LEU A 153 25.53 34.78 -8.33
CA LEU A 153 25.76 35.91 -9.22
C LEU A 153 25.32 35.44 -10.60
N GLY A 1 -5.84 -1.93 0.28
CA GLY A 1 -5.04 -1.25 -0.78
C GLY A 1 -5.78 -0.10 -1.45
N SER A 2 -6.36 0.80 -0.67
CA SER A 2 -7.10 1.93 -1.23
C SER A 2 -6.29 3.25 -1.15
N SER A 3 -5.08 3.19 -0.61
CA SER A 3 -4.27 4.40 -0.49
C SER A 3 -3.57 4.77 -1.81
N ILE A 4 -3.54 3.86 -2.76
CA ILE A 4 -2.98 4.15 -4.09
C ILE A 4 -3.84 5.20 -4.78
N SER A 5 -3.17 6.18 -5.38
CA SER A 5 -3.86 7.20 -6.17
C SER A 5 -4.04 6.68 -7.59
N GLN A 6 -4.93 7.28 -8.37
CA GLN A 6 -5.08 6.89 -9.76
C GLN A 6 -3.74 7.05 -10.50
N GLU A 7 -2.95 8.02 -10.05
CA GLU A 7 -1.63 8.28 -10.59
C GLU A 7 -0.64 7.22 -10.15
N GLN A 8 -0.76 6.79 -8.92
CA GLN A 8 0.10 5.71 -8.43
C GLN A 8 -0.14 4.45 -9.21
N MET A 9 -1.38 3.98 -9.25
CA MET A 9 -1.69 2.76 -10.00
C MET A 9 -1.31 2.92 -11.46
N ASN A 10 -1.29 4.14 -11.96
CA ASN A 10 -0.95 4.41 -13.34
C ASN A 10 0.50 4.06 -13.62
N GLU A 11 1.41 4.55 -12.80
CA GLU A 11 2.84 4.29 -13.01
C GLU A 11 3.16 2.82 -12.67
N PHE A 12 2.44 2.24 -11.72
CA PHE A 12 2.60 0.83 -11.41
C PHE A 12 2.22 -0.02 -12.63
N ARG A 13 1.05 0.24 -13.21
CA ARG A 13 0.61 -0.54 -14.38
C ARG A 13 1.51 -0.30 -15.59
N ALA A 14 1.91 0.94 -15.79
CA ALA A 14 2.69 1.30 -16.96
C ALA A 14 4.10 0.75 -16.85
N SER A 15 4.70 0.73 -15.67
CA SER A 15 6.05 0.18 -15.52
C SER A 15 6.04 -1.34 -15.73
N PHE A 16 5.05 -2.03 -15.17
CA PHE A 16 4.93 -3.47 -15.40
C PHE A 16 4.82 -3.71 -16.89
N ASN A 17 4.01 -2.91 -17.58
CA ASN A 17 3.81 -3.06 -19.02
C ASN A 17 5.00 -2.63 -19.90
N HIS A 18 5.76 -1.65 -19.43
CA HIS A 18 6.90 -1.15 -20.19
C HIS A 18 7.96 -2.23 -20.19
N PHE A 19 8.00 -3.01 -19.13
CA PHE A 19 9.01 -4.05 -19.02
C PHE A 19 8.42 -5.37 -19.61
N ASP A 20 7.13 -5.59 -19.46
CA ASP A 20 6.44 -6.78 -19.95
C ASP A 20 5.89 -6.51 -21.31
N ARG A 21 6.79 -6.43 -22.26
CA ARG A 21 6.45 -6.14 -23.64
C ARG A 21 5.97 -7.37 -24.35
N ASP A 22 5.99 -8.48 -23.65
CA ASP A 22 5.52 -9.77 -24.17
C ASP A 22 4.04 -9.94 -23.81
N HIS A 23 3.62 -9.11 -22.85
CA HIS A 23 2.25 -9.05 -22.35
C HIS A 23 1.80 -10.38 -21.71
N SER A 24 2.72 -11.07 -21.08
CA SER A 24 2.40 -12.34 -20.41
C SER A 24 1.62 -12.09 -19.11
N GLY A 25 1.71 -10.89 -18.60
CA GLY A 25 1.04 -10.50 -17.37
C GLY A 25 1.99 -10.71 -16.22
N THR A 26 3.18 -11.19 -16.55
CA THR A 26 4.17 -11.56 -15.58
C THR A 26 5.56 -11.29 -16.10
N LEU A 27 6.52 -11.14 -15.21
CA LEU A 27 7.91 -10.92 -15.58
C LEU A 27 8.77 -11.77 -14.70
N GLY A 28 10.04 -11.85 -15.03
CA GLY A 28 10.97 -12.63 -14.24
C GLY A 28 11.39 -11.88 -13.02
N PRO A 29 12.17 -12.51 -12.14
CA PRO A 29 12.57 -11.88 -10.89
C PRO A 29 13.54 -10.72 -11.10
N GLU A 30 14.32 -10.75 -12.16
CA GLU A 30 15.27 -9.69 -12.42
C GLU A 30 14.55 -8.50 -13.09
N GLU A 31 13.62 -8.81 -13.98
CA GLU A 31 12.91 -7.78 -14.72
C GLU A 31 12.00 -7.00 -13.79
N PHE A 32 11.23 -7.69 -12.98
CA PHE A 32 10.44 -6.98 -11.97
C PHE A 32 11.34 -6.28 -10.94
N LYS A 33 12.53 -6.81 -10.64
CA LYS A 33 13.46 -6.15 -9.69
C LYS A 33 13.80 -4.77 -10.22
N ALA A 34 14.11 -4.71 -11.52
CA ALA A 34 14.50 -3.45 -12.15
C ALA A 34 13.31 -2.55 -12.42
N CYS A 35 12.14 -3.15 -12.51
CA CYS A 35 10.90 -2.41 -12.70
C CYS A 35 10.68 -1.47 -11.50
N LEU A 36 10.99 -1.96 -10.31
CA LEU A 36 10.82 -1.19 -9.10
C LEU A 36 11.69 0.03 -9.07
N ILE A 37 12.83 -0.06 -9.74
CA ILE A 37 13.80 1.03 -9.74
C ILE A 37 13.17 2.28 -10.34
N SER A 38 12.28 2.10 -11.31
CA SER A 38 11.63 3.25 -11.96
C SER A 38 10.70 3.99 -11.00
N LEU A 39 10.31 3.33 -9.92
CA LEU A 39 9.44 3.93 -8.91
C LEU A 39 10.31 4.58 -7.82
N GLY A 40 11.60 4.26 -7.80
CA GLY A 40 12.52 4.85 -6.85
C GLY A 40 13.17 3.87 -5.89
N TYR A 41 13.25 2.60 -6.26
CA TYR A 41 13.77 1.54 -5.41
C TYR A 41 15.27 1.32 -5.70
N ASP A 42 16.04 1.17 -4.63
CA ASP A 42 17.49 0.98 -4.73
C ASP A 42 17.91 -0.50 -4.89
N ILE A 43 17.23 -1.22 -5.77
CA ILE A 43 17.49 -2.65 -5.97
C ILE A 43 18.15 -2.85 -7.35
N GLY A 44 19.35 -2.32 -7.48
CA GLY A 44 20.06 -2.23 -8.75
C GLY A 44 21.11 -3.30 -8.98
N ASN A 45 20.78 -4.53 -8.63
CA ASN A 45 21.70 -5.69 -8.74
C ASN A 45 22.93 -5.49 -7.83
N ASP A 46 22.72 -4.73 -6.77
CA ASP A 46 23.75 -4.50 -5.76
C ASP A 46 23.49 -5.50 -4.63
N PRO A 47 24.50 -5.85 -3.84
CA PRO A 47 24.22 -6.86 -2.81
C PRO A 47 23.27 -6.41 -1.72
N GLN A 48 23.07 -5.10 -1.56
CA GLN A 48 22.12 -4.62 -0.56
C GLN A 48 20.73 -4.79 -1.15
N GLY A 49 20.63 -4.51 -2.45
CA GLY A 49 19.37 -4.66 -3.12
C GLY A 49 18.98 -6.11 -3.21
N GLU A 50 19.92 -6.97 -3.54
CA GLU A 50 19.64 -8.41 -3.62
C GLU A 50 19.14 -8.96 -2.28
N ALA A 51 19.64 -8.38 -1.18
CA ALA A 51 19.24 -8.83 0.13
C ALA A 51 17.73 -8.54 0.39
N GLU A 52 17.24 -7.43 -0.13
CA GLU A 52 15.84 -7.05 0.08
C GLU A 52 14.98 -7.61 -1.06
N PHE A 53 15.61 -7.99 -2.14
CA PHE A 53 14.92 -8.64 -3.25
C PHE A 53 14.69 -10.11 -2.90
N ALA A 54 15.64 -10.70 -2.18
CA ALA A 54 15.56 -12.10 -1.78
C ALA A 54 14.31 -12.39 -0.94
N ARG A 55 13.88 -11.40 -0.15
CA ARG A 55 12.69 -11.55 0.64
C ARG A 55 11.45 -11.23 -0.21
N ILE A 56 11.58 -10.40 -1.21
CA ILE A 56 10.45 -10.05 -2.07
C ILE A 56 10.04 -11.25 -2.91
N MET A 57 10.99 -11.93 -3.54
CA MET A 57 10.68 -13.06 -4.42
C MET A 57 9.96 -14.17 -3.68
N SER A 58 10.19 -14.28 -2.38
CA SER A 58 9.56 -15.34 -1.61
C SER A 58 8.10 -15.00 -1.27
N ILE A 59 7.72 -13.73 -1.41
CA ILE A 59 6.35 -13.29 -1.11
C ILE A 59 5.52 -13.35 -2.36
N VAL A 60 6.08 -12.87 -3.44
CA VAL A 60 5.34 -12.77 -4.68
C VAL A 60 5.33 -14.09 -5.44
N ASP A 61 6.17 -15.02 -5.02
CA ASP A 61 6.31 -16.30 -5.68
C ASP A 61 6.84 -17.40 -4.71
N PRO A 62 6.03 -17.75 -3.70
CA PRO A 62 6.56 -18.81 -2.82
C PRO A 62 6.59 -20.20 -3.49
N ASN A 63 5.89 -20.31 -4.62
CA ASN A 63 5.83 -21.58 -5.35
C ASN A 63 7.06 -21.74 -6.21
N ARG A 64 7.87 -20.69 -6.29
CA ARG A 64 9.12 -20.67 -7.04
C ARG A 64 8.90 -20.96 -8.53
N LEU A 65 7.84 -20.37 -9.08
CA LEU A 65 7.51 -20.46 -10.49
C LEU A 65 8.56 -19.73 -11.30
N GLY A 66 9.19 -18.78 -10.66
CA GLY A 66 10.23 -18.00 -11.29
C GLY A 66 9.67 -16.81 -12.02
N VAL A 67 8.43 -16.44 -11.69
CA VAL A 67 7.75 -15.34 -12.39
C VAL A 67 6.93 -14.59 -11.37
N VAL A 68 6.68 -13.31 -11.66
CA VAL A 68 5.95 -12.44 -10.76
C VAL A 68 4.88 -11.68 -11.56
N THR A 69 3.64 -11.62 -11.06
CA THR A 69 2.53 -10.93 -11.76
C THR A 69 2.39 -9.55 -11.17
N PHE A 70 1.78 -8.64 -11.94
CA PHE A 70 1.55 -7.27 -11.46
C PHE A 70 0.91 -7.22 -10.09
N GLN A 71 -0.09 -8.07 -9.91
CA GLN A 71 -0.81 -8.09 -8.64
C GLN A 71 0.08 -8.55 -7.51
N ALA A 72 1.06 -9.40 -7.80
CA ALA A 72 1.87 -9.97 -6.73
C ALA A 72 2.81 -8.94 -6.11
N PHE A 73 3.45 -8.11 -6.92
CA PHE A 73 4.29 -7.08 -6.33
C PHE A 73 3.41 -6.05 -5.57
N ILE A 74 2.20 -5.84 -6.07
CA ILE A 74 1.25 -4.94 -5.39
C ILE A 74 0.88 -5.55 -4.04
N ASP A 75 0.90 -6.86 -3.96
CA ASP A 75 0.51 -7.52 -2.72
C ASP A 75 1.39 -7.09 -1.59
N PHE A 76 2.68 -6.95 -1.84
CA PHE A 76 3.57 -6.47 -0.80
C PHE A 76 3.62 -4.96 -0.74
N MET A 77 3.30 -4.26 -1.82
CA MET A 77 3.34 -2.81 -1.78
C MET A 77 2.24 -2.37 -0.79
N SER A 78 1.15 -3.12 -0.77
CA SER A 78 0.06 -2.84 0.16
C SER A 78 0.45 -3.11 1.61
N ARG A 79 1.46 -3.94 1.82
CA ARG A 79 1.96 -4.24 3.15
C ARG A 79 2.95 -3.16 3.58
N GLU A 80 3.55 -2.51 2.61
CA GLU A 80 4.47 -1.41 2.91
C GLU A 80 3.64 -0.18 3.28
N THR A 81 2.49 -0.05 2.61
CA THR A 81 1.55 1.02 2.86
C THR A 81 0.78 0.73 4.17
N ALA A 82 0.48 -0.55 4.40
CA ALA A 82 -0.21 -1.04 5.60
C ALA A 82 -1.59 -0.40 5.85
N ASP A 83 -2.27 -0.05 4.78
CA ASP A 83 -3.60 0.54 4.89
C ASP A 83 -4.62 -0.57 5.23
N THR A 84 -5.66 -0.19 5.95
CA THR A 84 -6.65 -1.14 6.49
C THR A 84 -8.08 -0.83 6.05
N ASP A 85 -8.23 -0.41 4.80
CA ASP A 85 -9.57 -0.07 4.26
C ASP A 85 -10.54 -1.24 4.27
N THR A 86 -11.82 -0.97 4.48
CA THR A 86 -12.87 -2.00 4.51
C THR A 86 -13.02 -2.70 3.17
N ALA A 87 -12.63 -2.04 2.09
CA ALA A 87 -12.71 -2.60 0.75
C ALA A 87 -11.69 -3.74 0.58
N ASP A 88 -10.60 -3.67 1.34
CA ASP A 88 -9.55 -4.66 1.23
C ASP A 88 -10.05 -6.04 1.66
N GLN A 89 -11.01 -6.05 2.59
CA GLN A 89 -11.58 -7.30 3.06
C GLN A 89 -12.17 -8.13 1.93
N VAL A 90 -13.01 -7.49 1.12
CA VAL A 90 -13.68 -8.19 0.04
C VAL A 90 -12.68 -8.38 -1.09
N MET A 91 -11.69 -7.50 -1.19
CA MET A 91 -10.68 -7.60 -2.21
C MET A 91 -9.82 -8.82 -2.04
N ALA A 92 -9.56 -9.17 -0.77
CA ALA A 92 -8.78 -10.35 -0.46
C ALA A 92 -9.43 -11.59 -1.08
N SER A 93 -10.77 -11.68 -1.05
CA SER A 93 -11.44 -12.86 -1.63
C SER A 93 -11.20 -12.94 -3.13
N PHE A 94 -11.35 -11.83 -3.84
CA PHE A 94 -11.11 -11.81 -5.28
C PHE A 94 -9.66 -12.09 -5.58
N LYS A 95 -8.75 -11.53 -4.78
CA LYS A 95 -7.32 -11.64 -5.03
C LYS A 95 -6.86 -13.11 -5.06
N ILE A 96 -7.53 -13.93 -4.29
CA ILE A 96 -7.17 -15.36 -4.20
C ILE A 96 -7.42 -16.01 -5.55
N LEU A 97 -8.53 -15.69 -6.20
CA LEU A 97 -8.85 -16.32 -7.47
C LEU A 97 -8.24 -15.57 -8.64
N ALA A 98 -7.99 -14.27 -8.45
CA ALA A 98 -7.50 -13.40 -9.50
C ALA A 98 -5.99 -13.38 -9.58
N GLY A 99 -5.33 -14.04 -8.62
CA GLY A 99 -3.89 -14.11 -8.55
C GLY A 99 -3.19 -14.61 -9.79
N ASP A 100 -3.87 -15.45 -10.57
CA ASP A 100 -3.32 -15.94 -11.83
C ASP A 100 -3.27 -14.83 -12.90
N LYS A 101 -4.01 -13.76 -12.67
CA LYS A 101 -4.07 -12.63 -13.64
C LYS A 101 -3.85 -11.28 -12.90
N ASN A 102 -4.27 -10.17 -13.53
CA ASN A 102 -4.26 -8.87 -12.86
C ASN A 102 -5.67 -8.28 -12.94
N TYR A 103 -6.63 -9.12 -13.28
CA TYR A 103 -8.01 -8.71 -13.45
C TYR A 103 -8.94 -9.90 -13.22
N ILE A 104 -10.23 -9.64 -13.26
CA ILE A 104 -11.27 -10.64 -12.98
C ILE A 104 -12.38 -10.51 -14.01
N THR A 105 -13.10 -11.57 -14.31
CA THR A 105 -14.25 -11.42 -15.19
C THR A 105 -15.58 -11.44 -14.42
N MET A 106 -16.61 -10.96 -15.09
CA MET A 106 -17.97 -10.95 -14.51
C MET A 106 -18.44 -12.40 -14.19
N ASP A 107 -17.94 -13.37 -14.95
CA ASP A 107 -18.32 -14.75 -14.74
C ASP A 107 -17.55 -15.34 -13.57
N GLU A 108 -16.28 -14.98 -13.51
CA GLU A 108 -15.40 -15.48 -12.43
C GLU A 108 -15.83 -15.01 -11.06
N LEU A 109 -16.11 -13.72 -10.91
CA LEU A 109 -16.50 -13.24 -9.60
C LEU A 109 -17.89 -13.81 -9.21
N ARG A 110 -18.63 -14.33 -10.18
CA ARG A 110 -19.93 -14.95 -9.91
C ARG A 110 -19.72 -16.27 -9.15
N ARG A 111 -18.51 -16.82 -9.17
CA ARG A 111 -18.22 -18.08 -8.47
C ARG A 111 -18.13 -17.84 -6.98
N GLU A 112 -17.81 -16.61 -6.62
CA GLU A 112 -17.66 -16.22 -5.23
C GLU A 112 -19.03 -15.90 -4.62
N LEU A 113 -19.81 -15.12 -5.35
CA LEU A 113 -21.11 -14.69 -4.86
C LEU A 113 -22.17 -14.93 -5.95
N PRO A 114 -22.71 -16.14 -6.03
CA PRO A 114 -23.75 -16.33 -7.06
C PRO A 114 -25.06 -15.52 -6.94
N PRO A 115 -25.47 -15.02 -5.74
CA PRO A 115 -26.70 -14.20 -5.85
C PRO A 115 -26.41 -12.79 -6.39
N ASP A 116 -27.38 -11.89 -6.31
CA ASP A 116 -27.24 -10.49 -6.76
C ASP A 116 -26.03 -9.74 -6.24
N GLN A 117 -25.40 -10.25 -5.20
CA GLN A 117 -24.16 -9.66 -4.71
C GLN A 117 -23.13 -9.50 -5.82
N ALA A 118 -23.05 -10.48 -6.71
CA ALA A 118 -22.16 -10.35 -7.88
C ALA A 118 -22.58 -9.20 -8.80
N GLU A 119 -23.87 -9.02 -8.98
CA GLU A 119 -24.41 -8.00 -9.86
C GLU A 119 -24.11 -6.63 -9.27
N TYR A 120 -24.24 -6.52 -7.94
CA TYR A 120 -23.89 -5.29 -7.22
C TYR A 120 -22.39 -5.05 -7.29
N CYS A 121 -21.61 -6.12 -7.35
CA CYS A 121 -20.17 -5.96 -7.44
C CYS A 121 -19.82 -5.47 -8.85
N ILE A 122 -20.38 -6.05 -9.88
CA ILE A 122 -20.14 -5.64 -11.25
C ILE A 122 -20.56 -4.17 -11.45
N ALA A 123 -21.66 -3.77 -10.84
CA ALA A 123 -22.16 -2.40 -10.92
C ALA A 123 -21.26 -1.36 -10.27
N ARG A 124 -20.22 -1.80 -9.58
CA ARG A 124 -19.27 -0.88 -8.91
C ARG A 124 -17.85 -1.10 -9.40
N MET A 125 -17.50 -2.35 -9.65
CA MET A 125 -16.14 -2.75 -10.04
C MET A 125 -15.70 -2.12 -11.37
N ALA A 126 -14.44 -1.73 -11.41
CA ALA A 126 -13.88 -0.98 -12.52
C ALA A 126 -13.75 -1.83 -13.77
N PRO A 127 -14.02 -1.26 -14.96
CA PRO A 127 -13.83 -2.06 -16.18
C PRO A 127 -12.36 -2.26 -16.53
N TYR A 128 -12.07 -3.36 -17.18
CA TYR A 128 -10.70 -3.69 -17.59
C TYR A 128 -10.52 -3.58 -19.09
N THR A 129 -9.36 -3.09 -19.50
CA THR A 129 -8.99 -3.05 -20.89
C THR A 129 -7.52 -3.38 -20.86
N GLY A 130 -7.08 -4.27 -21.76
CA GLY A 130 -5.70 -4.69 -21.76
C GLY A 130 -5.47 -5.80 -22.74
N PRO A 131 -4.26 -6.40 -22.78
CA PRO A 131 -4.00 -7.48 -23.75
C PRO A 131 -4.78 -8.77 -23.50
N ASP A 132 -5.05 -9.07 -22.23
CA ASP A 132 -5.71 -10.30 -21.85
C ASP A 132 -7.21 -10.03 -21.62
N SER A 133 -7.68 -8.94 -22.20
CA SER A 133 -9.06 -8.52 -21.96
C SER A 133 -10.10 -9.31 -22.72
N VAL A 134 -11.29 -9.29 -22.17
CA VAL A 134 -12.46 -9.99 -22.74
C VAL A 134 -13.60 -8.98 -22.58
N PRO A 135 -14.73 -9.14 -23.33
CA PRO A 135 -15.80 -8.13 -23.22
C PRO A 135 -16.59 -8.16 -21.89
N GLY A 136 -16.09 -8.91 -20.92
CA GLY A 136 -16.68 -8.95 -19.59
C GLY A 136 -15.59 -8.93 -18.55
N ALA A 137 -14.54 -8.18 -18.85
CA ALA A 137 -13.37 -8.08 -17.97
C ALA A 137 -13.50 -6.85 -17.07
N LEU A 138 -13.10 -7.02 -15.81
CA LEU A 138 -13.15 -5.96 -14.82
C LEU A 138 -11.83 -5.96 -14.06
N ASP A 139 -11.30 -4.80 -13.75
CA ASP A 139 -10.05 -4.70 -13.04
C ASP A 139 -10.39 -4.70 -11.57
N TYR A 140 -10.22 -5.85 -10.95
CA TYR A 140 -10.55 -6.00 -9.52
C TYR A 140 -9.57 -5.21 -8.69
N MET A 141 -8.32 -5.21 -9.09
CA MET A 141 -7.27 -4.51 -8.33
C MET A 141 -7.58 -3.00 -8.31
N SER A 142 -8.31 -2.55 -9.35
CA SER A 142 -8.69 -1.14 -9.48
C SER A 142 -9.87 -0.74 -8.62
N PHE A 143 -10.76 -1.70 -8.36
CA PHE A 143 -12.00 -1.49 -7.59
C PHE A 143 -11.77 -1.00 -6.17
N SER A 144 -10.71 -1.47 -5.51
CA SER A 144 -10.41 -0.97 -4.17
C SER A 144 -10.18 0.54 -4.16
N THR A 145 -9.69 1.11 -5.25
CA THR A 145 -9.35 2.53 -5.30
C THR A 145 -10.43 3.37 -5.99
N ALA A 146 -11.31 2.73 -6.75
CA ALA A 146 -12.34 3.45 -7.47
C ALA A 146 -13.58 2.58 -7.77
N LEU A 147 -14.74 3.17 -7.58
CA LEU A 147 -16.01 2.49 -7.89
C LEU A 147 -16.90 3.61 -8.47
N TYR A 148 -17.84 3.25 -9.33
CA TYR A 148 -18.66 4.25 -9.99
C TYR A 148 -20.13 4.02 -9.70
N GLY A 149 -20.41 2.89 -9.06
CA GLY A 149 -21.78 2.54 -8.72
C GLY A 149 -22.17 3.28 -7.48
N GLU A 150 -22.89 4.36 -7.72
CA GLU A 150 -23.43 5.25 -6.69
C GLU A 150 -24.24 4.50 -5.62
N SER A 151 -24.27 5.04 -4.42
CA SER A 151 -24.91 4.35 -3.30
C SER A 151 -26.44 4.20 -3.44
N ASP A 152 -26.97 3.03 -3.07
CA ASP A 152 -28.40 2.73 -3.18
C ASP A 152 -29.18 3.42 -2.06
N LEU A 153 -28.45 3.82 -1.02
CA LEU A 153 -29.01 4.50 0.16
C LEU A 153 -28.22 5.76 0.32
N GLY A 1 1.43 4.42 6.36
CA GLY A 1 0.17 3.92 5.76
C GLY A 1 -0.41 4.90 4.78
N SER A 2 -0.76 4.46 3.57
CA SER A 2 -1.37 5.33 2.56
C SER A 2 -2.19 4.42 1.66
N SER A 3 -2.81 4.98 0.64
CA SER A 3 -3.58 4.18 -0.33
C SER A 3 -3.18 4.66 -1.72
N ILE A 4 -3.23 3.76 -2.69
CA ILE A 4 -2.85 4.08 -4.06
C ILE A 4 -3.78 5.14 -4.66
N SER A 5 -3.16 6.15 -5.27
CA SER A 5 -3.88 7.21 -5.98
C SER A 5 -4.14 6.72 -7.40
N GLN A 6 -4.98 7.39 -8.17
CA GLN A 6 -5.21 6.95 -9.54
C GLN A 6 -3.91 7.02 -10.36
N GLU A 7 -3.09 8.03 -10.09
CA GLU A 7 -1.83 8.21 -10.78
C GLU A 7 -0.81 7.17 -10.31
N GLN A 8 -1.02 6.60 -9.13
CA GLN A 8 -0.10 5.60 -8.61
C GLN A 8 -0.30 4.30 -9.37
N MET A 9 -1.52 3.76 -9.36
CA MET A 9 -1.78 2.54 -10.09
C MET A 9 -1.43 2.70 -11.57
N ASN A 10 -1.47 3.94 -12.05
CA ASN A 10 -1.13 4.27 -13.43
C ASN A 10 0.33 3.91 -13.70
N GLU A 11 1.25 4.43 -12.88
CA GLU A 11 2.67 4.19 -13.10
C GLU A 11 3.02 2.75 -12.75
N PHE A 12 2.34 2.19 -11.75
CA PHE A 12 2.57 0.80 -11.41
C PHE A 12 2.23 -0.11 -12.60
N ARG A 13 1.12 0.18 -13.26
CA ARG A 13 0.74 -0.61 -14.44
C ARG A 13 1.69 -0.31 -15.58
N ALA A 14 2.03 0.95 -15.76
CA ALA A 14 2.89 1.36 -16.85
C ALA A 14 4.30 0.76 -16.76
N SER A 15 4.86 0.68 -15.57
CA SER A 15 6.21 0.14 -15.41
C SER A 15 6.20 -1.36 -15.71
N PHE A 16 5.18 -2.08 -15.23
CA PHE A 16 5.05 -3.51 -15.51
C PHE A 16 4.93 -3.69 -17.02
N ASN A 17 4.17 -2.82 -17.67
CA ASN A 17 3.97 -2.85 -19.11
C ASN A 17 5.21 -2.44 -19.93
N HIS A 18 6.04 -1.59 -19.35
CA HIS A 18 7.24 -1.12 -20.03
C HIS A 18 8.27 -2.22 -20.13
N PHE A 19 8.32 -3.07 -19.10
CA PHE A 19 9.26 -4.18 -19.08
C PHE A 19 8.61 -5.43 -19.70
N ASP A 20 7.31 -5.65 -19.45
CA ASP A 20 6.60 -6.81 -20.00
C ASP A 20 5.98 -6.40 -21.32
N ARG A 21 6.84 -6.21 -22.30
CA ARG A 21 6.39 -5.85 -23.64
C ARG A 21 5.77 -7.04 -24.35
N ASP A 22 5.84 -8.21 -23.71
CA ASP A 22 5.25 -9.42 -24.27
C ASP A 22 3.80 -9.51 -23.80
N HIS A 23 3.49 -8.68 -22.78
CA HIS A 23 2.18 -8.60 -22.16
C HIS A 23 1.68 -9.96 -21.66
N SER A 24 2.60 -10.78 -21.15
CA SER A 24 2.27 -12.09 -20.61
C SER A 24 1.54 -11.94 -19.28
N GLY A 25 1.73 -10.79 -18.65
CA GLY A 25 1.10 -10.50 -17.37
C GLY A 25 2.04 -10.78 -16.21
N THR A 26 3.23 -11.25 -16.54
CA THR A 26 4.25 -11.63 -15.55
C THR A 26 5.64 -11.35 -16.06
N LEU A 27 6.61 -11.29 -15.15
CA LEU A 27 8.01 -11.10 -15.52
C LEU A 27 8.87 -11.91 -14.59
N GLY A 28 10.17 -11.96 -14.86
CA GLY A 28 11.09 -12.73 -14.05
C GLY A 28 11.43 -11.99 -12.77
N PRO A 29 12.19 -12.61 -11.85
CA PRO A 29 12.53 -11.97 -10.56
C PRO A 29 13.39 -10.73 -10.71
N GLU A 30 14.29 -10.71 -11.69
CA GLU A 30 15.15 -9.54 -11.91
C GLU A 30 14.42 -8.47 -12.72
N GLU A 31 13.59 -8.90 -13.65
CA GLU A 31 12.86 -7.95 -14.50
C GLU A 31 11.91 -7.11 -13.65
N PHE A 32 11.08 -7.76 -12.85
CA PHE A 32 10.22 -7.03 -11.92
C PHE A 32 11.00 -6.26 -10.87
N LYS A 33 12.21 -6.69 -10.55
CA LYS A 33 13.03 -5.94 -9.60
C LYS A 33 13.51 -4.62 -10.21
N ALA A 34 13.91 -4.66 -11.48
CA ALA A 34 14.36 -3.45 -12.16
C ALA A 34 13.18 -2.54 -12.48
N CYS A 35 12.01 -3.14 -12.57
CA CYS A 35 10.76 -2.42 -12.79
C CYS A 35 10.48 -1.52 -11.58
N LEU A 36 10.91 -1.94 -10.40
CA LEU A 36 10.74 -1.14 -9.19
C LEU A 36 11.67 0.06 -9.20
N ILE A 37 12.85 -0.12 -9.78
CA ILE A 37 13.83 0.97 -9.81
C ILE A 37 13.23 2.18 -10.52
N SER A 38 12.40 1.92 -11.52
CA SER A 38 11.73 2.98 -12.28
C SER A 38 10.79 3.82 -11.41
N LEU A 39 10.41 3.29 -10.26
CA LEU A 39 9.53 3.98 -9.33
C LEU A 39 10.35 4.73 -8.28
N GLY A 40 11.58 4.26 -8.07
CA GLY A 40 12.49 4.86 -7.10
C GLY A 40 13.05 3.90 -6.07
N TYR A 41 13.16 2.61 -6.41
CA TYR A 41 13.67 1.60 -5.48
C TYR A 41 15.16 1.42 -5.72
N ASP A 42 15.91 1.37 -4.64
CA ASP A 42 17.37 1.21 -4.68
C ASP A 42 17.74 -0.28 -4.69
N ILE A 43 17.10 -1.02 -5.59
CA ILE A 43 17.26 -2.48 -5.67
C ILE A 43 17.82 -2.86 -7.04
N GLY A 44 19.12 -2.69 -7.20
CA GLY A 44 19.79 -2.93 -8.47
C GLY A 44 20.87 -4.00 -8.38
N ASN A 45 20.51 -5.10 -7.72
CA ASN A 45 21.41 -6.26 -7.46
C ASN A 45 22.52 -5.91 -6.48
N ASP A 46 22.33 -4.80 -5.76
CA ASP A 46 23.24 -4.36 -4.70
C ASP A 46 23.11 -5.36 -3.56
N PRO A 47 24.09 -5.42 -2.63
CA PRO A 47 23.85 -6.44 -1.60
C PRO A 47 22.66 -6.12 -0.71
N GLN A 48 22.33 -4.83 -0.59
CA GLN A 48 21.21 -4.40 0.22
C GLN A 48 19.94 -4.68 -0.57
N GLY A 49 20.00 -4.41 -1.85
CA GLY A 49 18.87 -4.64 -2.71
C GLY A 49 18.52 -6.10 -2.73
N GLU A 50 19.49 -6.97 -2.91
CA GLU A 50 19.24 -8.40 -2.92
C GLU A 50 18.72 -8.91 -1.60
N ALA A 51 19.09 -8.27 -0.51
CA ALA A 51 18.62 -8.67 0.80
C ALA A 51 17.10 -8.45 0.89
N GLU A 52 16.65 -7.30 0.40
CA GLU A 52 15.23 -6.94 0.50
C GLU A 52 14.45 -7.55 -0.66
N PHE A 53 15.14 -7.92 -1.70
CA PHE A 53 14.52 -8.59 -2.83
C PHE A 53 14.30 -10.05 -2.46
N ALA A 54 15.15 -10.57 -1.59
CA ALA A 54 15.04 -11.96 -1.16
C ALA A 54 13.71 -12.20 -0.44
N ARG A 55 13.25 -11.20 0.30
CA ARG A 55 11.99 -11.37 1.02
C ARG A 55 10.86 -11.17 0.01
N ILE A 56 11.08 -10.32 -0.97
CA ILE A 56 10.04 -10.01 -1.96
C ILE A 56 9.74 -11.22 -2.80
N MET A 57 10.76 -11.86 -3.35
CA MET A 57 10.57 -13.03 -4.21
C MET A 57 9.88 -14.17 -3.46
N SER A 58 10.05 -14.20 -2.15
CA SER A 58 9.43 -15.23 -1.32
C SER A 58 7.96 -14.97 -1.04
N ILE A 59 7.53 -13.73 -1.24
CA ILE A 59 6.15 -13.32 -0.96
C ILE A 59 5.33 -13.35 -2.23
N VAL A 60 5.88 -12.79 -3.29
CA VAL A 60 5.15 -12.71 -4.54
C VAL A 60 5.11 -14.03 -5.27
N ASP A 61 5.97 -14.94 -4.82
CA ASP A 61 6.10 -16.25 -5.46
C ASP A 61 6.53 -17.33 -4.48
N PRO A 62 5.63 -17.68 -3.53
CA PRO A 62 6.03 -18.72 -2.57
C PRO A 62 6.06 -20.11 -3.21
N ASN A 63 5.48 -20.23 -4.39
CA ASN A 63 5.41 -21.50 -5.09
C ASN A 63 6.64 -21.73 -5.93
N ARG A 64 7.50 -20.72 -5.99
CA ARG A 64 8.75 -20.77 -6.75
C ARG A 64 8.50 -21.07 -8.23
N LEU A 65 7.53 -20.36 -8.78
CA LEU A 65 7.19 -20.43 -10.20
C LEU A 65 8.28 -19.75 -11.02
N GLY A 66 9.01 -18.86 -10.36
CA GLY A 66 10.09 -18.13 -10.99
C GLY A 66 9.59 -16.90 -11.72
N VAL A 67 8.39 -16.46 -11.37
CA VAL A 67 7.76 -15.32 -12.06
C VAL A 67 6.97 -14.49 -11.08
N VAL A 68 6.76 -13.23 -11.42
CA VAL A 68 6.00 -12.31 -10.59
C VAL A 68 4.98 -11.59 -11.47
N THR A 69 3.72 -11.54 -11.01
CA THR A 69 2.67 -10.85 -11.76
C THR A 69 2.44 -9.46 -11.18
N PHE A 70 1.84 -8.59 -11.97
CA PHE A 70 1.56 -7.21 -11.54
C PHE A 70 0.87 -7.20 -10.18
N GLN A 71 -0.10 -8.07 -9.99
CA GLN A 71 -0.88 -8.04 -8.78
C GLN A 71 -0.07 -8.57 -7.61
N ALA A 72 0.97 -9.35 -7.89
CA ALA A 72 1.74 -9.94 -6.80
C ALA A 72 2.65 -8.91 -6.17
N PHE A 73 3.28 -8.05 -6.96
CA PHE A 73 4.14 -7.03 -6.36
C PHE A 73 3.28 -6.00 -5.60
N ILE A 74 2.06 -5.78 -6.07
CA ILE A 74 1.10 -4.89 -5.40
C ILE A 74 0.74 -5.43 -4.02
N ASP A 75 0.82 -6.74 -3.85
CA ASP A 75 0.48 -7.33 -2.57
C ASP A 75 1.44 -6.83 -1.49
N PHE A 76 2.72 -6.78 -1.80
CA PHE A 76 3.68 -6.29 -0.81
C PHE A 76 3.75 -4.78 -0.77
N MET A 77 3.38 -4.09 -1.84
CA MET A 77 3.45 -2.64 -1.84
C MET A 77 2.50 -2.11 -0.76
N SER A 78 1.40 -2.84 -0.56
CA SER A 78 0.41 -2.50 0.46
C SER A 78 1.00 -2.63 1.86
N ARG A 79 1.98 -3.51 2.00
CA ARG A 79 2.65 -3.75 3.28
C ARG A 79 3.80 -2.77 3.49
N GLU A 80 4.45 -2.38 2.41
CA GLU A 80 5.60 -1.47 2.51
C GLU A 80 5.17 -0.06 2.82
N THR A 81 4.02 0.35 2.30
CA THR A 81 3.51 1.67 2.65
C THR A 81 3.00 1.66 4.09
N ALA A 82 2.86 0.47 4.67
CA ALA A 82 2.34 0.32 6.01
C ALA A 82 3.43 0.40 7.07
N ASP A 83 4.50 -0.36 6.89
CA ASP A 83 5.59 -0.44 7.86
C ASP A 83 6.86 -0.94 7.17
N THR A 84 7.99 -0.88 7.86
CA THR A 84 9.29 -1.35 7.34
C THR A 84 9.88 -2.36 8.32
N ASP A 85 10.19 -3.55 7.83
CA ASP A 85 10.74 -4.59 8.71
C ASP A 85 12.14 -4.26 9.19
N THR A 86 12.28 -4.09 10.49
CA THR A 86 13.56 -3.77 11.10
C THR A 86 14.54 -4.93 11.07
N ALA A 87 14.04 -6.15 10.95
CA ALA A 87 14.91 -7.32 10.91
C ALA A 87 15.65 -7.35 9.57
N ASP A 88 14.95 -6.99 8.51
CA ASP A 88 15.54 -6.98 7.17
C ASP A 88 16.69 -5.98 7.10
N GLN A 89 16.54 -4.85 7.79
CA GLN A 89 17.59 -3.81 7.80
C GLN A 89 18.91 -4.33 8.36
N VAL A 90 18.84 -4.96 9.53
CA VAL A 90 20.04 -5.45 10.20
C VAL A 90 20.60 -6.64 9.44
N MET A 91 19.73 -7.42 8.81
CA MET A 91 20.18 -8.57 8.04
C MET A 91 20.97 -8.13 6.82
N ALA A 92 20.52 -7.05 6.19
CA ALA A 92 21.20 -6.50 5.02
C ALA A 92 22.63 -6.09 5.38
N SER A 93 22.82 -5.56 6.58
CA SER A 93 24.15 -5.16 7.05
C SER A 93 25.10 -6.34 7.19
N PHE A 94 24.64 -7.46 7.75
CA PHE A 94 25.52 -8.62 7.92
C PHE A 94 25.90 -9.18 6.57
N LYS A 95 24.99 -9.03 5.60
CA LYS A 95 25.21 -9.54 4.25
C LYS A 95 26.39 -8.86 3.57
N ILE A 96 26.74 -7.69 4.07
CA ILE A 96 27.87 -6.95 3.52
C ILE A 96 29.16 -7.63 3.95
N LEU A 97 29.27 -7.93 5.23
CA LEU A 97 30.55 -8.43 5.76
C LEU A 97 30.66 -9.94 5.57
N ALA A 98 29.52 -10.62 5.54
CA ALA A 98 29.50 -12.05 5.40
C ALA A 98 29.34 -12.50 3.97
N GLY A 99 29.40 -11.54 3.04
CA GLY A 99 29.43 -11.88 1.63
C GLY A 99 30.73 -12.59 1.34
N ASP A 100 31.72 -12.37 2.21
CA ASP A 100 33.01 -13.06 2.13
C ASP A 100 32.84 -14.56 2.36
N LYS A 101 31.82 -14.94 3.14
CA LYS A 101 31.59 -16.36 3.45
C LYS A 101 30.12 -16.70 3.16
N ASN A 102 29.57 -17.67 3.88
CA ASN A 102 28.14 -17.97 3.78
C ASN A 102 27.53 -18.02 5.17
N TYR A 103 28.27 -17.51 6.13
CA TYR A 103 27.87 -17.53 7.54
C TYR A 103 28.64 -16.43 8.24
N ILE A 104 28.39 -16.28 9.53
CA ILE A 104 29.01 -15.25 10.32
C ILE A 104 29.50 -15.85 11.63
N THR A 105 30.51 -15.28 12.24
CA THR A 105 30.93 -15.76 13.55
C THR A 105 30.48 -14.77 14.57
N MET A 106 30.46 -15.23 15.81
CA MET A 106 30.10 -14.36 16.93
C MET A 106 31.06 -13.17 17.01
N ASP A 107 32.31 -13.41 16.64
CA ASP A 107 33.34 -12.39 16.67
C ASP A 107 33.14 -11.38 15.55
N GLU A 108 32.78 -11.89 14.37
CA GLU A 108 32.59 -11.05 13.20
C GLU A 108 31.39 -10.14 13.34
N LEU A 109 30.26 -10.68 13.77
CA LEU A 109 29.08 -9.84 13.94
C LEU A 109 29.31 -8.79 15.03
N ARG A 110 30.19 -9.07 15.98
CA ARG A 110 30.49 -8.10 17.04
C ARG A 110 31.31 -6.92 16.51
N ARG A 111 31.84 -7.00 15.30
CA ARG A 111 32.55 -5.84 14.74
C ARG A 111 31.54 -4.73 14.46
N GLU A 112 30.32 -5.13 14.16
CA GLU A 112 29.28 -4.17 13.78
C GLU A 112 28.61 -3.59 15.01
N LEU A 113 28.40 -4.44 16.01
CA LEU A 113 27.76 -4.03 17.24
C LEU A 113 28.61 -4.48 18.44
N PRO A 114 29.69 -3.74 18.77
CA PRO A 114 30.48 -4.21 19.91
C PRO A 114 29.81 -4.32 21.32
N PRO A 115 28.76 -3.51 21.63
CA PRO A 115 28.22 -3.75 22.97
C PRO A 115 27.29 -4.98 23.03
N ASP A 116 26.45 -5.01 24.05
CA ASP A 116 25.49 -6.09 24.32
C ASP A 116 24.60 -6.44 23.12
N GLN A 117 24.47 -5.53 22.18
CA GLN A 117 23.71 -5.77 20.96
C GLN A 117 24.14 -7.04 20.23
N ALA A 118 25.44 -7.30 20.19
CA ALA A 118 25.94 -8.50 19.56
C ALA A 118 25.49 -9.74 20.30
N GLU A 119 25.46 -9.66 21.62
CA GLU A 119 25.08 -10.81 22.44
C GLU A 119 23.60 -11.12 22.23
N TYR A 120 22.80 -10.08 22.09
CA TYR A 120 21.38 -10.24 21.79
C TYR A 120 21.23 -10.82 20.38
N CYS A 121 22.16 -10.49 19.49
CA CYS A 121 22.13 -11.02 18.13
C CYS A 121 22.49 -12.51 18.14
N ILE A 122 23.51 -12.87 18.90
CA ILE A 122 23.96 -14.27 19.01
C ILE A 122 22.84 -15.12 19.61
N ALA A 123 22.12 -14.55 20.56
CA ALA A 123 20.99 -15.22 21.20
C ALA A 123 19.82 -15.47 20.22
N ARG A 124 19.89 -14.88 19.03
CA ARG A 124 18.81 -15.03 18.05
C ARG A 124 19.26 -15.75 16.77
N MET A 125 20.49 -15.48 16.35
CA MET A 125 21.02 -16.01 15.09
C MET A 125 21.05 -17.53 15.06
N ALA A 126 20.84 -18.07 13.87
CA ALA A 126 20.75 -19.50 13.68
C ALA A 126 22.16 -20.10 13.80
N PRO A 127 22.29 -21.32 14.35
CA PRO A 127 23.62 -21.93 14.47
C PRO A 127 24.15 -22.48 13.16
N TYR A 128 25.46 -22.47 13.01
CA TYR A 128 26.13 -22.95 11.81
C TYR A 128 27.03 -24.15 12.09
N THR A 129 26.92 -25.18 11.26
CA THR A 129 27.73 -26.41 11.40
C THR A 129 28.14 -26.86 9.98
N GLY A 130 28.43 -25.89 9.14
CA GLY A 130 28.76 -26.17 7.75
C GLY A 130 30.22 -26.54 7.51
N PRO A 131 30.69 -26.51 6.25
CA PRO A 131 32.07 -26.92 5.95
C PRO A 131 33.16 -25.98 6.46
N ASP A 132 32.83 -24.70 6.63
CA ASP A 132 33.80 -23.70 7.12
C ASP A 132 33.39 -23.33 8.55
N SER A 133 32.95 -24.33 9.30
CA SER A 133 32.46 -24.07 10.65
C SER A 133 33.55 -23.97 11.69
N VAL A 134 33.23 -23.18 12.70
CA VAL A 134 34.11 -22.94 13.84
C VAL A 134 33.17 -23.03 15.04
N PRO A 135 33.70 -23.17 16.26
CA PRO A 135 32.77 -23.35 17.39
C PRO A 135 31.93 -22.11 17.74
N GLY A 136 32.21 -20.98 17.11
CA GLY A 136 31.45 -19.76 17.31
C GLY A 136 30.77 -19.32 16.03
N ALA A 137 30.37 -20.28 15.23
CA ALA A 137 29.76 -20.01 13.92
C ALA A 137 28.23 -19.94 14.01
N LEU A 138 27.67 -18.99 13.28
CA LEU A 138 26.24 -18.76 13.21
C LEU A 138 25.88 -18.52 11.76
N ASP A 139 24.76 -19.04 11.30
CA ASP A 139 24.33 -18.86 9.93
C ASP A 139 23.47 -17.61 9.89
N TYR A 140 24.02 -16.54 9.35
CA TYR A 140 23.32 -15.26 9.30
C TYR A 140 22.24 -15.34 8.23
N MET A 141 22.56 -16.01 7.13
CA MET A 141 21.66 -16.11 6.00
C MET A 141 20.40 -16.87 6.38
N SER A 142 20.51 -17.67 7.44
CA SER A 142 19.41 -18.48 7.93
C SER A 142 18.60 -17.76 9.01
N PHE A 143 19.08 -16.64 9.51
CA PHE A 143 18.40 -15.93 10.60
C PHE A 143 17.01 -15.44 10.20
N SER A 144 16.87 -14.94 8.97
CA SER A 144 15.56 -14.51 8.48
C SER A 144 14.53 -15.64 8.42
N THR A 145 14.99 -16.89 8.49
CA THR A 145 14.09 -18.04 8.41
C THR A 145 13.93 -18.76 9.76
N ALA A 146 14.82 -18.47 10.71
CA ALA A 146 14.81 -19.14 12.00
C ALA A 146 15.55 -18.32 13.07
N LEU A 147 14.89 -18.12 14.19
CA LEU A 147 15.47 -17.46 15.36
C LEU A 147 14.96 -18.23 16.56
N TYR A 148 15.78 -18.36 17.59
CA TYR A 148 15.38 -19.13 18.78
C TYR A 148 15.28 -18.26 20.03
N GLY A 149 15.69 -17.01 19.90
CA GLY A 149 15.69 -16.09 21.02
C GLY A 149 14.52 -15.12 20.99
N GLU A 150 13.44 -15.52 20.35
CA GLU A 150 12.26 -14.67 20.28
C GLU A 150 11.75 -14.48 21.71
N SER A 151 11.29 -13.28 22.04
CA SER A 151 10.87 -12.93 23.39
C SER A 151 9.45 -13.37 23.70
N ASP A 152 8.68 -13.59 22.64
CA ASP A 152 7.27 -13.98 22.77
C ASP A 152 7.14 -15.42 22.29
N LEU A 153 7.99 -16.27 22.85
CA LEU A 153 8.07 -17.70 22.47
C LEU A 153 8.10 -18.59 23.70
N GLY A 1 -5.86 3.99 6.22
CA GLY A 1 -5.51 2.67 5.64
C GLY A 1 -4.76 2.81 4.34
N SER A 2 -3.88 1.87 4.01
CA SER A 2 -3.05 1.97 2.80
C SER A 2 -3.91 2.11 1.54
N SER A 3 -3.62 3.15 0.74
CA SER A 3 -4.41 3.43 -0.47
C SER A 3 -3.56 4.03 -1.61
N ILE A 4 -3.58 3.37 -2.75
CA ILE A 4 -2.92 3.86 -3.96
C ILE A 4 -3.70 5.02 -4.57
N SER A 5 -3.00 6.02 -5.11
CA SER A 5 -3.63 7.14 -5.80
C SER A 5 -3.98 6.73 -7.24
N GLN A 6 -4.79 7.50 -7.93
CA GLN A 6 -5.13 7.14 -9.32
C GLN A 6 -3.87 7.22 -10.20
N GLU A 7 -3.01 8.18 -9.91
CA GLU A 7 -1.75 8.34 -10.63
C GLU A 7 -0.74 7.28 -10.23
N GLN A 8 -0.92 6.66 -9.06
CA GLN A 8 -0.01 5.65 -8.58
C GLN A 8 -0.20 4.37 -9.37
N MET A 9 -1.42 3.84 -9.35
CA MET A 9 -1.70 2.65 -10.13
C MET A 9 -1.38 2.85 -11.61
N ASN A 10 -1.45 4.09 -12.04
CA ASN A 10 -1.16 4.46 -13.43
C ASN A 10 0.29 4.11 -13.78
N GLU A 11 1.22 4.63 -13.01
CA GLU A 11 2.64 4.41 -13.26
C GLU A 11 3.04 2.98 -12.92
N PHE A 12 2.41 2.39 -11.92
CA PHE A 12 2.66 0.99 -11.59
C PHE A 12 2.32 0.11 -12.79
N ARG A 13 1.15 0.30 -13.37
CA ARG A 13 0.72 -0.51 -14.51
C ARG A 13 1.62 -0.24 -15.70
N ALA A 14 1.96 1.03 -15.91
CA ALA A 14 2.79 1.40 -17.05
C ALA A 14 4.20 0.82 -16.93
N SER A 15 4.78 0.80 -15.74
CA SER A 15 6.13 0.27 -15.56
C SER A 15 6.16 -1.23 -15.82
N PHE A 16 5.19 -1.96 -15.28
CA PHE A 16 5.11 -3.41 -15.52
C PHE A 16 4.92 -3.66 -17.01
N ASN A 17 4.12 -2.84 -17.68
CA ASN A 17 3.89 -2.97 -19.12
C ASN A 17 5.11 -2.58 -19.96
N HIS A 18 5.90 -1.65 -19.47
CA HIS A 18 7.09 -1.18 -20.18
C HIS A 18 8.14 -2.27 -20.24
N PHE A 19 8.23 -3.05 -19.18
CA PHE A 19 9.17 -4.16 -19.12
C PHE A 19 8.53 -5.43 -19.72
N ASP A 20 7.24 -5.66 -19.46
CA ASP A 20 6.52 -6.83 -19.97
C ASP A 20 5.96 -6.50 -21.32
N ARG A 21 6.87 -6.35 -22.26
CA ARG A 21 6.50 -6.01 -23.63
C ARG A 21 5.93 -7.23 -24.34
N ASP A 22 5.91 -8.36 -23.65
CA ASP A 22 5.36 -9.61 -24.17
C ASP A 22 3.93 -9.76 -23.65
N HIS A 23 3.52 -8.77 -22.85
CA HIS A 23 2.21 -8.72 -22.17
C HIS A 23 1.74 -10.08 -21.61
N SER A 24 2.67 -10.81 -21.02
CA SER A 24 2.38 -12.11 -20.42
C SER A 24 1.57 -11.93 -19.13
N GLY A 25 1.69 -10.75 -18.54
CA GLY A 25 1.03 -10.44 -17.28
C GLY A 25 1.95 -10.74 -16.12
N THR A 26 3.15 -11.19 -16.45
CA THR A 26 4.14 -11.63 -15.47
C THR A 26 5.54 -11.37 -16.01
N LEU A 27 6.50 -11.22 -15.12
CA LEU A 27 7.89 -11.02 -15.49
C LEU A 27 8.74 -11.85 -14.57
N GLY A 28 10.04 -11.89 -14.84
CA GLY A 28 10.94 -12.69 -14.02
C GLY A 28 11.31 -11.93 -12.75
N PRO A 29 12.03 -12.57 -11.83
CA PRO A 29 12.38 -11.91 -10.56
C PRO A 29 13.32 -10.72 -10.74
N GLU A 30 14.22 -10.80 -11.71
CA GLU A 30 15.15 -9.71 -11.95
C GLU A 30 14.47 -8.58 -12.75
N GLU A 31 13.59 -8.95 -13.65
CA GLU A 31 12.88 -7.96 -14.47
C GLU A 31 11.99 -7.09 -13.59
N PHE A 32 11.11 -7.70 -12.82
CA PHE A 32 10.29 -6.95 -11.86
C PHE A 32 11.13 -6.19 -10.85
N LYS A 33 12.30 -6.70 -10.48
CA LYS A 33 13.18 -5.97 -9.55
C LYS A 33 13.64 -4.65 -10.17
N ALA A 34 14.05 -4.69 -11.43
CA ALA A 34 14.50 -3.48 -12.12
C ALA A 34 13.32 -2.58 -12.44
N CYS A 35 12.13 -3.16 -12.54
CA CYS A 35 10.92 -2.39 -12.77
C CYS A 35 10.63 -1.49 -11.55
N LEU A 36 11.07 -1.92 -10.38
CA LEU A 36 10.89 -1.13 -9.16
C LEU A 36 11.79 0.09 -9.20
N ILE A 37 12.96 -0.07 -9.80
CA ILE A 37 13.94 1.02 -9.87
C ILE A 37 13.31 2.23 -10.60
N SER A 38 12.48 1.94 -11.59
CA SER A 38 11.78 2.98 -12.35
C SER A 38 10.84 3.80 -11.46
N LEU A 39 10.48 3.27 -10.31
CA LEU A 39 9.60 3.96 -9.37
C LEU A 39 10.41 4.70 -8.32
N GLY A 40 11.66 4.28 -8.13
CA GLY A 40 12.56 4.90 -7.16
C GLY A 40 13.06 3.95 -6.08
N TYR A 41 13.27 2.69 -6.44
CA TYR A 41 13.75 1.69 -5.48
C TYR A 41 15.25 1.47 -5.70
N ASP A 42 16.01 1.47 -4.61
CA ASP A 42 17.46 1.25 -4.64
C ASP A 42 17.80 -0.25 -4.66
N ILE A 43 17.15 -0.97 -5.57
CA ILE A 43 17.28 -2.43 -5.65
C ILE A 43 17.74 -2.81 -7.07
N GLY A 44 19.03 -2.68 -7.30
CA GLY A 44 19.60 -2.93 -8.62
C GLY A 44 20.78 -3.89 -8.59
N ASN A 45 20.55 -5.04 -7.96
CA ASN A 45 21.54 -6.11 -7.76
C ASN A 45 22.63 -5.67 -6.78
N ASP A 46 22.36 -4.58 -6.08
CA ASP A 46 23.23 -4.11 -5.02
C ASP A 46 23.14 -5.17 -3.92
N PRO A 47 24.18 -5.31 -3.09
CA PRO A 47 23.99 -6.40 -2.11
C PRO A 47 22.91 -6.09 -1.08
N GLN A 48 22.59 -4.82 -0.92
CA GLN A 48 21.54 -4.44 0.01
C GLN A 48 20.20 -4.66 -0.67
N GLY A 49 20.17 -4.38 -1.96
CA GLY A 49 18.96 -4.58 -2.74
C GLY A 49 18.63 -6.05 -2.79
N GLU A 50 19.58 -6.90 -3.06
CA GLU A 50 19.36 -8.34 -3.11
C GLU A 50 18.84 -8.87 -1.77
N ALA A 51 19.32 -8.32 -0.68
CA ALA A 51 18.90 -8.75 0.64
C ALA A 51 17.41 -8.49 0.83
N GLU A 52 16.93 -7.39 0.28
CA GLU A 52 15.53 -7.02 0.44
C GLU A 52 14.69 -7.51 -0.74
N PHE A 53 15.35 -7.93 -1.82
CA PHE A 53 14.67 -8.54 -2.94
C PHE A 53 14.37 -10.00 -2.59
N ALA A 54 15.26 -10.62 -1.83
CA ALA A 54 15.09 -11.99 -1.41
C ALA A 54 13.80 -12.19 -0.58
N ARG A 55 13.38 -11.18 0.18
CA ARG A 55 12.14 -11.27 0.93
C ARG A 55 10.97 -11.03 0.00
N ILE A 56 11.19 -10.16 -0.95
CA ILE A 56 10.12 -9.76 -1.91
C ILE A 56 9.71 -10.97 -2.74
N MET A 57 10.69 -11.66 -3.33
CA MET A 57 10.41 -12.80 -4.22
C MET A 57 9.70 -13.93 -3.46
N SER A 58 9.87 -13.98 -2.15
CA SER A 58 9.22 -14.99 -1.33
C SER A 58 7.76 -14.65 -1.04
N ILE A 59 7.38 -13.40 -1.20
CA ILE A 59 6.02 -12.94 -0.91
C ILE A 59 5.19 -12.96 -2.17
N VAL A 60 5.76 -12.44 -3.24
CA VAL A 60 5.05 -12.34 -4.50
C VAL A 60 4.95 -13.68 -5.21
N ASP A 61 5.73 -14.63 -4.76
CA ASP A 61 5.78 -15.95 -5.38
C ASP A 61 6.12 -17.05 -4.36
N PRO A 62 5.19 -17.31 -3.43
CA PRO A 62 5.48 -18.38 -2.47
C PRO A 62 5.35 -19.76 -3.13
N ASN A 63 4.75 -19.80 -4.31
CA ASN A 63 4.53 -21.04 -5.04
C ASN A 63 5.75 -21.45 -5.83
N ARG A 64 6.73 -20.56 -5.86
CA ARG A 64 8.00 -20.78 -6.56
C ARG A 64 7.79 -21.06 -8.04
N LEU A 65 6.96 -20.22 -8.65
CA LEU A 65 6.68 -20.24 -10.07
C LEU A 65 7.89 -19.68 -10.82
N GLY A 66 8.66 -18.86 -10.13
CA GLY A 66 9.84 -18.23 -10.70
C GLY A 66 9.49 -16.97 -11.46
N VAL A 67 8.30 -16.41 -11.20
CA VAL A 67 7.80 -15.24 -11.92
C VAL A 67 6.95 -14.42 -10.99
N VAL A 68 6.77 -13.14 -11.35
CA VAL A 68 6.00 -12.21 -10.54
C VAL A 68 4.96 -11.50 -11.41
N THR A 69 3.72 -11.45 -10.95
CA THR A 69 2.65 -10.76 -11.69
C THR A 69 2.46 -9.37 -11.13
N PHE A 70 1.85 -8.48 -11.91
CA PHE A 70 1.60 -7.11 -11.49
C PHE A 70 0.91 -7.08 -10.13
N GLN A 71 -0.09 -7.93 -9.96
CA GLN A 71 -0.88 -7.90 -8.73
C GLN A 71 -0.07 -8.43 -7.56
N ALA A 72 0.97 -9.20 -7.84
CA ALA A 72 1.72 -9.80 -6.75
C ALA A 72 2.65 -8.77 -6.10
N PHE A 73 3.31 -7.93 -6.88
CA PHE A 73 4.16 -6.91 -6.29
C PHE A 73 3.32 -5.88 -5.52
N ILE A 74 2.09 -5.67 -5.98
CA ILE A 74 1.15 -4.76 -5.31
C ILE A 74 0.82 -5.26 -3.91
N ASP A 75 0.90 -6.56 -3.69
CA ASP A 75 0.60 -7.07 -2.36
C ASP A 75 1.60 -6.51 -1.34
N PHE A 76 2.88 -6.53 -1.64
CA PHE A 76 3.85 -6.02 -0.68
C PHE A 76 3.88 -4.51 -0.67
N MET A 77 3.47 -3.88 -1.75
CA MET A 77 3.52 -2.41 -1.81
C MET A 77 2.57 -1.87 -0.74
N SER A 78 1.50 -2.61 -0.47
CA SER A 78 0.55 -2.24 0.56
C SER A 78 1.16 -2.27 1.96
N ARG A 79 2.21 -3.07 2.14
CA ARG A 79 2.90 -3.16 3.44
C ARG A 79 3.93 -2.06 3.56
N GLU A 80 4.47 -1.62 2.44
CA GLU A 80 5.46 -0.55 2.42
C GLU A 80 4.77 0.79 2.57
N THR A 81 3.60 0.89 1.97
CA THR A 81 2.74 2.08 2.00
C THR A 81 1.69 1.93 3.09
N ALA A 82 2.04 1.15 4.09
CA ALA A 82 1.15 0.82 5.20
C ALA A 82 0.65 2.06 5.93
N ASP A 83 -0.62 2.03 6.31
CA ASP A 83 -1.28 3.11 7.02
C ASP A 83 -2.41 2.43 7.80
N THR A 84 -2.90 3.08 8.85
CA THR A 84 -3.88 2.50 9.77
C THR A 84 -5.16 3.32 9.84
N ASP A 85 -6.03 2.99 10.79
CA ASP A 85 -7.27 3.73 11.02
C ASP A 85 -6.95 4.99 11.81
N THR A 86 -7.79 6.00 11.69
CA THR A 86 -7.56 7.27 12.38
C THR A 86 -8.58 7.40 13.51
N ALA A 87 -8.16 8.05 14.58
CA ALA A 87 -9.00 8.24 15.75
C ALA A 87 -10.17 9.18 15.46
N ASP A 88 -10.09 9.98 14.40
CA ASP A 88 -11.19 10.89 14.04
C ASP A 88 -12.45 10.09 13.72
N GLN A 89 -12.27 8.89 13.19
CA GLN A 89 -13.39 8.03 12.81
C GLN A 89 -14.29 7.72 14.00
N VAL A 90 -13.66 7.40 15.12
CA VAL A 90 -14.37 7.02 16.33
C VAL A 90 -14.74 8.27 17.13
N MET A 91 -13.92 9.32 17.03
CA MET A 91 -14.23 10.58 17.68
C MET A 91 -15.50 11.16 17.11
N ALA A 92 -15.70 10.98 15.82
CA ALA A 92 -16.89 11.48 15.16
C ALA A 92 -18.16 10.94 15.83
N SER A 93 -18.12 9.69 16.27
CA SER A 93 -19.28 9.09 16.94
C SER A 93 -19.52 9.71 18.31
N PHE A 94 -18.45 9.93 19.06
CA PHE A 94 -18.57 10.52 20.38
C PHE A 94 -19.12 11.94 20.26
N LYS A 95 -18.69 12.63 19.21
CA LYS A 95 -19.10 14.01 18.95
C LYS A 95 -20.59 14.16 18.70
N ILE A 96 -21.25 13.07 18.35
CA ILE A 96 -22.69 13.07 18.12
C ILE A 96 -23.41 12.96 19.45
N LEU A 97 -22.95 12.07 20.32
CA LEU A 97 -23.67 11.83 21.57
C LEU A 97 -23.28 12.83 22.64
N ALA A 98 -22.03 13.26 22.58
CA ALA A 98 -21.49 14.18 23.55
C ALA A 98 -21.26 15.56 22.97
N GLY A 99 -21.87 15.84 21.83
CA GLY A 99 -21.85 17.20 21.32
C GLY A 99 -22.63 18.08 22.27
N ASP A 100 -23.46 17.43 23.07
CA ASP A 100 -24.26 18.06 24.11
C ASP A 100 -23.40 18.43 25.33
N LYS A 101 -22.26 17.75 25.53
CA LYS A 101 -21.39 18.04 26.69
C LYS A 101 -19.98 18.38 26.21
N ASN A 102 -19.07 18.58 27.14
CA ASN A 102 -17.66 18.79 26.78
C ASN A 102 -16.84 17.54 27.12
N TYR A 103 -17.53 16.47 27.48
CA TYR A 103 -16.87 15.22 27.89
C TYR A 103 -17.81 14.05 27.71
N ILE A 104 -17.33 12.85 28.01
CA ILE A 104 -18.08 11.63 27.85
C ILE A 104 -17.88 10.76 29.09
N THR A 105 -18.84 9.93 29.42
CA THR A 105 -18.64 8.98 30.52
C THR A 105 -18.34 7.61 29.97
N MET A 106 -17.76 6.78 30.82
CA MET A 106 -17.45 5.40 30.46
C MET A 106 -18.71 4.64 30.06
N ASP A 107 -19.83 4.97 30.68
CA ASP A 107 -21.09 4.28 30.39
C ASP A 107 -21.67 4.70 29.04
N GLU A 108 -21.48 5.97 28.70
CA GLU A 108 -22.01 6.51 27.45
C GLU A 108 -21.27 5.95 26.25
N LEU A 109 -19.95 5.96 26.26
CA LEU A 109 -19.19 5.41 25.14
C LEU A 109 -19.40 3.88 25.04
N ARG A 110 -19.69 3.26 26.17
CA ARG A 110 -19.95 1.82 26.21
C ARG A 110 -21.24 1.45 25.50
N ARG A 111 -22.18 2.39 25.40
CA ARG A 111 -23.46 2.11 24.74
C ARG A 111 -23.25 2.03 23.24
N GLU A 112 -22.19 2.67 22.77
CA GLU A 112 -21.90 2.76 21.34
C GLU A 112 -21.16 1.51 20.90
N LEU A 113 -20.25 1.05 21.75
CA LEU A 113 -19.47 -0.15 21.46
C LEU A 113 -19.58 -1.12 22.65
N PRO A 114 -20.68 -1.89 22.74
CA PRO A 114 -20.81 -2.83 23.87
C PRO A 114 -19.68 -3.87 24.11
N PRO A 115 -18.99 -4.38 23.05
CA PRO A 115 -17.92 -5.33 23.41
C PRO A 115 -16.67 -4.64 23.96
N ASP A 116 -15.59 -5.40 24.08
CA ASP A 116 -14.29 -4.94 24.61
C ASP A 116 -13.74 -3.65 24.00
N GLN A 117 -14.27 -3.25 22.85
CA GLN A 117 -13.87 -1.99 22.21
C GLN A 117 -14.00 -0.84 23.19
N ALA A 118 -15.04 -0.83 24.00
CA ALA A 118 -15.25 0.24 24.96
C ALA A 118 -14.13 0.24 26.01
N GLU A 119 -13.73 -0.93 26.47
CA GLU A 119 -12.70 -1.04 27.50
C GLU A 119 -11.36 -0.59 26.94
N TYR A 120 -11.08 -0.96 25.71
CA TYR A 120 -9.85 -0.54 25.04
C TYR A 120 -9.88 0.97 24.83
N CYS A 121 -11.07 1.53 24.68
CA CYS A 121 -11.22 2.97 24.51
C CYS A 121 -10.96 3.65 25.84
N ILE A 122 -11.51 3.13 26.92
CA ILE A 122 -11.31 3.70 28.26
C ILE A 122 -9.82 3.65 28.62
N ALA A 123 -9.16 2.56 28.26
CA ALA A 123 -7.73 2.38 28.51
C ALA A 123 -6.85 3.38 27.73
N ARG A 124 -7.45 4.17 26.85
CA ARG A 124 -6.70 5.18 26.10
C ARG A 124 -7.25 6.60 26.23
N MET A 125 -8.55 6.75 26.37
CA MET A 125 -9.20 8.06 26.39
C MET A 125 -8.72 8.94 27.55
N ALA A 126 -8.73 10.23 27.33
CA ALA A 126 -8.17 11.16 28.27
C ALA A 126 -9.10 11.30 29.48
N PRO A 127 -8.56 11.39 30.69
CA PRO A 127 -9.43 11.56 31.85
C PRO A 127 -9.99 12.97 31.93
N TYR A 128 -11.16 13.09 32.50
CA TYR A 128 -11.83 14.38 32.62
C TYR A 128 -11.80 14.94 34.03
N THR A 129 -11.45 16.22 34.13
CA THR A 129 -11.49 16.93 35.40
C THR A 129 -12.24 18.23 35.14
N GLY A 130 -13.44 18.36 35.69
CA GLY A 130 -14.23 19.57 35.45
C GLY A 130 -15.44 19.65 36.34
N PRO A 131 -16.34 20.63 36.14
CA PRO A 131 -17.48 20.78 37.04
C PRO A 131 -18.54 19.67 36.92
N ASP A 132 -18.63 19.07 35.75
CA ASP A 132 -19.62 18.02 35.48
C ASP A 132 -19.00 16.65 35.72
N SER A 133 -17.88 16.63 36.40
CA SER A 133 -17.11 15.39 36.54
C SER A 133 -17.77 14.35 37.43
N VAL A 134 -17.45 13.12 37.11
CA VAL A 134 -17.95 11.94 37.81
C VAL A 134 -16.73 11.02 37.81
N PRO A 135 -16.67 10.01 38.71
CA PRO A 135 -15.48 9.14 38.70
C PRO A 135 -15.24 8.39 37.39
N GLY A 136 -16.25 8.33 36.54
CA GLY A 136 -16.13 7.66 35.25
C GLY A 136 -16.17 8.62 34.08
N ALA A 137 -15.68 9.83 34.29
CA ALA A 137 -15.66 10.86 33.27
C ALA A 137 -14.36 10.85 32.48
N LEU A 138 -14.49 10.98 31.17
CA LEU A 138 -13.34 11.00 30.25
C LEU A 138 -13.56 12.15 29.28
N ASP A 139 -12.52 12.87 28.94
CA ASP A 139 -12.64 13.96 28.00
C ASP A 139 -12.43 13.37 26.60
N TYR A 140 -13.51 13.29 25.84
CA TYR A 140 -13.47 12.71 24.51
C TYR A 140 -12.91 13.70 23.54
N MET A 141 -13.19 14.97 23.80
CA MET A 141 -12.74 16.04 22.93
C MET A 141 -11.21 16.09 22.97
N SER A 142 -10.66 15.69 24.10
CA SER A 142 -9.21 15.69 24.30
C SER A 142 -8.52 14.42 23.81
N PHE A 143 -9.28 13.38 23.56
CA PHE A 143 -8.72 12.07 23.20
C PHE A 143 -7.83 12.07 21.95
N SER A 144 -8.23 12.76 20.90
CA SER A 144 -7.44 12.76 19.67
C SER A 144 -6.07 13.43 19.82
N THR A 145 -5.90 14.24 20.86
CA THR A 145 -4.61 14.90 21.10
C THR A 145 -3.89 14.31 22.32
N ALA A 146 -4.55 13.43 23.06
CA ALA A 146 -3.97 12.83 24.27
C ALA A 146 -4.56 11.45 24.57
N LEU A 147 -3.67 10.46 24.60
CA LEU A 147 -4.03 9.08 24.95
C LEU A 147 -2.83 8.53 25.68
N TYR A 148 -3.07 7.65 26.64
CA TYR A 148 -1.96 7.11 27.45
C TYR A 148 -1.69 5.63 27.15
N GLY A 149 -2.73 4.83 27.00
CA GLY A 149 -2.55 3.42 26.65
C GLY A 149 -1.68 2.57 27.55
N GLU A 150 -1.90 2.61 28.85
CA GLU A 150 -1.09 1.84 29.80
C GLU A 150 -1.28 0.33 29.70
N SER A 151 -2.37 -0.11 29.08
CA SER A 151 -2.67 -1.53 28.94
C SER A 151 -1.85 -2.18 27.81
N ASP A 152 -1.39 -3.41 28.06
CA ASP A 152 -0.57 -4.16 27.11
C ASP A 152 -1.34 -4.75 25.92
N LEU A 153 -2.65 -4.56 25.89
CA LEU A 153 -3.52 -5.12 24.85
C LEU A 153 -4.06 -4.03 23.94
N GLY A 1 3.11 5.55 -0.02
CA GLY A 1 2.02 5.19 0.92
C GLY A 1 1.24 3.98 0.44
N SER A 2 0.67 3.21 1.36
CA SER A 2 -0.13 2.03 0.97
C SER A 2 -1.39 2.36 0.20
N SER A 3 -1.91 3.56 0.42
CA SER A 3 -3.13 4.00 -0.26
C SER A 3 -2.78 4.47 -1.67
N ILE A 4 -3.04 3.62 -2.65
CA ILE A 4 -2.76 3.97 -4.03
C ILE A 4 -3.73 5.03 -4.56
N SER A 5 -3.14 6.04 -5.18
CA SER A 5 -3.89 7.09 -5.87
C SER A 5 -4.04 6.69 -7.35
N GLN A 6 -4.75 7.46 -8.16
CA GLN A 6 -4.93 7.06 -9.57
C GLN A 6 -3.59 7.10 -10.32
N GLU A 7 -2.79 8.11 -10.02
CA GLU A 7 -1.49 8.33 -10.66
C GLU A 7 -0.57 7.21 -10.22
N GLN A 8 -0.71 6.83 -8.97
CA GLN A 8 0.07 5.72 -8.43
C GLN A 8 -0.20 4.43 -9.21
N MET A 9 -1.44 3.96 -9.20
CA MET A 9 -1.81 2.75 -9.94
C MET A 9 -1.43 2.85 -11.41
N ASN A 10 -1.40 4.07 -11.92
CA ASN A 10 -1.10 4.30 -13.32
C ASN A 10 0.33 3.89 -13.63
N GLU A 11 1.29 4.43 -12.90
CA GLU A 11 2.70 4.14 -13.17
C GLU A 11 3.01 2.70 -12.81
N PHE A 12 2.33 2.18 -11.80
CA PHE A 12 2.51 0.77 -11.42
C PHE A 12 2.17 -0.13 -12.59
N ARG A 13 1.08 0.19 -13.29
CA ARG A 13 0.67 -0.61 -14.44
C ARG A 13 1.57 -0.32 -15.63
N ALA A 14 1.91 0.94 -15.84
CA ALA A 14 2.72 1.32 -16.98
C ALA A 14 4.13 0.78 -16.93
N SER A 15 4.76 0.76 -15.76
CA SER A 15 6.12 0.25 -15.64
C SER A 15 6.15 -1.26 -15.90
N PHE A 16 5.19 -1.99 -15.33
CA PHE A 16 5.10 -3.44 -15.57
C PHE A 16 4.92 -3.66 -17.07
N ASN A 17 4.11 -2.85 -17.72
CA ASN A 17 3.85 -2.95 -19.16
C ASN A 17 5.07 -2.54 -20.00
N HIS A 18 5.87 -1.61 -19.48
CA HIS A 18 7.05 -1.14 -20.19
C HIS A 18 8.10 -2.24 -20.26
N PHE A 19 8.18 -3.04 -19.20
CA PHE A 19 9.15 -4.13 -19.14
C PHE A 19 8.56 -5.43 -19.71
N ASP A 20 7.25 -5.64 -19.55
CA ASP A 20 6.58 -6.86 -20.03
C ASP A 20 6.07 -6.61 -21.42
N ARG A 21 7.01 -6.53 -22.34
CA ARG A 21 6.66 -6.31 -23.73
C ARG A 21 6.21 -7.60 -24.39
N ASP A 22 6.23 -8.69 -23.63
CA ASP A 22 5.72 -9.98 -24.12
C ASP A 22 4.24 -10.03 -23.74
N HIS A 23 3.86 -9.08 -22.90
CA HIS A 23 2.49 -8.89 -22.42
C HIS A 23 1.88 -10.16 -21.84
N SER A 24 2.70 -10.92 -21.14
CA SER A 24 2.26 -12.18 -20.53
C SER A 24 1.48 -11.94 -19.25
N GLY A 25 1.65 -10.75 -18.67
CA GLY A 25 0.98 -10.38 -17.44
C GLY A 25 1.89 -10.66 -16.26
N THR A 26 3.09 -11.11 -16.57
CA THR A 26 4.10 -11.49 -15.58
C THR A 26 5.48 -11.16 -16.10
N LEU A 27 6.46 -11.16 -15.22
CA LEU A 27 7.85 -10.98 -15.59
C LEU A 27 8.65 -11.85 -14.66
N GLY A 28 9.95 -11.92 -14.88
CA GLY A 28 10.80 -12.72 -14.02
C GLY A 28 11.20 -11.90 -12.81
N PRO A 29 11.97 -12.48 -11.89
CA PRO A 29 12.31 -11.77 -10.65
C PRO A 29 13.29 -10.61 -10.87
N GLU A 30 14.15 -10.71 -11.85
CA GLU A 30 15.13 -9.65 -12.10
C GLU A 30 14.48 -8.50 -12.84
N GLU A 31 13.60 -8.83 -13.76
CA GLU A 31 12.91 -7.83 -14.56
C GLU A 31 11.98 -7.00 -13.68
N PHE A 32 11.10 -7.65 -12.91
CA PHE A 32 10.27 -6.92 -11.96
C PHE A 32 11.11 -6.16 -10.93
N LYS A 33 12.28 -6.67 -10.55
CA LYS A 33 13.13 -5.94 -9.61
C LYS A 33 13.52 -4.58 -10.20
N ALA A 34 13.96 -4.58 -11.45
CA ALA A 34 14.39 -3.35 -12.12
C ALA A 34 13.18 -2.46 -12.46
N CYS A 35 12.03 -3.07 -12.60
CA CYS A 35 10.78 -2.34 -12.85
C CYS A 35 10.47 -1.43 -11.66
N LEU A 36 10.85 -1.86 -10.46
CA LEU A 36 10.63 -1.07 -9.25
C LEU A 36 11.56 0.13 -9.19
N ILE A 37 12.75 -0.01 -9.75
CA ILE A 37 13.75 1.07 -9.70
C ILE A 37 13.16 2.31 -10.35
N SER A 38 12.38 2.11 -11.40
CA SER A 38 11.73 3.22 -12.11
C SER A 38 10.73 3.97 -11.23
N LEU A 39 10.30 3.35 -10.14
CA LEU A 39 9.35 3.95 -9.22
C LEU A 39 10.08 4.63 -8.06
N GLY A 40 11.34 4.28 -7.90
CA GLY A 40 12.18 4.86 -6.86
C GLY A 40 12.64 3.87 -5.80
N TYR A 41 12.96 2.65 -6.21
CA TYR A 41 13.41 1.60 -5.30
C TYR A 41 14.92 1.41 -5.46
N ASP A 42 15.64 1.39 -4.35
CA ASP A 42 17.11 1.20 -4.33
C ASP A 42 17.46 -0.29 -4.37
N ILE A 43 16.95 -0.99 -5.38
CA ILE A 43 17.14 -2.43 -5.50
C ILE A 43 17.69 -2.77 -6.89
N GLY A 44 18.98 -2.53 -7.07
CA GLY A 44 19.64 -2.74 -8.35
C GLY A 44 20.98 -3.45 -8.27
N ASN A 45 20.95 -4.67 -7.74
CA ASN A 45 22.15 -5.52 -7.55
C ASN A 45 23.04 -5.03 -6.40
N ASP A 46 22.52 -4.07 -5.68
CA ASP A 46 23.17 -3.52 -4.50
C ASP A 46 23.13 -4.60 -3.42
N PRO A 47 24.09 -4.61 -2.48
CA PRO A 47 24.00 -5.73 -1.55
C PRO A 47 22.79 -5.63 -0.63
N GLN A 48 22.25 -4.43 -0.48
CA GLN A 48 21.07 -4.24 0.35
C GLN A 48 19.85 -4.56 -0.49
N GLY A 49 19.92 -4.22 -1.77
CA GLY A 49 18.83 -4.48 -2.68
C GLY A 49 18.56 -5.97 -2.78
N GLU A 50 19.54 -6.77 -3.14
CA GLU A 50 19.34 -8.20 -3.23
C GLU A 50 18.91 -8.84 -1.92
N ALA A 51 19.34 -8.27 -0.81
CA ALA A 51 18.93 -8.76 0.51
C ALA A 51 17.42 -8.59 0.71
N GLU A 52 16.85 -7.50 0.22
CA GLU A 52 15.42 -7.26 0.39
C GLU A 52 14.64 -7.86 -0.77
N PHE A 53 15.30 -8.01 -1.90
CA PHE A 53 14.67 -8.60 -3.06
C PHE A 53 14.48 -10.08 -2.78
N ALA A 54 15.41 -10.68 -2.05
CA ALA A 54 15.32 -12.09 -1.68
C ALA A 54 14.06 -12.38 -0.87
N ARG A 55 13.63 -11.43 -0.05
CA ARG A 55 12.42 -11.65 0.75
C ARG A 55 11.20 -11.32 -0.09
N ILE A 56 11.36 -10.41 -1.03
CA ILE A 56 10.26 -10.02 -1.91
C ILE A 56 9.87 -11.17 -2.82
N MET A 57 10.85 -11.78 -3.48
CA MET A 57 10.58 -12.87 -4.41
C MET A 57 9.91 -14.05 -3.72
N SER A 58 10.20 -14.21 -2.43
CA SER A 58 9.62 -15.30 -1.64
C SER A 58 8.13 -15.08 -1.37
N ILE A 59 7.69 -13.83 -1.50
CA ILE A 59 6.29 -13.47 -1.22
C ILE A 59 5.45 -13.44 -2.47
N VAL A 60 5.99 -12.86 -3.52
CA VAL A 60 5.24 -12.66 -4.75
C VAL A 60 5.18 -13.90 -5.61
N ASP A 61 5.95 -14.91 -5.23
CA ASP A 61 6.01 -16.17 -6.00
C ASP A 61 6.02 -17.33 -5.01
N PRO A 62 4.93 -17.48 -4.24
CA PRO A 62 5.01 -18.49 -3.18
C PRO A 62 4.83 -19.93 -3.66
N ASN A 63 4.28 -20.14 -4.86
CA ASN A 63 4.01 -21.49 -5.33
C ASN A 63 5.25 -22.05 -6.07
N ARG A 64 6.20 -21.14 -6.31
CA ARG A 64 7.57 -21.40 -6.88
C ARG A 64 7.54 -21.51 -8.39
N LEU A 65 6.77 -20.60 -8.91
CA LEU A 65 6.43 -20.43 -10.31
C LEU A 65 7.55 -19.72 -11.09
N GLY A 66 8.34 -18.97 -10.35
CA GLY A 66 9.52 -18.30 -10.89
C GLY A 66 9.15 -17.04 -11.62
N VAL A 67 7.96 -16.52 -11.38
CA VAL A 67 7.46 -15.35 -12.10
C VAL A 67 6.65 -14.46 -11.18
N VAL A 68 6.69 -13.17 -11.47
CA VAL A 68 5.99 -12.21 -10.66
C VAL A 68 4.97 -11.50 -11.50
N THR A 69 3.73 -11.49 -11.03
CA THR A 69 2.65 -10.82 -11.75
C THR A 69 2.43 -9.44 -11.16
N PHE A 70 1.80 -8.56 -11.94
CA PHE A 70 1.52 -7.20 -11.49
C PHE A 70 0.83 -7.20 -10.14
N GLN A 71 -0.14 -8.08 -9.95
CA GLN A 71 -0.91 -8.07 -8.72
C GLN A 71 -0.06 -8.60 -7.57
N ALA A 72 1.00 -9.35 -7.87
CA ALA A 72 1.79 -9.94 -6.81
C ALA A 72 2.71 -8.89 -6.19
N PHE A 73 3.33 -8.03 -6.98
CA PHE A 73 4.20 -7.01 -6.39
C PHE A 73 3.35 -5.99 -5.60
N ILE A 74 2.10 -5.78 -6.03
CA ILE A 74 1.17 -4.89 -5.33
C ILE A 74 0.86 -5.45 -3.94
N ASP A 75 0.95 -6.75 -3.80
CA ASP A 75 0.64 -7.41 -2.51
C ASP A 75 1.60 -6.92 -1.42
N PHE A 76 2.88 -6.78 -1.77
CA PHE A 76 3.84 -6.28 -0.80
C PHE A 76 3.89 -4.78 -0.74
N MET A 77 3.47 -4.09 -1.80
CA MET A 77 3.62 -2.63 -1.84
C MET A 77 2.93 -1.99 -0.63
N SER A 78 1.78 -2.52 -0.24
CA SER A 78 1.03 -2.00 0.90
C SER A 78 1.85 -2.07 2.19
N ARG A 79 2.72 -3.08 2.26
CA ARG A 79 3.55 -3.35 3.43
C ARG A 79 4.85 -2.55 3.44
N GLU A 80 5.51 -2.47 2.28
CA GLU A 80 6.83 -1.81 2.22
C GLU A 80 6.75 -0.29 2.22
N THR A 81 5.78 0.26 1.51
CA THR A 81 5.59 1.73 1.46
C THR A 81 4.51 2.10 2.47
N ALA A 82 4.40 1.28 3.50
CA ALA A 82 3.48 1.52 4.61
C ALA A 82 3.78 2.90 5.21
N ASP A 83 5.06 3.25 5.26
CA ASP A 83 5.49 4.56 5.74
C ASP A 83 5.40 5.54 4.56
N THR A 84 5.19 6.82 4.84
CA THR A 84 5.03 7.81 3.79
C THR A 84 5.48 9.20 4.26
N ASP A 85 5.89 10.03 3.32
CA ASP A 85 6.37 11.38 3.62
C ASP A 85 5.66 12.43 2.77
N THR A 86 5.76 13.68 3.18
CA THR A 86 5.16 14.81 2.49
C THR A 86 5.68 15.01 1.06
N ALA A 87 6.83 14.43 0.74
CA ALA A 87 7.37 14.50 -0.62
C ALA A 87 6.44 13.83 -1.62
N ASP A 88 5.62 12.89 -1.15
CA ASP A 88 4.67 12.20 -2.02
C ASP A 88 3.69 13.19 -2.64
N GLN A 89 3.33 14.24 -1.92
CA GLN A 89 2.36 15.21 -2.41
C GLN A 89 2.83 15.91 -3.68
N VAL A 90 4.08 16.36 -3.68
CA VAL A 90 4.62 17.09 -4.82
C VAL A 90 4.97 16.09 -5.93
N MET A 91 5.38 14.89 -5.56
CA MET A 91 5.70 13.87 -6.53
C MET A 91 4.45 13.45 -7.28
N ALA A 92 3.35 13.30 -6.55
CA ALA A 92 2.08 12.89 -7.14
C ALA A 92 1.64 13.92 -8.16
N SER A 93 1.90 15.20 -7.90
CA SER A 93 1.51 16.25 -8.82
C SER A 93 2.15 16.06 -10.20
N PHE A 94 3.42 15.66 -10.24
CA PHE A 94 4.09 15.41 -11.50
C PHE A 94 3.60 14.13 -12.12
N LYS A 95 3.30 13.16 -11.27
CA LYS A 95 2.83 11.84 -11.67
C LYS A 95 1.48 11.90 -12.40
N ILE A 96 0.77 12.99 -12.21
CA ILE A 96 -0.50 13.21 -12.89
C ILE A 96 -0.22 13.52 -14.36
N LEU A 97 0.69 14.47 -14.58
CA LEU A 97 0.91 14.98 -15.93
C LEU A 97 1.87 14.11 -16.71
N ALA A 98 2.76 13.45 -15.99
CA ALA A 98 3.77 12.63 -16.61
C ALA A 98 3.53 11.17 -16.40
N GLY A 99 2.31 10.82 -16.04
CA GLY A 99 1.93 9.42 -15.97
C GLY A 99 2.06 8.83 -17.36
N ASP A 100 1.93 9.68 -18.35
CA ASP A 100 2.08 9.31 -19.75
C ASP A 100 3.54 9.00 -20.13
N LYS A 101 4.53 9.48 -19.37
CA LYS A 101 5.93 9.24 -19.73
C LYS A 101 6.72 8.72 -18.53
N ASN A 102 8.01 8.50 -18.71
CA ASN A 102 8.87 8.10 -17.60
C ASN A 102 9.71 9.29 -17.16
N TYR A 103 9.37 10.47 -17.68
CA TYR A 103 10.14 11.68 -17.41
C TYR A 103 9.27 12.91 -17.64
N ILE A 104 9.83 14.08 -17.37
CA ILE A 104 9.12 15.33 -17.48
C ILE A 104 10.01 16.34 -18.17
N THR A 105 9.44 17.34 -18.80
CA THR A 105 10.24 18.42 -19.37
C THR A 105 10.04 19.66 -18.55
N MET A 106 10.99 20.57 -18.68
CA MET A 106 10.89 21.87 -18.02
C MET A 106 9.64 22.60 -18.51
N ASP A 107 9.34 22.40 -19.78
CA ASP A 107 8.19 23.03 -20.44
C ASP A 107 6.87 22.52 -19.91
N GLU A 108 6.86 21.27 -19.46
CA GLU A 108 5.66 20.70 -18.88
C GLU A 108 5.47 21.21 -17.45
N LEU A 109 6.48 21.01 -16.61
CA LEU A 109 6.34 21.37 -15.20
C LEU A 109 6.13 22.87 -14.99
N ARG A 110 6.62 23.69 -15.92
CA ARG A 110 6.43 25.14 -15.79
C ARG A 110 4.98 25.57 -15.99
N ARG A 111 4.14 24.69 -16.50
CA ARG A 111 2.74 25.03 -16.74
C ARG A 111 1.95 24.92 -15.45
N GLU A 112 2.40 24.02 -14.59
CA GLU A 112 1.72 23.70 -13.37
C GLU A 112 2.05 24.70 -12.28
N LEU A 113 3.32 25.08 -12.23
CA LEU A 113 3.77 26.08 -11.28
C LEU A 113 4.44 27.23 -12.04
N PRO A 114 3.64 28.14 -12.63
CA PRO A 114 4.30 29.22 -13.38
C PRO A 114 5.23 30.22 -12.65
N PRO A 115 5.12 30.41 -11.30
CA PRO A 115 6.14 31.32 -10.75
C PRO A 115 7.49 30.59 -10.55
N ASP A 116 8.35 31.20 -9.75
CA ASP A 116 9.70 30.69 -9.43
C ASP A 116 9.73 29.22 -8.98
N GLN A 117 8.59 28.70 -8.53
CA GLN A 117 8.49 27.31 -8.14
C GLN A 117 9.00 26.37 -9.22
N ALA A 118 8.72 26.67 -10.48
CA ALA A 118 9.20 25.84 -11.58
C ALA A 118 10.72 25.82 -11.61
N GLU A 119 11.33 26.98 -11.44
CA GLU A 119 12.78 27.10 -11.52
C GLU A 119 13.42 26.38 -10.35
N TYR A 120 12.83 26.54 -9.17
CA TYR A 120 13.30 25.85 -7.98
C TYR A 120 13.10 24.34 -8.13
N CYS A 121 12.14 23.92 -8.93
CA CYS A 121 11.92 22.51 -9.18
C CYS A 121 12.97 21.98 -10.14
N ILE A 122 13.24 22.72 -11.21
CA ILE A 122 14.24 22.32 -12.20
C ILE A 122 15.61 22.20 -11.53
N ALA A 123 15.88 23.10 -10.61
CA ALA A 123 17.14 23.10 -9.87
C ALA A 123 17.33 21.87 -8.97
N ARG A 124 16.29 21.06 -8.81
CA ARG A 124 16.39 19.85 -7.98
C ARG A 124 16.02 18.56 -8.70
N MET A 125 15.22 18.65 -9.74
CA MET A 125 14.80 17.48 -10.50
C MET A 125 16.01 16.83 -11.15
N ALA A 126 15.99 15.51 -11.21
CA ALA A 126 17.11 14.75 -11.73
C ALA A 126 17.17 14.97 -13.25
N PRO A 127 18.37 15.01 -13.84
CA PRO A 127 18.45 15.17 -15.29
C PRO A 127 18.10 13.87 -16.01
N TYR A 128 17.47 14.02 -17.16
CA TYR A 128 17.05 12.85 -17.95
C TYR A 128 17.93 12.62 -19.18
N THR A 129 18.40 11.39 -19.33
CA THR A 129 19.20 11.01 -20.50
C THR A 129 18.73 9.65 -21.02
N GLY A 130 17.46 9.59 -21.41
CA GLY A 130 16.87 8.36 -21.90
C GLY A 130 16.55 8.41 -23.39
N PRO A 131 15.80 7.44 -23.92
CA PRO A 131 15.50 7.44 -25.37
C PRO A 131 14.56 8.54 -25.83
N ASP A 132 13.67 8.99 -24.95
CA ASP A 132 12.68 10.02 -25.27
C ASP A 132 13.21 11.40 -24.90
N SER A 133 14.51 11.48 -24.76
CA SER A 133 15.13 12.70 -24.26
C SER A 133 15.14 13.86 -25.24
N VAL A 134 15.06 15.04 -24.66
CA VAL A 134 15.00 16.30 -25.40
C VAL A 134 15.93 17.25 -24.64
N PRO A 135 16.39 18.37 -25.24
CA PRO A 135 17.29 19.30 -24.54
C PRO A 135 16.61 20.17 -23.47
N GLY A 136 15.81 19.52 -22.63
CA GLY A 136 15.11 20.18 -21.55
C GLY A 136 14.33 19.15 -20.76
N ALA A 137 14.90 17.94 -20.73
CA ALA A 137 14.29 16.79 -20.10
C ALA A 137 14.84 16.55 -18.70
N LEU A 138 13.96 16.20 -17.78
CA LEU A 138 14.30 15.93 -16.39
C LEU A 138 13.56 14.66 -16.01
N ASP A 139 14.15 13.84 -15.18
CA ASP A 139 13.51 12.61 -14.75
C ASP A 139 12.79 12.90 -13.44
N TYR A 140 11.47 12.88 -13.48
CA TYR A 140 10.67 13.22 -12.31
C TYR A 140 10.54 12.03 -11.42
N MET A 141 10.50 10.85 -12.02
CA MET A 141 10.34 9.62 -11.30
C MET A 141 11.58 9.41 -10.42
N SER A 142 12.71 9.92 -10.93
CA SER A 142 14.00 9.78 -10.25
C SER A 142 14.29 10.88 -9.23
N PHE A 143 13.55 11.99 -9.31
CA PHE A 143 13.80 13.16 -8.46
C PHE A 143 13.84 12.84 -6.97
N SER A 144 12.91 12.02 -6.49
CA SER A 144 12.88 11.70 -5.07
C SER A 144 14.08 10.89 -4.59
N THR A 145 14.81 10.26 -5.51
CA THR A 145 15.97 9.47 -5.13
C THR A 145 17.25 10.30 -5.15
N ALA A 146 17.28 11.33 -5.98
CA ALA A 146 18.47 12.18 -6.11
C ALA A 146 18.18 13.58 -6.65
N LEU A 147 18.49 14.58 -5.83
CA LEU A 147 18.42 15.98 -6.22
C LEU A 147 19.81 16.57 -6.07
N TYR A 148 20.13 17.61 -6.83
CA TYR A 148 21.44 18.26 -6.71
C TYR A 148 21.34 19.62 -6.02
N GLY A 149 20.27 20.36 -6.31
CA GLY A 149 20.01 21.59 -5.58
C GLY A 149 20.84 22.82 -5.91
N GLU A 150 21.37 22.92 -7.12
CA GLU A 150 22.20 24.05 -7.54
C GLU A 150 21.39 25.35 -7.60
N SER A 151 22.07 26.47 -7.46
CA SER A 151 21.45 27.80 -7.51
C SER A 151 22.56 28.78 -7.85
N ASP A 152 22.20 30.02 -8.17
CA ASP A 152 23.16 31.07 -8.51
C ASP A 152 23.42 32.01 -7.33
N LEU A 153 23.06 31.53 -6.15
CA LEU A 153 23.17 32.30 -4.90
C LEU A 153 24.54 32.16 -4.26
N GLY A 1 -1.36 0.67 5.62
CA GLY A 1 -1.45 0.33 4.19
C GLY A 1 -2.27 1.34 3.43
N SER A 2 -1.74 2.53 3.22
CA SER A 2 -2.45 3.61 2.53
C SER A 2 -2.83 3.18 1.12
N SER A 3 -4.00 3.62 0.70
CA SER A 3 -4.52 3.23 -0.61
C SER A 3 -3.80 3.96 -1.73
N ILE A 4 -3.57 3.23 -2.81
CA ILE A 4 -2.90 3.75 -4.01
C ILE A 4 -3.72 4.87 -4.66
N SER A 5 -3.02 5.89 -5.16
CA SER A 5 -3.65 7.01 -5.87
C SER A 5 -3.93 6.60 -7.32
N GLN A 6 -4.79 7.33 -8.04
CA GLN A 6 -5.05 7.01 -9.45
C GLN A 6 -3.77 7.18 -10.28
N GLU A 7 -2.94 8.12 -9.90
CA GLU A 7 -1.68 8.34 -10.56
C GLU A 7 -0.65 7.27 -10.18
N GLN A 8 -0.85 6.65 -9.02
CA GLN A 8 0.07 5.63 -8.53
C GLN A 8 -0.13 4.36 -9.32
N MET A 9 -1.35 3.86 -9.32
CA MET A 9 -1.63 2.65 -10.10
C MET A 9 -1.26 2.87 -11.57
N ASN A 10 -1.31 4.11 -12.02
CA ASN A 10 -1.00 4.46 -13.40
C ASN A 10 0.45 4.09 -13.71
N GLU A 11 1.37 4.57 -12.90
CA GLU A 11 2.79 4.33 -13.17
C GLU A 11 3.13 2.89 -12.84
N PHE A 12 2.49 2.33 -11.83
CA PHE A 12 2.70 0.92 -11.50
C PHE A 12 2.35 0.04 -12.70
N ARG A 13 1.21 0.29 -13.31
CA ARG A 13 0.77 -0.52 -14.47
C ARG A 13 1.64 -0.24 -15.67
N ALA A 14 2.02 1.01 -15.87
CA ALA A 14 2.83 1.38 -17.01
C ALA A 14 4.24 0.80 -16.94
N SER A 15 4.86 0.76 -15.76
CA SER A 15 6.20 0.20 -15.64
C SER A 15 6.16 -1.31 -15.82
N PHE A 16 5.17 -1.97 -15.25
CA PHE A 16 5.04 -3.42 -15.43
C PHE A 16 4.93 -3.68 -16.92
N ASN A 17 4.14 -2.89 -17.63
CA ASN A 17 3.92 -3.03 -19.06
C ASN A 17 5.14 -2.62 -19.90
N HIS A 18 5.91 -1.63 -19.44
CA HIS A 18 7.09 -1.18 -20.18
C HIS A 18 8.12 -2.28 -20.23
N PHE A 19 8.22 -3.02 -19.13
CA PHE A 19 9.16 -4.12 -19.07
C PHE A 19 8.53 -5.39 -19.69
N ASP A 20 7.24 -5.61 -19.45
CA ASP A 20 6.51 -6.80 -19.97
C ASP A 20 5.93 -6.48 -21.33
N ARG A 21 6.85 -6.37 -22.27
CA ARG A 21 6.48 -6.11 -23.64
C ARG A 21 5.90 -7.35 -24.30
N ASP A 22 5.98 -8.47 -23.59
CA ASP A 22 5.45 -9.74 -24.08
C ASP A 22 4.03 -9.90 -23.57
N HIS A 23 3.57 -8.87 -22.86
CA HIS A 23 2.22 -8.79 -22.28
C HIS A 23 1.71 -10.11 -21.69
N SER A 24 2.59 -10.82 -21.00
CA SER A 24 2.24 -12.09 -20.39
C SER A 24 1.43 -11.88 -19.12
N GLY A 25 1.60 -10.70 -18.53
CA GLY A 25 0.95 -10.34 -17.27
C GLY A 25 1.87 -10.65 -16.10
N THR A 26 3.05 -11.15 -16.44
CA THR A 26 4.03 -11.60 -15.47
C THR A 26 5.43 -11.36 -16.00
N LEU A 27 6.39 -11.21 -15.10
CA LEU A 27 7.78 -10.99 -15.47
C LEU A 27 8.67 -11.81 -14.56
N GLY A 28 9.95 -11.86 -14.87
CA GLY A 28 10.88 -12.63 -14.07
C GLY A 28 11.26 -11.88 -12.82
N PRO A 29 11.97 -12.55 -11.89
CA PRO A 29 12.30 -11.93 -10.61
C PRO A 29 13.26 -10.76 -10.78
N GLU A 30 14.14 -10.81 -11.77
CA GLU A 30 15.06 -9.71 -12.01
C GLU A 30 14.37 -8.60 -12.79
N GLU A 31 13.51 -8.99 -13.74
CA GLU A 31 12.80 -8.04 -14.56
C GLU A 31 11.91 -7.13 -13.68
N PHE A 32 11.07 -7.73 -12.86
CA PHE A 32 10.26 -6.97 -11.90
C PHE A 32 11.08 -6.23 -10.86
N LYS A 33 12.26 -6.69 -10.51
CA LYS A 33 13.10 -5.97 -9.55
C LYS A 33 13.59 -4.65 -10.15
N ALA A 34 14.03 -4.69 -11.39
CA ALA A 34 14.51 -3.49 -12.07
C ALA A 34 13.34 -2.58 -12.39
N CYS A 35 12.16 -3.17 -12.51
CA CYS A 35 10.94 -2.41 -12.77
C CYS A 35 10.69 -1.45 -11.59
N LEU A 36 11.03 -1.87 -10.39
CA LEU A 36 10.82 -1.02 -9.19
C LEU A 36 11.70 0.19 -9.24
N ILE A 37 12.88 0.04 -9.83
CA ILE A 37 13.87 1.10 -9.88
C ILE A 37 13.28 2.33 -10.58
N SER A 38 12.42 2.09 -11.57
CA SER A 38 11.78 3.20 -12.30
C SER A 38 10.90 4.07 -11.39
N LEU A 39 10.50 3.50 -10.24
CA LEU A 39 9.65 4.18 -9.26
C LEU A 39 10.49 4.86 -8.19
N GLY A 40 11.75 4.49 -8.12
CA GLY A 40 12.67 5.11 -7.16
C GLY A 40 13.27 4.17 -6.12
N TYR A 41 13.32 2.89 -6.44
CA TYR A 41 13.82 1.88 -5.53
C TYR A 41 15.31 1.67 -5.81
N ASP A 42 16.07 1.49 -4.74
CA ASP A 42 17.52 1.24 -4.78
C ASP A 42 17.81 -0.26 -4.74
N ILE A 43 17.03 -1.02 -5.51
CA ILE A 43 17.14 -2.47 -5.57
C ILE A 43 17.58 -2.85 -7.00
N GLY A 44 18.87 -2.77 -7.26
CA GLY A 44 19.40 -3.02 -8.59
C GLY A 44 20.57 -3.98 -8.64
N ASN A 45 20.34 -5.19 -8.14
CA ASN A 45 21.36 -6.27 -8.06
C ASN A 45 22.48 -5.93 -7.09
N ASP A 46 22.28 -4.86 -6.34
CA ASP A 46 23.21 -4.45 -5.29
C ASP A 46 23.11 -5.54 -4.23
N PRO A 47 24.19 -5.82 -3.47
CA PRO A 47 24.02 -6.91 -2.50
C PRO A 47 23.02 -6.60 -1.39
N GLN A 48 22.71 -5.33 -1.19
CA GLN A 48 21.74 -4.96 -0.16
C GLN A 48 20.35 -5.06 -0.77
N GLY A 49 20.24 -4.70 -2.04
CA GLY A 49 18.98 -4.82 -2.74
C GLY A 49 18.61 -6.27 -2.87
N GLU A 50 19.59 -7.12 -3.15
CA GLU A 50 19.34 -8.56 -3.24
C GLU A 50 18.85 -9.12 -1.92
N ALA A 51 19.35 -8.59 -0.82
CA ALA A 51 18.97 -9.07 0.50
C ALA A 51 17.49 -8.80 0.83
N GLU A 52 16.93 -7.70 0.30
CA GLU A 52 15.51 -7.38 0.50
C GLU A 52 14.67 -7.92 -0.66
N PHE A 53 15.30 -8.18 -1.78
CA PHE A 53 14.59 -8.77 -2.90
C PHE A 53 14.34 -10.24 -2.59
N ALA A 54 15.28 -10.88 -1.90
CA ALA A 54 15.16 -12.28 -1.54
C ALA A 54 13.90 -12.55 -0.72
N ARG A 55 13.49 -11.59 0.09
CA ARG A 55 12.29 -11.76 0.90
C ARG A 55 11.04 -11.40 0.10
N ILE A 56 11.21 -10.50 -0.85
CA ILE A 56 10.09 -10.06 -1.71
C ILE A 56 9.66 -11.21 -2.61
N MET A 57 10.59 -11.88 -3.26
CA MET A 57 10.25 -12.99 -4.17
C MET A 57 9.52 -14.13 -3.43
N SER A 58 9.74 -14.27 -2.13
CA SER A 58 9.08 -15.29 -1.33
C SER A 58 7.62 -14.93 -1.06
N ILE A 59 7.26 -13.67 -1.24
CA ILE A 59 5.90 -13.20 -0.95
C ILE A 59 5.05 -13.22 -2.20
N VAL A 60 5.65 -12.71 -3.27
CA VAL A 60 4.95 -12.59 -4.54
C VAL A 60 4.85 -13.92 -5.26
N ASP A 61 5.68 -14.87 -4.82
CA ASP A 61 5.77 -16.17 -5.49
C ASP A 61 6.21 -17.29 -4.53
N PRO A 62 5.38 -17.61 -3.52
CA PRO A 62 5.77 -18.70 -2.62
C PRO A 62 5.69 -20.07 -3.27
N ASN A 63 5.02 -20.11 -4.43
CA ASN A 63 4.85 -21.34 -5.19
C ASN A 63 6.10 -21.63 -6.00
N ARG A 64 6.97 -20.62 -6.10
CA ARG A 64 8.25 -20.72 -6.83
C ARG A 64 8.00 -21.01 -8.30
N LEU A 65 7.05 -20.26 -8.84
CA LEU A 65 6.70 -20.33 -10.26
C LEU A 65 7.82 -19.73 -11.09
N GLY A 66 8.60 -18.87 -10.43
CA GLY A 66 9.72 -18.20 -11.04
C GLY A 66 9.30 -16.94 -11.76
N VAL A 67 8.09 -16.47 -11.44
CA VAL A 67 7.51 -15.29 -12.12
C VAL A 67 6.68 -14.49 -11.15
N VAL A 68 6.53 -13.21 -11.43
CA VAL A 68 5.77 -12.31 -10.58
C VAL A 68 4.75 -11.57 -11.43
N THR A 69 3.51 -11.51 -10.97
CA THR A 69 2.44 -10.79 -11.70
C THR A 69 2.32 -9.38 -11.18
N PHE A 70 1.68 -8.51 -11.96
CA PHE A 70 1.47 -7.12 -11.54
C PHE A 70 0.82 -7.08 -10.16
N GLN A 71 -0.16 -7.94 -9.95
CA GLN A 71 -0.95 -7.87 -8.71
C GLN A 71 -0.15 -8.43 -7.55
N ALA A 72 0.87 -9.23 -7.85
CA ALA A 72 1.64 -9.84 -6.80
C ALA A 72 2.59 -8.84 -6.16
N PHE A 73 3.25 -8.02 -6.95
CA PHE A 73 4.15 -7.02 -6.36
C PHE A 73 3.35 -5.98 -5.58
N ILE A 74 2.12 -5.74 -6.01
CA ILE A 74 1.20 -4.83 -5.32
C ILE A 74 0.84 -5.39 -3.93
N ASP A 75 0.91 -6.69 -3.74
CA ASP A 75 0.53 -7.25 -2.45
C ASP A 75 1.48 -6.75 -1.36
N PHE A 76 2.77 -6.68 -1.69
CA PHE A 76 3.73 -6.21 -0.72
C PHE A 76 3.83 -4.71 -0.69
N MET A 77 3.39 -4.03 -1.75
CA MET A 77 3.56 -2.58 -1.80
C MET A 77 2.82 -1.92 -0.63
N SER A 78 1.69 -2.49 -0.25
CA SER A 78 0.92 -1.98 0.89
C SER A 78 1.70 -2.13 2.19
N ARG A 79 2.57 -3.13 2.24
CA ARG A 79 3.38 -3.39 3.43
C ARG A 79 4.66 -2.57 3.42
N GLU A 80 5.13 -2.22 2.23
CA GLU A 80 6.38 -1.48 2.05
C GLU A 80 6.16 -0.01 2.35
N THR A 81 4.93 0.46 2.19
CA THR A 81 4.56 1.84 2.55
C THR A 81 4.76 1.98 4.07
N ALA A 82 4.60 0.83 4.75
CA ALA A 82 4.82 0.66 6.19
C ALA A 82 4.00 1.57 7.10
N ASP A 83 2.98 2.21 6.57
CA ASP A 83 2.13 3.09 7.36
C ASP A 83 1.09 2.27 8.13
N THR A 84 0.48 2.87 9.13
CA THR A 84 -0.50 2.20 9.98
C THR A 84 -1.85 2.87 9.97
N ASP A 85 -2.88 2.11 9.64
CA ASP A 85 -4.26 2.55 9.66
C ASP A 85 -5.07 1.38 10.23
N THR A 86 -6.30 1.63 10.67
CA THR A 86 -7.09 0.58 11.33
C THR A 86 -7.63 -0.51 10.38
N ALA A 87 -7.82 -0.19 9.11
CA ALA A 87 -8.41 -1.14 8.18
C ALA A 87 -7.40 -2.19 7.78
N ASP A 88 -6.15 -1.78 7.63
CA ASP A 88 -5.07 -2.71 7.29
C ASP A 88 -4.97 -3.83 8.33
N GLN A 89 -5.18 -3.51 9.60
CA GLN A 89 -5.08 -4.51 10.65
C GLN A 89 -6.09 -5.66 10.46
N VAL A 90 -7.34 -5.28 10.30
CA VAL A 90 -8.42 -6.24 10.16
C VAL A 90 -8.41 -6.90 8.76
N MET A 91 -7.98 -6.18 7.74
CA MET A 91 -7.89 -6.72 6.39
C MET A 91 -6.82 -7.80 6.34
N ALA A 92 -5.69 -7.53 6.97
CA ALA A 92 -4.60 -8.49 7.02
C ALA A 92 -5.11 -9.77 7.68
N SER A 93 -5.97 -9.63 8.67
CA SER A 93 -6.49 -10.80 9.39
C SER A 93 -7.35 -11.68 8.48
N PHE A 94 -8.24 -11.06 7.71
CA PHE A 94 -9.06 -11.80 6.77
C PHE A 94 -8.18 -12.45 5.72
N LYS A 95 -7.18 -11.71 5.23
CA LYS A 95 -6.31 -12.20 4.16
C LYS A 95 -5.60 -13.49 4.50
N ILE A 96 -5.36 -13.72 5.78
CA ILE A 96 -4.63 -14.91 6.23
C ILE A 96 -5.56 -16.11 6.12
N LEU A 97 -6.82 -15.93 6.51
CA LEU A 97 -7.75 -17.05 6.55
C LEU A 97 -8.47 -17.30 5.26
N ALA A 98 -8.64 -16.25 4.48
CA ALA A 98 -9.38 -16.36 3.24
C ALA A 98 -8.53 -17.18 2.28
N GLY A 99 -7.25 -16.83 2.28
CA GLY A 99 -6.22 -17.35 1.41
C GLY A 99 -6.63 -17.90 0.08
N ASP A 100 -7.05 -19.16 0.03
CA ASP A 100 -7.36 -19.75 -1.25
C ASP A 100 -8.67 -19.25 -1.87
N LYS A 101 -9.46 -18.49 -1.12
CA LYS A 101 -10.70 -17.92 -1.65
C LYS A 101 -10.48 -16.43 -1.76
N ASN A 102 -10.96 -15.82 -2.83
CA ASN A 102 -10.83 -14.38 -3.00
C ASN A 102 -11.90 -13.61 -2.20
N TYR A 103 -12.63 -14.31 -1.34
CA TYR A 103 -13.72 -13.72 -0.58
C TYR A 103 -13.86 -14.45 0.75
N ILE A 104 -14.75 -13.94 1.59
CA ILE A 104 -14.94 -14.43 2.94
C ILE A 104 -16.44 -14.70 3.13
N THR A 105 -16.83 -15.62 4.00
CA THR A 105 -18.25 -15.82 4.30
C THR A 105 -18.51 -15.27 5.67
N MET A 106 -19.76 -14.97 5.96
CA MET A 106 -20.16 -14.50 7.29
C MET A 106 -19.77 -15.54 8.34
N ASP A 107 -19.91 -16.81 7.98
CA ASP A 107 -19.62 -17.93 8.84
C ASP A 107 -18.15 -17.98 9.25
N GLU A 108 -17.28 -17.82 8.25
CA GLU A 108 -15.83 -17.89 8.44
C GLU A 108 -15.32 -16.72 9.26
N LEU A 109 -15.73 -15.51 8.92
CA LEU A 109 -15.25 -14.35 9.68
C LEU A 109 -15.78 -14.39 11.13
N ARG A 110 -16.89 -15.08 11.38
CA ARG A 110 -17.40 -15.19 12.74
C ARG A 110 -16.56 -16.10 13.64
N ARG A 111 -15.64 -16.86 13.05
CA ARG A 111 -14.78 -17.76 13.83
C ARG A 111 -13.67 -16.95 14.50
N GLU A 112 -13.36 -15.80 13.89
CA GLU A 112 -12.28 -14.98 14.37
C GLU A 112 -12.78 -14.05 15.46
N LEU A 113 -13.99 -13.50 15.27
CA LEU A 113 -14.57 -12.59 16.22
C LEU A 113 -15.99 -13.01 16.59
N PRO A 114 -16.15 -14.00 17.48
CA PRO A 114 -17.50 -14.39 17.89
C PRO A 114 -18.45 -13.29 18.45
N PRO A 115 -17.93 -12.23 19.14
CA PRO A 115 -18.94 -11.26 19.57
C PRO A 115 -19.42 -10.37 18.41
N ASP A 116 -20.19 -9.33 18.77
CA ASP A 116 -20.77 -8.36 17.82
C ASP A 116 -19.77 -7.76 16.84
N GLN A 117 -18.47 -7.87 17.10
CA GLN A 117 -17.46 -7.43 16.15
C GLN A 117 -17.74 -8.01 14.75
N ALA A 118 -18.15 -9.27 14.70
CA ALA A 118 -18.43 -9.91 13.42
C ALA A 118 -19.66 -9.30 12.78
N GLU A 119 -20.67 -8.98 13.57
CA GLU A 119 -21.90 -8.41 13.05
C GLU A 119 -21.61 -7.04 12.44
N TYR A 120 -20.78 -6.26 13.13
CA TYR A 120 -20.38 -4.95 12.66
C TYR A 120 -19.51 -5.11 11.41
N CYS A 121 -18.75 -6.19 11.31
CA CYS A 121 -17.92 -6.43 10.13
C CYS A 121 -18.85 -6.69 8.95
N ILE A 122 -19.84 -7.57 9.15
CA ILE A 122 -20.79 -7.92 8.07
C ILE A 122 -21.57 -6.68 7.63
N ALA A 123 -21.93 -5.82 8.58
CA ALA A 123 -22.65 -4.60 8.27
C ALA A 123 -21.82 -3.56 7.47
N ARG A 124 -20.53 -3.80 7.30
CA ARG A 124 -19.67 -2.88 6.54
C ARG A 124 -19.07 -3.54 5.28
N MET A 125 -18.90 -4.86 5.32
CA MET A 125 -18.21 -5.62 4.28
C MET A 125 -18.94 -5.63 2.95
N ALA A 126 -18.19 -5.56 1.88
CA ALA A 126 -18.79 -5.51 0.55
C ALA A 126 -19.42 -6.87 0.20
N PRO A 127 -20.58 -6.86 -0.46
CA PRO A 127 -21.19 -8.14 -0.85
C PRO A 127 -20.48 -8.82 -2.02
N TYR A 128 -20.48 -10.15 -2.00
CA TYR A 128 -19.80 -10.97 -3.02
C TYR A 128 -20.76 -11.70 -3.96
N THR A 129 -20.57 -11.52 -5.28
CA THR A 129 -21.41 -12.19 -6.29
C THR A 129 -20.53 -12.90 -7.31
N GLY A 130 -19.54 -13.63 -6.84
CA GLY A 130 -18.57 -14.28 -7.72
C GLY A 130 -18.95 -15.71 -8.08
N PRO A 131 -18.03 -16.47 -8.69
CA PRO A 131 -18.33 -17.86 -9.09
C PRO A 131 -18.47 -18.86 -7.94
N ASP A 132 -17.84 -18.61 -6.80
CA ASP A 132 -17.92 -19.51 -5.63
C ASP A 132 -18.81 -18.83 -4.58
N SER A 133 -19.80 -18.09 -5.05
CA SER A 133 -20.63 -17.32 -4.12
C SER A 133 -21.67 -18.19 -3.42
N VAL A 134 -21.95 -17.81 -2.19
CA VAL A 134 -22.93 -18.48 -1.35
C VAL A 134 -23.82 -17.37 -0.78
N PRO A 135 -25.01 -17.71 -0.25
CA PRO A 135 -25.91 -16.64 0.23
C PRO A 135 -25.32 -15.69 1.29
N GLY A 136 -24.24 -16.11 1.94
CA GLY A 136 -23.58 -15.30 2.96
C GLY A 136 -22.17 -14.93 2.60
N ALA A 137 -21.94 -14.70 1.32
CA ALA A 137 -20.61 -14.36 0.82
C ALA A 137 -20.36 -12.86 0.80
N LEU A 138 -19.16 -12.49 1.21
CA LEU A 138 -18.75 -11.08 1.30
C LEU A 138 -17.33 -10.94 0.74
N ASP A 139 -17.08 -9.90 -0.01
CA ASP A 139 -15.76 -9.67 -0.60
C ASP A 139 -14.93 -8.85 0.38
N TYR A 140 -14.02 -9.55 1.05
CA TYR A 140 -13.16 -8.93 2.06
C TYR A 140 -12.09 -8.12 1.39
N MET A 141 -11.68 -8.55 0.23
CA MET A 141 -10.67 -7.87 -0.53
C MET A 141 -11.23 -6.53 -0.98
N SER A 142 -12.53 -6.48 -1.20
CA SER A 142 -13.19 -5.26 -1.66
C SER A 142 -13.68 -4.35 -0.51
N PHE A 143 -13.68 -4.90 0.69
CA PHE A 143 -14.26 -4.24 1.86
C PHE A 143 -13.61 -2.91 2.21
N SER A 144 -12.28 -2.85 2.31
CA SER A 144 -11.63 -1.59 2.67
C SER A 144 -11.78 -0.50 1.60
N THR A 145 -12.15 -0.88 0.38
CA THR A 145 -12.32 0.08 -0.71
C THR A 145 -13.78 0.46 -0.94
N ALA A 146 -14.70 -0.27 -0.31
CA ALA A 146 -16.14 -0.05 -0.48
C ALA A 146 -16.91 -0.49 0.78
N LEU A 147 -16.88 0.38 1.79
CA LEU A 147 -17.63 0.15 3.03
C LEU A 147 -19.00 0.76 2.86
N TYR A 148 -20.08 0.05 3.25
CA TYR A 148 -21.44 0.62 3.10
C TYR A 148 -22.12 0.97 4.43
N GLY A 149 -21.58 0.46 5.53
CA GLY A 149 -22.19 0.70 6.84
C GLY A 149 -21.44 1.71 7.70
N GLU A 150 -20.45 2.37 7.13
CA GLU A 150 -19.65 3.38 7.87
C GLU A 150 -19.72 4.67 7.04
N SER A 151 -20.74 4.75 6.20
CA SER A 151 -20.94 5.90 5.32
C SER A 151 -21.92 6.90 5.89
N ASP A 152 -22.76 6.43 6.82
CA ASP A 152 -23.81 7.25 7.43
C ASP A 152 -23.84 6.94 8.92
N LEU A 153 -22.73 6.38 9.41
CA LEU A 153 -22.58 5.98 10.82
C LEU A 153 -21.10 5.94 11.15
N GLY A 1 0.96 4.99 7.07
CA GLY A 1 0.05 4.34 6.12
C GLY A 1 -0.05 5.12 4.84
N SER A 2 -0.39 4.44 3.75
CA SER A 2 -0.55 5.09 2.45
C SER A 2 -1.52 4.22 1.66
N SER A 3 -2.02 4.73 0.56
CA SER A 3 -2.92 3.96 -0.30
C SER A 3 -2.67 4.42 -1.72
N ILE A 4 -2.90 3.53 -2.68
CA ILE A 4 -2.63 3.85 -4.07
C ILE A 4 -3.61 4.88 -4.60
N SER A 5 -3.03 5.92 -5.19
CA SER A 5 -3.79 6.97 -5.86
C SER A 5 -4.09 6.52 -7.29
N GLN A 6 -4.94 7.22 -8.01
CA GLN A 6 -5.22 6.82 -9.40
C GLN A 6 -3.96 6.93 -10.25
N GLU A 7 -3.14 7.94 -9.97
CA GLU A 7 -1.88 8.16 -10.68
C GLU A 7 -0.83 7.13 -10.26
N GLN A 8 -0.97 6.54 -9.08
CA GLN A 8 -0.03 5.55 -8.61
C GLN A 8 -0.21 4.26 -9.39
N MET A 9 -1.41 3.71 -9.36
CA MET A 9 -1.68 2.50 -10.11
C MET A 9 -1.37 2.69 -11.59
N ASN A 10 -1.45 3.93 -12.05
CA ASN A 10 -1.17 4.27 -13.43
C ASN A 10 0.28 3.93 -13.77
N GLU A 11 1.22 4.49 -13.01
CA GLU A 11 2.65 4.27 -13.29
C GLU A 11 3.04 2.85 -12.93
N PHE A 12 2.40 2.27 -11.92
CA PHE A 12 2.65 0.87 -11.59
C PHE A 12 2.32 -0.02 -12.79
N ARG A 13 1.16 0.21 -13.39
CA ARG A 13 0.75 -0.58 -14.55
C ARG A 13 1.65 -0.28 -15.73
N ALA A 14 1.97 0.98 -15.94
CA ALA A 14 2.78 1.38 -17.08
C ALA A 14 4.20 0.80 -16.97
N SER A 15 4.77 0.81 -15.78
CA SER A 15 6.12 0.28 -15.59
C SER A 15 6.17 -1.22 -15.85
N PHE A 16 5.19 -1.95 -15.33
CA PHE A 16 5.11 -3.40 -15.56
C PHE A 16 4.93 -3.64 -17.06
N ASN A 17 4.11 -2.84 -17.73
CA ASN A 17 3.87 -2.98 -19.16
C ASN A 17 5.10 -2.62 -20.01
N HIS A 18 5.88 -1.64 -19.56
CA HIS A 18 7.06 -1.18 -20.30
C HIS A 18 8.12 -2.28 -20.32
N PHE A 19 8.22 -3.00 -19.22
CA PHE A 19 9.17 -4.09 -19.12
C PHE A 19 8.57 -5.38 -19.73
N ASP A 20 7.27 -5.58 -19.57
CA ASP A 20 6.57 -6.77 -20.07
C ASP A 20 6.06 -6.49 -21.46
N ARG A 21 7.01 -6.41 -22.37
CA ARG A 21 6.72 -6.15 -23.77
C ARG A 21 6.03 -7.36 -24.41
N ASP A 22 6.00 -8.46 -23.68
CA ASP A 22 5.38 -9.71 -24.16
C ASP A 22 3.93 -9.77 -23.70
N HIS A 23 3.54 -8.77 -22.91
CA HIS A 23 2.23 -8.67 -22.26
C HIS A 23 1.71 -9.99 -21.69
N SER A 24 2.63 -10.76 -21.11
CA SER A 24 2.31 -12.04 -20.49
C SER A 24 1.51 -11.80 -19.20
N GLY A 25 1.70 -10.63 -18.62
CA GLY A 25 1.04 -10.27 -17.38
C GLY A 25 1.96 -10.59 -16.22
N THR A 26 3.14 -11.09 -16.56
CA THR A 26 4.13 -11.54 -15.60
C THR A 26 5.52 -11.24 -16.11
N LEU A 27 6.47 -11.11 -15.19
CA LEU A 27 7.87 -10.89 -15.54
C LEU A 27 8.73 -11.70 -14.61
N GLY A 28 10.01 -11.78 -14.92
CA GLY A 28 10.91 -12.57 -14.11
C GLY A 28 11.25 -11.86 -12.81
N PRO A 29 11.93 -12.53 -11.88
CA PRO A 29 12.22 -11.90 -10.58
C PRO A 29 13.14 -10.69 -10.70
N GLU A 30 14.12 -10.74 -11.61
CA GLU A 30 15.03 -9.62 -11.80
C GLU A 30 14.38 -8.51 -12.63
N GLU A 31 13.53 -8.89 -13.59
CA GLU A 31 12.83 -7.90 -14.43
C GLU A 31 11.93 -7.04 -13.56
N PHE A 32 11.03 -7.67 -12.82
CA PHE A 32 10.19 -6.94 -11.86
C PHE A 32 10.99 -6.21 -10.80
N LYS A 33 12.14 -6.73 -10.39
CA LYS A 33 12.98 -6.02 -9.41
C LYS A 33 13.41 -4.67 -10.00
N ALA A 34 13.90 -4.69 -11.24
CA ALA A 34 14.36 -3.48 -11.91
C ALA A 34 13.20 -2.57 -12.29
N CYS A 35 12.02 -3.14 -12.43
CA CYS A 35 10.82 -2.39 -12.70
C CYS A 35 10.53 -1.48 -11.50
N LEU A 36 10.84 -1.93 -10.28
CA LEU A 36 10.61 -1.10 -9.08
C LEU A 36 11.56 0.09 -9.09
N ILE A 37 12.77 -0.11 -9.61
CA ILE A 37 13.78 0.95 -9.62
C ILE A 37 13.28 2.16 -10.41
N SER A 38 12.45 1.91 -11.42
CA SER A 38 11.86 2.98 -12.23
C SER A 38 10.95 3.90 -11.41
N LEU A 39 10.50 3.40 -10.27
CA LEU A 39 9.61 4.14 -9.38
C LEU A 39 10.40 4.85 -8.29
N GLY A 40 11.64 4.40 -8.12
CA GLY A 40 12.54 4.99 -7.13
C GLY A 40 12.97 4.07 -6.01
N TYR A 41 13.04 2.79 -6.30
CA TYR A 41 13.42 1.77 -5.32
C TYR A 41 14.90 1.54 -5.48
N ASP A 42 15.57 1.35 -4.34
CA ASP A 42 17.00 1.06 -4.31
C ASP A 42 17.19 -0.46 -4.21
N ILE A 43 16.36 -1.20 -4.93
CA ILE A 43 16.40 -2.66 -4.87
C ILE A 43 16.86 -3.14 -6.23
N GLY A 44 18.14 -3.43 -6.29
CA GLY A 44 18.79 -3.88 -7.51
C GLY A 44 19.59 -5.12 -7.16
N ASN A 45 20.66 -5.36 -7.89
CA ASN A 45 21.49 -6.54 -7.65
C ASN A 45 22.57 -6.18 -6.65
N ASP A 46 22.40 -5.04 -6.01
CA ASP A 46 23.27 -4.63 -4.91
C ASP A 46 22.91 -5.56 -3.76
N PRO A 47 23.85 -5.82 -2.85
CA PRO A 47 23.57 -6.87 -1.86
C PRO A 47 22.49 -6.52 -0.85
N GLN A 48 22.21 -5.23 -0.68
CA GLN A 48 21.17 -4.83 0.28
C GLN A 48 19.83 -5.04 -0.38
N GLY A 49 19.76 -4.72 -1.66
CA GLY A 49 18.53 -4.88 -2.40
C GLY A 49 18.24 -6.36 -2.54
N GLU A 50 19.24 -7.15 -2.86
CA GLU A 50 19.07 -8.59 -3.00
C GLU A 50 18.55 -9.21 -1.70
N ALA A 51 19.02 -8.70 -0.58
CA ALA A 51 18.62 -9.22 0.72
C ALA A 51 17.11 -9.06 0.97
N GLU A 52 16.54 -7.95 0.52
CA GLU A 52 15.11 -7.72 0.71
C GLU A 52 14.32 -8.25 -0.47
N PHE A 53 14.96 -8.34 -1.64
CA PHE A 53 14.33 -8.90 -2.82
C PHE A 53 14.08 -10.37 -2.58
N ALA A 54 14.98 -11.01 -1.83
CA ALA A 54 14.83 -12.41 -1.47
C ALA A 54 13.55 -12.64 -0.66
N ARG A 55 13.11 -11.62 0.03
CA ARG A 55 11.87 -11.71 0.81
C ARG A 55 10.71 -11.54 -0.11
N ILE A 56 10.87 -10.57 -1.00
CA ILE A 56 9.81 -10.18 -1.94
C ILE A 56 9.43 -11.36 -2.82
N MET A 57 10.41 -12.02 -3.41
CA MET A 57 10.16 -13.17 -4.28
C MET A 57 9.43 -14.30 -3.53
N SER A 58 9.67 -14.39 -2.23
CA SER A 58 9.03 -15.41 -1.41
C SER A 58 7.57 -15.08 -1.10
N ILE A 59 7.19 -13.82 -1.31
CA ILE A 59 5.83 -13.36 -1.01
C ILE A 59 5.00 -13.34 -2.27
N VAL A 60 5.56 -12.78 -3.32
CA VAL A 60 4.84 -12.67 -4.58
C VAL A 60 4.76 -14.00 -5.31
N ASP A 61 5.59 -14.93 -4.88
CA ASP A 61 5.65 -16.22 -5.56
C ASP A 61 5.98 -17.41 -4.63
N PRO A 62 5.09 -17.72 -3.68
CA PRO A 62 5.36 -18.92 -2.87
C PRO A 62 5.07 -20.19 -3.65
N ASN A 63 4.53 -20.03 -4.85
CA ASN A 63 4.12 -21.12 -5.71
C ASN A 63 5.27 -21.60 -6.58
N ARG A 64 6.31 -20.79 -6.66
CA ARG A 64 7.48 -21.05 -7.52
C ARG A 64 7.08 -21.10 -8.99
N LEU A 65 6.33 -20.08 -9.38
CA LEU A 65 5.95 -19.85 -10.76
C LEU A 65 7.22 -19.43 -11.48
N GLY A 66 8.14 -18.84 -10.71
CA GLY A 66 9.41 -18.37 -11.21
C GLY A 66 9.23 -17.00 -11.81
N VAL A 67 8.11 -16.37 -11.50
CA VAL A 67 7.73 -15.09 -12.14
C VAL A 67 6.81 -14.35 -11.20
N VAL A 68 6.64 -13.07 -11.46
CA VAL A 68 5.82 -12.19 -10.65
C VAL A 68 4.82 -11.47 -11.53
N THR A 69 3.56 -11.48 -11.12
CA THR A 69 2.49 -10.79 -11.86
C THR A 69 2.30 -9.42 -11.27
N PHE A 70 1.71 -8.53 -12.06
CA PHE A 70 1.44 -7.17 -11.62
C PHE A 70 0.71 -7.16 -10.28
N GLN A 71 -0.27 -8.03 -10.13
CA GLN A 71 -1.08 -8.02 -8.92
C GLN A 71 -0.29 -8.57 -7.75
N ALA A 72 0.75 -9.36 -8.03
CA ALA A 72 1.50 -9.99 -6.95
C ALA A 72 2.45 -8.99 -6.27
N PHE A 73 3.12 -8.13 -7.04
CA PHE A 73 3.98 -7.12 -6.41
C PHE A 73 3.11 -6.11 -5.64
N ILE A 74 1.90 -5.87 -6.16
CA ILE A 74 0.95 -4.96 -5.51
C ILE A 74 0.56 -5.53 -4.14
N ASP A 75 0.59 -6.84 -4.02
CA ASP A 75 0.20 -7.47 -2.77
C ASP A 75 1.12 -7.00 -1.65
N PHE A 76 2.43 -6.98 -1.87
CA PHE A 76 3.34 -6.53 -0.83
C PHE A 76 3.37 -5.02 -0.76
N MET A 77 3.09 -4.34 -1.86
CA MET A 77 3.16 -2.88 -1.84
C MET A 77 2.09 -2.42 -0.86
N SER A 78 0.97 -3.14 -0.84
CA SER A 78 -0.11 -2.85 0.07
C SER A 78 0.26 -3.20 1.50
N ARG A 79 1.16 -4.17 1.69
CA ARG A 79 1.57 -4.58 3.04
C ARG A 79 2.55 -3.60 3.66
N GLU A 80 3.42 -3.02 2.86
CA GLU A 80 4.40 -2.09 3.40
C GLU A 80 3.78 -0.74 3.70
N THR A 81 2.63 -0.47 3.11
CA THR A 81 1.88 0.78 3.32
C THR A 81 0.72 0.53 4.27
N ALA A 82 0.68 -0.66 4.84
CA ALA A 82 -0.39 -1.10 5.75
C ALA A 82 -0.21 -0.65 7.21
N ASP A 83 0.70 0.28 7.46
CA ASP A 83 0.97 0.72 8.82
C ASP A 83 -0.02 1.81 9.29
N THR A 84 -0.08 1.98 10.60
CA THR A 84 -0.91 3.02 11.26
C THR A 84 -2.40 3.11 10.90
N ASP A 85 -3.15 2.06 11.20
CA ASP A 85 -4.62 2.08 11.12
C ASP A 85 -5.13 1.72 12.50
N THR A 86 -6.06 2.51 13.03
CA THR A 86 -6.62 2.26 14.36
C THR A 86 -8.15 2.23 14.34
N ALA A 87 -8.74 2.41 13.17
CA ALA A 87 -10.18 2.55 13.03
C ALA A 87 -10.92 1.21 13.15
N ASP A 88 -10.41 0.17 12.52
CA ASP A 88 -11.09 -1.13 12.57
C ASP A 88 -11.13 -1.69 13.99
N GLN A 89 -10.06 -1.44 14.72
CA GLN A 89 -9.88 -1.98 16.07
C GLN A 89 -11.02 -1.64 17.01
N VAL A 90 -11.45 -0.39 17.01
CA VAL A 90 -12.41 0.08 17.98
C VAL A 90 -13.79 -0.55 17.72
N MET A 91 -14.16 -0.69 16.46
CA MET A 91 -15.45 -1.28 16.12
C MET A 91 -15.44 -2.76 16.47
N ALA A 92 -14.32 -3.41 16.18
CA ALA A 92 -14.17 -4.81 16.48
C ALA A 92 -14.29 -5.06 17.99
N SER A 93 -13.70 -4.17 18.78
CA SER A 93 -13.73 -4.32 20.25
C SER A 93 -15.14 -4.24 20.81
N PHE A 94 -15.96 -3.34 20.29
CA PHE A 94 -17.33 -3.20 20.80
C PHE A 94 -18.11 -4.47 20.53
N LYS A 95 -17.84 -5.11 19.40
CA LYS A 95 -18.55 -6.35 19.06
C LYS A 95 -18.23 -7.47 20.04
N ILE A 96 -17.09 -7.39 20.69
CA ILE A 96 -16.67 -8.42 21.62
C ILE A 96 -17.38 -8.20 22.95
N LEU A 97 -17.41 -6.96 23.42
CA LEU A 97 -17.97 -6.70 24.76
C LEU A 97 -19.49 -6.58 24.73
N ALA A 98 -20.04 -6.26 23.58
CA ALA A 98 -21.48 -6.11 23.43
C ALA A 98 -22.08 -7.25 22.65
N GLY A 99 -21.33 -8.33 22.52
CA GLY A 99 -21.90 -9.54 21.92
C GLY A 99 -22.99 -10.05 22.87
N ASP A 100 -22.86 -9.68 24.13
CA ASP A 100 -23.85 -10.03 25.16
C ASP A 100 -25.18 -9.28 24.96
N LYS A 101 -25.17 -8.16 24.22
CA LYS A 101 -26.39 -7.38 24.00
C LYS A 101 -26.54 -7.09 22.51
N ASN A 102 -27.42 -6.16 22.15
CA ASN A 102 -27.55 -5.72 20.76
C ASN A 102 -27.20 -4.25 20.65
N TYR A 103 -26.61 -3.70 21.71
CA TYR A 103 -26.26 -2.29 21.77
C TYR A 103 -25.22 -2.10 22.85
N ILE A 104 -24.77 -0.86 23.02
CA ILE A 104 -23.76 -0.53 24.01
C ILE A 104 -24.18 0.73 24.75
N THR A 105 -23.74 0.88 25.98
CA THR A 105 -24.01 2.11 26.72
C THR A 105 -22.74 2.91 26.75
N MET A 106 -22.90 4.19 26.98
CA MET A 106 -21.75 5.09 27.14
C MET A 106 -20.86 4.61 28.30
N ASP A 107 -21.50 4.03 29.31
CA ASP A 107 -20.83 3.56 30.51
C ASP A 107 -20.03 2.28 30.22
N GLU A 108 -20.51 1.47 29.29
CA GLU A 108 -19.80 0.27 28.90
C GLU A 108 -18.62 0.59 28.00
N LEU A 109 -18.83 1.39 26.96
CA LEU A 109 -17.73 1.67 26.04
C LEU A 109 -16.60 2.46 26.70
N ARG A 110 -16.92 3.24 27.73
CA ARG A 110 -15.87 4.00 28.41
C ARG A 110 -14.94 3.12 29.24
N ARG A 111 -15.31 1.85 29.44
CA ARG A 111 -14.47 0.95 30.23
C ARG A 111 -13.24 0.57 29.42
N GLU A 112 -13.42 0.61 28.10
CA GLU A 112 -12.36 0.23 27.17
C GLU A 112 -11.42 1.38 26.94
N LEU A 113 -12.00 2.57 26.78
CA LEU A 113 -11.24 3.77 26.52
C LEU A 113 -11.64 4.85 27.53
N PRO A 114 -11.09 4.81 28.76
CA PRO A 114 -11.50 5.86 29.70
C PRO A 114 -11.15 7.35 29.39
N PRO A 115 -10.10 7.66 28.57
CA PRO A 115 -9.96 9.10 28.31
C PRO A 115 -10.97 9.58 27.24
N ASP A 116 -10.72 10.78 26.72
CA ASP A 116 -11.57 11.44 25.70
C ASP A 116 -11.93 10.56 24.50
N GLN A 117 -11.18 9.49 24.29
CA GLN A 117 -11.48 8.54 23.22
C GLN A 117 -12.94 8.07 23.30
N ALA A 118 -13.44 7.85 24.50
CA ALA A 118 -14.83 7.44 24.68
C ALA A 118 -15.78 8.50 24.15
N GLU A 119 -15.50 9.76 24.43
CA GLU A 119 -16.37 10.86 24.01
C GLU A 119 -16.36 10.99 22.49
N TYR A 120 -15.18 10.83 21.91
CA TYR A 120 -15.03 10.87 20.46
C TYR A 120 -15.79 9.69 19.85
N CYS A 121 -15.86 8.59 20.58
CA CYS A 121 -16.59 7.41 20.13
C CYS A 121 -18.09 7.64 20.22
N ILE A 122 -18.55 8.25 21.30
CA ILE A 122 -19.97 8.53 21.50
C ILE A 122 -20.45 9.49 20.41
N ALA A 123 -19.61 10.47 20.10
CA ALA A 123 -19.95 11.43 19.05
C ALA A 123 -20.10 10.75 17.70
N ARG A 124 -19.40 9.64 17.49
CA ARG A 124 -19.46 8.94 16.22
C ARG A 124 -20.53 7.85 16.19
N MET A 125 -20.95 7.38 17.36
CA MET A 125 -21.89 6.28 17.44
C MET A 125 -23.33 6.68 17.09
N ALA A 126 -24.16 5.67 16.90
CA ALA A 126 -25.55 5.88 16.53
C ALA A 126 -26.41 5.73 17.79
N PRO A 127 -27.48 6.52 17.94
CA PRO A 127 -28.30 6.41 19.14
C PRO A 127 -29.19 5.17 19.16
N TYR A 128 -29.50 4.69 20.35
CA TYR A 128 -30.33 3.50 20.53
C TYR A 128 -31.62 3.80 21.32
N THR A 129 -32.75 3.46 20.74
CA THR A 129 -34.07 3.65 21.38
C THR A 129 -34.85 2.32 21.35
N GLY A 130 -34.15 1.24 21.63
CA GLY A 130 -34.78 -0.08 21.61
C GLY A 130 -35.48 -0.46 22.91
N PRO A 131 -35.84 -1.73 23.12
CA PRO A 131 -36.57 -2.09 24.35
C PRO A 131 -35.73 -2.03 25.61
N ASP A 132 -34.43 -2.29 25.50
CA ASP A 132 -33.52 -2.30 26.65
C ASP A 132 -32.81 -0.96 26.76
N SER A 133 -33.43 0.06 26.19
CA SER A 133 -32.79 1.35 26.08
C SER A 133 -32.74 2.12 27.39
N VAL A 134 -31.72 2.94 27.47
CA VAL A 134 -31.44 3.78 28.63
C VAL A 134 -31.05 5.11 28.02
N PRO A 135 -31.07 6.22 28.80
CA PRO A 135 -30.73 7.51 28.17
C PRO A 135 -29.35 7.57 27.53
N GLY A 136 -28.43 6.72 27.99
CA GLY A 136 -27.10 6.68 27.45
C GLY A 136 -26.83 5.47 26.57
N ALA A 137 -27.85 5.04 25.85
CA ALA A 137 -27.76 3.87 24.99
C ALA A 137 -27.37 4.26 23.56
N LEU A 138 -26.48 3.50 22.98
CA LEU A 138 -25.99 3.73 21.64
C LEU A 138 -25.97 2.40 20.91
N ASP A 139 -26.37 2.40 19.66
CA ASP A 139 -26.36 1.19 18.87
C ASP A 139 -24.99 1.10 18.23
N TYR A 140 -24.14 0.26 18.80
CA TYR A 140 -22.77 0.09 18.33
C TYR A 140 -22.79 -0.67 17.02
N MET A 141 -23.73 -1.58 16.90
CA MET A 141 -23.80 -2.43 15.73
C MET A 141 -24.19 -1.59 14.51
N SER A 142 -24.82 -0.46 14.79
CA SER A 142 -25.22 0.49 13.75
C SER A 142 -24.10 1.48 13.39
N PHE A 143 -23.18 1.71 14.32
CA PHE A 143 -22.07 2.66 14.09
C PHE A 143 -21.27 2.31 12.83
N SER A 144 -20.99 1.03 12.66
CA SER A 144 -20.29 0.55 11.46
C SER A 144 -20.91 0.99 10.12
N THR A 145 -22.20 1.33 10.10
CA THR A 145 -22.86 1.80 8.88
C THR A 145 -23.39 3.25 8.97
N ALA A 146 -23.25 3.90 10.13
CA ALA A 146 -23.77 5.25 10.33
C ALA A 146 -23.00 5.99 11.43
N LEU A 147 -22.52 7.19 11.10
CA LEU A 147 -21.78 8.03 12.05
C LEU A 147 -22.13 9.48 11.77
N TYR A 148 -22.10 10.32 12.81
CA TYR A 148 -22.43 11.74 12.64
C TYR A 148 -21.37 12.70 13.20
N GLY A 149 -20.39 12.16 13.93
CA GLY A 149 -19.39 13.00 14.59
C GLY A 149 -18.20 13.39 13.74
N GLU A 150 -18.44 13.73 12.49
CA GLU A 150 -17.37 14.10 11.58
C GLU A 150 -17.39 15.63 11.44
N SER A 151 -16.22 16.24 11.28
CA SER A 151 -16.09 17.69 11.20
C SER A 151 -15.11 18.05 10.10
N ASP A 152 -14.94 19.35 9.87
CA ASP A 152 -14.01 19.88 8.88
C ASP A 152 -12.63 20.13 9.50
N LEU A 153 -12.41 19.53 10.67
CA LEU A 153 -11.17 19.67 11.43
C LEU A 153 -10.21 18.55 11.02
N GLY A 1 5.45 8.29 1.31
CA GLY A 1 4.65 7.19 0.74
C GLY A 1 3.22 7.26 1.18
N SER A 2 2.28 6.98 0.29
CA SER A 2 0.86 7.11 0.61
C SER A 2 0.08 5.99 -0.08
N SER A 3 -1.20 5.89 0.24
CA SER A 3 -2.06 4.87 -0.34
C SER A 3 -2.16 5.11 -1.85
N ILE A 4 -2.36 4.04 -2.62
CA ILE A 4 -2.41 4.19 -4.07
C ILE A 4 -3.55 5.09 -4.54
N SER A 5 -3.14 6.14 -5.22
CA SER A 5 -4.04 7.07 -5.89
C SER A 5 -4.21 6.60 -7.33
N GLN A 6 -5.04 7.26 -8.11
CA GLN A 6 -5.23 6.87 -9.51
C GLN A 6 -3.90 7.02 -10.27
N GLU A 7 -3.15 8.05 -9.91
CA GLU A 7 -1.88 8.36 -10.52
C GLU A 7 -0.80 7.37 -10.08
N GLN A 8 -0.99 6.74 -8.93
CA GLN A 8 -0.03 5.76 -8.45
C GLN A 8 -0.16 4.48 -9.23
N MET A 9 -1.34 3.88 -9.21
CA MET A 9 -1.58 2.66 -9.97
C MET A 9 -1.21 2.86 -11.43
N ASN A 10 -1.32 4.09 -11.88
CA ASN A 10 -0.99 4.44 -13.26
C ASN A 10 0.47 4.11 -13.59
N GLU A 11 1.38 4.67 -12.81
CA GLU A 11 2.82 4.48 -13.04
C GLU A 11 3.20 3.02 -12.73
N PHE A 12 2.50 2.40 -11.79
CA PHE A 12 2.72 0.98 -11.51
C PHE A 12 2.36 0.10 -12.71
N ARG A 13 1.18 0.32 -13.28
CA ARG A 13 0.72 -0.48 -14.42
C ARG A 13 1.60 -0.20 -15.62
N ALA A 14 1.99 1.05 -15.81
CA ALA A 14 2.81 1.40 -16.95
C ALA A 14 4.22 0.84 -16.87
N SER A 15 4.83 0.83 -15.69
CA SER A 15 6.18 0.29 -15.54
C SER A 15 6.20 -1.23 -15.79
N PHE A 16 5.23 -1.95 -15.25
CA PHE A 16 5.13 -3.40 -15.49
C PHE A 16 4.96 -3.64 -16.99
N ASN A 17 4.15 -2.81 -17.64
CA ASN A 17 3.89 -2.94 -19.08
C ASN A 17 5.11 -2.55 -19.93
N HIS A 18 5.91 -1.62 -19.44
CA HIS A 18 7.09 -1.15 -20.17
C HIS A 18 8.13 -2.26 -20.23
N PHE A 19 8.20 -3.04 -19.16
CA PHE A 19 9.16 -4.14 -19.09
C PHE A 19 8.54 -5.42 -19.69
N ASP A 20 7.24 -5.63 -19.48
CA ASP A 20 6.53 -6.81 -19.99
C ASP A 20 5.96 -6.49 -21.35
N ARG A 21 6.86 -6.36 -22.29
CA ARG A 21 6.48 -6.05 -23.66
C ARG A 21 6.00 -7.30 -24.38
N ASP A 22 6.01 -8.42 -23.67
CA ASP A 22 5.49 -9.68 -24.21
C ASP A 22 4.02 -9.77 -23.80
N HIS A 23 3.64 -8.89 -22.89
CA HIS A 23 2.29 -8.78 -22.34
C HIS A 23 1.81 -10.10 -21.75
N SER A 24 2.72 -10.82 -21.13
CA SER A 24 2.44 -12.11 -20.50
C SER A 24 1.58 -11.92 -19.25
N GLY A 25 1.72 -10.75 -18.63
CA GLY A 25 1.01 -10.42 -17.40
C GLY A 25 1.88 -10.75 -16.21
N THR A 26 3.08 -11.22 -16.51
CA THR A 26 4.04 -11.67 -15.51
C THR A 26 5.43 -11.43 -16.03
N LEU A 27 6.38 -11.23 -15.12
CA LEU A 27 7.79 -11.05 -15.47
C LEU A 27 8.59 -11.90 -14.52
N GLY A 28 9.88 -11.97 -14.73
CA GLY A 28 10.73 -12.77 -13.88
C GLY A 28 11.16 -11.96 -12.67
N PRO A 29 11.94 -12.56 -11.76
CA PRO A 29 12.32 -11.88 -10.52
C PRO A 29 13.28 -10.72 -10.73
N GLU A 30 14.13 -10.80 -11.75
CA GLU A 30 15.11 -9.75 -12.01
C GLU A 30 14.42 -8.57 -12.71
N GLU A 31 13.52 -8.90 -13.62
CA GLU A 31 12.82 -7.90 -14.41
C GLU A 31 11.91 -7.06 -13.53
N PHE A 32 11.02 -7.70 -12.78
CA PHE A 32 10.20 -6.97 -11.81
C PHE A 32 11.03 -6.22 -10.78
N LYS A 33 12.19 -6.73 -10.41
CA LYS A 33 13.05 -6.01 -9.46
C LYS A 33 13.51 -4.68 -10.06
N ALA A 34 13.95 -4.73 -11.30
CA ALA A 34 14.42 -3.53 -12.01
C ALA A 34 13.26 -2.61 -12.38
N CYS A 35 12.08 -3.19 -12.49
CA CYS A 35 10.88 -2.42 -12.77
C CYS A 35 10.60 -1.47 -11.60
N LEU A 36 10.92 -1.90 -10.38
CA LEU A 36 10.72 -1.04 -9.19
C LEU A 36 11.66 0.15 -9.25
N ILE A 37 12.86 -0.06 -9.79
CA ILE A 37 13.86 1.00 -9.87
C ILE A 37 13.31 2.18 -10.66
N SER A 38 12.47 1.90 -11.65
CA SER A 38 11.84 2.94 -12.46
C SER A 38 10.93 3.85 -11.63
N LEU A 39 10.56 3.40 -10.44
CA LEU A 39 9.71 4.17 -9.54
C LEU A 39 10.55 4.91 -8.51
N GLY A 40 11.77 4.43 -8.31
CA GLY A 40 12.68 5.05 -7.35
C GLY A 40 13.16 4.13 -6.24
N TYR A 41 13.29 2.85 -6.54
CA TYR A 41 13.75 1.86 -5.58
C TYR A 41 15.23 1.65 -5.86
N ASP A 42 15.99 1.44 -4.80
CA ASP A 42 17.45 1.20 -4.89
C ASP A 42 17.75 -0.30 -4.78
N ILE A 43 16.85 -1.10 -5.32
CA ILE A 43 17.00 -2.55 -5.28
C ILE A 43 17.51 -2.96 -6.67
N GLY A 44 18.79 -2.73 -6.89
CA GLY A 44 19.40 -2.98 -8.20
C GLY A 44 20.79 -3.56 -8.22
N ASN A 45 20.89 -4.85 -7.90
CA ASN A 45 22.17 -5.61 -7.89
C ASN A 45 23.08 -5.19 -6.74
N ASP A 46 22.54 -4.37 -5.87
CA ASP A 46 23.23 -3.94 -4.67
C ASP A 46 23.04 -5.06 -3.66
N PRO A 47 24.00 -5.26 -2.75
CA PRO A 47 23.81 -6.39 -1.82
C PRO A 47 22.70 -6.15 -0.81
N GLN A 48 22.34 -4.89 -0.61
CA GLN A 48 21.26 -4.56 0.33
C GLN A 48 19.95 -4.77 -0.39
N GLY A 49 19.93 -4.45 -1.66
CA GLY A 49 18.75 -4.64 -2.46
C GLY A 49 18.46 -6.12 -2.57
N GLU A 50 19.46 -6.93 -2.88
CA GLU A 50 19.26 -8.37 -2.96
C GLU A 50 18.73 -8.97 -1.66
N ALA A 51 19.15 -8.40 -0.55
CA ALA A 51 18.72 -8.87 0.76
C ALA A 51 17.21 -8.68 0.96
N GLU A 52 16.66 -7.60 0.42
CA GLU A 52 15.23 -7.36 0.55
C GLU A 52 14.45 -7.86 -0.66
N PHE A 53 15.15 -8.09 -1.74
CA PHE A 53 14.52 -8.68 -2.89
C PHE A 53 14.25 -10.14 -2.54
N ALA A 54 15.13 -10.72 -1.74
CA ALA A 54 14.98 -12.10 -1.30
C ALA A 54 13.68 -12.33 -0.53
N ARG A 55 13.22 -11.33 0.21
CA ARG A 55 11.99 -11.50 0.96
C ARG A 55 10.82 -11.23 0.03
N ILE A 56 11.03 -10.39 -0.96
CA ILE A 56 9.96 -10.04 -1.91
C ILE A 56 9.60 -11.25 -2.75
N MET A 57 10.60 -11.88 -3.36
CA MET A 57 10.35 -13.04 -4.23
C MET A 57 9.67 -14.17 -3.46
N SER A 58 9.93 -14.25 -2.17
CA SER A 58 9.34 -15.28 -1.32
C SER A 58 7.86 -15.04 -1.07
N ILE A 59 7.41 -13.81 -1.26
CA ILE A 59 6.02 -13.43 -0.97
C ILE A 59 5.18 -13.50 -2.23
N VAL A 60 5.70 -12.93 -3.30
CA VAL A 60 4.96 -12.86 -4.54
C VAL A 60 4.95 -14.19 -5.26
N ASP A 61 5.83 -15.09 -4.82
CA ASP A 61 6.00 -16.38 -5.46
C ASP A 61 6.54 -17.42 -4.45
N PRO A 62 5.70 -17.81 -3.47
CA PRO A 62 6.19 -18.79 -2.50
C PRO A 62 6.31 -20.20 -3.08
N ASN A 63 5.83 -20.37 -4.30
CA ASN A 63 5.85 -21.66 -4.98
C ASN A 63 7.11 -21.80 -5.82
N ARG A 64 7.85 -20.70 -5.95
CA ARG A 64 9.07 -20.66 -6.77
C ARG A 64 8.77 -21.05 -8.22
N LEU A 65 7.73 -20.41 -8.75
CA LEU A 65 7.34 -20.55 -10.15
C LEU A 65 8.37 -19.84 -11.01
N GLY A 66 9.02 -18.84 -10.41
CA GLY A 66 10.04 -18.06 -11.07
C GLY A 66 9.46 -16.86 -11.78
N VAL A 67 8.25 -16.45 -11.40
CA VAL A 67 7.57 -15.35 -12.07
C VAL A 67 6.76 -14.53 -11.08
N VAL A 68 6.56 -13.27 -11.40
CA VAL A 68 5.81 -12.35 -10.58
C VAL A 68 4.79 -11.60 -11.43
N THR A 69 3.55 -11.55 -10.97
CA THR A 69 2.49 -10.84 -11.70
C THR A 69 2.33 -9.46 -11.14
N PHE A 70 1.73 -8.59 -11.91
CA PHE A 70 1.50 -7.20 -11.50
C PHE A 70 0.77 -7.16 -10.17
N GLN A 71 -0.21 -8.02 -10.00
CA GLN A 71 -1.02 -7.98 -8.81
C GLN A 71 -0.23 -8.54 -7.62
N ALA A 72 0.78 -9.35 -7.90
CA ALA A 72 1.54 -9.96 -6.83
C ALA A 72 2.48 -8.94 -6.17
N PHE A 73 3.16 -8.12 -6.95
CA PHE A 73 4.04 -7.12 -6.35
C PHE A 73 3.20 -6.08 -5.56
N ILE A 74 1.98 -5.83 -6.02
CA ILE A 74 1.06 -4.92 -5.35
C ILE A 74 0.69 -5.43 -3.96
N ASP A 75 0.75 -6.73 -3.78
CA ASP A 75 0.41 -7.29 -2.46
C ASP A 75 1.38 -6.81 -1.41
N PHE A 76 2.67 -6.84 -1.73
CA PHE A 76 3.66 -6.39 -0.76
C PHE A 76 3.76 -4.89 -0.72
N MET A 77 3.40 -4.21 -1.80
CA MET A 77 3.51 -2.77 -1.82
C MET A 77 2.57 -2.22 -0.75
N SER A 78 1.45 -2.91 -0.55
CA SER A 78 0.48 -2.54 0.48
C SER A 78 1.08 -2.67 1.90
N ARG A 79 2.06 -3.55 2.04
CA ARG A 79 2.71 -3.79 3.34
C ARG A 79 3.83 -2.80 3.62
N GLU A 80 4.58 -2.43 2.60
CA GLU A 80 5.68 -1.48 2.77
C GLU A 80 5.14 -0.05 2.85
N THR A 81 4.09 0.21 2.08
CA THR A 81 3.44 1.52 2.00
C THR A 81 2.23 1.59 2.94
N ALA A 82 2.32 0.80 3.98
CA ALA A 82 1.28 0.64 5.01
C ALA A 82 1.06 1.90 5.89
N ASP A 83 1.50 3.06 5.42
CA ASP A 83 1.35 4.33 6.13
C ASP A 83 0.99 5.37 5.08
N THR A 84 0.40 6.48 5.49
CA THR A 84 -0.05 7.52 4.55
C THR A 84 0.53 8.89 4.90
N ASP A 85 1.69 9.17 4.33
CA ASP A 85 2.35 10.45 4.47
C ASP A 85 1.48 11.52 3.83
N THR A 86 1.11 12.52 4.60
CA THR A 86 0.23 13.57 4.14
C THR A 86 0.87 14.42 3.05
N ALA A 87 2.18 14.55 3.10
CA ALA A 87 2.90 15.36 2.11
C ALA A 87 2.95 14.63 0.78
N ASP A 88 3.05 13.31 0.82
CA ASP A 88 3.10 12.52 -0.41
C ASP A 88 1.78 12.60 -1.18
N GLN A 89 0.67 12.74 -0.47
CA GLN A 89 -0.64 12.84 -1.12
C GLN A 89 -0.70 14.06 -2.04
N VAL A 90 -0.29 15.19 -1.51
CA VAL A 90 -0.34 16.45 -2.27
C VAL A 90 0.78 16.46 -3.31
N MET A 91 1.86 15.77 -3.02
CA MET A 91 2.97 15.66 -3.97
C MET A 91 2.53 14.87 -5.18
N ALA A 92 1.71 13.86 -4.95
CA ALA A 92 1.21 13.03 -6.03
C ALA A 92 0.40 13.88 -7.01
N SER A 93 -0.36 14.84 -6.48
CA SER A 93 -1.16 15.73 -7.32
C SER A 93 -0.26 16.57 -8.25
N PHE A 94 0.85 17.07 -7.72
CA PHE A 94 1.76 17.85 -8.55
C PHE A 94 2.43 16.96 -9.58
N LYS A 95 2.70 15.71 -9.22
CA LYS A 95 3.33 14.75 -10.14
C LYS A 95 2.44 14.48 -11.35
N ILE A 96 1.15 14.74 -11.23
CA ILE A 96 0.23 14.52 -12.35
C ILE A 96 0.48 15.60 -13.38
N LEU A 97 0.58 16.84 -12.93
CA LEU A 97 0.67 17.95 -13.86
C LEU A 97 2.10 18.19 -14.31
N ALA A 98 3.03 17.85 -13.43
CA ALA A 98 4.43 18.06 -13.71
C ALA A 98 5.17 16.77 -13.96
N GLY A 99 4.45 15.71 -14.25
CA GLY A 99 5.09 14.48 -14.70
C GLY A 99 5.81 14.77 -16.00
N ASP A 100 5.32 15.78 -16.70
CA ASP A 100 5.92 16.24 -17.94
C ASP A 100 7.22 17.02 -17.71
N LYS A 101 7.48 17.52 -16.51
CA LYS A 101 8.70 18.31 -16.26
C LYS A 101 9.45 17.80 -15.02
N ASN A 102 10.57 18.43 -14.71
CA ASN A 102 11.30 18.09 -13.49
C ASN A 102 11.06 19.16 -12.44
N TYR A 103 10.09 20.04 -12.69
CA TYR A 103 9.79 21.15 -11.79
C TYR A 103 8.39 21.68 -12.05
N ILE A 104 7.99 22.68 -11.29
CA ILE A 104 6.67 23.26 -11.38
C ILE A 104 6.82 24.78 -11.28
N THR A 105 5.85 25.54 -11.78
CA THR A 105 5.89 26.98 -11.58
C THR A 105 4.83 27.36 -10.58
N MET A 106 4.99 28.55 -10.04
CA MET A 106 4.01 29.10 -9.10
C MET A 106 2.63 29.12 -9.74
N ASP A 107 2.60 29.47 -11.01
CA ASP A 107 1.36 29.60 -11.75
C ASP A 107 0.70 28.26 -12.04
N GLU A 108 1.51 27.24 -12.26
CA GLU A 108 0.99 25.90 -12.54
C GLU A 108 0.36 25.30 -11.30
N LEU A 109 1.05 25.40 -10.16
CA LEU A 109 0.50 24.84 -8.92
C LEU A 109 -0.73 25.63 -8.47
N ARG A 110 -0.81 26.90 -8.86
CA ARG A 110 -1.98 27.73 -8.54
C ARG A 110 -3.24 27.26 -9.26
N ARG A 111 -3.12 26.36 -10.23
CA ARG A 111 -4.30 25.85 -10.94
C ARG A 111 -4.98 24.81 -10.06
N GLU A 112 -4.19 24.16 -9.22
CA GLU A 112 -4.67 23.08 -8.37
C GLU A 112 -5.26 23.62 -7.10
N LEU A 113 -4.64 24.65 -6.56
CA LEU A 113 -5.11 25.29 -5.34
C LEU A 113 -5.24 26.81 -5.54
N PRO A 114 -6.30 27.26 -6.24
CA PRO A 114 -6.44 28.72 -6.44
C PRO A 114 -6.46 29.65 -5.19
N PRO A 115 -6.97 29.21 -4.02
CA PRO A 115 -6.90 30.17 -2.91
C PRO A 115 -5.49 30.25 -2.29
N ASP A 116 -5.41 30.88 -1.12
CA ASP A 116 -4.13 31.08 -0.38
C ASP A 116 -3.28 29.83 -0.21
N GLN A 117 -3.87 28.64 -0.37
CA GLN A 117 -3.15 27.40 -0.31
C GLN A 117 -1.93 27.42 -1.22
N ALA A 118 -2.06 27.98 -2.41
CA ALA A 118 -0.94 28.07 -3.33
C ALA A 118 0.19 28.94 -2.76
N GLU A 119 -0.17 30.04 -2.13
CA GLU A 119 0.82 30.96 -1.59
C GLU A 119 1.57 30.30 -0.45
N TYR A 120 0.85 29.57 0.38
CA TYR A 120 1.46 28.81 1.47
C TYR A 120 2.31 27.67 0.91
N CYS A 121 1.97 27.18 -0.27
CA CYS A 121 2.76 26.13 -0.91
C CYS A 121 4.06 26.72 -1.41
N ILE A 122 4.00 27.88 -2.05
CA ILE A 122 5.19 28.57 -2.57
C ILE A 122 6.11 28.92 -1.40
N ALA A 123 5.53 29.27 -0.27
CA ALA A 123 6.28 29.59 0.94
C ALA A 123 7.05 28.39 1.52
N ARG A 124 6.83 27.20 0.99
CA ARG A 124 7.56 26.00 1.43
C ARG A 124 8.29 25.26 0.31
N MET A 125 7.73 25.26 -0.89
CA MET A 125 8.26 24.52 -2.02
C MET A 125 9.66 24.99 -2.40
N ALA A 126 10.47 24.06 -2.86
CA ALA A 126 11.88 24.32 -3.10
C ALA A 126 12.05 25.21 -4.33
N PRO A 127 13.01 26.14 -4.30
CA PRO A 127 13.23 26.96 -5.49
C PRO A 127 13.97 26.22 -6.58
N TYR A 128 13.62 26.52 -7.82
CA TYR A 128 14.23 25.87 -8.98
C TYR A 128 15.11 26.83 -9.78
N THR A 129 16.31 26.39 -10.12
CA THR A 129 17.29 27.19 -10.87
C THR A 129 17.96 26.29 -11.93
N GLY A 130 17.16 25.39 -12.49
CA GLY A 130 17.67 24.43 -13.47
C GLY A 130 17.74 24.96 -14.89
N PRO A 131 17.95 24.10 -15.89
CA PRO A 131 18.05 24.58 -17.28
C PRO A 131 16.74 25.08 -17.87
N ASP A 132 15.62 24.56 -17.38
CA ASP A 132 14.29 24.90 -17.89
C ASP A 132 13.67 25.98 -17.00
N SER A 133 14.51 26.67 -16.27
CA SER A 133 14.05 27.60 -15.25
C SER A 133 13.48 28.91 -15.77
N VAL A 134 12.62 29.47 -14.93
CA VAL A 134 11.94 30.72 -15.18
C VAL A 134 11.95 31.39 -13.81
N PRO A 135 11.71 32.72 -13.73
CA PRO A 135 11.80 33.33 -12.38
C PRO A 135 10.70 32.92 -11.41
N GLY A 136 9.70 32.17 -11.90
CA GLY A 136 8.62 31.68 -11.06
C GLY A 136 8.67 30.18 -10.90
N ALA A 137 9.86 29.61 -11.02
CA ALA A 137 10.06 28.17 -10.99
C ALA A 137 10.35 27.64 -9.58
N LEU A 138 9.78 26.48 -9.29
CA LEU A 138 9.94 25.81 -8.01
C LEU A 138 10.14 24.33 -8.31
N ASP A 139 10.99 23.66 -7.57
CA ASP A 139 11.23 22.25 -7.79
C ASP A 139 10.26 21.48 -6.91
N TYR A 140 9.31 20.82 -7.54
CA TYR A 140 8.29 20.09 -6.79
C TYR A 140 8.83 18.75 -6.37
N MET A 141 9.64 18.15 -7.23
CA MET A 141 10.16 16.82 -6.98
C MET A 141 11.05 16.88 -5.73
N SER A 142 11.59 18.06 -5.48
CA SER A 142 12.47 18.31 -4.34
C SER A 142 11.74 18.70 -3.06
N PHE A 143 10.47 19.09 -3.16
CA PHE A 143 9.73 19.58 -2.00
C PHE A 143 9.50 18.50 -0.93
N SER A 144 9.22 17.29 -1.35
CA SER A 144 8.97 16.19 -0.42
C SER A 144 10.13 15.96 0.56
N THR A 145 11.35 16.31 0.15
CA THR A 145 12.52 16.13 1.00
C THR A 145 13.09 17.45 1.54
N ALA A 146 12.53 18.58 1.11
CA ALA A 146 13.05 19.88 1.53
C ALA A 146 12.00 21.00 1.50
N LEU A 147 11.89 21.72 2.61
CA LEU A 147 11.01 22.88 2.71
C LEU A 147 11.80 23.89 3.52
N TYR A 148 11.38 25.15 3.54
CA TYR A 148 12.15 26.20 4.22
C TYR A 148 11.24 27.10 5.03
N GLY A 149 9.95 26.83 4.93
CA GLY A 149 8.95 27.62 5.61
C GLY A 149 8.45 26.96 6.86
N GLU A 150 7.15 27.11 7.06
CA GLU A 150 6.47 26.63 8.27
C GLU A 150 6.22 25.12 8.23
N SER A 151 6.11 24.52 9.40
CA SER A 151 5.77 23.10 9.53
C SER A 151 4.25 22.96 9.47
N ASP A 152 3.76 21.73 9.46
CA ASP A 152 2.33 21.44 9.50
C ASP A 152 1.98 20.84 10.88
N LEU A 153 2.96 20.91 11.77
CA LEU A 153 2.84 20.43 13.14
C LEU A 153 2.28 21.54 14.03
N GLY A 1 1.00 5.71 3.55
CA GLY A 1 -0.38 5.18 3.72
C GLY A 1 -0.68 4.10 2.71
N SER A 2 -1.33 3.03 3.13
CA SER A 2 -1.53 1.83 2.27
C SER A 2 -2.30 2.02 0.95
N SER A 3 -3.14 3.04 0.87
CA SER A 3 -3.97 3.24 -0.33
C SER A 3 -3.28 3.94 -1.49
N ILE A 4 -3.37 3.32 -2.67
CA ILE A 4 -2.80 3.83 -3.91
C ILE A 4 -3.64 4.97 -4.52
N SER A 5 -2.97 5.96 -5.10
CA SER A 5 -3.63 7.05 -5.81
C SER A 5 -3.93 6.64 -7.27
N GLN A 6 -4.76 7.40 -7.98
CA GLN A 6 -5.04 7.08 -9.38
C GLN A 6 -3.76 7.14 -10.23
N GLU A 7 -2.91 8.11 -9.92
CA GLU A 7 -1.65 8.31 -10.60
C GLU A 7 -0.64 7.22 -10.20
N GLN A 8 -0.83 6.62 -9.03
CA GLN A 8 0.08 5.59 -8.56
C GLN A 8 -0.15 4.34 -9.35
N MET A 9 -1.36 3.82 -9.33
CA MET A 9 -1.66 2.62 -10.09
C MET A 9 -1.34 2.82 -11.58
N ASN A 10 -1.41 4.06 -12.02
CA ASN A 10 -1.14 4.41 -13.40
C ASN A 10 0.30 4.06 -13.74
N GLU A 11 1.25 4.57 -12.98
CA GLU A 11 2.65 4.32 -13.26
C GLU A 11 3.02 2.89 -12.92
N PHE A 12 2.39 2.31 -11.91
CA PHE A 12 2.61 0.91 -11.60
C PHE A 12 2.27 0.04 -12.79
N ARG A 13 1.11 0.29 -13.38
CA ARG A 13 0.66 -0.49 -14.53
C ARG A 13 1.57 -0.21 -15.71
N ALA A 14 1.86 1.05 -15.93
CA ALA A 14 2.69 1.44 -17.07
C ALA A 14 4.11 0.88 -16.99
N SER A 15 4.69 0.81 -15.79
CA SER A 15 6.04 0.28 -15.62
C SER A 15 6.04 -1.23 -15.84
N PHE A 16 5.04 -1.92 -15.30
CA PHE A 16 4.95 -3.37 -15.51
C PHE A 16 4.80 -3.61 -17.01
N ASN A 17 4.02 -2.77 -17.69
CA ASN A 17 3.80 -2.87 -19.12
C ASN A 17 5.05 -2.47 -19.94
N HIS A 18 5.86 -1.57 -19.40
CA HIS A 18 7.05 -1.11 -20.09
C HIS A 18 8.11 -2.20 -20.12
N PHE A 19 8.12 -3.03 -19.09
CA PHE A 19 9.10 -4.12 -19.01
C PHE A 19 8.48 -5.38 -19.64
N ASP A 20 7.18 -5.61 -19.41
CA ASP A 20 6.46 -6.77 -19.95
C ASP A 20 5.92 -6.44 -21.31
N ARG A 21 6.85 -6.28 -22.24
CA ARG A 21 6.54 -5.94 -23.61
C ARG A 21 5.99 -7.16 -24.35
N ASP A 22 6.09 -8.31 -23.69
CA ASP A 22 5.62 -9.57 -24.23
C ASP A 22 4.17 -9.78 -23.82
N HIS A 23 3.72 -8.93 -22.90
CA HIS A 23 2.36 -8.96 -22.32
C HIS A 23 1.97 -10.34 -21.79
N SER A 24 2.90 -11.01 -21.14
CA SER A 24 2.63 -12.31 -20.50
C SER A 24 1.78 -12.09 -19.26
N GLY A 25 1.80 -10.87 -18.74
CA GLY A 25 1.06 -10.51 -17.54
C GLY A 25 1.90 -10.78 -16.31
N THR A 26 3.11 -11.24 -16.57
CA THR A 26 4.05 -11.65 -15.54
C THR A 26 5.45 -11.38 -16.06
N LEU A 27 6.39 -11.21 -15.15
CA LEU A 27 7.79 -11.03 -15.50
C LEU A 27 8.61 -11.87 -14.55
N GLY A 28 9.90 -11.95 -14.81
CA GLY A 28 10.79 -12.73 -13.98
C GLY A 28 11.16 -11.94 -12.73
N PRO A 29 11.87 -12.57 -11.77
CA PRO A 29 12.18 -11.87 -10.52
C PRO A 29 13.14 -10.70 -10.72
N GLU A 30 14.09 -10.84 -11.64
CA GLU A 30 15.06 -9.77 -11.89
C GLU A 30 14.41 -8.62 -12.65
N GLU A 31 13.49 -8.97 -13.54
CA GLU A 31 12.84 -7.96 -14.37
C GLU A 31 11.91 -7.11 -13.53
N PHE A 32 11.01 -7.75 -12.77
CA PHE A 32 10.16 -7.01 -11.83
C PHE A 32 10.95 -6.26 -10.78
N LYS A 33 12.11 -6.77 -10.38
CA LYS A 33 12.95 -6.05 -9.40
C LYS A 33 13.40 -4.71 -10.02
N ALA A 34 13.88 -4.76 -11.26
CA ALA A 34 14.38 -3.57 -11.95
C ALA A 34 13.22 -2.63 -12.33
N CYS A 35 12.03 -3.20 -12.45
CA CYS A 35 10.85 -2.43 -12.74
C CYS A 35 10.59 -1.44 -11.59
N LEU A 36 10.88 -1.86 -10.37
CA LEU A 36 10.70 -1.03 -9.19
C LEU A 36 11.64 0.18 -9.24
N ILE A 37 12.82 -0.01 -9.80
CA ILE A 37 13.85 1.03 -9.85
C ILE A 37 13.34 2.26 -10.61
N SER A 38 12.47 2.04 -11.59
CA SER A 38 11.90 3.15 -12.36
C SER A 38 11.06 4.08 -11.49
N LEU A 39 10.60 3.56 -10.35
CA LEU A 39 9.78 4.33 -9.42
C LEU A 39 10.65 5.04 -8.38
N GLY A 40 11.89 4.58 -8.24
CA GLY A 40 12.82 5.16 -7.28
C GLY A 40 13.36 4.18 -6.26
N TYR A 41 13.31 2.89 -6.55
CA TYR A 41 13.75 1.88 -5.61
C TYR A 41 15.22 1.58 -5.89
N ASP A 42 15.96 1.29 -4.84
CA ASP A 42 17.39 0.97 -4.94
C ASP A 42 17.53 -0.55 -4.82
N ILE A 43 16.52 -1.25 -5.35
CA ILE A 43 16.46 -2.69 -5.27
C ILE A 43 16.86 -3.20 -6.63
N GLY A 44 18.10 -3.61 -6.74
CA GLY A 44 18.68 -4.09 -7.98
C GLY A 44 19.67 -5.20 -7.67
N ASN A 45 20.82 -5.20 -8.40
CA ASN A 45 21.87 -6.17 -8.20
C ASN A 45 22.83 -5.69 -7.08
N ASP A 46 22.37 -4.71 -6.32
CA ASP A 46 23.11 -4.15 -5.19
C ASP A 46 22.85 -5.07 -3.99
N PRO A 47 23.82 -5.19 -3.07
CA PRO A 47 23.63 -6.23 -2.06
C PRO A 47 22.54 -5.97 -1.05
N GLN A 48 22.13 -4.72 -0.87
CA GLN A 48 21.07 -4.42 0.08
C GLN A 48 19.75 -4.71 -0.59
N GLY A 49 19.67 -4.38 -1.87
CA GLY A 49 18.48 -4.62 -2.65
C GLY A 49 18.25 -6.11 -2.78
N GLU A 50 19.28 -6.85 -3.10
CA GLU A 50 19.17 -8.31 -3.19
C GLU A 50 18.67 -8.91 -1.89
N ALA A 51 19.17 -8.40 -0.77
CA ALA A 51 18.80 -8.92 0.54
C ALA A 51 17.30 -8.78 0.81
N GLU A 52 16.69 -7.69 0.36
CA GLU A 52 15.26 -7.48 0.59
C GLU A 52 14.46 -8.08 -0.56
N PHE A 53 15.08 -8.21 -1.71
CA PHE A 53 14.43 -8.79 -2.88
C PHE A 53 14.20 -10.27 -2.62
N ALA A 54 15.12 -10.89 -1.89
CA ALA A 54 14.99 -12.28 -1.50
C ALA A 54 13.72 -12.52 -0.67
N ARG A 55 13.29 -11.48 0.03
CA ARG A 55 12.08 -11.55 0.85
C ARG A 55 10.89 -11.36 -0.06
N ILE A 56 11.03 -10.42 -0.98
CA ILE A 56 9.95 -10.04 -1.89
C ILE A 56 9.52 -11.21 -2.77
N MET A 57 10.50 -11.89 -3.35
CA MET A 57 10.19 -13.01 -4.23
C MET A 57 9.48 -14.15 -3.48
N SER A 58 9.71 -14.22 -2.17
CA SER A 58 9.10 -15.26 -1.35
C SER A 58 7.63 -14.92 -1.05
N ILE A 59 7.26 -13.67 -1.26
CA ILE A 59 5.89 -13.22 -0.99
C ILE A 59 5.04 -13.30 -2.24
N VAL A 60 5.57 -12.76 -3.31
CA VAL A 60 4.84 -12.70 -4.58
C VAL A 60 4.77 -14.03 -5.28
N ASP A 61 5.64 -14.94 -4.84
CA ASP A 61 5.78 -16.24 -5.48
C ASP A 61 6.25 -17.30 -4.46
N PRO A 62 5.37 -17.65 -3.50
CA PRO A 62 5.79 -18.64 -2.51
C PRO A 62 5.91 -20.04 -3.11
N ASN A 63 5.43 -20.20 -4.35
CA ASN A 63 5.47 -21.48 -5.02
C ASN A 63 6.76 -21.61 -5.81
N ARG A 64 7.51 -20.52 -5.91
CA ARG A 64 8.75 -20.47 -6.68
C ARG A 64 8.53 -20.90 -8.12
N LEU A 65 7.52 -20.29 -8.71
CA LEU A 65 7.19 -20.45 -10.13
C LEU A 65 8.27 -19.75 -10.97
N GLY A 66 8.89 -18.76 -10.36
CA GLY A 66 9.95 -18.01 -11.01
C GLY A 66 9.39 -16.82 -11.77
N VAL A 67 8.17 -16.42 -11.42
CA VAL A 67 7.50 -15.32 -12.13
C VAL A 67 6.66 -14.51 -11.15
N VAL A 68 6.46 -13.25 -11.48
CA VAL A 68 5.73 -12.32 -10.64
C VAL A 68 4.70 -11.56 -11.48
N THR A 69 3.46 -11.49 -11.02
CA THR A 69 2.40 -10.79 -11.75
C THR A 69 2.25 -9.40 -11.19
N PHE A 70 1.65 -8.51 -11.98
CA PHE A 70 1.40 -7.12 -11.56
C PHE A 70 0.70 -7.10 -10.20
N GLN A 71 -0.29 -7.96 -10.03
CA GLN A 71 -1.08 -7.91 -8.81
C GLN A 71 -0.26 -8.44 -7.64
N ALA A 72 0.73 -9.27 -7.92
CA ALA A 72 1.52 -9.87 -6.85
C ALA A 72 2.49 -8.85 -6.22
N PHE A 73 3.13 -8.01 -7.01
CA PHE A 73 4.03 -7.02 -6.41
C PHE A 73 3.19 -5.97 -5.64
N ILE A 74 1.99 -5.71 -6.12
CA ILE A 74 1.06 -4.78 -5.48
C ILE A 74 0.70 -5.30 -4.08
N ASP A 75 0.71 -6.61 -3.92
CA ASP A 75 0.35 -7.20 -2.63
C ASP A 75 1.32 -6.78 -1.55
N PHE A 76 2.61 -6.77 -1.84
CA PHE A 76 3.56 -6.33 -0.84
C PHE A 76 3.69 -4.83 -0.79
N MET A 77 3.40 -4.15 -1.89
CA MET A 77 3.54 -2.71 -1.93
C MET A 77 2.51 -2.15 -0.95
N SER A 78 1.35 -2.77 -0.91
CA SER A 78 0.27 -2.35 -0.02
C SER A 78 0.73 -2.45 1.43
N ARG A 79 1.61 -3.39 1.73
CA ARG A 79 2.08 -3.59 3.09
C ARG A 79 3.25 -2.71 3.51
N GLU A 80 4.12 -2.29 2.60
CA GLU A 80 5.25 -1.47 3.02
C GLU A 80 4.82 -0.02 3.28
N THR A 81 3.92 0.51 2.48
CA THR A 81 3.42 1.86 2.72
C THR A 81 2.38 1.83 3.87
N ALA A 82 2.05 0.63 4.34
CA ALA A 82 1.18 0.45 5.49
C ALA A 82 2.00 0.61 6.78
N ASP A 83 3.29 0.27 6.73
CA ASP A 83 4.16 0.39 7.90
C ASP A 83 4.41 1.87 8.23
N THR A 84 3.96 2.74 7.33
CA THR A 84 4.09 4.19 7.52
C THR A 84 2.70 4.85 7.54
N ASP A 85 1.66 4.07 7.74
CA ASP A 85 0.30 4.62 7.83
C ASP A 85 0.01 5.09 9.25
N THR A 86 -1.08 5.82 9.40
CA THR A 86 -1.45 6.34 10.70
C THR A 86 -2.94 6.16 10.94
N ALA A 87 -3.32 6.11 12.20
CA ALA A 87 -4.71 6.02 12.62
C ALA A 87 -5.51 7.24 12.19
N ASP A 88 -4.83 8.34 11.85
CA ASP A 88 -5.51 9.58 11.46
C ASP A 88 -6.53 9.39 10.32
N GLN A 89 -6.38 8.37 9.51
CA GLN A 89 -7.36 8.11 8.46
C GLN A 89 -8.77 7.88 9.00
N VAL A 90 -8.91 7.36 10.21
CA VAL A 90 -10.25 7.11 10.75
C VAL A 90 -10.83 8.45 11.22
N MET A 91 -9.97 9.36 11.65
CA MET A 91 -10.42 10.66 12.12
C MET A 91 -10.78 11.50 10.91
N ALA A 92 -10.03 11.32 9.83
CA ALA A 92 -10.27 12.05 8.60
C ALA A 92 -11.68 11.78 8.06
N SER A 93 -12.16 10.54 8.16
CA SER A 93 -13.50 10.23 7.65
C SER A 93 -14.58 10.93 8.47
N PHE A 94 -14.42 10.94 9.79
CA PHE A 94 -15.42 11.60 10.62
C PHE A 94 -15.40 13.08 10.31
N LYS A 95 -14.22 13.63 10.06
CA LYS A 95 -14.08 15.07 9.79
C LYS A 95 -14.85 15.51 8.55
N ILE A 96 -15.08 14.59 7.61
CA ILE A 96 -15.79 14.91 6.39
C ILE A 96 -17.29 15.01 6.69
N LEU A 97 -17.80 14.10 7.50
CA LEU A 97 -19.24 14.08 7.77
C LEU A 97 -19.61 15.03 8.90
N ALA A 98 -18.65 15.24 9.80
CA ALA A 98 -18.85 16.08 10.96
C ALA A 98 -18.63 17.54 10.63
N GLY A 99 -18.13 17.81 9.43
CA GLY A 99 -17.92 19.18 8.98
C GLY A 99 -19.21 19.99 8.95
N ASP A 100 -20.33 19.28 8.97
CA ASP A 100 -21.66 19.87 9.05
C ASP A 100 -21.83 20.59 10.42
N LYS A 101 -21.15 20.09 11.44
CA LYS A 101 -21.26 20.64 12.79
C LYS A 101 -19.85 20.78 13.38
N ASN A 102 -19.72 20.65 14.70
CA ASN A 102 -18.40 20.67 15.35
C ASN A 102 -18.21 19.41 16.20
N TYR A 103 -19.13 18.46 16.04
CA TYR A 103 -19.11 17.24 16.83
C TYR A 103 -19.84 16.17 16.04
N ILE A 104 -19.95 14.99 16.60
CA ILE A 104 -20.58 13.87 15.93
C ILE A 104 -21.57 13.23 16.92
N THR A 105 -22.64 12.66 16.41
CA THR A 105 -23.55 11.93 17.27
C THR A 105 -23.26 10.45 17.10
N MET A 106 -23.69 9.68 18.08
CA MET A 106 -23.54 8.22 18.03
C MET A 106 -24.21 7.66 16.77
N ASP A 107 -25.33 8.26 16.37
CA ASP A 107 -26.07 7.81 15.20
C ASP A 107 -25.33 8.17 13.90
N GLU A 108 -24.69 9.33 13.88
CA GLU A 108 -23.96 9.77 12.70
C GLU A 108 -22.74 8.90 12.45
N LEU A 109 -21.97 8.58 13.50
CA LEU A 109 -20.78 7.76 13.30
C LEU A 109 -21.16 6.32 12.96
N ARG A 110 -22.34 5.85 13.39
CA ARG A 110 -22.74 4.46 13.06
C ARG A 110 -23.09 4.34 11.58
N ARG A 111 -23.23 5.46 10.89
CA ARG A 111 -23.52 5.43 9.46
C ARG A 111 -22.29 4.96 8.70
N GLU A 112 -21.12 5.17 9.29
CA GLU A 112 -19.86 4.80 8.65
C GLU A 112 -19.53 3.35 8.92
N LEU A 113 -19.76 2.93 10.17
CA LEU A 113 -19.45 1.57 10.59
C LEU A 113 -20.67 0.95 11.28
N PRO A 114 -21.64 0.44 10.52
CA PRO A 114 -22.81 -0.13 11.24
C PRO A 114 -22.63 -1.35 12.16
N PRO A 115 -21.56 -2.18 12.01
CA PRO A 115 -21.47 -3.24 13.03
C PRO A 115 -20.87 -2.71 14.35
N ASP A 116 -20.44 -3.63 15.23
CA ASP A 116 -19.88 -3.29 16.55
C ASP A 116 -18.73 -2.28 16.51
N GLN A 117 -18.14 -2.06 15.35
CA GLN A 117 -17.11 -1.05 15.23
C GLN A 117 -17.60 0.30 15.75
N ALA A 118 -18.85 0.63 15.52
CA ALA A 118 -19.43 1.88 16.01
C ALA A 118 -19.57 1.84 17.53
N GLU A 119 -19.99 0.70 18.07
CA GLU A 119 -20.21 0.57 19.52
C GLU A 119 -18.88 0.83 20.24
N TYR A 120 -17.83 0.21 19.70
CA TYR A 120 -16.48 0.36 20.24
C TYR A 120 -16.00 1.78 20.05
N CYS A 121 -16.43 2.42 18.96
CA CYS A 121 -16.00 3.79 18.69
C CYS A 121 -16.64 4.75 19.67
N ILE A 122 -17.90 4.52 20.01
CA ILE A 122 -18.62 5.36 20.98
C ILE A 122 -17.94 5.27 22.34
N ALA A 123 -17.51 4.07 22.70
CA ALA A 123 -16.81 3.84 23.96
C ALA A 123 -15.44 4.55 24.00
N ARG A 124 -14.90 4.90 22.83
CA ARG A 124 -13.59 5.55 22.77
C ARG A 124 -13.69 7.06 22.53
N MET A 125 -14.73 7.50 21.85
CA MET A 125 -14.89 8.92 21.51
C MET A 125 -15.16 9.76 22.74
N ALA A 126 -14.67 10.99 22.71
CA ALA A 126 -14.77 11.90 23.83
C ALA A 126 -16.22 12.41 23.91
N PRO A 127 -16.75 12.63 25.11
CA PRO A 127 -18.12 13.15 25.23
C PRO A 127 -18.21 14.63 24.87
N TYR A 128 -19.37 15.02 24.37
CA TYR A 128 -19.62 16.39 23.98
C TYR A 128 -20.70 17.03 24.83
N THR A 129 -20.36 18.15 25.46
CA THR A 129 -21.31 18.86 26.32
C THR A 129 -21.34 20.33 25.90
N GLY A 130 -21.46 20.55 24.59
CA GLY A 130 -21.48 21.90 24.04
C GLY A 130 -22.88 22.46 23.86
N PRO A 131 -23.05 23.57 23.13
CA PRO A 131 -24.39 24.16 22.99
C PRO A 131 -25.35 23.35 22.12
N ASP A 132 -24.82 22.56 21.19
CA ASP A 132 -25.65 21.77 20.27
C ASP A 132 -25.74 20.34 20.79
N SER A 133 -25.49 20.18 22.08
CA SER A 133 -25.37 18.84 22.65
C SER A 133 -26.70 18.12 22.80
N VAL A 134 -26.60 16.80 22.71
CA VAL A 134 -27.73 15.89 22.82
C VAL A 134 -27.16 14.76 23.68
N PRO A 135 -27.99 13.88 24.25
CA PRO A 135 -27.40 12.83 25.11
C PRO A 135 -26.55 11.80 24.37
N GLY A 136 -26.57 11.86 23.04
CA GLY A 136 -25.75 10.97 22.24
C GLY A 136 -24.70 11.72 21.48
N ALA A 137 -24.25 12.85 22.03
CA ALA A 137 -23.25 13.70 21.38
C ALA A 137 -21.84 13.34 21.83
N LEU A 138 -20.93 13.29 20.87
CA LEU A 138 -19.54 12.95 21.11
C LEU A 138 -18.68 13.93 20.33
N ASP A 139 -17.61 14.39 20.94
CA ASP A 139 -16.71 15.31 20.28
C ASP A 139 -15.66 14.49 19.54
N TYR A 140 -15.84 14.39 18.24
CA TYR A 140 -14.95 13.60 17.41
C TYR A 140 -13.61 14.30 17.31
N MET A 141 -13.66 15.63 17.26
CA MET A 141 -12.42 16.41 17.13
C MET A 141 -11.53 16.18 18.35
N SER A 142 -12.15 15.86 19.46
CA SER A 142 -11.46 15.67 20.72
C SER A 142 -10.98 14.23 20.92
N PHE A 143 -11.49 13.31 20.14
CA PHE A 143 -11.14 11.90 20.28
C PHE A 143 -9.63 11.67 20.11
N SER A 144 -9.04 12.31 19.11
CA SER A 144 -7.59 12.19 18.90
C SER A 144 -6.76 12.78 20.02
N THR A 145 -7.39 13.45 20.98
CA THR A 145 -6.66 13.99 22.14
C THR A 145 -6.97 13.24 23.43
N ALA A 146 -8.07 12.49 23.45
CA ALA A 146 -8.49 11.74 24.65
C ALA A 146 -9.45 10.60 24.29
N LEU A 147 -9.27 9.46 24.94
CA LEU A 147 -10.13 8.28 24.76
C LEU A 147 -10.18 7.57 26.10
N TYR A 148 -11.22 6.77 26.34
CA TYR A 148 -11.34 6.05 27.62
C TYR A 148 -11.79 4.58 27.48
N GLY A 149 -12.03 4.15 26.25
CA GLY A 149 -12.54 2.81 26.02
C GLY A 149 -11.49 1.73 25.83
N GLU A 150 -10.22 2.10 25.97
CA GLU A 150 -9.09 1.17 25.82
C GLU A 150 -8.09 1.58 26.87
N SER A 151 -7.11 0.72 27.12
CA SER A 151 -6.03 1.01 28.06
C SER A 151 -4.77 0.36 27.51
N ASP A 152 -3.62 0.89 27.89
CA ASP A 152 -2.32 0.38 27.41
C ASP A 152 -2.05 -1.05 27.86
N LEU A 153 -2.49 -1.39 29.07
CA LEU A 153 -2.27 -2.72 29.65
C LEU A 153 -3.38 -2.96 30.68
#